data_8DH0
#
_entry.id   8DH0
#
_cell.length_a   78.707
_cell.length_b   86.235
_cell.length_c   201.220
_cell.angle_alpha   89.910
_cell.angle_beta   85.230
_cell.angle_gamma   69.500
#
_symmetry.space_group_name_H-M   'P 1'
#
loop_
_entity.id
_entity.type
_entity.pdbx_description
1 polymer 'Template strand DNA'
2 polymer 'T7 RNA polymerase'
3 polymer RNA
4 polymer 'Non-template strand DNA'
5 non-polymer GLYCEROL
#
loop_
_entity_poly.entity_id
_entity_poly.type
_entity_poly.pdbx_seq_one_letter_code
_entity_poly.pdbx_strand_id
1 'polydeoxyribonucleotide' (DG)(DG)(DG)(DA)(DA)(DT)(DC)(DG)(DA)(91N)(DA)(DT)(DC)(DG)(DC)(DC)(DG)(DC) A,E,I,M
2 'polypeptide(L)'
;MNTINIAKNDFSDIELAAIPFNTLADHYGERLAREQLALEHESYEMGEARFRKMFERQLKAGEVADNAAAKPLITTLLPK
MIARINDWFEEVKAKRGKRPTAFQFLQEIKPEAVAYITIKTTLACLTSADNTTVQAVASAIGRAIEDEARFGRIRDLEAK
HFKKNVEEQLNKRVGHVYKKAFMQVVEADMLSKGLLGGEAWSSWHKEDSIHVGVRCIEMLIESTGMVSLHRQNAGVVGQD
SETIELAPEYAEAIATRAGALAGISPMFQPCVVPPKPWTGITGGGYWANGRRPLALVRTHSKKALMRYEDVYMPEVYKAI
NIAQNTAWKINKKVLAVANVITKWKHCPVEDIPAIEREELPMKPEDIDMNPEALTAWKRAAAAVYRKDKARKSRRISLEF
MLEQANKFANHKAIWFPYNMDWRGRVYAVSMFNPQGNDMTKGLLTLAKGKPIGKEGYYWLKIHGANCAGVDKVPFPERIK
FIEENHENIMACAKSPLENTWWAEQDSPFCFLAFCFEYAGVQHHGLSYNCSLPLAFDGSCSGIQHFSAMLRDEVGGRAVN
LLPSETVQDIYGIVAKKVNEILQADAINGTDNEVVTVTDENTGEISEKVKLGTKALAGQWLAYGVTRSVTKRSVMTLAYG
SKEFGFRQQVLEDTIQPAIDSGKGLMFTQPNQAAGYMAKLIWESVSVTVVAAVEAMNWLKSAAKLLAAEVKDKKTGEILR
KRCAVHWVTPDGFPVWQEYKKPIQTRLNLMFLGQFRLQPTINTNKDSEIDAHKQESGIAPNFVHSQDGSHLRKTVVWAHE
KYGIESFALIHDSFGTIPADAANLFKAVRETMVDTYESCDVLADFYDQFADQLHESQLDKMPALPAKGNLNLRDILESDF
AFA
;
B,F,J,N
3 'polyribonucleotide' AACUGCGGCGAU C,G,K,O
4 'polydeoxyribonucleotide' (DT)(DC)(DG)(DA)(DT)(DT)(DC)(DC)(DC) H,P
#
# COMPACT_ATOMS: atom_id res chain seq x y z
N MET B 1 -44.40 -2.19 24.29
CA MET B 1 -44.36 -1.11 25.26
C MET B 1 -43.49 -1.50 26.45
N ASN B 2 -43.93 -2.53 27.18
CA ASN B 2 -43.22 -3.03 28.35
C ASN B 2 -43.01 -4.52 28.19
N THR B 3 -41.77 -4.96 28.39
CA THR B 3 -41.35 -6.33 28.14
C THR B 3 -40.87 -6.97 29.42
N ILE B 4 -41.40 -8.16 29.73
CA ILE B 4 -40.94 -8.87 30.93
C ILE B 4 -39.52 -9.38 30.70
N ASN B 5 -38.78 -9.49 31.80
CA ASN B 5 -37.39 -9.92 31.70
C ASN B 5 -37.35 -11.43 31.49
N ILE B 6 -36.89 -11.83 30.32
CA ILE B 6 -36.37 -13.16 30.01
C ILE B 6 -35.53 -13.71 31.15
N ALA B 7 -34.68 -12.83 31.71
CA ALA B 7 -33.49 -13.26 32.45
C ALA B 7 -33.82 -14.11 33.66
N LYS B 8 -34.89 -13.76 34.39
CA LYS B 8 -35.06 -14.24 35.75
C LYS B 8 -35.21 -15.76 35.82
N ASN B 9 -35.99 -16.34 34.92
CA ASN B 9 -36.21 -17.79 34.91
C ASN B 9 -35.45 -18.49 33.78
N ASP B 10 -35.51 -17.93 32.57
CA ASP B 10 -35.08 -18.66 31.39
C ASP B 10 -33.58 -18.61 31.20
N PHE B 11 -32.96 -17.46 31.46
CA PHE B 11 -31.50 -17.43 31.48
C PHE B 11 -30.94 -18.15 32.70
N SER B 12 -31.74 -18.29 33.75
CA SER B 12 -31.33 -19.07 34.92
C SER B 12 -31.16 -20.55 34.59
N ASP B 13 -31.88 -21.04 33.58
CA ASP B 13 -31.81 -22.46 33.22
C ASP B 13 -30.43 -22.84 32.69
N ILE B 14 -29.73 -21.89 32.08
CA ILE B 14 -28.47 -22.19 31.39
C ILE B 14 -27.45 -22.79 32.35
N GLU B 15 -27.37 -22.23 33.57
CA GLU B 15 -26.46 -22.77 34.56
C GLU B 15 -27.04 -23.98 35.31
N LEU B 16 -28.37 -24.12 35.34
CA LEU B 16 -29.00 -25.11 36.21
C LEU B 16 -28.96 -26.51 35.61
N ALA B 17 -29.28 -26.64 34.32
CA ALA B 17 -29.57 -27.94 33.71
C ALA B 17 -28.39 -28.91 33.87
N ALA B 18 -28.70 -30.12 34.33
CA ALA B 18 -27.64 -31.04 34.75
C ALA B 18 -26.89 -31.63 33.57
N ILE B 19 -27.59 -32.01 32.50
CA ILE B 19 -26.94 -32.72 31.40
C ILE B 19 -25.89 -31.87 30.70
N PRO B 20 -26.15 -30.59 30.34
CA PRO B 20 -25.03 -29.76 29.88
C PRO B 20 -23.91 -29.62 30.90
N PHE B 21 -24.25 -29.51 32.18
CA PHE B 21 -23.21 -29.37 33.20
C PHE B 21 -22.37 -30.64 33.29
N ASN B 22 -23.02 -31.79 33.36
CA ASN B 22 -22.30 -33.04 33.54
C ASN B 22 -21.40 -33.34 32.34
N THR B 23 -21.90 -33.12 31.12
CA THR B 23 -21.08 -33.35 29.94
C THR B 23 -19.84 -32.47 29.94
N LEU B 24 -19.99 -31.20 30.32
CA LEU B 24 -18.82 -30.33 30.48
C LEU B 24 -17.95 -30.76 31.67
N ALA B 25 -18.58 -31.08 32.80
CA ALA B 25 -17.81 -31.43 33.99
C ALA B 25 -16.98 -32.68 33.79
N ASP B 26 -17.53 -33.67 33.05
CA ASP B 26 -16.79 -34.91 32.81
C ASP B 26 -15.52 -34.64 32.02
N HIS B 27 -15.57 -33.73 31.05
CA HIS B 27 -14.40 -33.45 30.23
C HIS B 27 -13.37 -32.57 30.97
N TYR B 28 -13.83 -31.52 31.66
CA TYR B 28 -12.92 -30.51 32.18
C TYR B 28 -13.14 -30.14 33.65
N GLY B 29 -13.92 -30.93 34.39
CA GLY B 29 -14.12 -30.66 35.79
C GLY B 29 -15.30 -29.75 36.05
N GLU B 30 -15.80 -29.81 37.29
CA GLU B 30 -16.97 -29.03 37.68
C GLU B 30 -16.70 -27.53 37.60
N ARG B 31 -15.51 -27.10 38.00
CA ARG B 31 -15.30 -25.68 38.25
C ARG B 31 -15.10 -24.90 36.96
N LEU B 32 -14.31 -25.45 36.04
CA LEU B 32 -14.29 -24.91 34.70
C LEU B 32 -15.67 -24.97 34.05
N ALA B 33 -16.45 -26.00 34.40
CA ALA B 33 -17.84 -26.04 33.93
C ALA B 33 -18.66 -24.92 34.55
N ARG B 34 -18.41 -24.58 35.82
CA ARG B 34 -19.12 -23.46 36.43
C ARG B 34 -18.81 -22.16 35.70
N GLU B 35 -17.52 -21.90 35.45
CA GLU B 35 -17.12 -20.64 34.81
C GLU B 35 -17.68 -20.54 33.41
N GLN B 36 -17.58 -21.63 32.63
CA GLN B 36 -18.04 -21.61 31.25
C GLN B 36 -19.55 -21.35 31.19
N LEU B 37 -20.33 -22.05 32.03
CA LEU B 37 -21.78 -21.91 31.98
C LEU B 37 -22.24 -20.56 32.49
N ALA B 38 -21.52 -19.98 33.46
CA ALA B 38 -21.83 -18.62 33.88
C ALA B 38 -21.43 -17.60 32.82
N LEU B 39 -20.32 -17.86 32.13
CA LEU B 39 -19.89 -17.00 31.02
C LEU B 39 -20.89 -17.04 29.89
N GLU B 40 -21.32 -18.24 29.49
CA GLU B 40 -22.36 -18.36 28.47
C GLU B 40 -23.66 -17.72 28.93
N HIS B 41 -23.94 -17.80 30.23
CA HIS B 41 -25.10 -17.11 30.79
C HIS B 41 -24.96 -15.60 30.63
N GLU B 42 -23.78 -15.06 30.90
CA GLU B 42 -23.56 -13.62 30.74
C GLU B 42 -23.69 -13.21 29.29
N SER B 43 -23.19 -14.03 28.37
CA SER B 43 -23.32 -13.75 26.94
C SER B 43 -24.78 -13.57 26.55
N TYR B 44 -25.65 -14.41 27.09
CA TYR B 44 -27.09 -14.22 26.87
C TYR B 44 -27.60 -12.97 27.58
N GLU B 45 -27.06 -12.69 28.77
CA GLU B 45 -27.47 -11.49 29.51
C GLU B 45 -27.08 -10.22 28.77
N MET B 46 -25.84 -10.15 28.27
CA MET B 46 -25.40 -8.97 27.53
C MET B 46 -26.22 -8.79 26.26
N GLY B 47 -26.56 -9.89 25.59
CA GLY B 47 -27.34 -9.79 24.37
C GLY B 47 -28.75 -9.28 24.59
N GLU B 48 -29.39 -9.70 25.69
CA GLU B 48 -30.72 -9.19 25.99
C GLU B 48 -30.68 -7.70 26.32
N ALA B 49 -29.67 -7.27 27.08
CA ALA B 49 -29.50 -5.85 27.37
C ALA B 49 -29.27 -5.04 26.10
N ARG B 50 -28.61 -5.64 25.11
CA ARG B 50 -28.40 -4.97 23.83
C ARG B 50 -29.73 -4.67 23.14
N PHE B 51 -30.65 -5.65 23.15
CA PHE B 51 -31.96 -5.44 22.54
C PHE B 51 -32.74 -4.36 23.28
N ARG B 52 -32.68 -4.35 24.61
CA ARG B 52 -33.49 -3.42 25.39
C ARG B 52 -33.07 -1.98 25.17
N LYS B 53 -31.76 -1.73 25.02
CA LYS B 53 -31.31 -0.36 24.76
C LYS B 53 -31.72 0.09 23.36
N MET B 54 -31.60 -0.79 22.37
CA MET B 54 -32.02 -0.45 21.02
C MET B 54 -33.52 -0.17 20.94
N PHE B 55 -34.32 -0.99 21.63
CA PHE B 55 -35.76 -0.78 21.67
C PHE B 55 -36.11 0.56 22.32
N GLU B 56 -35.41 0.91 23.40
CA GLU B 56 -35.68 2.18 24.09
C GLU B 56 -35.39 3.37 23.18
N ARG B 57 -34.27 3.34 22.45
CA ARG B 57 -33.97 4.40 21.50
C ARG B 57 -34.99 4.44 20.38
N GLN B 58 -35.35 3.28 19.84
CA GLN B 58 -36.31 3.22 18.73
C GLN B 58 -37.68 3.71 19.16
N LEU B 59 -38.08 3.38 20.39
CA LEU B 59 -39.35 3.90 20.92
C LEU B 59 -39.29 5.42 21.04
N LYS B 60 -38.17 5.95 21.52
CA LYS B 60 -38.02 7.40 21.68
C LYS B 60 -38.08 8.11 20.35
N ALA B 61 -37.47 7.53 19.31
CA ALA B 61 -37.44 8.13 17.99
C ALA B 61 -38.69 7.86 17.18
N GLY B 62 -39.64 7.09 17.71
CA GLY B 62 -40.78 6.68 16.92
C GLY B 62 -40.46 5.61 15.89
N GLU B 63 -39.27 5.01 15.97
CA GLU B 63 -38.83 4.01 15.02
C GLU B 63 -39.17 2.58 15.47
N VAL B 64 -40.23 2.42 16.27
CA VAL B 64 -40.62 1.10 16.74
C VAL B 64 -41.08 0.22 15.58
N ALA B 65 -41.69 0.81 14.56
CA ALA B 65 -42.09 0.05 13.38
C ALA B 65 -40.88 -0.52 12.66
N ASP B 66 -39.72 0.13 12.78
CA ASP B 66 -38.50 -0.41 12.20
C ASP B 66 -37.99 -1.64 12.96
N ASN B 67 -38.37 -1.79 14.23
CA ASN B 67 -37.89 -2.90 15.04
C ASN B 67 -38.59 -4.20 14.63
N ALA B 68 -37.86 -5.31 14.82
CA ALA B 68 -38.30 -6.60 14.29
C ALA B 68 -39.52 -7.14 15.04
N ALA B 69 -39.71 -6.76 16.29
CA ALA B 69 -40.89 -7.21 17.02
C ALA B 69 -42.18 -6.64 16.45
N ALA B 70 -42.11 -5.50 15.76
CA ALA B 70 -43.28 -4.87 15.18
C ALA B 70 -43.48 -5.19 13.72
N LYS B 71 -42.51 -5.80 13.05
CA LYS B 71 -42.72 -6.19 11.66
C LYS B 71 -43.81 -7.25 11.47
N PRO B 72 -43.92 -8.32 12.28
CA PRO B 72 -44.97 -9.32 11.99
C PRO B 72 -46.40 -8.78 12.05
N LEU B 73 -46.74 -7.93 13.03
CA LEU B 73 -48.11 -7.46 13.10
C LEU B 73 -48.42 -6.54 11.93
N ILE B 74 -47.48 -5.66 11.57
CA ILE B 74 -47.71 -4.72 10.47
C ILE B 74 -47.96 -5.46 9.16
N THR B 75 -47.27 -6.58 8.94
CA THR B 75 -47.51 -7.38 7.75
C THR B 75 -48.95 -7.92 7.72
N THR B 76 -49.52 -8.21 8.88
CA THR B 76 -50.89 -8.71 8.93
C THR B 76 -51.91 -7.59 8.70
N LEU B 77 -51.73 -6.43 9.33
CA LEU B 77 -52.73 -5.36 9.21
C LEU B 77 -52.66 -4.63 7.88
N LEU B 78 -51.49 -4.59 7.23
CA LEU B 78 -51.33 -3.78 6.02
C LEU B 78 -52.34 -4.11 4.92
N PRO B 79 -52.59 -5.37 4.55
CA PRO B 79 -53.62 -5.61 3.51
C PRO B 79 -55.00 -5.10 3.87
N LYS B 80 -55.39 -5.21 5.15
CA LYS B 80 -56.71 -4.76 5.56
C LYS B 80 -56.85 -3.25 5.36
N MET B 81 -55.83 -2.50 5.73
CA MET B 81 -55.85 -1.05 5.53
C MET B 81 -55.97 -0.72 4.04
N ILE B 82 -55.14 -1.34 3.21
CA ILE B 82 -55.09 -1.03 1.78
C ILE B 82 -56.45 -1.31 1.12
N ALA B 83 -57.05 -2.46 1.44
CA ALA B 83 -58.34 -2.80 0.87
C ALA B 83 -59.39 -1.78 1.27
N ARG B 84 -59.33 -1.31 2.51
CA ARG B 84 -60.28 -0.30 2.97
C ARG B 84 -60.02 1.05 2.31
N ILE B 85 -58.75 1.36 2.01
CA ILE B 85 -58.44 2.58 1.24
C ILE B 85 -59.12 2.53 -0.12
N ASN B 86 -58.89 1.43 -0.86
CA ASN B 86 -59.40 1.33 -2.23
C ASN B 86 -60.93 1.33 -2.25
N ASP B 87 -61.55 0.63 -1.30
CA ASP B 87 -63.00 0.64 -1.21
C ASP B 87 -63.53 2.03 -0.86
N TRP B 88 -62.88 2.73 0.08
CA TRP B 88 -63.29 4.09 0.41
C TRP B 88 -63.27 4.97 -0.83
N PHE B 89 -62.20 4.87 -1.62
CA PHE B 89 -62.10 5.67 -2.83
C PHE B 89 -63.23 5.36 -3.79
N GLU B 90 -63.56 4.07 -3.95
CA GLU B 90 -64.67 3.69 -4.81
C GLU B 90 -66.01 4.10 -4.21
N GLU B 91 -66.14 4.06 -2.88
CA GLU B 91 -67.41 4.45 -2.25
C GLU B 91 -67.60 5.97 -2.29
N VAL B 92 -66.51 6.72 -2.11
CA VAL B 92 -66.60 8.18 -2.18
C VAL B 92 -66.97 8.62 -3.59
N LYS B 93 -66.42 7.94 -4.60
CA LYS B 93 -66.76 8.26 -5.99
C LYS B 93 -68.22 7.99 -6.30
N ALA B 94 -68.76 6.88 -5.79
CA ALA B 94 -70.15 6.51 -6.09
C ALA B 94 -71.14 7.51 -5.49
N LYS B 95 -70.89 7.98 -4.27
CA LYS B 95 -71.75 8.97 -3.66
C LYS B 95 -71.65 10.31 -4.39
N ARG B 96 -72.77 11.01 -4.48
CA ARG B 96 -72.85 12.27 -5.22
C ARG B 96 -72.93 13.44 -4.25
N GLY B 97 -72.26 14.53 -4.60
CA GLY B 97 -72.09 15.69 -3.77
C GLY B 97 -70.64 16.11 -3.73
N LYS B 98 -70.33 17.07 -2.88
CA LYS B 98 -68.95 17.52 -2.73
C LYS B 98 -68.09 16.39 -2.17
N ARG B 99 -66.98 16.12 -2.85
CA ARG B 99 -66.07 15.07 -2.40
C ARG B 99 -65.47 15.45 -1.05
N PRO B 100 -65.18 14.47 -0.19
CA PRO B 100 -64.59 14.79 1.11
C PRO B 100 -63.20 15.40 0.94
N THR B 101 -62.83 16.25 1.89
CA THR B 101 -61.64 17.09 1.74
C THR B 101 -60.34 16.30 1.66
N ALA B 102 -60.32 15.06 2.16
CA ALA B 102 -59.10 14.27 2.07
C ALA B 102 -59.00 13.47 0.78
N PHE B 103 -60.10 13.35 0.03
CA PHE B 103 -60.14 12.43 -1.10
C PHE B 103 -59.05 12.73 -2.13
N GLN B 104 -58.91 14.01 -2.50
CA GLN B 104 -57.89 14.36 -3.48
C GLN B 104 -56.49 14.14 -2.93
N PHE B 105 -56.26 14.48 -1.65
CA PHE B 105 -54.93 14.34 -1.06
C PHE B 105 -54.52 12.88 -0.98
N LEU B 106 -55.45 12.00 -0.60
CA LEU B 106 -55.13 10.59 -0.47
C LEU B 106 -54.81 9.94 -1.80
N GLN B 107 -55.19 10.55 -2.93
CA GLN B 107 -55.07 9.88 -4.22
C GLN B 107 -53.67 9.93 -4.79
N GLU B 108 -52.93 11.02 -4.59
CA GLU B 108 -51.62 11.11 -5.22
C GLU B 108 -50.59 10.18 -4.57
N ILE B 109 -50.82 9.76 -3.34
CA ILE B 109 -49.97 8.78 -2.69
C ILE B 109 -50.53 7.40 -2.94
N LYS B 110 -49.63 6.45 -3.21
CA LYS B 110 -50.05 5.08 -3.48
C LYS B 110 -50.83 4.55 -2.29
N PRO B 111 -51.90 3.77 -2.52
CA PRO B 111 -52.68 3.23 -1.40
C PRO B 111 -51.87 2.36 -0.46
N GLU B 112 -50.83 1.69 -0.97
CA GLU B 112 -49.91 0.99 -0.09
C GLU B 112 -49.13 1.96 0.79
N ALA B 113 -48.66 3.05 0.19
CA ALA B 113 -47.81 3.99 0.92
C ALA B 113 -48.59 4.69 2.03
N VAL B 114 -49.84 5.09 1.77
CA VAL B 114 -50.62 5.71 2.85
C VAL B 114 -50.77 4.72 4.00
N ALA B 115 -51.06 3.45 3.69
CA ALA B 115 -51.28 2.44 4.72
C ALA B 115 -50.09 2.34 5.68
N TYR B 116 -48.88 2.23 5.14
CA TYR B 116 -47.71 2.12 6.00
C TYR B 116 -47.40 3.43 6.71
N ILE B 117 -47.58 4.56 6.02
CA ILE B 117 -47.30 5.85 6.64
C ILE B 117 -48.19 6.08 7.85
N THR B 118 -49.47 5.70 7.78
CA THR B 118 -50.34 5.86 8.95
C THR B 118 -49.94 4.93 10.09
N ILE B 119 -49.70 3.66 9.79
CA ILE B 119 -49.38 2.70 10.86
C ILE B 119 -48.09 3.13 11.58
N LYS B 120 -47.05 3.44 10.81
CA LYS B 120 -45.78 3.83 11.41
C LYS B 120 -45.92 5.12 12.21
N THR B 121 -46.55 6.14 11.62
CA THR B 121 -46.66 7.43 12.30
C THR B 121 -47.58 7.35 13.51
N THR B 122 -48.61 6.52 13.46
CA THR B 122 -49.45 6.32 14.65
C THR B 122 -48.72 5.52 15.71
N LEU B 123 -48.03 4.46 15.31
CA LEU B 123 -47.21 3.71 16.27
C LEU B 123 -46.11 4.59 16.85
N ALA B 124 -45.48 5.40 16.01
CA ALA B 124 -44.48 6.36 16.47
C ALA B 124 -45.08 7.33 17.48
N CYS B 125 -46.24 7.89 17.16
CA CYS B 125 -46.86 8.89 18.03
C CYS B 125 -47.31 8.29 19.35
N LEU B 126 -47.86 7.07 19.32
CA LEU B 126 -48.41 6.49 20.54
C LEU B 126 -47.33 5.98 21.48
N THR B 127 -46.23 5.43 20.94
CA THR B 127 -45.17 4.89 21.78
C THR B 127 -44.18 5.93 22.26
N SER B 128 -44.12 7.08 21.61
CA SER B 128 -43.20 8.15 22.03
C SER B 128 -43.97 9.31 22.65
N ASN B 131 -49.25 13.22 24.00
CA ASN B 131 -50.20 13.69 23.00
C ASN B 131 -50.80 12.52 22.22
N THR B 132 -51.83 11.91 22.78
CA THR B 132 -52.56 10.85 22.11
C THR B 132 -53.73 11.38 21.28
N THR B 133 -53.89 12.69 21.20
CA THR B 133 -55.03 13.28 20.51
C THR B 133 -55.03 12.93 19.04
N VAL B 134 -56.23 12.76 18.48
CA VAL B 134 -56.39 12.42 17.07
C VAL B 134 -55.84 13.54 16.20
N GLN B 135 -55.96 14.79 16.64
CA GLN B 135 -55.53 15.92 15.83
C GLN B 135 -54.03 15.89 15.58
N ALA B 136 -53.23 15.71 16.63
CA ALA B 136 -51.78 15.70 16.48
C ALA B 136 -51.30 14.53 15.63
N VAL B 137 -51.89 13.34 15.84
CA VAL B 137 -51.50 12.20 15.03
C VAL B 137 -52.01 12.34 13.61
N ALA B 138 -53.20 12.92 13.41
CA ALA B 138 -53.69 13.16 12.06
C ALA B 138 -52.83 14.19 11.35
N SER B 139 -52.40 15.22 12.09
CA SER B 139 -51.42 16.16 11.54
C SER B 139 -50.14 15.43 11.17
N ALA B 140 -49.60 14.65 12.10
CA ALA B 140 -48.35 13.94 11.87
C ALA B 140 -48.43 13.01 10.67
N ILE B 141 -49.57 12.32 10.52
CA ILE B 141 -49.78 11.50 9.32
C ILE B 141 -49.76 12.39 8.08
N GLY B 142 -50.51 13.49 8.11
CA GLY B 142 -50.71 14.30 6.92
C GLY B 142 -49.42 14.91 6.38
N ARG B 143 -48.59 15.47 7.27
CA ARG B 143 -47.32 16.03 6.82
C ARG B 143 -46.42 14.96 6.23
N ALA B 144 -46.51 13.73 6.74
CA ALA B 144 -45.74 12.64 6.15
C ALA B 144 -46.28 12.25 4.77
N ILE B 145 -47.61 12.24 4.62
CA ILE B 145 -48.21 11.94 3.31
C ILE B 145 -47.79 12.98 2.28
N GLU B 146 -47.83 14.26 2.66
CA GLU B 146 -47.44 15.33 1.75
C GLU B 146 -45.97 15.22 1.37
N ASP B 147 -45.12 14.90 2.33
CA ASP B 147 -43.69 14.77 2.05
C ASP B 147 -43.42 13.61 1.09
N GLU B 148 -44.17 12.51 1.23
CA GLU B 148 -44.08 11.45 0.23
C GLU B 148 -44.70 11.89 -1.10
N ALA B 149 -45.72 12.75 -1.03
CA ALA B 149 -46.35 13.23 -2.26
C ALA B 149 -45.44 14.19 -3.02
N ARG B 150 -44.89 15.18 -2.33
CA ARG B 150 -44.16 16.24 -3.01
C ARG B 150 -42.86 15.73 -3.59
N PHE B 151 -42.07 15.01 -2.79
CA PHE B 151 -40.77 14.54 -3.24
C PHE B 151 -40.84 13.21 -3.96
N GLY B 152 -41.92 12.45 -3.74
CA GLY B 152 -42.11 11.23 -4.51
C GLY B 152 -42.12 11.49 -6.00
N ARG B 153 -42.79 12.58 -6.42
CA ARG B 153 -42.83 13.05 -7.80
C ARG B 153 -41.45 13.02 -8.47
N ILE B 154 -40.41 13.34 -7.71
CA ILE B 154 -39.05 13.22 -8.22
C ILE B 154 -38.70 11.76 -8.49
N ARG B 155 -39.06 10.87 -7.57
CA ARG B 155 -38.69 9.46 -7.73
C ARG B 155 -39.39 8.83 -8.94
N ASP B 156 -40.67 9.12 -9.12
CA ASP B 156 -41.42 8.57 -10.25
C ASP B 156 -42.12 9.68 -11.03
N ALA B 159 -37.61 12.28 -14.45
CA ALA B 159 -38.09 11.81 -13.16
C ALA B 159 -37.23 10.66 -12.67
N LYS B 160 -37.61 9.44 -13.03
CA LYS B 160 -36.96 8.25 -12.50
C LYS B 160 -35.50 8.16 -12.92
N HIS B 161 -35.22 8.45 -14.20
CA HIS B 161 -33.85 8.32 -14.70
C HIS B 161 -32.92 9.29 -13.99
N PHE B 162 -33.34 10.54 -13.81
CA PHE B 162 -32.56 11.48 -13.03
C PHE B 162 -32.47 11.04 -11.58
N LYS B 163 -33.55 10.46 -11.05
CA LYS B 163 -33.56 10.05 -9.65
C LYS B 163 -32.48 9.02 -9.34
N LYS B 164 -32.13 8.18 -10.31
CA LYS B 164 -31.13 7.16 -10.09
C LYS B 164 -29.76 7.76 -9.77
N ASN B 165 -29.48 8.98 -10.26
CA ASN B 165 -28.19 9.59 -9.88
C ASN B 165 -28.29 10.36 -8.56
N VAL B 166 -29.49 10.82 -8.18
CA VAL B 166 -29.67 11.41 -6.85
C VAL B 166 -29.99 10.39 -5.77
N GLU B 167 -30.29 9.14 -6.15
CA GLU B 167 -30.69 8.14 -5.17
C GLU B 167 -29.56 7.85 -4.18
N GLU B 168 -28.33 7.69 -4.68
CA GLU B 168 -27.21 7.37 -3.81
C GLU B 168 -26.92 8.49 -2.83
N GLN B 169 -26.94 9.74 -3.30
CA GLN B 169 -26.65 10.87 -2.42
C GLN B 169 -27.73 11.05 -1.36
N LEU B 170 -28.99 10.70 -1.68
CA LEU B 170 -30.03 10.68 -0.68
C LEU B 170 -29.74 9.63 0.39
N ASN B 171 -29.32 8.44 -0.04
CA ASN B 171 -29.03 7.36 0.90
C ASN B 171 -27.85 7.71 1.80
N LYS B 172 -26.84 8.40 1.26
CA LYS B 172 -25.64 8.73 2.02
C LYS B 172 -25.92 9.67 3.18
N ARG B 173 -27.07 10.35 3.18
CA ARG B 173 -27.43 11.25 4.26
C ARG B 173 -28.25 10.51 5.32
N VAL B 174 -28.01 10.88 6.58
CA VAL B 174 -28.63 10.23 7.72
C VAL B 174 -29.58 11.21 8.39
N GLY B 175 -30.82 10.77 8.61
CA GLY B 175 -31.79 11.58 9.33
C GLY B 175 -32.74 12.33 8.42
N HIS B 176 -34.02 12.37 8.83
CA HIS B 176 -35.08 12.87 7.95
C HIS B 176 -34.83 14.31 7.52
N VAL B 177 -34.36 15.16 8.44
CA VAL B 177 -34.14 16.56 8.11
C VAL B 177 -33.07 16.70 7.04
N TYR B 178 -31.97 15.95 7.18
CA TYR B 178 -30.93 15.96 6.15
C TYR B 178 -31.46 15.38 4.84
N LYS B 179 -32.22 14.29 4.91
CA LYS B 179 -32.85 13.74 3.71
C LYS B 179 -33.79 14.76 3.08
N LYS B 180 -34.62 15.42 3.91
CA LYS B 180 -35.54 16.41 3.38
C LYS B 180 -34.81 17.64 2.84
N ALA B 181 -33.77 18.09 3.54
CA ALA B 181 -33.00 19.24 3.07
C ALA B 181 -32.45 18.98 1.68
N PHE B 182 -31.81 17.83 1.48
CA PHE B 182 -31.25 17.48 0.19
C PHE B 182 -32.31 17.42 -0.91
N MET B 183 -33.51 16.95 -0.57
CA MET B 183 -34.55 16.81 -1.58
C MET B 183 -35.17 18.15 -1.97
N GLN B 184 -35.22 19.11 -1.04
CA GLN B 184 -35.60 20.46 -1.42
C GLN B 184 -34.60 21.06 -2.40
N VAL B 185 -33.32 20.74 -2.22
CA VAL B 185 -32.29 21.27 -3.11
C VAL B 185 -32.41 20.67 -4.52
N VAL B 186 -32.60 19.36 -4.62
CA VAL B 186 -32.69 18.78 -5.95
C VAL B 186 -33.97 19.24 -6.65
N GLU B 187 -35.08 19.30 -5.91
CA GLU B 187 -36.35 19.74 -6.49
C GLU B 187 -36.22 21.12 -7.10
N ALA B 188 -35.56 22.04 -6.38
CA ALA B 188 -35.29 23.36 -6.92
C ALA B 188 -34.41 23.28 -8.18
N ASP B 189 -33.40 22.41 -8.16
CA ASP B 189 -32.54 22.25 -9.33
C ASP B 189 -33.31 21.71 -10.53
N MET B 190 -34.07 20.63 -10.33
CA MET B 190 -34.79 20.04 -11.46
C MET B 190 -35.93 20.94 -11.94
N LEU B 191 -36.51 21.75 -11.05
CA LEU B 191 -37.50 22.73 -11.48
C LEU B 191 -36.88 23.80 -12.36
N SER B 192 -35.65 24.22 -12.03
CA SER B 192 -34.94 25.17 -12.88
C SER B 192 -34.71 24.59 -14.27
N LYS B 193 -34.31 23.32 -14.34
CA LYS B 193 -34.18 22.63 -15.62
C LYS B 193 -35.54 22.35 -16.26
N GLY B 194 -36.63 22.53 -15.53
CA GLY B 194 -37.96 22.27 -16.04
C GLY B 194 -38.36 20.81 -16.12
N LEU B 195 -37.62 19.92 -15.44
CA LEU B 195 -37.91 18.50 -15.53
C LEU B 195 -39.27 18.15 -14.92
N LEU B 196 -39.58 18.74 -13.77
CA LEU B 196 -40.79 18.35 -13.03
C LEU B 196 -42.05 18.90 -13.70
N GLY B 197 -41.93 19.34 -14.95
CA GLY B 197 -43.01 20.03 -15.62
C GLY B 197 -43.16 21.47 -15.22
N GLY B 198 -42.19 22.02 -14.47
CA GLY B 198 -42.27 23.40 -14.03
C GLY B 198 -43.33 23.67 -12.99
N GLU B 199 -43.88 22.62 -12.36
CA GLU B 199 -44.93 22.78 -11.36
C GLU B 199 -44.29 22.78 -9.99
N ALA B 200 -44.17 23.97 -9.41
CA ALA B 200 -43.70 24.08 -8.03
C ALA B 200 -44.81 23.65 -7.07
N TRP B 201 -44.46 22.83 -6.10
CA TRP B 201 -45.43 22.32 -5.15
C TRP B 201 -46.05 23.45 -4.34
N SER B 202 -47.37 23.46 -4.26
CA SER B 202 -48.09 24.39 -3.39
C SER B 202 -48.31 23.68 -2.05
N SER B 203 -47.68 24.19 -1.01
CA SER B 203 -47.71 23.52 0.29
C SER B 203 -49.13 23.37 0.80
N TRP B 204 -49.46 22.18 1.30
CA TRP B 204 -50.75 21.97 1.94
C TRP B 204 -50.89 22.90 3.14
N HIS B 205 -52.08 23.42 3.34
CA HIS B 205 -52.33 24.21 4.53
C HIS B 205 -52.73 23.28 5.68
N LYS B 206 -52.58 23.78 6.90
CA LYS B 206 -52.59 22.91 8.08
C LYS B 206 -53.92 22.18 8.23
N GLU B 207 -55.04 22.88 8.02
CA GLU B 207 -56.35 22.26 8.17
C GLU B 207 -56.54 21.10 7.21
N ASP B 208 -55.91 21.17 6.03
CA ASP B 208 -55.99 20.06 5.10
C ASP B 208 -55.28 18.82 5.65
N SER B 209 -54.06 19.02 6.18
CA SER B 209 -53.26 17.89 6.66
C SER B 209 -53.95 17.18 7.82
N ILE B 210 -54.61 17.93 8.71
CA ILE B 210 -55.38 17.33 9.79
C ILE B 210 -56.46 16.41 9.22
N HIS B 211 -57.20 16.90 8.22
CA HIS B 211 -58.27 16.10 7.63
C HIS B 211 -57.73 14.86 6.92
N VAL B 212 -56.51 14.94 6.38
CA VAL B 212 -55.91 13.78 5.71
C VAL B 212 -55.71 12.64 6.69
N GLY B 213 -55.12 12.95 7.85
CA GLY B 213 -54.85 11.92 8.83
C GLY B 213 -56.09 11.32 9.46
N VAL B 214 -57.10 12.16 9.75
CA VAL B 214 -58.31 11.69 10.40
C VAL B 214 -59.00 10.63 9.56
N ARG B 215 -59.08 10.86 8.25
CA ARG B 215 -59.64 9.86 7.34
C ARG B 215 -58.81 8.58 7.37
N CYS B 216 -57.49 8.71 7.53
CA CYS B 216 -56.64 7.53 7.66
C CYS B 216 -56.88 6.83 9.00
N ILE B 217 -56.97 7.59 10.09
CA ILE B 217 -57.21 6.99 11.41
C ILE B 217 -58.55 6.27 11.43
N GLU B 218 -59.59 6.91 10.89
CA GLU B 218 -60.89 6.25 10.81
C GLU B 218 -60.79 4.96 10.03
N MET B 219 -60.03 4.98 8.93
CA MET B 219 -59.98 3.87 8.02
C MET B 219 -59.28 2.65 8.62
N LEU B 220 -58.35 2.87 9.56
CA LEU B 220 -57.72 1.73 10.22
C LEU B 220 -58.62 1.12 11.28
N ILE B 221 -59.46 1.92 11.95
CA ILE B 221 -60.36 1.38 12.96
C ILE B 221 -61.39 0.45 12.32
N GLU B 222 -61.90 0.83 11.15
CA GLU B 222 -62.82 -0.04 10.41
C GLU B 222 -62.11 -1.31 9.95
N SER B 223 -60.96 -1.17 9.29
CA SER B 223 -60.31 -2.31 8.66
C SER B 223 -59.47 -3.12 9.64
N THR B 224 -58.51 -2.48 10.30
CA THR B 224 -57.54 -3.15 11.15
C THR B 224 -57.97 -3.13 12.62
N GLY B 225 -58.19 -1.94 13.17
CA GLY B 225 -58.66 -1.81 14.52
C GLY B 225 -57.60 -1.92 15.60
N MET B 226 -56.32 -1.67 15.28
CA MET B 226 -55.33 -1.61 16.35
C MET B 226 -55.57 -0.40 17.23
N VAL B 227 -55.60 0.79 16.63
CA VAL B 227 -56.02 1.98 17.36
C VAL B 227 -57.52 1.92 17.62
N SER B 228 -57.95 2.45 18.76
CA SER B 228 -59.36 2.63 19.06
C SER B 228 -59.60 4.08 19.50
N LEU B 229 -60.84 4.52 19.32
CA LEU B 229 -61.22 5.92 19.45
C LEU B 229 -62.02 6.16 20.73
N HIS B 230 -61.66 7.22 21.46
CA HIS B 230 -62.28 7.52 22.74
C HIS B 230 -62.47 9.03 22.86
N ARG B 231 -63.64 9.44 23.36
CA ARG B 231 -64.04 10.84 23.43
C ARG B 231 -64.09 11.29 24.90
N GLN B 232 -63.42 12.39 25.20
CA GLN B 232 -63.34 12.91 26.56
C GLN B 232 -64.19 14.17 26.68
N ASN B 233 -65.05 14.20 27.70
CA ASN B 233 -65.87 15.36 28.05
C ASN B 233 -66.73 15.79 26.86
N ALA B 234 -67.54 14.84 26.38
CA ALA B 234 -68.42 15.09 25.25
C ALA B 234 -69.47 16.14 25.59
N GLY B 235 -69.81 16.96 24.59
CA GLY B 235 -70.84 17.96 24.75
C GLY B 235 -70.41 19.24 25.45
N VAL B 236 -69.16 19.34 25.85
CA VAL B 236 -68.62 20.55 26.46
C VAL B 236 -67.70 21.20 25.43
N VAL B 237 -68.07 22.40 24.97
CA VAL B 237 -67.36 23.01 23.84
C VAL B 237 -65.91 23.30 24.20
N GLY B 238 -65.61 23.55 25.47
CA GLY B 238 -64.25 23.86 25.86
C GLY B 238 -63.33 22.67 25.86
N GLN B 239 -63.80 21.52 26.35
CA GLN B 239 -62.93 20.39 26.63
C GLN B 239 -63.29 19.13 25.84
N ASP B 240 -64.14 19.25 24.81
CA ASP B 240 -64.50 18.09 23.99
C ASP B 240 -63.29 17.65 23.19
N SER B 241 -62.70 16.52 23.58
CA SER B 241 -61.49 16.01 22.94
C SER B 241 -61.67 14.54 22.61
N GLU B 242 -60.97 14.11 21.55
CA GLU B 242 -60.98 12.72 21.11
C GLU B 242 -59.58 12.17 21.22
N THR B 243 -59.45 10.96 21.78
CA THR B 243 -58.14 10.38 22.05
C THR B 243 -58.01 9.02 21.37
N ILE B 244 -56.77 8.57 21.25
CA ILE B 244 -56.41 7.37 20.52
C ILE B 244 -55.57 6.48 21.45
N GLU B 245 -55.91 5.20 21.50
CA GLU B 245 -55.14 4.23 22.26
C GLU B 245 -54.84 3.02 21.38
N LEU B 246 -53.75 2.32 21.68
CA LEU B 246 -53.38 1.11 20.98
C LEU B 246 -54.16 -0.06 21.57
N ALA B 247 -54.55 -1.00 20.71
CA ALA B 247 -55.18 -2.22 21.19
C ALA B 247 -54.21 -2.96 22.09
N PRO B 248 -54.60 -3.31 23.33
CA PRO B 248 -53.66 -4.05 24.20
C PRO B 248 -53.12 -5.34 23.61
N GLU B 249 -53.94 -6.09 22.85
CA GLU B 249 -53.46 -7.35 22.29
C GLU B 249 -52.30 -7.12 21.32
N TYR B 250 -52.41 -6.06 20.51
CA TYR B 250 -51.34 -5.76 19.57
C TYR B 250 -50.10 -5.25 20.30
N ALA B 251 -50.28 -4.45 21.35
CA ALA B 251 -49.15 -4.04 22.17
C ALA B 251 -48.52 -5.24 22.88
N GLU B 252 -49.36 -6.18 23.34
CA GLU B 252 -48.83 -7.40 23.94
C GLU B 252 -48.08 -8.25 22.92
N ALA B 253 -48.50 -8.19 21.65
CA ALA B 253 -47.86 -9.02 20.62
C ALA B 253 -46.43 -8.55 20.34
N ILE B 254 -46.22 -7.24 20.25
CA ILE B 254 -44.86 -6.73 20.08
C ILE B 254 -44.05 -6.98 21.35
N ALA B 255 -44.69 -6.83 22.51
CA ALA B 255 -43.98 -7.04 23.78
C ALA B 255 -43.56 -8.49 23.93
N THR B 256 -44.46 -9.43 23.59
CA THR B 256 -44.07 -10.83 23.58
C THR B 256 -42.97 -11.09 22.56
N ARG B 257 -43.09 -10.51 21.37
CA ARG B 257 -42.06 -10.70 20.36
C ARG B 257 -40.77 -9.98 20.71
N ALA B 258 -40.85 -8.82 21.38
CA ALA B 258 -39.63 -8.14 21.83
C ALA B 258 -38.86 -9.00 22.82
N GLY B 259 -39.55 -9.60 23.78
CA GLY B 259 -38.89 -10.46 24.74
C GLY B 259 -38.37 -11.74 24.10
N ALA B 260 -39.17 -12.35 23.22
CA ALA B 260 -38.73 -13.55 22.52
C ALA B 260 -37.46 -13.28 21.73
N LEU B 261 -37.36 -12.11 21.11
CA LEU B 261 -36.19 -11.76 20.31
C LEU B 261 -34.98 -11.43 21.17
N ALA B 262 -35.19 -10.90 22.38
CA ALA B 262 -34.05 -10.53 23.21
C ALA B 262 -33.33 -11.76 23.77
N GLY B 263 -34.07 -12.85 24.01
CA GLY B 263 -33.44 -14.06 24.51
C GLY B 263 -32.72 -14.90 23.48
N ILE B 264 -32.81 -14.55 22.21
CA ILE B 264 -32.22 -15.33 21.13
C ILE B 264 -31.11 -14.54 20.42
N SER B 265 -30.62 -13.45 21.04
CA SER B 265 -29.61 -12.59 20.43
C SER B 265 -28.44 -12.37 21.39
N PRO B 266 -27.68 -13.42 21.70
CA PRO B 266 -26.58 -13.28 22.66
C PRO B 266 -25.37 -12.58 22.05
N MET B 267 -24.53 -12.05 22.94
CA MET B 267 -23.21 -11.53 22.57
C MET B 267 -22.18 -12.61 22.86
N PHE B 268 -21.81 -13.35 21.82
CA PHE B 268 -20.93 -14.51 21.99
C PHE B 268 -19.56 -14.10 22.48
N GLN B 269 -19.05 -14.82 23.47
CA GLN B 269 -17.76 -14.55 24.09
C GLN B 269 -16.84 -15.76 23.90
N PRO B 270 -15.54 -15.61 24.10
CA PRO B 270 -14.64 -16.77 24.04
C PRO B 270 -14.94 -17.77 25.16
N CYS B 271 -14.47 -19.00 24.94
CA CYS B 271 -14.64 -20.06 25.92
C CYS B 271 -13.42 -20.16 26.84
N VAL B 272 -13.67 -20.43 28.12
CA VAL B 272 -12.59 -20.67 29.08
C VAL B 272 -12.20 -22.14 29.13
N VAL B 273 -12.94 -23.00 28.45
CA VAL B 273 -12.61 -24.42 28.28
C VAL B 273 -12.67 -24.71 26.80
N PRO B 274 -12.04 -25.80 26.34
CA PRO B 274 -12.09 -26.14 24.91
C PRO B 274 -13.53 -26.27 24.43
N PRO B 275 -13.82 -25.80 23.22
CA PRO B 275 -15.21 -25.75 22.76
C PRO B 275 -15.78 -27.14 22.56
N LYS B 276 -17.10 -27.22 22.61
CA LYS B 276 -17.75 -28.53 22.51
C LYS B 276 -17.52 -29.12 21.12
N PRO B 277 -16.99 -30.33 21.02
CA PRO B 277 -16.78 -30.94 19.71
C PRO B 277 -18.10 -31.08 18.95
N TRP B 278 -18.03 -30.83 17.66
CA TRP B 278 -19.20 -30.95 16.80
C TRP B 278 -19.45 -32.42 16.48
N THR B 279 -20.64 -32.90 16.81
CA THR B 279 -21.08 -34.23 16.41
C THR B 279 -22.21 -34.18 15.40
N GLY B 280 -22.81 -33.01 15.20
CA GLY B 280 -23.92 -32.89 14.30
C GLY B 280 -24.17 -31.45 13.92
N ILE B 281 -25.34 -31.23 13.33
CA ILE B 281 -25.70 -29.96 12.71
C ILE B 281 -25.74 -28.82 13.69
N THR B 282 -26.20 -29.09 14.90
CA THR B 282 -26.50 -28.06 15.85
C THR B 282 -25.87 -28.44 17.19
N GLY B 283 -25.74 -27.44 18.05
CA GLY B 283 -25.30 -27.68 19.41
C GLY B 283 -23.81 -27.88 19.60
N GLY B 284 -22.99 -27.45 18.64
CA GLY B 284 -21.55 -27.45 18.82
C GLY B 284 -21.07 -26.20 19.53
N GLY B 285 -19.76 -26.07 19.62
CA GLY B 285 -19.17 -24.86 20.17
C GLY B 285 -19.44 -24.67 21.66
N TYR B 286 -20.36 -23.76 21.97
CA TYR B 286 -20.74 -23.53 23.36
C TYR B 286 -21.48 -24.73 23.92
N TRP B 287 -21.32 -24.94 25.22
CA TRP B 287 -21.71 -26.21 25.83
C TRP B 287 -23.14 -26.22 26.38
N ALA B 288 -23.69 -25.05 26.72
CA ALA B 288 -25.03 -25.01 27.28
C ALA B 288 -26.07 -25.33 26.21
N ASN B 289 -27.19 -25.90 26.65
CA ASN B 289 -28.38 -25.93 25.81
C ASN B 289 -28.96 -24.52 25.83
N GLY B 290 -28.88 -23.84 24.70
CA GLY B 290 -29.20 -22.42 24.67
C GLY B 290 -30.40 -22.04 23.83
N ARG B 291 -30.88 -20.82 24.04
CA ARG B 291 -32.02 -20.33 23.28
C ARG B 291 -31.67 -20.11 21.82
N ARG B 292 -30.44 -19.66 21.56
CA ARG B 292 -29.89 -19.61 20.21
C ARG B 292 -28.76 -20.63 20.13
N PRO B 293 -29.04 -21.85 19.68
CA PRO B 293 -27.96 -22.81 19.47
C PRO B 293 -27.18 -22.51 18.20
N LEU B 294 -25.90 -22.86 18.24
CA LEU B 294 -25.03 -22.69 17.08
C LEU B 294 -25.36 -23.72 16.01
N ALA B 295 -25.15 -23.33 14.76
CA ALA B 295 -25.30 -24.22 13.62
C ALA B 295 -23.94 -24.45 12.98
N LEU B 296 -23.70 -25.68 12.52
CA LEU B 296 -22.45 -25.97 11.82
C LEU B 296 -22.34 -25.13 10.54
N VAL B 297 -23.46 -24.90 9.87
CA VAL B 297 -23.51 -24.10 8.66
C VAL B 297 -24.47 -22.94 8.89
N ARG B 298 -24.00 -21.72 8.65
CA ARG B 298 -24.82 -20.53 8.80
C ARG B 298 -25.65 -20.33 7.54
N THR B 299 -26.94 -20.63 7.62
CA THR B 299 -27.83 -20.61 6.47
C THR B 299 -28.96 -19.61 6.70
N HIS B 300 -29.63 -19.26 5.61
CA HIS B 300 -30.74 -18.30 5.66
C HIS B 300 -32.08 -18.98 5.87
N SER B 301 -32.21 -20.24 5.47
CA SER B 301 -33.43 -21.01 5.69
C SER B 301 -33.10 -22.23 6.53
N LYS B 302 -34.07 -22.66 7.34
CA LYS B 302 -33.89 -23.90 8.10
C LYS B 302 -33.69 -25.08 7.19
N LYS B 303 -34.26 -25.04 5.97
CA LYS B 303 -34.18 -26.17 5.06
C LYS B 303 -32.76 -26.41 4.60
N ALA B 304 -32.03 -25.35 4.23
CA ALA B 304 -30.65 -25.50 3.80
C ALA B 304 -29.78 -26.06 4.91
N LEU B 305 -30.15 -25.79 6.17
CA LEU B 305 -29.47 -26.44 7.28
C LEU B 305 -29.79 -27.93 7.34
N MET B 306 -31.07 -28.28 7.10
CA MET B 306 -31.51 -29.66 7.24
C MET B 306 -30.87 -30.59 6.21
N ARG B 307 -30.49 -30.05 5.05
CA ARG B 307 -29.83 -30.87 4.03
C ARG B 307 -28.53 -31.44 4.54
N TYR B 308 -27.87 -30.74 5.46
CA TYR B 308 -26.60 -31.18 6.01
C TYR B 308 -26.76 -32.26 7.06
N GLU B 309 -27.97 -32.49 7.59
CA GLU B 309 -28.14 -33.45 8.67
C GLU B 309 -27.76 -34.86 8.23
N ASP B 310 -28.17 -35.23 7.03
CA ASP B 310 -27.96 -36.59 6.54
C ASP B 310 -26.51 -36.84 6.10
N VAL B 311 -25.80 -35.81 5.64
CA VAL B 311 -24.60 -36.03 4.85
C VAL B 311 -23.44 -36.51 5.74
N TYR B 312 -22.67 -37.45 5.21
CA TYR B 312 -21.49 -38.00 5.88
C TYR B 312 -20.27 -37.22 5.42
N MET B 313 -19.80 -36.30 6.27
CA MET B 313 -18.59 -35.52 5.99
C MET B 313 -17.65 -35.61 7.19
N PRO B 314 -17.01 -36.77 7.40
CA PRO B 314 -16.12 -36.91 8.56
C PRO B 314 -14.95 -35.95 8.55
N GLU B 315 -14.37 -35.67 7.38
CA GLU B 315 -13.22 -34.78 7.33
C GLU B 315 -13.61 -33.33 7.63
N VAL B 316 -14.81 -32.92 7.23
CA VAL B 316 -15.30 -31.58 7.55
C VAL B 316 -15.42 -31.41 9.06
N TYR B 317 -16.00 -32.41 9.72
CA TYR B 317 -16.19 -32.35 11.17
C TYR B 317 -14.86 -32.35 11.90
N LYS B 318 -13.89 -33.12 11.42
CA LYS B 318 -12.59 -33.17 12.08
C LYS B 318 -11.90 -31.82 12.01
N ALA B 319 -11.96 -31.15 10.86
CA ALA B 319 -11.25 -29.89 10.67
C ALA B 319 -11.77 -28.80 11.59
N ILE B 320 -13.09 -28.70 11.73
CA ILE B 320 -13.66 -27.68 12.61
C ILE B 320 -13.26 -27.94 14.07
N ASN B 321 -13.34 -29.20 14.51
CA ASN B 321 -13.03 -29.52 15.90
C ASN B 321 -11.56 -29.32 16.21
N ILE B 322 -10.67 -29.65 15.27
CA ILE B 322 -9.25 -29.37 15.45
C ILE B 322 -9.02 -27.87 15.60
N ALA B 323 -9.67 -27.07 14.73
CA ALA B 323 -9.52 -25.62 14.79
C ALA B 323 -10.06 -25.07 16.10
N GLN B 324 -11.22 -25.56 16.54
CA GLN B 324 -11.77 -25.13 17.83
C GLN B 324 -10.80 -25.41 18.97
N ASN B 325 -10.14 -26.56 18.93
CA ASN B 325 -9.29 -27.01 20.02
C ASN B 325 -8.06 -26.13 20.20
N THR B 326 -7.68 -25.36 19.19
CA THR B 326 -6.51 -24.48 19.29
C THR B 326 -6.64 -23.55 20.48
N ALA B 327 -5.63 -23.58 21.34
CA ALA B 327 -5.64 -22.80 22.57
C ALA B 327 -4.96 -21.45 22.34
N TRP B 328 -5.68 -20.39 22.65
CA TRP B 328 -5.19 -19.02 22.52
C TRP B 328 -5.05 -18.39 23.89
N LYS B 329 -4.24 -17.34 23.96
CA LYS B 329 -4.16 -16.49 25.14
C LYS B 329 -3.94 -15.05 24.69
N ILE B 330 -4.31 -14.11 25.56
CA ILE B 330 -4.16 -12.70 25.26
C ILE B 330 -2.68 -12.31 25.36
N ASN B 331 -2.18 -11.63 24.34
CA ASN B 331 -0.81 -11.10 24.38
C ASN B 331 -0.80 -9.91 25.33
N LYS B 332 -0.32 -10.14 26.56
CA LYS B 332 -0.35 -9.09 27.57
C LYS B 332 0.59 -7.93 27.22
N LYS B 333 1.76 -8.24 26.65
CA LYS B 333 2.72 -7.20 26.31
C LYS B 333 2.13 -6.22 25.30
N VAL B 334 1.48 -6.75 24.26
CA VAL B 334 0.78 -5.90 23.30
C VAL B 334 -0.35 -5.16 23.99
N LEU B 335 -1.10 -5.87 24.85
CA LEU B 335 -2.25 -5.26 25.53
C LEU B 335 -1.80 -4.11 26.43
N ALA B 336 -0.63 -4.23 27.05
CA ALA B 336 -0.10 -3.13 27.85
C ALA B 336 0.13 -1.89 27.01
N VAL B 337 0.70 -2.06 25.82
CA VAL B 337 0.94 -0.93 24.93
C VAL B 337 -0.38 -0.36 24.44
N ALA B 338 -1.28 -1.22 23.99
CA ALA B 338 -2.55 -0.76 23.41
C ALA B 338 -3.38 -0.01 24.44
N ASN B 339 -3.39 -0.47 25.69
CA ASN B 339 -4.15 0.20 26.74
C ASN B 339 -3.71 1.64 26.92
N VAL B 340 -2.44 1.94 26.67
CA VAL B 340 -1.93 3.29 26.90
C VAL B 340 -2.25 4.19 25.71
N ILE B 341 -1.75 3.83 24.53
CA ILE B 341 -1.87 4.68 23.35
C ILE B 341 -3.31 4.92 22.94
N THR B 342 -4.19 3.95 23.21
CA THR B 342 -5.60 4.11 22.87
C THR B 342 -6.22 5.27 23.62
N LYS B 343 -5.82 5.48 24.88
CA LYS B 343 -6.33 6.61 25.65
C LYS B 343 -5.90 7.95 25.08
N TRP B 344 -4.83 7.99 24.28
CA TRP B 344 -4.30 9.25 23.77
C TRP B 344 -4.73 9.56 22.35
N LYS B 345 -4.97 8.55 21.51
CA LYS B 345 -5.36 8.74 20.12
C LYS B 345 -6.60 7.93 19.81
N HIS B 346 -7.45 8.47 18.94
CA HIS B 346 -8.65 7.74 18.53
C HIS B 346 -8.28 6.45 17.80
N CYS B 347 -7.45 6.56 16.77
CA CYS B 347 -6.75 5.39 16.26
C CYS B 347 -5.28 5.54 16.63
N PRO B 348 -4.74 4.60 17.40
CA PRO B 348 -3.39 4.78 17.96
C PRO B 348 -2.29 4.84 16.92
N VAL B 349 -2.45 4.17 15.78
CA VAL B 349 -1.42 4.14 14.75
C VAL B 349 -1.76 5.06 13.58
N GLU B 350 -2.78 5.92 13.74
CA GLU B 350 -3.28 6.68 12.59
C GLU B 350 -2.34 7.83 12.23
N ASP B 351 -2.15 8.77 13.14
CA ASP B 351 -1.39 9.99 12.83
C ASP B 351 -0.16 10.05 13.72
N ILE B 352 0.89 9.35 13.30
CA ILE B 352 2.20 9.49 13.93
C ILE B 352 2.91 10.68 13.30
N PRO B 353 3.38 11.65 14.08
CA PRO B 353 4.28 12.66 13.52
C PRO B 353 5.49 12.01 12.90
N ALA B 354 5.85 12.48 11.70
CA ALA B 354 6.99 11.95 10.98
C ALA B 354 7.64 13.06 10.19
N ILE B 355 8.93 12.91 9.93
CA ILE B 355 9.69 13.92 9.21
C ILE B 355 9.78 13.57 7.74
N THR B 375 -17.51 21.47 -7.79
CA THR B 375 -17.88 20.08 -7.60
C THR B 375 -16.86 19.38 -6.70
N ALA B 376 -15.58 19.67 -6.93
CA ALA B 376 -14.53 19.06 -6.12
C ALA B 376 -14.65 19.47 -4.67
N TRP B 377 -15.01 20.74 -4.41
CA TRP B 377 -15.29 21.16 -3.05
C TRP B 377 -16.48 20.40 -2.47
N LYS B 378 -17.51 20.17 -3.28
CA LYS B 378 -18.65 19.36 -2.86
C LYS B 378 -18.23 17.93 -2.56
N ARG B 379 -17.36 17.36 -3.40
CA ARG B 379 -16.83 16.03 -3.14
C ARG B 379 -15.93 16.03 -1.90
N ALA B 380 -15.20 17.11 -1.66
CA ALA B 380 -14.40 17.21 -0.44
C ALA B 380 -15.28 17.19 0.80
N ALA B 381 -16.42 17.90 0.75
CA ALA B 381 -17.34 17.90 1.88
C ALA B 381 -17.92 16.53 2.15
N ALA B 382 -18.26 15.77 1.10
CA ALA B 382 -18.73 14.41 1.29
C ALA B 382 -17.66 13.54 1.90
N ALA B 383 -16.39 13.81 1.60
CA ALA B 383 -15.29 13.03 2.16
C ALA B 383 -15.16 13.25 3.66
N VAL B 384 -15.25 14.51 4.11
CA VAL B 384 -15.10 14.77 5.54
C VAL B 384 -16.29 14.17 6.31
N TYR B 385 -17.49 14.21 5.73
CA TYR B 385 -18.65 13.59 6.35
C TYR B 385 -18.45 12.10 6.52
N ARG B 386 -17.98 11.42 5.48
CA ARG B 386 -17.68 10.00 5.56
C ARG B 386 -16.55 9.74 6.55
N LYS B 387 -15.53 10.60 6.56
CA LYS B 387 -14.42 10.45 7.50
C LYS B 387 -14.91 10.55 8.94
N ASP B 388 -15.84 11.46 9.21
CA ASP B 388 -16.39 11.59 10.55
C ASP B 388 -17.18 10.36 10.96
N LYS B 389 -17.94 9.78 10.01
CA LYS B 389 -18.59 8.49 10.27
C LYS B 389 -17.56 7.41 10.53
N ALA B 390 -16.54 7.33 9.68
CA ALA B 390 -15.55 6.27 9.77
C ALA B 390 -14.78 6.33 11.08
N ARG B 391 -14.53 7.54 11.59
CA ARG B 391 -13.82 7.67 12.87
C ARG B 391 -14.64 7.07 14.01
N LYS B 392 -15.93 7.39 14.06
CA LYS B 392 -16.76 6.87 15.16
C LYS B 392 -16.94 5.36 15.04
N SER B 393 -17.19 4.86 13.84
CA SER B 393 -17.40 3.42 13.67
C SER B 393 -16.13 2.63 13.94
N ARG B 394 -14.97 3.16 13.54
CA ARG B 394 -13.71 2.49 13.83
C ARG B 394 -13.45 2.43 15.34
N ARG B 395 -13.72 3.52 16.06
CA ARG B 395 -13.36 3.57 17.47
C ARG B 395 -14.25 2.68 18.32
N ILE B 396 -15.53 2.53 17.97
CA ILE B 396 -16.42 1.69 18.77
C ILE B 396 -15.99 0.23 18.69
N SER B 397 -15.52 -0.21 17.52
CA SER B 397 -14.97 -1.56 17.41
C SER B 397 -13.71 -1.71 18.25
N LEU B 398 -12.86 -0.68 18.26
CA LEU B 398 -11.63 -0.72 19.05
C LEU B 398 -11.95 -0.89 20.54
N GLU B 399 -12.93 -0.12 21.03
CA GLU B 399 -13.25 -0.16 22.45
C GLU B 399 -13.78 -1.52 22.88
N PHE B 400 -14.57 -2.16 22.01
CA PHE B 400 -15.05 -3.51 22.32
C PHE B 400 -13.90 -4.50 22.41
N MET B 401 -13.00 -4.48 21.41
CA MET B 401 -11.92 -5.46 21.36
C MET B 401 -11.01 -5.33 22.56
N LEU B 402 -10.66 -4.09 22.95
CA LEU B 402 -9.80 -3.89 24.10
C LEU B 402 -10.47 -4.37 25.39
N GLU B 403 -11.77 -4.08 25.54
CA GLU B 403 -12.48 -4.51 26.73
C GLU B 403 -12.54 -6.03 26.83
N GLN B 404 -12.85 -6.70 25.72
CA GLN B 404 -12.81 -8.16 25.70
C GLN B 404 -11.41 -8.68 25.95
N ALA B 405 -10.41 -8.04 25.35
CA ALA B 405 -9.02 -8.45 25.55
C ALA B 405 -8.61 -8.32 27.01
N ASN B 406 -8.92 -7.17 27.62
CA ASN B 406 -8.59 -6.98 29.03
C ASN B 406 -9.36 -7.94 29.93
N LYS B 407 -10.56 -8.33 29.51
CA LYS B 407 -11.36 -9.26 30.30
C LYS B 407 -10.68 -10.63 30.40
N PHE B 408 -10.26 -11.17 29.27
CA PHE B 408 -9.68 -12.51 29.21
C PHE B 408 -8.16 -12.49 29.31
N ALA B 409 -7.58 -11.37 29.73
CA ALA B 409 -6.13 -11.24 29.80
C ALA B 409 -5.53 -12.19 30.82
N ASN B 410 -6.19 -12.37 31.96
CA ASN B 410 -5.62 -13.13 33.06
C ASN B 410 -5.85 -14.64 32.93
N HIS B 411 -6.57 -15.09 31.90
CA HIS B 411 -6.82 -16.51 31.74
C HIS B 411 -5.60 -17.20 31.11
N LYS B 412 -5.31 -18.42 31.59
CA LYS B 412 -4.17 -19.15 31.07
C LYS B 412 -4.37 -19.56 29.62
N ALA B 413 -5.62 -19.84 29.22
CA ALA B 413 -5.95 -20.06 27.83
C ALA B 413 -7.42 -19.72 27.61
N ILE B 414 -7.75 -19.41 26.35
CA ILE B 414 -9.13 -19.24 25.91
C ILE B 414 -9.28 -19.95 24.58
N TRP B 415 -10.54 -20.19 24.20
CA TRP B 415 -10.84 -20.97 23.01
C TRP B 415 -11.94 -20.29 22.21
N PHE B 416 -11.90 -20.50 20.90
CA PHE B 416 -12.91 -19.94 20.01
C PHE B 416 -13.64 -21.08 19.31
N PRO B 417 -14.96 -21.17 19.43
CA PRO B 417 -15.72 -22.10 18.61
C PRO B 417 -15.68 -21.68 17.15
N TYR B 418 -15.96 -22.64 16.27
CA TYR B 418 -15.96 -22.39 14.84
C TYR B 418 -17.19 -23.01 14.19
N ASN B 419 -17.66 -22.36 13.12
CA ASN B 419 -18.66 -22.93 12.23
C ASN B 419 -18.34 -22.46 10.82
N MET B 420 -19.30 -22.64 9.91
CA MET B 420 -19.05 -22.39 8.50
C MET B 420 -20.18 -21.57 7.88
N ASP B 421 -19.82 -20.79 6.85
CA ASP B 421 -20.85 -20.16 6.04
C ASP B 421 -21.44 -21.19 5.08
N TRP B 422 -22.45 -20.78 4.30
CA TRP B 422 -23.13 -21.74 3.46
C TRP B 422 -22.24 -22.27 2.34
N ARG B 423 -21.12 -21.61 2.05
CA ARG B 423 -20.14 -22.13 1.09
C ARG B 423 -19.09 -23.03 1.73
N GLY B 424 -18.97 -23.04 3.05
CA GLY B 424 -18.02 -23.89 3.73
C GLY B 424 -16.80 -23.22 4.29
N ARG B 425 -16.65 -21.90 4.11
CA ARG B 425 -15.55 -21.19 4.72
C ARG B 425 -15.69 -21.19 6.24
N VAL B 426 -14.56 -21.22 6.94
CA VAL B 426 -14.53 -21.39 8.39
C VAL B 426 -14.43 -20.03 9.06
N TYR B 427 -15.29 -19.79 10.05
CA TYR B 427 -15.29 -18.55 10.80
C TYR B 427 -15.42 -18.85 12.29
N ALA B 428 -14.71 -18.07 13.11
CA ALA B 428 -14.90 -18.13 14.55
C ALA B 428 -16.21 -17.43 14.92
N VAL B 429 -16.77 -17.83 16.06
CA VAL B 429 -18.13 -17.46 16.43
C VAL B 429 -18.17 -16.26 17.38
N SER B 430 -17.23 -16.16 18.30
CA SER B 430 -17.26 -15.05 19.25
C SER B 430 -16.91 -13.74 18.56
N MET B 431 -17.47 -12.64 19.09
CA MET B 431 -17.29 -11.33 18.47
C MET B 431 -15.82 -10.90 18.51
N PHE B 432 -15.13 -11.24 19.59
CA PHE B 432 -13.68 -11.11 19.67
C PHE B 432 -13.07 -12.43 19.19
N ASN B 433 -12.34 -12.38 18.07
CA ASN B 433 -11.91 -13.61 17.43
C ASN B 433 -10.63 -13.35 16.64
N PRO B 434 -9.82 -14.38 16.40
CA PRO B 434 -8.53 -14.17 15.72
C PRO B 434 -8.63 -13.75 14.26
N GLN B 435 -9.82 -13.70 13.68
CA GLN B 435 -9.99 -13.35 12.27
C GLN B 435 -10.30 -11.87 12.08
N GLY B 436 -9.91 -11.02 13.02
CA GLY B 436 -10.24 -9.63 13.01
C GLY B 436 -9.14 -8.74 12.49
N ASN B 437 -9.20 -7.46 12.86
CA ASN B 437 -8.24 -6.46 12.41
C ASN B 437 -6.87 -6.71 13.04
N ASP B 438 -5.93 -5.84 12.68
CA ASP B 438 -4.56 -5.94 13.20
C ASP B 438 -4.54 -5.94 14.71
N MET B 439 -5.20 -4.95 15.32
CA MET B 439 -5.15 -4.81 16.78
C MET B 439 -5.66 -6.06 17.46
N THR B 440 -6.77 -6.61 16.98
CA THR B 440 -7.27 -7.87 17.53
C THR B 440 -6.28 -9.01 17.29
N LYS B 441 -5.76 -9.11 16.07
CA LYS B 441 -4.78 -10.16 15.78
C LYS B 441 -3.52 -9.98 16.61
N GLY B 442 -3.06 -8.74 16.78
CA GLY B 442 -1.92 -8.49 17.64
C GLY B 442 -2.18 -8.82 19.10
N LEU B 443 -3.42 -8.63 19.55
CA LEU B 443 -3.79 -8.89 20.94
C LEU B 443 -3.94 -10.38 21.25
N LEU B 444 -3.89 -11.24 20.24
CA LEU B 444 -4.13 -12.67 20.41
C LEU B 444 -2.88 -13.44 20.00
N THR B 445 -2.44 -14.34 20.87
CA THR B 445 -1.34 -15.26 20.59
C THR B 445 -1.76 -16.66 21.01
N LEU B 446 -1.05 -17.65 20.49
CA LEU B 446 -1.33 -19.02 20.87
C LEU B 446 -0.84 -19.28 22.29
N ALA B 447 -1.47 -20.25 22.95
CA ALA B 447 -1.16 -20.54 24.34
C ALA B 447 -0.08 -21.60 24.51
N LYS B 448 -0.09 -22.62 23.65
CA LYS B 448 0.82 -23.77 23.77
C LYS B 448 1.97 -23.58 22.79
N GLY B 449 3.11 -23.09 23.29
CA GLY B 449 4.29 -22.91 22.50
C GLY B 449 5.32 -24.00 22.73
N LYS B 450 6.28 -24.07 21.82
CA LYS B 450 7.40 -25.00 21.86
C LYS B 450 8.68 -24.20 21.73
N PRO B 451 9.82 -24.78 22.13
CA PRO B 451 11.10 -24.08 21.90
C PRO B 451 11.31 -23.80 20.42
N ILE B 452 11.84 -22.60 20.13
CA ILE B 452 11.71 -22.03 18.80
C ILE B 452 12.59 -22.76 17.79
N GLY B 453 13.88 -22.93 18.10
CA GLY B 453 14.80 -23.60 17.22
C GLY B 453 15.30 -22.70 16.09
N LYS B 454 16.29 -23.22 15.36
CA LYS B 454 16.85 -22.48 14.24
C LYS B 454 15.81 -22.21 13.17
N GLU B 455 15.09 -23.26 12.75
CA GLU B 455 14.06 -23.09 11.74
C GLU B 455 12.91 -22.21 12.25
N GLY B 456 12.60 -22.29 13.54
CA GLY B 456 11.57 -21.42 14.09
C GLY B 456 11.98 -19.96 14.08
N TYR B 457 13.24 -19.68 14.42
CA TYR B 457 13.74 -18.30 14.35
C TYR B 457 13.65 -17.76 12.94
N TYR B 458 14.00 -18.59 11.96
CA TYR B 458 13.99 -18.18 10.56
C TYR B 458 12.61 -17.70 10.14
N TRP B 459 11.59 -18.50 10.40
CA TRP B 459 10.23 -18.10 10.03
C TRP B 459 9.70 -17.00 10.93
N LEU B 460 10.19 -16.91 12.17
CA LEU B 460 9.83 -15.78 13.03
C LEU B 460 10.26 -14.46 12.40
N LYS B 461 11.45 -14.45 11.79
CA LYS B 461 11.93 -13.25 11.12
C LYS B 461 11.18 -12.99 9.81
N ILE B 462 10.87 -14.07 9.07
CA ILE B 462 10.08 -13.92 7.84
C ILE B 462 8.72 -13.33 8.16
N HIS B 463 8.07 -13.82 9.22
CA HIS B 463 6.79 -13.28 9.64
C HIS B 463 6.91 -11.81 10.04
N GLY B 464 7.97 -11.47 10.78
CA GLY B 464 8.18 -10.08 11.15
C GLY B 464 8.43 -9.20 9.94
N ALA B 465 9.12 -9.73 8.93
CA ALA B 465 9.32 -8.98 7.70
C ALA B 465 8.00 -8.68 7.00
N ASN B 466 7.10 -9.67 6.97
CA ASN B 466 5.81 -9.48 6.31
C ASN B 466 4.92 -8.51 7.07
N CYS B 467 4.99 -8.51 8.40
CA CYS B 467 4.23 -7.54 9.19
C CYS B 467 4.70 -6.12 8.94
N ALA B 468 5.98 -5.96 8.57
CA ALA B 468 6.51 -4.64 8.22
C ALA B 468 6.19 -4.23 6.79
N GLY B 469 5.71 -5.16 5.97
CA GLY B 469 5.43 -4.88 4.57
C GLY B 469 6.51 -5.32 3.61
N VAL B 470 7.54 -6.00 4.07
CA VAL B 470 8.59 -6.51 3.18
C VAL B 470 8.15 -7.92 2.76
N ASP B 471 7.25 -7.95 1.77
CA ASP B 471 6.65 -9.21 1.34
C ASP B 471 6.80 -9.50 -0.14
N LYS B 472 7.15 -8.51 -0.97
CA LYS B 472 7.31 -8.69 -2.40
C LYS B 472 8.73 -9.07 -2.78
N VAL B 473 9.48 -9.65 -1.85
CA VAL B 473 10.93 -9.85 -1.97
C VAL B 473 11.22 -11.29 -1.59
N PRO B 474 12.26 -11.93 -2.13
CA PRO B 474 12.61 -13.28 -1.69
C PRO B 474 12.91 -13.36 -0.20
N PHE B 475 12.81 -14.57 0.33
CA PHE B 475 13.14 -14.83 1.73
C PHE B 475 14.53 -14.36 2.14
N PRO B 476 15.61 -14.56 1.37
CA PRO B 476 16.93 -14.10 1.84
C PRO B 476 16.99 -12.62 2.17
N GLU B 477 16.33 -11.76 1.38
CA GLU B 477 16.33 -10.35 1.71
C GLU B 477 15.33 -10.00 2.81
N ARG B 478 14.31 -10.83 3.01
CA ARG B 478 13.42 -10.64 4.17
C ARG B 478 14.19 -10.85 5.47
N ILE B 479 15.04 -11.88 5.52
CA ILE B 479 15.91 -12.05 6.68
C ILE B 479 16.88 -10.90 6.79
N LYS B 480 17.42 -10.44 5.65
CA LYS B 480 18.35 -9.31 5.67
C LYS B 480 17.71 -8.06 6.25
N PHE B 481 16.45 -7.79 5.87
CA PHE B 481 15.76 -6.61 6.38
C PHE B 481 15.62 -6.67 7.91
N ILE B 482 15.24 -7.83 8.43
CA ILE B 482 15.06 -7.99 9.87
C ILE B 482 16.38 -7.76 10.60
N GLU B 483 17.44 -8.40 10.11
CA GLU B 483 18.73 -8.33 10.80
C GLU B 483 19.36 -6.94 10.69
N GLU B 484 19.15 -6.23 9.57
CA GLU B 484 19.63 -4.87 9.47
C GLU B 484 18.93 -3.95 10.46
N ASN B 485 17.63 -4.14 10.67
CA ASN B 485 16.85 -3.35 11.61
C ASN B 485 16.84 -3.95 13.01
N HIS B 486 17.86 -4.74 13.36
CA HIS B 486 17.90 -5.41 14.65
C HIS B 486 17.80 -4.41 15.80
N GLU B 487 18.58 -3.32 15.72
CA GLU B 487 18.59 -2.34 16.81
C GLU B 487 17.25 -1.62 16.93
N ASN B 488 16.59 -1.34 15.80
CA ASN B 488 15.25 -0.76 15.86
C ASN B 488 14.25 -1.74 16.47
N ILE B 489 14.31 -3.01 16.07
CA ILE B 489 13.40 -4.01 16.63
C ILE B 489 13.62 -4.14 18.12
N MET B 490 14.88 -4.13 18.56
CA MET B 490 15.20 -4.23 19.98
C MET B 490 14.67 -3.04 20.75
N ALA B 491 14.86 -1.83 20.22
CA ALA B 491 14.40 -0.63 20.90
C ALA B 491 12.88 -0.63 21.03
N CYS B 492 12.18 -1.07 19.98
CA CYS B 492 10.73 -1.12 20.02
C CYS B 492 10.24 -2.09 21.09
N ALA B 493 10.91 -3.24 21.23
CA ALA B 493 10.49 -4.20 22.24
C ALA B 493 10.78 -3.68 23.65
N LYS B 494 11.93 -3.04 23.85
CA LYS B 494 12.29 -2.54 25.18
C LYS B 494 11.35 -1.42 25.62
N SER B 495 11.15 -0.42 24.77
CA SER B 495 10.23 0.69 25.05
C SER B 495 9.35 0.90 23.82
N PRO B 496 8.22 0.18 23.73
CA PRO B 496 7.29 0.41 22.61
C PRO B 496 6.70 1.81 22.61
N LEU B 497 6.58 2.44 23.77
CA LEU B 497 6.04 3.79 23.84
C LEU B 497 7.07 4.87 23.51
N GLU B 498 8.36 4.55 23.62
CA GLU B 498 9.39 5.53 23.34
C GLU B 498 9.85 5.53 21.89
N ASN B 499 9.69 4.41 21.18
CA ASN B 499 10.05 4.31 19.77
C ASN B 499 8.82 3.91 18.98
N THR B 500 8.38 4.79 18.07
CA THR B 500 7.14 4.60 17.33
C THR B 500 7.34 3.85 16.03
N TRP B 501 8.54 3.33 15.78
CA TRP B 501 8.85 2.68 14.51
C TRP B 501 7.92 1.51 14.22
N TRP B 502 7.55 0.75 15.25
CA TRP B 502 6.64 -0.37 15.05
C TRP B 502 5.26 0.10 14.61
N ALA B 503 4.79 1.23 15.15
CA ALA B 503 3.49 1.76 14.75
C ALA B 503 3.50 2.25 13.32
N GLU B 504 4.67 2.60 12.79
CA GLU B 504 4.79 3.07 11.41
C GLU B 504 4.72 1.93 10.40
N GLN B 505 4.78 0.67 10.84
CA GLN B 505 4.79 -0.46 9.93
C GLN B 505 3.38 -0.74 9.41
N ASP B 506 3.32 -1.61 8.39
CA ASP B 506 2.07 -1.91 7.71
C ASP B 506 1.08 -2.62 8.62
N SER B 507 1.57 -3.58 9.43
CA SER B 507 0.75 -4.27 10.41
C SER B 507 1.39 -4.00 11.78
N PRO B 508 1.15 -2.80 12.36
CA PRO B 508 1.92 -2.38 13.54
C PRO B 508 1.86 -3.28 14.76
N PHE B 509 0.66 -3.56 15.27
CA PHE B 509 0.57 -4.35 16.51
C PHE B 509 1.06 -5.77 16.30
N CYS B 510 0.79 -6.35 15.13
CA CYS B 510 1.35 -7.65 14.81
C CYS B 510 2.86 -7.58 14.64
N PHE B 511 3.37 -6.49 14.06
CA PHE B 511 4.81 -6.29 14.01
C PHE B 511 5.39 -6.16 15.42
N LEU B 512 4.75 -5.35 16.27
CA LEU B 512 5.18 -5.21 17.65
C LEU B 512 5.19 -6.55 18.36
N ALA B 513 4.19 -7.39 18.09
CA ALA B 513 4.15 -8.73 18.66
C ALA B 513 5.38 -9.54 18.23
N PHE B 514 5.79 -9.41 16.96
CA PHE B 514 7.02 -10.04 16.52
C PHE B 514 8.23 -9.47 17.24
N CYS B 515 8.23 -8.15 17.45
CA CYS B 515 9.36 -7.49 18.12
C CYS B 515 9.59 -8.07 19.50
N PHE B 516 8.52 -8.39 20.22
CA PHE B 516 8.66 -8.94 21.56
C PHE B 516 9.27 -10.35 21.52
N GLU B 517 8.77 -11.20 20.62
CA GLU B 517 9.33 -12.54 20.50
C GLU B 517 10.75 -12.52 19.97
N TYR B 518 11.04 -11.62 19.02
CA TYR B 518 12.40 -11.47 18.53
C TYR B 518 13.35 -11.07 19.64
N ALA B 519 12.89 -10.17 20.53
CA ALA B 519 13.72 -9.78 21.67
C ALA B 519 13.89 -10.94 22.64
N GLY B 520 12.86 -11.78 22.78
CA GLY B 520 12.98 -12.93 23.65
C GLY B 520 13.99 -13.95 23.16
N VAL B 521 14.01 -14.19 21.84
CA VAL B 521 14.95 -15.16 21.27
C VAL B 521 16.38 -14.70 21.49
N GLN B 522 16.63 -13.39 21.44
CA GLN B 522 17.98 -12.91 21.67
C GLN B 522 18.36 -12.95 23.14
N HIS B 523 17.39 -12.69 24.03
CA HIS B 523 17.66 -12.79 25.46
C HIS B 523 17.84 -14.24 25.88
N HIS B 524 16.94 -15.12 25.45
CA HIS B 524 16.90 -16.49 25.95
C HIS B 524 17.41 -17.53 24.98
N GLY B 525 17.93 -17.13 23.82
CA GLY B 525 18.48 -18.09 22.89
C GLY B 525 17.43 -18.85 22.12
N LEU B 526 17.90 -19.85 21.38
CA LEU B 526 17.00 -20.68 20.57
C LEU B 526 16.22 -21.68 21.41
N SER B 527 16.55 -21.82 22.69
CA SER B 527 15.74 -22.61 23.62
C SER B 527 14.44 -21.90 24.00
N TYR B 528 14.30 -20.63 23.63
CA TYR B 528 13.14 -19.82 24.03
C TYR B 528 11.85 -20.44 23.52
N ASN B 529 10.88 -20.57 24.42
CA ASN B 529 9.55 -21.08 24.07
C ASN B 529 8.75 -19.95 23.46
N CYS B 530 8.41 -20.06 22.18
CA CYS B 530 7.64 -19.05 21.47
C CYS B 530 6.32 -19.65 21.04
N SER B 531 5.24 -18.93 21.31
CA SER B 531 3.89 -19.38 20.95
C SER B 531 3.21 -18.41 19.99
N LEU B 532 3.97 -17.61 19.27
CA LEU B 532 3.40 -16.60 18.39
C LEU B 532 2.86 -17.25 17.11
N PRO B 533 1.67 -16.84 16.65
CA PRO B 533 1.11 -17.38 15.40
C PRO B 533 1.82 -16.79 14.18
N LEU B 534 2.44 -17.64 13.38
CA LEU B 534 3.15 -17.22 12.16
C LEU B 534 2.23 -17.45 10.97
N ALA B 535 1.61 -16.38 10.48
CA ALA B 535 0.61 -16.50 9.43
C ALA B 535 1.28 -16.54 8.05
N PHE B 536 0.84 -17.47 7.21
CA PHE B 536 1.22 -17.55 5.80
C PHE B 536 -0.05 -17.44 4.97
N ASP B 537 -0.06 -16.50 4.03
CA ASP B 537 -1.27 -16.16 3.28
C ASP B 537 -1.05 -16.37 1.78
N GLY B 538 -1.96 -17.10 1.15
CA GLY B 538 -1.94 -17.18 -0.30
C GLY B 538 -2.11 -15.82 -0.94
N SER B 539 -1.35 -15.57 -2.01
CA SER B 539 -1.31 -14.25 -2.61
C SER B 539 -2.67 -13.85 -3.19
N CYS B 540 -3.23 -14.71 -4.05
CA CYS B 540 -4.56 -14.50 -4.62
C CYS B 540 -5.20 -15.89 -4.69
N SER B 541 -5.92 -16.26 -3.63
CA SER B 541 -6.34 -17.65 -3.47
C SER B 541 -7.27 -18.08 -4.59
N GLY B 542 -8.18 -17.20 -5.01
CA GLY B 542 -9.11 -17.56 -6.07
C GLY B 542 -8.42 -17.89 -7.38
N ILE B 543 -7.52 -17.01 -7.82
CA ILE B 543 -6.82 -17.25 -9.07
C ILE B 543 -5.89 -18.44 -8.94
N GLN B 544 -5.25 -18.59 -7.76
CA GLN B 544 -4.45 -19.78 -7.48
C GLN B 544 -5.26 -21.06 -7.70
N HIS B 545 -6.46 -21.11 -7.12
CA HIS B 545 -7.30 -22.29 -7.26
C HIS B 545 -7.72 -22.51 -8.70
N PHE B 546 -8.15 -21.43 -9.38
CA PHE B 546 -8.56 -21.55 -10.78
C PHE B 546 -7.40 -21.98 -11.66
N SER B 547 -6.19 -21.47 -11.38
CA SER B 547 -5.01 -21.89 -12.12
C SER B 547 -4.68 -23.36 -11.87
N ALA B 548 -4.97 -23.86 -10.67
CA ALA B 548 -4.72 -25.27 -10.38
C ALA B 548 -5.71 -26.17 -11.12
N MET B 549 -6.98 -25.77 -11.19
CA MET B 549 -8.00 -26.62 -11.80
C MET B 549 -7.72 -26.86 -13.28
N LEU B 550 -7.39 -25.80 -14.01
CA LEU B 550 -7.16 -25.88 -15.45
C LEU B 550 -5.68 -25.95 -15.81
N ARG B 551 -4.78 -25.97 -14.81
CA ARG B 551 -3.35 -26.16 -15.01
C ARG B 551 -2.72 -25.04 -15.84
N ASP B 552 -3.04 -23.79 -15.49
CA ASP B 552 -2.54 -22.64 -16.23
C ASP B 552 -1.14 -22.29 -15.74
N GLU B 553 -0.14 -22.43 -16.62
CA GLU B 553 1.22 -22.09 -16.26
C GLU B 553 1.40 -20.59 -16.05
N VAL B 554 0.95 -19.78 -17.01
CA VAL B 554 1.16 -18.34 -16.94
C VAL B 554 0.40 -17.74 -15.76
N GLY B 555 -0.85 -18.17 -15.58
CA GLY B 555 -1.59 -17.71 -14.40
C GLY B 555 -0.97 -18.20 -13.11
N GLY B 556 -0.56 -19.47 -13.08
CA GLY B 556 0.03 -20.01 -11.87
C GLY B 556 1.32 -19.31 -11.47
N ARG B 557 2.17 -18.99 -12.45
CA ARG B 557 3.40 -18.25 -12.15
C ARG B 557 3.09 -16.87 -11.59
N ALA B 558 2.07 -16.20 -12.15
CA ALA B 558 1.74 -14.84 -11.72
C ALA B 558 1.28 -14.79 -10.27
N VAL B 559 0.61 -15.84 -9.80
CA VAL B 559 0.13 -15.90 -8.42
C VAL B 559 1.04 -16.78 -7.56
N ASN B 560 2.28 -16.98 -7.99
CA ASN B 560 3.32 -17.69 -7.23
C ASN B 560 2.97 -19.15 -6.99
N LEU B 561 2.09 -19.74 -7.83
CA LEU B 561 1.86 -21.18 -7.74
C LEU B 561 3.09 -21.95 -8.21
N LEU B 562 3.71 -21.49 -9.25
CA LEU B 562 4.92 -22.17 -9.70
C LEU B 562 6.15 -21.45 -9.18
N PRO B 563 7.24 -22.18 -8.92
CA PRO B 563 8.46 -21.53 -8.42
C PRO B 563 8.98 -20.50 -9.40
N SER B 564 9.35 -19.35 -8.88
CA SER B 564 9.78 -18.21 -9.67
C SER B 564 11.05 -17.63 -9.07
N GLU B 565 11.79 -16.91 -9.91
CA GLU B 565 13.02 -16.28 -9.46
C GLU B 565 12.75 -15.31 -8.30
N THR B 566 11.67 -14.54 -8.40
CA THR B 566 11.25 -13.61 -7.38
C THR B 566 9.77 -13.78 -7.10
N VAL B 567 9.31 -13.11 -6.04
CA VAL B 567 7.88 -12.96 -5.81
C VAL B 567 7.25 -12.27 -7.00
N GLN B 568 6.07 -12.74 -7.39
CA GLN B 568 5.38 -12.24 -8.57
C GLN B 568 4.17 -11.43 -8.14
N ASP B 569 4.14 -10.16 -8.52
CA ASP B 569 3.03 -9.27 -8.25
C ASP B 569 2.13 -9.23 -9.47
N ILE B 570 0.91 -9.77 -9.34
CA ILE B 570 -0.02 -9.77 -10.47
C ILE B 570 -0.40 -8.35 -10.86
N TYR B 571 -0.40 -7.42 -9.90
CA TYR B 571 -0.70 -6.03 -10.22
C TYR B 571 0.42 -5.42 -11.06
N GLY B 572 1.67 -5.65 -10.66
CA GLY B 572 2.79 -5.17 -11.45
C GLY B 572 2.85 -5.81 -12.82
N ILE B 573 2.46 -7.08 -12.91
CA ILE B 573 2.40 -7.76 -14.21
C ILE B 573 1.36 -7.09 -15.09
N VAL B 574 0.15 -6.90 -14.56
CA VAL B 574 -0.92 -6.27 -15.33
C VAL B 574 -0.54 -4.83 -15.67
N ALA B 575 0.09 -4.12 -14.73
CA ALA B 575 0.57 -2.77 -14.99
C ALA B 575 1.60 -2.75 -16.10
N LYS B 576 2.51 -3.74 -16.11
CA LYS B 576 3.48 -3.85 -17.19
C LYS B 576 2.79 -4.04 -18.54
N LYS B 577 1.84 -4.97 -18.61
CA LYS B 577 1.13 -5.20 -19.86
C LYS B 577 0.27 -4.01 -20.25
N VAL B 578 -0.28 -3.28 -19.28
CA VAL B 578 -0.99 -2.05 -19.59
C VAL B 578 -0.04 -1.03 -20.20
N ASN B 579 1.13 -0.85 -19.58
CA ASN B 579 2.09 0.14 -20.06
C ASN B 579 2.61 -0.20 -21.45
N GLU B 580 2.74 -1.50 -21.76
CA GLU B 580 3.17 -1.90 -23.10
C GLU B 580 2.17 -1.44 -24.16
N ILE B 581 0.86 -1.58 -23.85
CA ILE B 581 -0.16 -1.10 -24.78
C ILE B 581 -0.10 0.42 -24.89
N LEU B 582 0.09 1.11 -23.76
CA LEU B 582 0.11 2.57 -23.76
C LEU B 582 1.22 3.10 -24.64
N GLN B 583 2.41 2.51 -24.55
CA GLN B 583 3.53 2.94 -25.37
C GLN B 583 3.27 2.68 -26.85
N ALA B 584 2.66 1.53 -27.17
CA ALA B 584 2.30 1.25 -28.55
C ALA B 584 1.16 2.16 -29.03
N ASP B 585 0.16 2.37 -28.17
CA ASP B 585 -0.92 3.29 -28.51
C ASP B 585 -0.48 4.74 -28.48
N ALA B 586 0.72 5.05 -28.00
CA ALA B 586 1.24 6.40 -28.13
C ALA B 586 1.85 6.65 -29.49
N ILE B 587 2.41 5.62 -30.12
CA ILE B 587 3.01 5.76 -31.45
C ILE B 587 1.98 5.55 -32.54
N ASN B 588 1.11 4.56 -32.37
CA ASN B 588 0.00 4.26 -33.26
C ASN B 588 -1.31 4.59 -32.55
N GLY B 589 -2.42 4.18 -33.15
CA GLY B 589 -3.68 4.28 -32.46
C GLY B 589 -4.48 5.51 -32.90
N THR B 590 -5.78 5.45 -32.64
CA THR B 590 -6.74 6.35 -33.27
C THR B 590 -6.46 7.80 -32.90
N ASP B 591 -6.60 8.68 -33.89
CA ASP B 591 -6.61 10.11 -33.64
C ASP B 591 -7.93 10.51 -32.99
N ASN B 592 -7.95 11.70 -32.42
CA ASN B 592 -9.19 12.23 -31.89
C ASN B 592 -10.18 12.52 -33.01
N GLU B 593 -11.46 12.32 -32.70
CA GLU B 593 -12.54 12.59 -33.65
C GLU B 593 -13.64 13.32 -32.90
N VAL B 594 -14.52 13.96 -33.65
CA VAL B 594 -15.66 14.68 -33.11
C VAL B 594 -16.92 13.91 -33.42
N VAL B 595 -17.70 13.60 -32.38
CA VAL B 595 -18.94 12.84 -32.51
C VAL B 595 -20.07 13.66 -31.94
N THR B 596 -21.19 13.69 -32.65
CA THR B 596 -22.39 14.34 -32.14
C THR B 596 -23.02 13.48 -31.04
N VAL B 597 -23.46 14.12 -29.97
CA VAL B 597 -24.04 13.44 -28.82
C VAL B 597 -25.32 14.16 -28.42
N THR B 598 -26.35 13.38 -28.08
CA THR B 598 -27.63 13.95 -27.69
C THR B 598 -27.98 13.58 -26.25
N GLU B 607 -22.20 18.20 -30.63
CA GLU B 607 -20.93 17.67 -31.12
C GLU B 607 -19.83 17.82 -30.06
N LYS B 608 -19.24 16.69 -29.68
CA LYS B 608 -18.19 16.66 -28.68
C LYS B 608 -17.02 15.83 -29.20
N VAL B 609 -15.82 16.18 -28.77
CA VAL B 609 -14.61 15.48 -29.21
C VAL B 609 -14.52 14.13 -28.49
N LYS B 610 -14.28 13.07 -29.26
CA LYS B 610 -14.03 11.75 -28.71
C LYS B 610 -12.54 11.48 -28.82
N LEU B 611 -11.86 11.44 -27.66
CA LEU B 611 -10.41 11.29 -27.64
C LEU B 611 -9.99 9.93 -28.21
N GLY B 612 -8.95 9.96 -29.04
CA GLY B 612 -8.42 8.73 -29.58
C GLY B 612 -7.50 8.02 -28.61
N THR B 613 -7.22 6.76 -28.91
CA THR B 613 -6.31 5.98 -28.07
C THR B 613 -4.92 6.61 -28.01
N LYS B 614 -4.50 7.30 -29.07
CA LYS B 614 -3.20 7.97 -29.05
C LYS B 614 -3.19 9.12 -28.06
N ALA B 615 -4.23 9.94 -28.06
CA ALA B 615 -4.34 10.99 -27.04
C ALA B 615 -4.47 10.37 -25.65
N LEU B 616 -5.33 9.37 -25.51
CA LEU B 616 -5.59 8.78 -24.20
C LEU B 616 -4.35 8.10 -23.64
N ALA B 617 -3.57 7.45 -24.49
CA ALA B 617 -2.32 6.84 -24.04
C ALA B 617 -1.37 7.90 -23.49
N GLY B 618 -1.28 9.05 -24.17
CA GLY B 618 -0.40 10.10 -23.72
C GLY B 618 -0.76 10.63 -22.34
N GLN B 619 -2.06 10.75 -22.06
CA GLN B 619 -2.49 11.17 -20.72
C GLN B 619 -2.01 10.19 -19.66
N TRP B 620 -2.20 8.89 -19.91
CA TRP B 620 -1.87 7.89 -18.90
C TRP B 620 -0.37 7.77 -18.70
N LEU B 621 0.41 7.84 -19.79
CA LEU B 621 1.86 7.83 -19.66
C LEU B 621 2.34 9.03 -18.86
N ALA B 622 1.67 10.17 -19.03
CA ALA B 622 2.01 11.35 -18.23
C ALA B 622 1.71 11.14 -16.75
N TYR B 623 0.65 10.38 -16.44
CA TYR B 623 0.35 10.09 -15.03
C TYR B 623 1.34 9.07 -14.46
N GLY B 624 1.69 8.06 -15.23
CA GLY B 624 2.55 7.00 -14.76
C GLY B 624 1.69 5.89 -14.21
N VAL B 625 1.65 4.75 -14.89
CA VAL B 625 0.77 3.65 -14.52
C VAL B 625 1.58 2.65 -13.72
N THR B 626 1.16 2.44 -12.48
CA THR B 626 1.84 1.58 -11.54
C THR B 626 0.92 0.43 -11.13
N ARG B 627 1.41 -0.41 -10.22
CA ARG B 627 0.58 -1.46 -9.64
C ARG B 627 -0.62 -0.89 -8.89
N SER B 628 -0.56 0.39 -8.54
CA SER B 628 -1.69 1.04 -7.88
C SER B 628 -2.88 1.20 -8.82
N VAL B 629 -2.61 1.46 -10.10
CA VAL B 629 -3.70 1.68 -11.05
C VAL B 629 -4.45 0.39 -11.36
N THR B 630 -3.82 -0.77 -11.19
CA THR B 630 -4.41 -2.03 -11.60
C THR B 630 -4.83 -2.92 -10.44
N LYS B 631 -4.51 -2.55 -9.20
CA LYS B 631 -4.63 -3.47 -8.08
C LYS B 631 -6.08 -3.92 -7.87
N ARG B 632 -7.00 -2.97 -7.69
CA ARG B 632 -8.37 -3.31 -7.33
C ARG B 632 -9.04 -4.13 -8.42
N SER B 633 -8.73 -3.84 -9.69
CA SER B 633 -9.33 -4.57 -10.80
C SER B 633 -9.00 -6.06 -10.73
N VAL B 634 -7.76 -6.39 -10.41
CA VAL B 634 -7.39 -7.80 -10.26
C VAL B 634 -8.06 -8.42 -9.03
N MET B 635 -8.15 -7.65 -7.95
CA MET B 635 -8.77 -8.16 -6.72
C MET B 635 -10.24 -8.49 -6.95
N THR B 636 -10.94 -7.64 -7.69
CA THR B 636 -12.37 -7.83 -7.95
C THR B 636 -12.66 -8.89 -8.99
N LEU B 637 -11.62 -9.46 -9.62
CA LEU B 637 -11.83 -10.45 -10.67
C LEU B 637 -12.53 -11.68 -10.13
N ALA B 638 -12.12 -12.16 -8.95
CA ALA B 638 -12.76 -13.32 -8.36
C ALA B 638 -14.21 -13.03 -7.98
N TYR B 639 -14.54 -11.77 -7.73
CA TYR B 639 -15.91 -11.37 -7.43
C TYR B 639 -16.77 -11.24 -8.68
N GLY B 640 -16.19 -11.42 -9.86
CA GLY B 640 -16.92 -11.37 -11.11
C GLY B 640 -16.83 -10.06 -11.86
N SER B 641 -16.06 -9.11 -11.37
CA SER B 641 -15.92 -7.83 -12.05
C SER B 641 -15.19 -8.00 -13.38
N LYS B 642 -15.55 -7.15 -14.33
CA LYS B 642 -15.03 -7.23 -15.70
C LYS B 642 -14.78 -5.79 -16.16
N GLU B 643 -14.67 -5.61 -17.48
CA GLU B 643 -14.25 -4.32 -18.02
C GLU B 643 -15.16 -3.18 -17.58
N PHE B 644 -16.47 -3.40 -17.53
CA PHE B 644 -17.37 -2.33 -17.12
C PHE B 644 -17.10 -1.89 -15.68
N GLY B 645 -16.96 -2.86 -14.78
CA GLY B 645 -16.74 -2.53 -13.38
C GLY B 645 -15.39 -1.90 -13.11
N PHE B 646 -14.42 -2.10 -14.02
CA PHE B 646 -13.11 -1.49 -13.83
C PHE B 646 -13.15 0.02 -14.06
N ARG B 647 -14.00 0.48 -14.98
CA ARG B 647 -14.07 1.91 -15.28
C ARG B 647 -14.53 2.71 -14.07
N GLN B 648 -15.51 2.21 -13.33
CA GLN B 648 -15.89 2.84 -12.08
C GLN B 648 -14.77 2.74 -11.05
N GLN B 649 -14.02 1.63 -11.06
CA GLN B 649 -12.87 1.50 -10.16
C GLN B 649 -11.79 2.52 -10.54
N VAL B 650 -11.42 2.57 -11.82
CA VAL B 650 -10.34 3.45 -12.25
C VAL B 650 -10.67 4.91 -11.93
N LEU B 651 -11.92 5.31 -12.20
CA LEU B 651 -12.32 6.69 -11.96
C LEU B 651 -12.17 7.04 -10.48
N GLU B 652 -12.72 6.22 -9.59
CA GLU B 652 -12.69 6.53 -8.16
C GLU B 652 -11.32 6.29 -7.54
N ASP B 653 -10.56 5.30 -8.01
CA ASP B 653 -9.31 4.98 -7.34
C ASP B 653 -8.18 5.94 -7.71
N THR B 654 -8.06 6.30 -8.99
CA THR B 654 -6.92 7.09 -9.42
C THR B 654 -7.31 8.43 -10.05
N ILE B 655 -8.25 8.43 -10.99
CA ILE B 655 -8.51 9.65 -11.76
C ILE B 655 -9.11 10.74 -10.88
N GLN B 656 -10.23 10.44 -10.20
CA GLN B 656 -10.86 11.42 -9.33
C GLN B 656 -9.92 11.92 -8.22
N PRO B 657 -9.19 11.06 -7.50
CA PRO B 657 -8.20 11.61 -6.55
C PRO B 657 -7.15 12.48 -7.20
N ALA B 658 -6.73 12.14 -8.43
CA ALA B 658 -5.73 12.95 -9.12
C ALA B 658 -6.25 14.36 -9.40
N ILE B 659 -7.51 14.47 -9.85
CA ILE B 659 -8.09 15.79 -10.11
C ILE B 659 -8.16 16.60 -8.83
N ASP B 660 -8.59 15.98 -7.73
CA ASP B 660 -8.68 16.68 -6.46
C ASP B 660 -7.31 17.14 -5.98
N SER B 661 -6.26 16.38 -6.28
CA SER B 661 -4.90 16.72 -5.87
C SER B 661 -4.25 17.78 -6.76
N GLY B 662 -4.88 18.16 -7.87
CA GLY B 662 -4.23 19.02 -8.83
C GLY B 662 -3.42 18.31 -9.88
N LYS B 663 -3.34 16.99 -9.82
CA LYS B 663 -2.95 16.18 -10.96
C LYS B 663 -4.18 16.04 -11.85
N GLY B 664 -4.13 15.20 -12.87
CA GLY B 664 -5.30 14.98 -13.68
C GLY B 664 -5.62 16.09 -14.66
N LEU B 665 -4.73 17.08 -14.80
CA LEU B 665 -4.84 17.99 -15.93
C LEU B 665 -4.75 17.22 -17.24
N MET B 666 -4.02 16.10 -17.23
CA MET B 666 -3.99 15.21 -18.38
C MET B 666 -5.35 14.57 -18.63
N PHE B 667 -6.10 14.26 -17.56
CA PHE B 667 -7.43 13.66 -17.69
C PHE B 667 -8.45 14.77 -17.98
N THR B 668 -8.33 15.34 -19.19
CA THR B 668 -9.24 16.40 -19.61
C THR B 668 -10.67 15.89 -19.69
N GLN B 669 -10.86 14.68 -20.23
CA GLN B 669 -12.13 13.98 -20.16
C GLN B 669 -11.95 12.75 -19.27
N PRO B 670 -12.39 12.79 -18.00
CA PRO B 670 -12.07 11.68 -17.09
C PRO B 670 -12.71 10.37 -17.46
N ASN B 671 -13.95 10.37 -17.94
CA ASN B 671 -14.63 9.11 -18.24
C ASN B 671 -14.01 8.40 -19.43
N GLN B 672 -13.54 9.16 -20.43
CA GLN B 672 -12.88 8.55 -21.57
C GLN B 672 -11.57 7.89 -21.16
N ALA B 673 -10.82 8.51 -20.25
CA ALA B 673 -9.60 7.90 -19.75
C ALA B 673 -9.89 6.61 -19.00
N ALA B 674 -10.90 6.64 -18.12
CA ALA B 674 -11.23 5.46 -17.33
C ALA B 674 -11.69 4.30 -18.21
N GLY B 675 -12.58 4.57 -19.15
CA GLY B 675 -13.03 3.53 -20.06
C GLY B 675 -11.90 2.97 -20.91
N TYR B 676 -10.99 3.86 -21.34
CA TYR B 676 -9.82 3.40 -22.08
C TYR B 676 -8.94 2.50 -21.21
N MET B 677 -8.67 2.93 -19.97
CA MET B 677 -7.81 2.15 -19.09
C MET B 677 -8.48 0.86 -18.65
N ALA B 678 -9.81 0.88 -18.47
CA ALA B 678 -10.54 -0.34 -18.12
C ALA B 678 -10.43 -1.38 -19.23
N LYS B 679 -10.49 -0.94 -20.49
CA LYS B 679 -10.26 -1.86 -21.60
C LYS B 679 -8.86 -2.45 -21.54
N LEU B 680 -7.86 -1.62 -21.26
CA LEU B 680 -6.48 -2.09 -21.24
C LEU B 680 -6.23 -3.05 -20.08
N ILE B 681 -6.83 -2.77 -18.92
CA ILE B 681 -6.68 -3.68 -17.79
C ILE B 681 -7.35 -5.02 -18.09
N TRP B 682 -8.55 -5.00 -18.68
CA TRP B 682 -9.26 -6.24 -18.97
C TRP B 682 -8.50 -7.09 -19.98
N GLU B 683 -7.93 -6.46 -21.01
CA GLU B 683 -7.12 -7.21 -21.96
C GLU B 683 -5.87 -7.77 -21.29
N SER B 684 -5.24 -6.98 -20.42
CA SER B 684 -4.03 -7.44 -19.73
C SER B 684 -4.36 -8.60 -18.78
N VAL B 685 -5.45 -8.48 -18.02
CA VAL B 685 -5.81 -9.51 -17.06
C VAL B 685 -6.15 -10.82 -17.77
N SER B 686 -6.97 -10.73 -18.83
CA SER B 686 -7.48 -11.94 -19.48
C SER B 686 -6.37 -12.75 -20.12
N VAL B 687 -5.35 -12.09 -20.69
CA VAL B 687 -4.23 -12.82 -21.25
C VAL B 687 -3.22 -13.25 -20.19
N THR B 688 -3.30 -12.70 -18.98
CA THR B 688 -2.41 -13.09 -17.89
C THR B 688 -2.94 -14.31 -17.14
N VAL B 689 -4.20 -14.26 -16.70
CA VAL B 689 -4.78 -15.42 -16.04
C VAL B 689 -5.95 -15.93 -16.87
N VAL B 690 -5.64 -16.79 -17.85
CA VAL B 690 -6.66 -17.27 -18.77
C VAL B 690 -7.59 -18.26 -18.07
N ALA B 691 -7.02 -19.09 -17.20
CA ALA B 691 -7.81 -20.11 -16.52
C ALA B 691 -8.91 -19.49 -15.66
N ALA B 692 -8.60 -18.38 -14.99
CA ALA B 692 -9.62 -17.70 -14.20
C ALA B 692 -10.78 -17.25 -15.08
N VAL B 693 -10.48 -16.52 -16.15
CA VAL B 693 -11.53 -15.97 -17.01
C VAL B 693 -12.38 -17.10 -17.60
N GLU B 694 -11.73 -18.14 -18.11
CA GLU B 694 -12.45 -19.24 -18.73
C GLU B 694 -13.29 -20.01 -17.72
N ALA B 695 -12.74 -20.25 -16.52
CA ALA B 695 -13.47 -21.05 -15.55
C ALA B 695 -14.70 -20.34 -15.00
N MET B 696 -14.57 -19.04 -14.67
CA MET B 696 -15.73 -18.30 -14.17
C MET B 696 -16.81 -18.17 -15.24
N ASN B 697 -16.43 -18.08 -16.51
CA ASN B 697 -17.44 -18.07 -17.58
C ASN B 697 -18.21 -19.38 -17.63
N TRP B 698 -17.51 -20.51 -17.52
CA TRP B 698 -18.16 -21.80 -17.61
C TRP B 698 -19.14 -22.01 -16.46
N LEU B 699 -18.75 -21.61 -15.24
CA LEU B 699 -19.67 -21.72 -14.11
C LEU B 699 -20.86 -20.78 -14.27
N LYS B 700 -20.62 -19.57 -14.78
CA LYS B 700 -21.71 -18.62 -15.00
C LYS B 700 -22.70 -19.14 -16.02
N SER B 701 -22.20 -19.75 -17.10
CA SER B 701 -23.09 -20.35 -18.09
C SER B 701 -23.90 -21.48 -17.49
N ALA B 702 -23.29 -22.27 -16.61
CA ALA B 702 -24.01 -23.36 -15.96
C ALA B 702 -25.16 -22.84 -15.10
N ALA B 703 -24.88 -21.84 -14.27
CA ALA B 703 -25.92 -21.31 -13.39
C ALA B 703 -27.04 -20.66 -14.19
N LYS B 704 -26.70 -19.99 -15.29
CA LYS B 704 -27.73 -19.35 -16.11
C LYS B 704 -28.71 -20.36 -16.68
N LEU B 705 -28.18 -21.45 -17.25
CA LEU B 705 -29.05 -22.47 -17.83
C LEU B 705 -29.91 -23.14 -16.75
N LEU B 706 -29.28 -23.49 -15.62
CA LEU B 706 -30.01 -24.11 -14.52
C LEU B 706 -31.04 -23.16 -13.92
N ALA B 707 -30.72 -21.86 -13.87
CA ALA B 707 -31.63 -20.90 -13.26
C ALA B 707 -32.76 -20.49 -14.19
N ALA B 708 -32.68 -20.78 -15.48
CA ALA B 708 -33.77 -20.41 -16.36
C ALA B 708 -34.96 -21.34 -16.14
N GLU B 709 -36.14 -20.83 -16.47
CA GLU B 709 -37.30 -21.69 -16.67
C GLU B 709 -37.41 -21.98 -18.16
N VAL B 710 -37.67 -23.24 -18.50
CA VAL B 710 -37.76 -23.66 -19.89
C VAL B 710 -39.24 -23.81 -20.21
N LYS B 711 -39.74 -22.94 -21.09
CA LYS B 711 -41.14 -22.96 -21.50
C LYS B 711 -41.21 -23.00 -23.02
N ASP B 712 -42.01 -23.93 -23.54
CA ASP B 712 -42.30 -23.95 -24.97
C ASP B 712 -43.13 -22.72 -25.31
N LYS B 713 -42.64 -21.93 -26.27
CA LYS B 713 -43.22 -20.61 -26.51
C LYS B 713 -44.67 -20.70 -26.94
N LYS B 714 -44.98 -21.61 -27.86
CA LYS B 714 -46.35 -21.72 -28.37
C LYS B 714 -47.30 -22.17 -27.27
N THR B 715 -46.98 -23.26 -26.57
CA THR B 715 -47.85 -23.73 -25.50
C THR B 715 -47.80 -22.78 -24.30
N GLY B 716 -46.61 -22.27 -23.97
CA GLY B 716 -46.41 -21.48 -22.78
C GLY B 716 -46.12 -22.28 -21.53
N GLU B 717 -46.37 -23.59 -21.56
CA GLU B 717 -46.12 -24.44 -20.39
C GLU B 717 -44.62 -24.53 -20.11
N ILE B 718 -44.27 -24.53 -18.82
CA ILE B 718 -42.88 -24.61 -18.43
C ILE B 718 -42.45 -26.08 -18.44
N LEU B 719 -41.52 -26.42 -19.32
CA LEU B 719 -41.05 -27.80 -19.43
C LEU B 719 -40.11 -28.17 -18.29
N ARG B 720 -39.19 -27.27 -17.94
CA ARG B 720 -38.24 -27.49 -16.86
C ARG B 720 -38.27 -26.28 -15.94
N LYS B 721 -38.48 -26.53 -14.65
CA LYS B 721 -38.59 -25.46 -13.67
C LYS B 721 -37.24 -24.81 -13.44
N ARG B 722 -37.28 -23.65 -12.78
CA ARG B 722 -36.06 -23.01 -12.32
C ARG B 722 -35.34 -23.92 -11.32
N CYS B 723 -34.04 -24.12 -11.52
CA CYS B 723 -33.30 -25.08 -10.73
C CYS B 723 -32.10 -24.43 -10.05
N ALA B 724 -31.85 -24.86 -8.81
CA ALA B 724 -30.72 -24.35 -8.05
C ALA B 724 -29.42 -25.03 -8.49
N VAL B 725 -28.31 -24.56 -7.92
CA VAL B 725 -27.00 -25.08 -8.24
C VAL B 725 -26.41 -25.73 -6.99
N HIS B 726 -25.94 -26.96 -7.14
CA HIS B 726 -25.37 -27.72 -6.02
C HIS B 726 -24.08 -28.39 -6.44
N TRP B 727 -23.10 -28.40 -5.53
CA TRP B 727 -21.88 -29.16 -5.73
C TRP B 727 -21.35 -29.62 -4.37
N VAL B 728 -20.31 -30.45 -4.41
CA VAL B 728 -19.71 -31.00 -3.20
C VAL B 728 -18.20 -30.81 -3.29
N THR B 729 -17.61 -30.24 -2.24
CA THR B 729 -16.17 -30.01 -2.18
C THR B 729 -15.43 -31.34 -2.10
N PRO B 730 -14.14 -31.36 -2.50
CA PRO B 730 -13.37 -32.60 -2.34
C PRO B 730 -13.25 -33.04 -0.89
N ASP B 731 -13.32 -32.09 0.04
CA ASP B 731 -13.36 -32.34 1.47
C ASP B 731 -14.64 -33.05 1.91
N GLY B 732 -15.65 -33.10 1.05
CA GLY B 732 -16.92 -33.70 1.39
C GLY B 732 -17.98 -32.74 1.86
N PHE B 733 -17.75 -31.43 1.77
CA PHE B 733 -18.77 -30.47 2.13
C PHE B 733 -19.73 -30.27 0.98
N PRO B 734 -21.02 -30.50 1.17
CA PRO B 734 -22.00 -30.13 0.14
C PRO B 734 -22.40 -28.68 0.29
N VAL B 735 -22.88 -28.11 -0.80
CA VAL B 735 -23.28 -26.70 -0.81
C VAL B 735 -24.36 -26.51 -1.86
N TRP B 736 -25.37 -25.73 -1.52
CA TRP B 736 -26.49 -25.45 -2.40
C TRP B 736 -26.62 -23.94 -2.58
N GLN B 737 -26.62 -23.49 -3.82
CA GLN B 737 -26.83 -22.08 -4.14
C GLN B 737 -28.28 -21.91 -4.61
N GLU B 738 -29.12 -21.34 -3.74
CA GLU B 738 -30.50 -20.98 -4.09
C GLU B 738 -30.72 -19.54 -3.66
N TYR B 739 -30.32 -18.59 -4.51
CA TYR B 739 -30.69 -17.21 -4.29
C TYR B 739 -32.17 -17.03 -4.62
N LYS B 740 -32.94 -16.49 -3.69
CA LYS B 740 -34.38 -16.41 -3.84
C LYS B 740 -34.83 -14.95 -3.79
N LYS B 741 -35.74 -14.59 -4.69
CA LYS B 741 -36.23 -13.22 -4.77
C LYS B 741 -37.61 -13.10 -4.14
N PRO B 742 -37.85 -12.05 -3.36
CA PRO B 742 -39.20 -11.80 -2.87
C PRO B 742 -40.12 -11.32 -3.97
N ILE B 743 -41.41 -11.57 -3.80
CA ILE B 743 -42.38 -11.24 -4.84
C ILE B 743 -42.62 -9.74 -4.93
N GLN B 744 -42.77 -9.07 -3.78
CA GLN B 744 -43.11 -7.65 -3.77
C GLN B 744 -42.29 -6.92 -2.72
N THR B 745 -42.12 -5.62 -2.93
CA THR B 745 -41.41 -4.76 -2.00
C THR B 745 -41.92 -3.33 -2.13
N ARG B 746 -41.68 -2.54 -1.10
CA ARG B 746 -42.17 -1.17 -1.00
C ARG B 746 -41.03 -0.27 -0.51
N LEU B 747 -40.98 0.95 -1.03
CA LEU B 747 -39.89 1.89 -0.72
C LEU B 747 -40.45 3.30 -0.63
N ASN B 748 -40.21 3.97 0.50
CA ASN B 748 -40.58 5.37 0.70
C ASN B 748 -39.32 6.23 0.76
N LEU B 749 -39.48 7.51 0.43
CA LEU B 749 -38.32 8.39 0.32
C LEU B 749 -37.74 8.73 1.70
N MET B 750 -38.60 9.08 2.66
CA MET B 750 -38.11 9.53 3.96
C MET B 750 -38.31 8.52 5.08
N PHE B 751 -39.26 7.59 4.94
CA PHE B 751 -39.41 6.47 5.85
C PHE B 751 -38.90 5.22 5.15
N LEU B 752 -38.40 4.26 5.95
CA LEU B 752 -37.82 3.08 5.33
C LEU B 752 -38.89 2.22 4.67
N GLY B 753 -38.45 1.43 3.71
CA GLY B 753 -39.34 0.47 3.08
C GLY B 753 -39.50 -0.79 3.90
N GLN B 754 -40.68 -1.40 3.77
CA GLN B 754 -41.00 -2.65 4.46
C GLN B 754 -41.86 -3.52 3.56
N SER B 767 -41.56 -17.50 -2.83
CA SER B 767 -40.16 -17.30 -3.20
C SER B 767 -39.84 -17.95 -4.54
N GLU B 768 -39.14 -17.20 -5.38
CA GLU B 768 -38.71 -17.65 -6.70
C GLU B 768 -37.19 -17.52 -6.79
N ILE B 769 -36.58 -18.35 -7.62
CA ILE B 769 -35.13 -18.31 -7.79
C ILE B 769 -34.72 -17.02 -8.50
N ASP B 770 -33.70 -16.35 -7.95
CA ASP B 770 -33.14 -15.13 -8.54
C ASP B 770 -32.04 -15.54 -9.49
N ALA B 771 -32.37 -15.61 -10.78
CA ALA B 771 -31.43 -16.11 -11.79
C ALA B 771 -30.18 -15.24 -11.86
N HIS B 772 -30.34 -13.92 -11.80
CA HIS B 772 -29.18 -13.03 -11.92
C HIS B 772 -28.22 -13.21 -10.75
N LYS B 773 -28.75 -13.33 -9.53
CA LYS B 773 -27.87 -13.58 -8.39
C LYS B 773 -27.24 -14.97 -8.48
N GLN B 774 -27.93 -15.94 -9.09
CA GLN B 774 -27.33 -17.25 -9.32
C GLN B 774 -26.12 -17.16 -10.24
N GLU B 775 -26.22 -16.37 -11.31
CA GLU B 775 -25.10 -16.20 -12.21
C GLU B 775 -24.02 -15.31 -11.60
N SER B 776 -24.44 -14.25 -10.89
CA SER B 776 -23.47 -13.37 -10.25
C SER B 776 -22.65 -14.10 -9.21
N GLY B 777 -23.28 -15.02 -8.48
CA GLY B 777 -22.65 -15.66 -7.34
C GLY B 777 -21.92 -16.96 -7.59
N ILE B 778 -22.23 -17.67 -8.68
CA ILE B 778 -21.79 -19.06 -8.81
C ILE B 778 -20.27 -19.17 -8.85
N ALA B 779 -19.60 -18.33 -9.64
CA ALA B 779 -18.14 -18.45 -9.75
C ALA B 779 -17.42 -17.99 -8.49
N PRO B 780 -17.72 -16.82 -7.89
CA PRO B 780 -17.05 -16.50 -6.60
C PRO B 780 -17.34 -17.50 -5.50
N ASN B 781 -18.57 -18.03 -5.44
CA ASN B 781 -18.92 -18.98 -4.39
C ASN B 781 -18.23 -20.31 -4.60
N PHE B 782 -18.15 -20.78 -5.85
CA PHE B 782 -17.50 -22.05 -6.13
C PHE B 782 -16.03 -22.03 -5.73
N VAL B 783 -15.32 -20.96 -6.07
CA VAL B 783 -13.90 -20.90 -5.72
C VAL B 783 -13.72 -20.74 -4.21
N HIS B 784 -14.64 -20.04 -3.54
CA HIS B 784 -14.56 -19.93 -2.09
C HIS B 784 -14.82 -21.26 -1.41
N SER B 785 -15.71 -22.08 -1.99
CA SER B 785 -15.94 -23.41 -1.45
C SER B 785 -14.69 -24.28 -1.59
N GLN B 786 -13.87 -24.00 -2.62
CA GLN B 786 -12.63 -24.76 -2.79
C GLN B 786 -11.56 -24.34 -1.78
N ASP B 787 -11.41 -23.03 -1.53
CA ASP B 787 -10.41 -22.62 -0.55
C ASP B 787 -10.79 -23.03 0.86
N GLY B 788 -12.10 -23.12 1.13
CA GLY B 788 -12.54 -23.67 2.41
C GLY B 788 -12.16 -25.12 2.57
N SER B 789 -12.37 -25.92 1.51
CA SER B 789 -11.93 -27.31 1.54
C SER B 789 -10.42 -27.41 1.67
N HIS B 790 -9.68 -26.56 0.96
CA HIS B 790 -8.23 -26.55 1.09
C HIS B 790 -7.80 -26.22 2.52
N LEU B 791 -8.44 -25.23 3.13
CA LEU B 791 -8.13 -24.90 4.52
C LEU B 791 -8.44 -26.08 5.44
N ARG B 792 -9.61 -26.68 5.26
CA ARG B 792 -10.00 -27.80 6.12
C ARG B 792 -9.09 -29.00 5.92
N LYS B 793 -8.78 -29.33 4.67
CA LYS B 793 -7.85 -30.42 4.40
C LYS B 793 -6.46 -30.12 4.95
N THR B 794 -6.07 -28.84 5.02
CA THR B 794 -4.75 -28.50 5.52
C THR B 794 -4.65 -28.72 7.02
N VAL B 795 -5.66 -28.29 7.79
CA VAL B 795 -5.56 -28.42 9.24
C VAL B 795 -5.59 -29.89 9.66
N VAL B 796 -6.39 -30.71 8.98
CA VAL B 796 -6.40 -32.12 9.32
C VAL B 796 -5.11 -32.80 8.89
N TRP B 797 -4.58 -32.45 7.70
CA TRP B 797 -3.32 -33.04 7.26
C TRP B 797 -2.15 -32.57 8.12
N ALA B 798 -2.13 -31.28 8.50
CA ALA B 798 -1.10 -30.80 9.39
C ALA B 798 -1.22 -31.41 10.77
N HIS B 799 -2.44 -31.75 11.19
CA HIS B 799 -2.64 -32.35 12.51
C HIS B 799 -2.30 -33.83 12.55
N GLU B 800 -2.50 -34.55 11.45
CA GLU B 800 -2.31 -36.00 11.45
C GLU B 800 -0.91 -36.41 10.98
N LYS B 801 -0.44 -35.88 9.85
CA LYS B 801 0.92 -36.19 9.40
C LYS B 801 1.96 -35.56 10.32
N TYR B 802 1.76 -34.32 10.71
CA TYR B 802 2.68 -33.65 11.60
C TYR B 802 1.99 -33.41 12.93
N GLY B 803 2.76 -32.94 13.91
CA GLY B 803 2.20 -32.86 15.24
C GLY B 803 1.36 -31.65 15.54
N ILE B 804 0.99 -30.87 14.52
CA ILE B 804 0.50 -29.51 14.73
C ILE B 804 -0.84 -29.54 15.43
N GLU B 805 -0.95 -28.78 16.54
CA GLU B 805 -2.16 -28.70 17.34
C GLU B 805 -2.73 -27.30 17.47
N SER B 806 -2.03 -26.29 16.97
CA SER B 806 -2.47 -24.90 17.09
C SER B 806 -2.58 -24.30 15.70
N PHE B 807 -3.74 -23.71 15.39
CA PHE B 807 -4.02 -23.23 14.05
C PHE B 807 -4.59 -21.82 14.12
N ALA B 808 -3.95 -20.89 13.43
CA ALA B 808 -4.51 -19.57 13.14
C ALA B 808 -4.99 -19.57 11.70
N LEU B 809 -6.28 -19.33 11.50
CA LEU B 809 -6.93 -19.59 10.22
C LEU B 809 -7.74 -18.37 9.80
N ILE B 810 -7.32 -17.69 8.73
CA ILE B 810 -8.22 -16.71 8.12
C ILE B 810 -8.35 -16.99 6.63
N HIS B 811 -9.18 -17.99 6.30
CA HIS B 811 -9.77 -18.33 5.00
C HIS B 811 -8.77 -18.72 3.91
N ASP B 812 -7.58 -18.14 3.96
CA ASP B 812 -6.43 -18.58 3.16
C ASP B 812 -5.14 -18.27 3.88
N SER B 813 -5.20 -17.75 5.10
CA SER B 813 -4.05 -17.52 5.95
C SER B 813 -3.95 -18.67 6.92
N PHE B 814 -2.79 -19.31 6.98
CA PHE B 814 -2.56 -20.47 7.82
C PHE B 814 -1.44 -20.14 8.79
N GLY B 815 -1.75 -20.18 10.08
CA GLY B 815 -0.80 -19.84 11.11
C GLY B 815 -0.61 -20.96 12.11
N THR B 816 0.59 -21.02 12.69
CA THR B 816 0.92 -21.96 13.74
C THR B 816 2.11 -21.40 14.51
N ILE B 817 2.50 -22.09 15.57
CA ILE B 817 3.66 -21.67 16.37
C ILE B 817 4.90 -21.81 15.51
N PRO B 818 5.98 -21.05 15.79
CA PRO B 818 7.16 -21.11 14.91
C PRO B 818 7.78 -22.48 14.80
N ALA B 819 7.76 -23.28 15.87
CA ALA B 819 8.36 -24.61 15.82
C ALA B 819 7.65 -25.51 14.81
N ASP B 820 6.37 -25.26 14.54
CA ASP B 820 5.60 -26.03 13.58
C ASP B 820 5.38 -25.29 12.27
N ALA B 821 6.05 -24.14 12.08
CA ALA B 821 5.82 -23.33 10.89
C ALA B 821 6.28 -24.06 9.63
N ALA B 822 7.45 -24.68 9.68
CA ALA B 822 8.00 -25.35 8.49
C ALA B 822 7.08 -26.46 8.00
N ASN B 823 6.51 -27.22 8.93
CA ASN B 823 5.63 -28.33 8.54
C ASN B 823 4.30 -27.82 7.98
N LEU B 824 3.76 -26.74 8.55
CA LEU B 824 2.52 -26.16 8.00
C LEU B 824 2.75 -25.65 6.58
N PHE B 825 3.88 -25.00 6.35
CA PHE B 825 4.33 -24.65 5.00
C PHE B 825 4.32 -25.88 4.10
N LYS B 826 4.85 -27.00 4.60
CA LYS B 826 4.81 -28.26 3.85
C LYS B 826 3.38 -28.74 3.66
N ALA B 827 2.58 -28.72 4.74
CA ALA B 827 1.26 -29.33 4.70
C ALA B 827 0.32 -28.62 3.74
N VAL B 828 0.36 -27.28 3.73
CA VAL B 828 -0.58 -26.53 2.90
C VAL B 828 -0.30 -26.77 1.41
N ARG B 829 0.96 -26.96 1.03
CA ARG B 829 1.27 -27.28 -0.35
C ARG B 829 0.85 -28.70 -0.70
N GLU B 830 1.05 -29.64 0.22
CA GLU B 830 0.78 -31.05 -0.06
C GLU B 830 -0.71 -31.28 -0.29
N THR B 831 -1.56 -30.62 0.48
CA THR B 831 -3.00 -30.76 0.29
C THR B 831 -3.42 -30.28 -1.10
N MET B 832 -2.96 -29.10 -1.50
CA MET B 832 -3.39 -28.51 -2.77
C MET B 832 -2.98 -29.38 -3.96
N VAL B 833 -1.76 -29.91 -3.94
CA VAL B 833 -1.33 -30.81 -5.01
C VAL B 833 -2.19 -32.07 -5.02
N ASP B 834 -2.56 -32.56 -3.85
CA ASP B 834 -3.27 -33.84 -3.77
C ASP B 834 -4.68 -33.74 -4.35
N THR B 835 -5.44 -32.70 -3.95
CA THR B 835 -6.83 -32.61 -4.39
C THR B 835 -6.94 -32.43 -5.89
N TYR B 836 -6.10 -31.58 -6.47
CA TYR B 836 -6.19 -31.30 -7.89
C TYR B 836 -5.51 -32.37 -8.74
N GLU B 837 -4.76 -33.27 -8.12
CA GLU B 837 -4.38 -34.50 -8.80
C GLU B 837 -5.49 -35.54 -8.67
N SER B 838 -6.12 -35.62 -7.49
CA SER B 838 -7.14 -36.62 -7.25
C SER B 838 -8.47 -36.25 -7.89
N CYS B 839 -8.82 -34.97 -7.93
CA CYS B 839 -10.16 -34.54 -8.29
C CYS B 839 -10.13 -33.52 -9.41
N ASP B 840 -11.08 -33.66 -10.33
CA ASP B 840 -11.37 -32.68 -11.38
C ASP B 840 -12.67 -32.00 -10.96
N VAL B 841 -12.53 -30.88 -10.23
CA VAL B 841 -13.67 -30.26 -9.56
C VAL B 841 -14.72 -29.80 -10.56
N LEU B 842 -14.27 -29.22 -11.69
CA LEU B 842 -15.21 -28.77 -12.70
C LEU B 842 -15.96 -29.92 -13.34
N ALA B 843 -15.26 -31.02 -13.66
CA ALA B 843 -15.92 -32.17 -14.25
C ALA B 843 -16.93 -32.78 -13.30
N ASP B 844 -16.58 -32.87 -12.01
CA ASP B 844 -17.52 -33.33 -11.01
C ASP B 844 -18.75 -32.43 -10.97
N PHE B 845 -18.52 -31.11 -10.96
CA PHE B 845 -19.60 -30.15 -11.01
C PHE B 845 -20.52 -30.40 -12.20
N TYR B 846 -19.94 -30.65 -13.37
CA TYR B 846 -20.75 -30.95 -14.55
C TYR B 846 -21.56 -32.21 -14.37
N ASP B 847 -20.98 -33.24 -13.75
CA ASP B 847 -21.72 -34.47 -13.51
C ASP B 847 -22.90 -34.25 -12.56
N GLN B 848 -22.84 -33.22 -11.72
CA GLN B 848 -23.95 -32.96 -10.80
C GLN B 848 -25.18 -32.44 -11.54
N PHE B 849 -25.00 -31.47 -12.44
CA PHE B 849 -26.13 -30.78 -13.03
C PHE B 849 -26.48 -31.22 -14.44
N ALA B 850 -25.70 -32.12 -15.04
CA ALA B 850 -25.93 -32.48 -16.44
C ALA B 850 -27.29 -33.13 -16.63
N ASP B 851 -27.72 -33.93 -15.65
CA ASP B 851 -29.05 -34.56 -15.74
C ASP B 851 -30.16 -33.53 -15.69
N GLN B 852 -29.99 -32.48 -14.88
CA GLN B 852 -31.03 -31.47 -14.72
C GLN B 852 -31.25 -30.64 -15.98
N LEU B 853 -30.26 -30.54 -16.85
CA LEU B 853 -30.35 -29.67 -18.02
C LEU B 853 -31.45 -30.14 -18.96
N HIS B 854 -32.17 -29.19 -19.53
CA HIS B 854 -33.21 -29.43 -20.51
C HIS B 854 -32.59 -29.68 -21.89
N GLU B 855 -33.36 -30.30 -22.78
CA GLU B 855 -32.83 -30.69 -24.08
C GLU B 855 -32.54 -29.49 -24.97
N SER B 856 -33.30 -28.40 -24.83
CA SER B 856 -32.98 -27.19 -25.59
C SER B 856 -31.68 -26.56 -25.12
N GLN B 857 -31.36 -26.72 -23.83
CA GLN B 857 -30.21 -26.05 -23.24
C GLN B 857 -28.88 -26.70 -23.57
N LEU B 858 -28.88 -27.97 -23.98
CA LEU B 858 -27.62 -28.71 -24.08
C LEU B 858 -26.70 -28.17 -25.18
N ASP B 859 -27.26 -27.62 -26.26
CA ASP B 859 -26.41 -27.02 -27.28
C ASP B 859 -25.82 -25.70 -26.79
N LYS B 860 -26.50 -25.03 -25.86
CA LYS B 860 -26.01 -23.75 -25.35
C LYS B 860 -24.84 -23.91 -24.40
N MET B 861 -24.74 -25.05 -23.73
CA MET B 861 -23.76 -25.24 -22.66
C MET B 861 -22.35 -25.33 -23.23
N PRO B 862 -21.41 -24.51 -22.77
CA PRO B 862 -20.03 -24.62 -23.24
C PRO B 862 -19.38 -25.90 -22.74
N ALA B 863 -18.35 -26.32 -23.47
CA ALA B 863 -17.56 -27.45 -23.02
C ALA B 863 -16.66 -27.03 -21.86
N LEU B 864 -16.14 -28.04 -21.17
CA LEU B 864 -15.18 -27.81 -20.10
C LEU B 864 -13.94 -27.13 -20.66
N PRO B 865 -13.41 -26.11 -19.97
CA PRO B 865 -12.20 -25.45 -20.48
C PRO B 865 -11.01 -26.40 -20.54
N ALA B 866 -10.17 -26.19 -21.54
CA ALA B 866 -9.04 -27.08 -21.76
C ALA B 866 -8.01 -26.96 -20.65
N LYS B 867 -7.46 -28.10 -20.24
CA LYS B 867 -6.40 -28.11 -19.25
C LYS B 867 -5.11 -27.57 -19.84
N GLY B 868 -4.25 -27.01 -18.99
CA GLY B 868 -3.01 -26.43 -19.41
C GLY B 868 -1.81 -27.32 -19.09
N ASN B 869 -0.62 -26.76 -19.32
CA ASN B 869 0.63 -27.51 -19.24
C ASN B 869 1.28 -27.47 -17.86
N LEU B 870 0.66 -26.80 -16.88
CA LEU B 870 1.25 -26.69 -15.56
C LEU B 870 1.35 -28.05 -14.89
N ASN B 871 2.43 -28.25 -14.14
CA ASN B 871 2.63 -29.45 -13.33
C ASN B 871 2.40 -29.09 -11.87
N LEU B 872 1.51 -29.82 -11.21
CA LEU B 872 1.13 -29.50 -9.84
C LEU B 872 2.29 -29.73 -8.87
N ARG B 873 3.18 -30.68 -9.16
CA ARG B 873 4.25 -31.00 -8.22
C ARG B 873 5.24 -29.84 -8.05
N ASP B 874 5.23 -28.86 -8.95
CA ASP B 874 6.03 -27.66 -8.76
C ASP B 874 5.53 -26.81 -7.60
N ILE B 875 4.27 -26.97 -7.20
CA ILE B 875 3.74 -26.22 -6.07
C ILE B 875 4.46 -26.61 -4.78
N LEU B 876 4.93 -27.86 -4.70
CA LEU B 876 5.65 -28.30 -3.51
C LEU B 876 6.96 -27.53 -3.31
N GLU B 877 7.60 -27.12 -4.41
CA GLU B 877 8.86 -26.39 -4.33
C GLU B 877 8.69 -24.89 -4.52
N SER B 878 7.47 -24.39 -4.48
CA SER B 878 7.19 -22.97 -4.65
C SER B 878 7.32 -22.26 -3.31
N ASP B 879 8.24 -21.30 -3.22
CA ASP B 879 8.48 -20.61 -1.96
C ASP B 879 7.37 -19.63 -1.63
N PHE B 880 6.84 -18.94 -2.63
CA PHE B 880 6.00 -17.77 -2.41
C PHE B 880 4.51 -18.03 -2.60
N ALA B 881 4.11 -19.28 -2.84
CA ALA B 881 2.68 -19.59 -2.86
C ALA B 881 2.05 -19.35 -1.50
N PHE B 882 2.77 -19.71 -0.44
CA PHE B 882 2.33 -19.61 0.97
C PHE B 882 1.12 -20.49 1.24
N ALA B 883 0.67 -21.22 0.23
CA ALA B 883 -0.60 -21.92 0.23
C ALA B 883 -0.73 -22.72 -1.06
N MET E 1 25.06 35.24 -5.72
CA MET E 1 24.63 33.87 -5.52
C MET E 1 25.68 33.04 -4.79
N ASN E 2 26.81 33.68 -4.45
CA ASN E 2 27.88 33.06 -3.70
C ASN E 2 28.02 33.79 -2.37
N THR E 3 27.86 33.08 -1.26
CA THR E 3 27.82 33.69 0.06
C THR E 3 29.08 33.34 0.84
N ILE E 4 29.79 34.38 1.28
CA ILE E 4 30.93 34.17 2.17
C ILE E 4 30.42 33.69 3.53
N ASN E 5 31.26 32.93 4.22
CA ASN E 5 30.89 32.40 5.53
C ASN E 5 31.37 33.34 6.61
N ILE E 6 30.41 33.99 7.26
CA ILE E 6 30.64 34.93 8.34
C ILE E 6 31.39 34.26 9.48
N ALA E 7 31.19 32.94 9.63
CA ALA E 7 31.58 32.21 10.84
C ALA E 7 33.06 32.38 11.16
N LYS E 8 33.92 32.15 10.17
CA LYS E 8 35.34 31.89 10.44
C LYS E 8 36.03 33.07 11.10
N ASN E 9 35.62 34.30 10.78
CA ASN E 9 36.20 35.49 11.37
C ASN E 9 35.25 36.19 12.35
N ASP E 10 34.05 36.58 11.87
CA ASP E 10 33.16 37.41 12.67
C ASP E 10 32.62 36.66 13.89
N PHE E 11 32.28 35.38 13.72
CA PHE E 11 31.78 34.61 14.85
C PHE E 11 32.89 34.09 15.73
N SER E 12 34.10 33.94 15.20
CA SER E 12 35.23 33.48 15.99
C SER E 12 35.65 34.51 17.04
N ASP E 13 35.58 35.81 16.70
CA ASP E 13 36.08 36.83 17.61
C ASP E 13 35.25 36.91 18.88
N ILE E 14 33.96 36.60 18.79
CA ILE E 14 33.06 36.66 19.94
C ILE E 14 33.58 35.76 21.07
N GLU E 15 33.88 34.50 20.73
CA GLU E 15 34.52 33.62 21.71
C GLU E 15 35.96 34.03 21.98
N LEU E 16 36.64 34.62 21.00
CA LEU E 16 38.08 34.84 21.09
C LEU E 16 38.45 35.93 22.08
N ALA E 17 37.61 36.97 22.20
CA ALA E 17 37.99 38.17 22.94
C ALA E 17 38.26 37.86 24.40
N ALA E 18 39.43 38.27 24.89
CA ALA E 18 39.86 37.91 26.24
C ALA E 18 39.08 38.69 27.29
N ILE E 19 38.82 39.98 27.04
CA ILE E 19 38.17 40.82 28.04
C ILE E 19 36.82 40.27 28.49
N PRO E 20 35.92 39.84 27.60
CA PRO E 20 34.69 39.19 28.10
C PRO E 20 34.97 37.94 28.92
N PHE E 21 35.95 37.14 28.51
CA PHE E 21 36.23 35.88 29.19
C PHE E 21 36.73 36.12 30.61
N ASN E 22 37.76 36.96 30.78
CA ASN E 22 38.35 37.16 32.10
C ASN E 22 37.31 37.70 33.08
N THR E 23 36.49 38.65 32.64
CA THR E 23 35.43 39.19 33.49
C THR E 23 34.39 38.12 33.83
N LEU E 24 33.96 37.35 32.83
CA LEU E 24 32.94 36.33 33.07
C LEU E 24 33.48 35.21 33.96
N ALA E 25 34.75 34.85 33.78
CA ALA E 25 35.29 33.68 34.45
C ALA E 25 35.39 33.86 35.97
N ASP E 26 35.77 35.06 36.42
CA ASP E 26 36.00 35.26 37.85
C ASP E 26 34.72 35.07 38.66
N HIS E 27 33.61 35.63 38.18
CA HIS E 27 32.37 35.55 38.94
C HIS E 27 31.74 34.15 38.85
N TYR E 28 31.77 33.52 37.67
CA TYR E 28 31.02 32.29 37.45
C TYR E 28 31.88 31.08 37.14
N GLY E 29 33.18 31.21 37.09
CA GLY E 29 33.98 30.05 36.73
C GLY E 29 34.34 30.04 35.26
N GLU E 30 35.51 29.46 34.97
CA GLU E 30 36.01 29.43 33.61
C GLU E 30 35.10 28.61 32.70
N ARG E 31 34.68 27.44 33.16
CA ARG E 31 33.89 26.52 32.33
C ARG E 31 32.51 27.10 32.04
N LEU E 32 31.87 27.71 33.04
CA LEU E 32 30.58 28.35 32.81
C LEU E 32 30.72 29.55 31.90
N ALA E 33 31.78 30.32 32.05
CA ALA E 33 32.08 31.38 31.09
C ALA E 33 32.14 30.82 29.68
N ARG E 34 33.11 29.91 29.42
CA ARG E 34 33.34 29.35 28.09
C ARG E 34 32.04 28.87 27.47
N GLU E 35 31.22 28.15 28.26
CA GLU E 35 29.96 27.64 27.75
C GLU E 35 29.02 28.77 27.33
N GLN E 36 28.94 29.83 28.13
CA GLN E 36 28.12 30.98 27.75
C GLN E 36 28.61 31.61 26.45
N LEU E 37 29.94 31.84 26.35
CA LEU E 37 30.48 32.40 25.11
C LEU E 37 30.35 31.42 23.94
N ALA E 38 30.56 30.13 24.19
CA ALA E 38 30.34 29.15 23.12
C ALA E 38 28.89 29.13 22.68
N LEU E 39 27.97 29.25 23.63
CA LEU E 39 26.55 29.28 23.32
C LEU E 39 26.20 30.52 22.50
N GLU E 40 26.71 31.68 22.90
CA GLU E 40 26.41 32.92 22.18
C GLU E 40 26.95 32.86 20.75
N HIS E 41 28.14 32.28 20.58
CA HIS E 41 28.67 32.04 19.25
C HIS E 41 27.77 31.11 18.44
N GLU E 42 27.25 30.07 19.10
CA GLU E 42 26.35 29.14 18.43
C GLU E 42 25.08 29.84 17.96
N SER E 43 24.56 30.76 18.78
CA SER E 43 23.34 31.48 18.41
C SER E 43 23.52 32.29 17.14
N TYR E 44 24.64 33.01 17.04
CA TYR E 44 24.96 33.70 15.80
C TYR E 44 25.17 32.71 14.66
N GLU E 45 25.80 31.58 14.97
CA GLU E 45 26.04 30.53 13.98
C GLU E 45 24.73 30.01 13.39
N MET E 46 23.75 29.73 14.26
CA MET E 46 22.47 29.23 13.81
C MET E 46 21.76 30.25 12.94
N GLY E 47 21.87 31.53 13.28
CA GLY E 47 21.21 32.56 12.50
C GLY E 47 21.76 32.66 11.09
N GLU E 48 23.08 32.48 10.93
CA GLU E 48 23.67 32.46 9.59
C GLU E 48 23.10 31.33 8.76
N ALA E 49 22.93 30.16 9.39
CA ALA E 49 22.34 29.01 8.69
C ALA E 49 20.90 29.29 8.28
N ARG E 50 20.13 29.96 9.15
CA ARG E 50 18.73 30.23 8.86
C ARG E 50 18.58 31.12 7.63
N PHE E 51 19.42 32.15 7.52
CA PHE E 51 19.37 33.00 6.33
C PHE E 51 19.81 32.24 5.09
N ARG E 52 20.81 31.36 5.22
CA ARG E 52 21.29 30.59 4.08
C ARG E 52 20.20 29.68 3.52
N LYS E 53 19.45 29.02 4.41
CA LYS E 53 18.36 28.15 3.97
C LYS E 53 17.26 28.95 3.28
N MET E 54 16.90 30.11 3.85
CA MET E 54 15.88 30.96 3.25
C MET E 54 16.30 31.46 1.88
N PHE E 55 17.55 31.93 1.76
CA PHE E 55 18.03 32.39 0.46
C PHE E 55 17.96 31.27 -0.57
N GLU E 56 18.36 30.05 -0.18
CA GLU E 56 18.36 28.96 -1.15
C GLU E 56 16.98 28.68 -1.72
N ARG E 57 15.97 28.65 -0.87
CA ARG E 57 14.62 28.47 -1.35
C ARG E 57 14.18 29.64 -2.22
N GLN E 58 14.70 30.85 -1.94
CA GLN E 58 14.37 32.00 -2.77
C GLN E 58 15.06 31.94 -4.14
N LEU E 59 16.28 31.39 -4.25
CA LEU E 59 16.88 31.26 -5.58
C LEU E 59 16.04 30.33 -6.46
N LYS E 60 15.73 29.14 -5.94
CA LYS E 60 14.95 28.19 -6.73
C LYS E 60 13.61 28.80 -7.10
N ALA E 61 13.03 29.60 -6.22
CA ALA E 61 11.77 30.27 -6.48
C ALA E 61 11.94 31.51 -7.35
N GLY E 62 13.15 32.07 -7.45
CA GLY E 62 13.29 33.35 -8.09
C GLY E 62 12.83 34.52 -7.26
N GLU E 63 12.48 34.29 -6.00
CA GLU E 63 12.09 35.34 -5.08
C GLU E 63 13.27 36.00 -4.41
N VAL E 64 14.44 35.94 -5.05
CA VAL E 64 15.62 36.65 -4.57
C VAL E 64 15.36 38.14 -4.48
N ALA E 65 14.63 38.68 -5.46
CA ALA E 65 14.27 40.10 -5.44
C ALA E 65 13.49 40.47 -4.19
N ASP E 66 12.67 39.55 -3.69
CA ASP E 66 11.94 39.81 -2.44
C ASP E 66 12.86 39.81 -1.23
N ASN E 67 13.98 39.09 -1.31
CA ASN E 67 14.91 39.04 -0.19
C ASN E 67 15.56 40.41 0.03
N ALA E 68 15.88 40.69 1.29
CA ALA E 68 16.37 42.02 1.65
C ALA E 68 17.74 42.31 1.05
N ALA E 69 18.52 41.28 0.73
CA ALA E 69 19.85 41.52 0.18
C ALA E 69 19.79 42.00 -1.26
N ALA E 70 18.75 41.64 -2.00
CA ALA E 70 18.57 42.12 -3.36
C ALA E 70 17.75 43.40 -3.43
N LYS E 71 17.17 43.84 -2.33
CA LYS E 71 16.44 45.11 -2.31
C LYS E 71 17.32 46.34 -2.60
N PRO E 72 18.48 46.55 -1.96
CA PRO E 72 19.13 47.87 -2.07
C PRO E 72 19.57 48.25 -3.49
N LEU E 73 20.00 47.28 -4.31
CA LEU E 73 20.38 47.63 -5.67
C LEU E 73 19.17 47.94 -6.54
N ILE E 74 18.04 47.28 -6.30
CA ILE E 74 16.83 47.56 -7.08
C ILE E 74 16.39 49.01 -6.90
N THR E 75 16.52 49.53 -5.66
CA THR E 75 16.08 50.88 -5.39
C THR E 75 16.93 51.92 -6.11
N THR E 76 18.23 51.66 -6.29
CA THR E 76 19.02 52.58 -7.09
C THR E 76 18.87 52.30 -8.59
N LEU E 77 18.58 51.05 -8.96
CA LEU E 77 18.43 50.72 -10.37
C LEU E 77 17.09 51.19 -10.94
N LEU E 78 16.03 51.12 -10.12
CA LEU E 78 14.68 51.38 -10.64
C LEU E 78 14.48 52.78 -11.21
N PRO E 79 14.79 53.88 -10.52
CA PRO E 79 14.44 55.21 -11.06
C PRO E 79 15.12 55.53 -12.38
N LYS E 80 16.35 55.08 -12.58
CA LYS E 80 17.04 55.34 -13.84
C LYS E 80 16.37 54.62 -15.00
N MET E 81 15.78 53.44 -14.76
CA MET E 81 15.11 52.73 -15.83
C MET E 81 13.76 53.37 -16.19
N ILE E 82 13.03 53.86 -15.17
CA ILE E 82 11.74 54.48 -15.44
C ILE E 82 11.90 55.70 -16.34
N ALA E 83 12.92 56.52 -16.06
CA ALA E 83 13.19 57.68 -16.91
C ALA E 83 13.60 57.25 -18.31
N ARG E 84 14.38 56.17 -18.41
CA ARG E 84 14.78 55.67 -19.73
C ARG E 84 13.58 55.20 -20.54
N ILE E 85 12.62 54.54 -19.88
CA ILE E 85 11.40 54.12 -20.57
C ILE E 85 10.63 55.32 -21.08
N ASN E 86 10.53 56.37 -20.25
CA ASN E 86 9.92 57.62 -20.70
C ASN E 86 10.73 58.26 -21.83
N ASP E 87 12.06 58.22 -21.71
CA ASP E 87 12.92 58.77 -22.76
C ASP E 87 12.79 57.96 -24.04
N TRP E 88 12.68 56.64 -23.93
CA TRP E 88 12.40 55.82 -25.12
C TRP E 88 11.03 56.14 -25.70
N PHE E 89 10.06 56.39 -24.83
CA PHE E 89 8.72 56.75 -25.26
C PHE E 89 8.71 58.09 -25.98
N ILE E 109 0.39 50.42 -19.16
CA ILE E 109 0.87 50.15 -17.80
C ILE E 109 1.64 51.35 -17.28
N LYS E 110 1.67 51.47 -15.95
CA LYS E 110 2.42 52.56 -15.33
C LYS E 110 3.92 52.36 -15.58
N PRO E 111 4.66 53.45 -15.84
CA PRO E 111 6.09 53.29 -16.14
C PRO E 111 6.90 52.67 -15.01
N GLU E 112 6.57 53.00 -13.76
CA GLU E 112 7.32 52.46 -12.62
C GLU E 112 7.06 50.95 -12.46
N ALA E 113 5.82 50.53 -12.66
CA ALA E 113 5.47 49.12 -12.49
C ALA E 113 6.18 48.24 -13.52
N VAL E 114 6.29 48.72 -14.76
CA VAL E 114 7.00 47.96 -15.78
C VAL E 114 8.48 47.85 -15.44
N ALA E 115 9.05 48.91 -14.88
CA ALA E 115 10.45 48.87 -14.45
C ALA E 115 10.65 47.87 -13.32
N TYR E 116 9.72 47.82 -12.37
CA TYR E 116 9.81 46.84 -11.29
C TYR E 116 9.66 45.42 -11.84
N ILE E 117 8.74 45.22 -12.78
CA ILE E 117 8.47 43.89 -13.32
C ILE E 117 9.69 43.35 -14.07
N THR E 118 10.35 44.21 -14.84
CA THR E 118 11.51 43.77 -15.62
C THR E 118 12.67 43.38 -14.72
N ILE E 119 12.93 44.16 -13.66
CA ILE E 119 14.04 43.86 -12.76
C ILE E 119 13.80 42.54 -12.04
N LYS E 120 12.58 42.34 -11.52
CA LYS E 120 12.27 41.13 -10.79
C LYS E 120 12.29 39.90 -11.70
N THR E 121 11.72 40.02 -12.91
CA THR E 121 11.71 38.90 -13.83
C THR E 121 13.13 38.56 -14.30
N THR E 122 13.96 39.57 -14.54
CA THR E 122 15.33 39.31 -14.96
C THR E 122 16.12 38.62 -13.86
N LEU E 123 15.98 39.09 -12.62
CA LEU E 123 16.71 38.48 -11.51
C LEU E 123 16.19 37.07 -11.21
N ALA E 124 14.88 36.86 -11.34
CA ALA E 124 14.31 35.54 -11.08
C ALA E 124 14.70 34.54 -12.16
N CYS E 125 14.67 34.96 -13.43
CA CYS E 125 15.02 34.06 -14.52
C CYS E 125 16.48 33.64 -14.44
N LEU E 126 17.37 34.57 -14.08
CA LEU E 126 18.78 34.24 -13.94
C LEU E 126 19.02 33.30 -12.76
N THR E 127 18.26 33.49 -11.67
CA THR E 127 18.44 32.64 -10.49
C THR E 127 18.13 31.18 -10.79
N SER E 128 17.09 30.93 -11.58
CA SER E 128 16.75 29.57 -11.99
C SER E 128 16.38 29.53 -13.46
N THR E 132 18.44 30.75 -19.55
CA THR E 132 19.18 32.01 -19.65
C THR E 132 18.99 32.65 -21.01
N THR E 133 18.14 32.04 -21.83
CA THR E 133 17.87 32.59 -23.16
C THR E 133 17.21 33.95 -23.05
N VAL E 134 17.62 34.87 -23.93
CA VAL E 134 17.05 36.22 -23.91
C VAL E 134 15.57 36.18 -24.24
N GLN E 135 15.18 35.27 -25.14
CA GLN E 135 13.78 35.18 -25.55
C GLN E 135 12.90 34.70 -24.40
N ALA E 136 13.39 33.77 -23.58
CA ALA E 136 12.59 33.23 -22.49
C ALA E 136 12.26 34.28 -21.45
N VAL E 137 13.21 35.16 -21.13
CA VAL E 137 12.95 36.23 -20.18
C VAL E 137 12.00 37.26 -20.78
N ALA E 138 12.15 37.56 -22.07
CA ALA E 138 11.27 38.52 -22.72
C ALA E 138 9.84 38.02 -22.77
N SER E 139 9.65 36.72 -23.02
CA SER E 139 8.31 36.15 -23.03
C SER E 139 7.68 36.22 -21.64
N ALA E 140 8.47 35.98 -20.58
CA ALA E 140 7.95 36.04 -19.23
C ALA E 140 7.55 37.46 -18.85
N ILE E 141 8.37 38.45 -19.20
CA ILE E 141 8.07 39.84 -18.83
C ILE E 141 6.79 40.30 -19.50
N GLY E 142 6.64 39.99 -20.80
CA GLY E 142 5.43 40.38 -21.50
C GLY E 142 4.20 39.64 -21.02
N ARG E 143 4.34 38.33 -20.75
CA ARG E 143 3.20 37.55 -20.25
C ARG E 143 2.76 38.05 -18.88
N ALA E 144 3.71 38.42 -18.02
CA ALA E 144 3.37 39.00 -16.73
C ALA E 144 2.81 40.41 -16.90
N ILE E 145 3.33 41.16 -17.87
CA ILE E 145 2.85 42.53 -18.10
C ILE E 145 1.40 42.53 -18.54
N GLU E 146 1.04 41.63 -19.46
CA GLU E 146 -0.35 41.52 -19.90
C GLU E 146 -1.25 41.06 -18.77
N ASP E 147 -0.78 40.10 -17.97
CA ASP E 147 -1.58 39.59 -16.86
C ASP E 147 -1.83 40.67 -15.81
N GLU E 148 -0.81 41.49 -15.53
CA GLU E 148 -0.96 42.55 -14.53
C GLU E 148 -1.94 43.63 -14.98
N ALA E 149 -1.85 44.06 -16.24
CA ALA E 149 -2.71 45.13 -16.74
C ALA E 149 -4.17 44.67 -16.79
N ARG E 150 -4.41 43.42 -17.17
CA ARG E 150 -5.76 42.87 -17.12
C ARG E 150 -6.29 42.86 -15.70
N PHE E 151 -5.44 42.54 -14.72
CA PHE E 151 -5.82 42.65 -13.32
C PHE E 151 -5.88 44.10 -12.86
N GLY E 152 -4.88 44.91 -13.26
CA GLY E 152 -4.76 46.25 -12.72
C GLY E 152 -5.94 47.15 -13.04
N ARG E 153 -6.53 46.97 -14.22
CA ARG E 153 -7.68 47.80 -14.61
C ARG E 153 -8.85 47.60 -13.65
N ILE E 154 -9.11 46.36 -13.25
CA ILE E 154 -10.17 46.09 -12.28
C ILE E 154 -9.85 46.76 -10.95
N ARG E 155 -8.59 46.64 -10.50
CA ARG E 155 -8.18 47.32 -9.27
C ARG E 155 -8.15 48.82 -9.45
N ASP E 156 -7.57 49.30 -10.54
CA ASP E 156 -7.51 50.73 -10.82
C ASP E 156 -8.77 51.19 -11.53
N ALA E 159 -15.29 50.04 -9.86
CA ALA E 159 -13.97 49.51 -10.16
C ALA E 159 -13.17 49.26 -8.88
N LYS E 160 -12.54 50.33 -8.37
CA LYS E 160 -11.65 50.19 -7.21
C LYS E 160 -12.43 49.76 -5.96
N HIS E 161 -13.64 50.29 -5.78
CA HIS E 161 -14.46 49.89 -4.65
C HIS E 161 -14.85 48.42 -4.75
N PHE E 162 -15.23 47.97 -5.95
CA PHE E 162 -15.49 46.55 -6.17
C PHE E 162 -14.21 45.73 -5.96
N LYS E 163 -13.07 46.28 -6.38
CA LYS E 163 -11.79 45.61 -6.13
C LYS E 163 -11.49 45.53 -4.64
N LYS E 164 -11.95 46.50 -3.84
CA LYS E 164 -11.73 46.46 -2.41
C LYS E 164 -12.42 45.25 -1.78
N ASN E 165 -13.62 44.92 -2.26
CA ASN E 165 -14.25 43.67 -1.85
C ASN E 165 -13.43 42.47 -2.32
N VAL E 166 -12.83 42.58 -3.51
CA VAL E 166 -11.96 41.52 -4.01
C VAL E 166 -10.62 41.52 -3.28
N GLU E 167 -10.13 42.71 -2.91
CA GLU E 167 -8.74 42.86 -2.46
C GLU E 167 -8.46 42.06 -1.19
N GLU E 168 -9.42 42.03 -0.25
CA GLU E 168 -9.22 41.28 0.98
C GLU E 168 -9.05 39.79 0.69
N GLN E 169 -9.85 39.24 -0.21
CA GLN E 169 -9.67 37.86 -0.63
C GLN E 169 -8.42 37.70 -1.49
N LEU E 170 -8.07 38.73 -2.28
CA LEU E 170 -6.81 38.70 -3.02
C LEU E 170 -5.62 38.66 -2.05
N ASN E 171 -5.65 39.49 -1.01
CA ASN E 171 -4.60 39.45 0.00
C ASN E 171 -4.55 38.10 0.70
N LYS E 172 -5.71 37.45 0.87
CA LYS E 172 -5.75 36.15 1.51
C LYS E 172 -5.16 35.05 0.62
N ARG E 173 -5.18 35.24 -0.69
CA ARG E 173 -4.61 34.25 -1.59
C ARG E 173 -3.10 34.19 -1.43
N VAL E 174 -2.52 33.03 -1.76
CA VAL E 174 -1.10 32.77 -1.56
C VAL E 174 -0.49 32.35 -2.88
N GLY E 175 0.52 33.09 -3.34
CA GLY E 175 1.23 32.76 -4.56
C GLY E 175 0.55 33.30 -5.79
N HIS E 176 1.33 33.61 -6.84
CA HIS E 176 0.79 34.23 -8.04
C HIS E 176 -0.28 33.35 -8.69
N VAL E 177 -0.07 32.03 -8.67
CA VAL E 177 -1.00 31.11 -9.33
C VAL E 177 -2.38 31.21 -8.71
N TYR E 178 -2.45 31.25 -7.38
CA TYR E 178 -3.74 31.44 -6.71
C TYR E 178 -4.27 32.85 -6.91
N LYS E 179 -3.40 33.86 -6.97
CA LYS E 179 -3.84 35.22 -7.23
C LYS E 179 -4.51 35.32 -8.59
N LYS E 180 -3.87 34.75 -9.62
CA LYS E 180 -4.47 34.76 -10.96
C LYS E 180 -5.77 33.98 -10.99
N ALA E 181 -5.81 32.84 -10.31
CA ALA E 181 -7.03 32.05 -10.24
C ALA E 181 -8.15 32.82 -9.55
N PHE E 182 -7.82 33.52 -8.47
CA PHE E 182 -8.82 34.38 -7.84
C PHE E 182 -9.14 35.59 -8.72
N MET E 183 -8.12 36.18 -9.34
CA MET E 183 -8.36 37.24 -10.32
C MET E 183 -9.29 36.78 -11.43
N GLN E 184 -9.13 35.54 -11.88
CA GLN E 184 -9.93 35.03 -12.99
C GLN E 184 -11.41 35.01 -12.62
N VAL E 185 -11.73 34.63 -11.38
CA VAL E 185 -13.13 34.53 -10.96
C VAL E 185 -13.76 35.91 -10.84
N VAL E 186 -13.03 36.87 -10.27
CA VAL E 186 -13.62 38.19 -10.05
C VAL E 186 -13.86 38.90 -11.38
N GLU E 187 -13.00 38.67 -12.38
CA GLU E 187 -13.23 39.25 -13.70
C GLU E 187 -14.49 38.70 -14.35
N ALA E 188 -14.74 37.40 -14.19
CA ALA E 188 -15.93 36.79 -14.78
C ALA E 188 -17.20 37.28 -14.10
N ASP E 189 -17.20 37.38 -12.77
CA ASP E 189 -18.33 37.98 -12.06
C ASP E 189 -18.50 39.43 -12.45
N MET E 190 -17.38 40.13 -12.63
CA MET E 190 -17.41 41.54 -13.00
C MET E 190 -17.92 41.73 -14.42
N LEU E 191 -17.63 40.79 -15.33
CA LEU E 191 -18.23 40.81 -16.66
C LEU E 191 -19.71 40.52 -16.60
N SER E 192 -20.11 39.56 -15.76
CA SER E 192 -21.52 39.19 -15.66
C SER E 192 -22.36 40.34 -15.09
N LYS E 193 -21.84 41.03 -14.08
CA LYS E 193 -22.56 42.16 -13.52
C LYS E 193 -22.43 43.41 -14.38
N GLY E 194 -21.31 43.58 -15.07
CA GLY E 194 -21.17 44.63 -16.04
C GLY E 194 -20.28 45.79 -15.64
N LEU E 195 -19.45 45.64 -14.61
CA LEU E 195 -18.54 46.73 -14.24
C LEU E 195 -17.51 47.02 -15.32
N LEU E 196 -17.36 46.13 -16.31
CA LEU E 196 -16.34 46.28 -17.35
C LEU E 196 -16.69 47.45 -18.30
N HIS E 205 -0.62 39.00 -28.12
CA HIS E 205 0.15 38.27 -29.13
C HIS E 205 1.44 37.73 -28.53
N LYS E 206 1.74 36.46 -28.83
CA LYS E 206 2.91 35.81 -28.26
C LYS E 206 4.20 36.48 -28.71
N GLU E 207 4.29 36.83 -30.00
CA GLU E 207 5.48 37.53 -30.49
C GLU E 207 5.54 38.94 -29.92
N ASP E 208 4.39 39.60 -29.77
CA ASP E 208 4.38 40.95 -29.19
C ASP E 208 4.78 40.93 -27.72
N SER E 209 4.32 39.92 -26.97
CA SER E 209 4.74 39.77 -25.59
C SER E 209 6.24 39.53 -25.49
N ILE E 210 6.78 38.68 -26.39
CA ILE E 210 8.23 38.52 -26.47
C ILE E 210 8.89 39.80 -26.95
N HIS E 211 8.21 40.52 -27.86
CA HIS E 211 8.73 41.82 -28.30
C HIS E 211 8.68 42.84 -27.19
N VAL E 212 7.64 42.79 -26.35
CA VAL E 212 7.52 43.74 -25.24
C VAL E 212 8.67 43.53 -24.25
N GLY E 213 8.99 42.28 -23.95
CA GLY E 213 10.12 42.01 -23.07
C GLY E 213 11.46 42.40 -23.67
N VAL E 214 11.60 42.22 -24.98
CA VAL E 214 12.85 42.56 -25.65
C VAL E 214 13.10 44.06 -25.59
N ARG E 215 12.07 44.87 -25.87
CA ARG E 215 12.20 46.31 -25.73
C ARG E 215 12.37 46.72 -24.27
N CYS E 216 11.73 46.01 -23.36
CA CYS E 216 11.97 46.24 -21.94
C CYS E 216 13.42 45.92 -21.58
N ILE E 217 13.95 44.84 -22.14
CA ILE E 217 15.37 44.52 -21.96
C ILE E 217 16.25 45.56 -22.64
N GLU E 218 15.82 46.04 -23.82
CA GLU E 218 16.58 47.06 -24.54
C GLU E 218 16.66 48.35 -23.73
N MET E 219 15.56 48.75 -23.09
CA MET E 219 15.62 49.86 -22.15
C MET E 219 16.41 49.50 -20.91
N LEU E 220 16.34 48.24 -20.47
CA LEU E 220 17.11 47.81 -19.30
C LEU E 220 18.60 47.79 -19.60
N ILE E 221 18.98 47.40 -20.81
CA ILE E 221 20.39 47.44 -21.20
C ILE E 221 20.89 48.88 -21.20
N GLU E 222 20.05 49.82 -21.66
CA GLU E 222 20.39 51.23 -21.56
C GLU E 222 20.54 51.66 -20.10
N SER E 223 19.70 51.10 -19.22
CA SER E 223 19.80 51.37 -17.79
C SER E 223 20.89 50.51 -17.16
N ALA E 247 25.16 40.90 -14.33
CA ALA E 247 26.54 41.34 -14.20
C ALA E 247 27.11 40.92 -12.85
N PRO E 248 28.40 40.53 -12.82
CA PRO E 248 28.99 40.05 -11.57
C PRO E 248 29.07 41.11 -10.48
N GLU E 249 29.38 42.36 -10.83
CA GLU E 249 29.57 43.40 -9.82
C GLU E 249 28.27 43.68 -9.06
N TYR E 250 27.14 43.66 -9.76
CA TYR E 250 25.85 43.79 -9.07
C TYR E 250 25.55 42.54 -8.26
N ALA E 251 25.97 41.37 -8.76
CA ALA E 251 25.75 40.13 -8.03
C ALA E 251 26.56 40.06 -6.75
N GLU E 252 27.76 40.66 -6.74
CA GLU E 252 28.54 40.71 -5.50
C GLU E 252 27.83 41.53 -4.43
N ALA E 253 27.07 42.57 -4.84
CA ALA E 253 26.40 43.42 -3.87
C ALA E 253 25.35 42.66 -3.09
N ILE E 254 24.56 41.82 -3.77
CA ILE E 254 23.58 41.00 -3.06
C ILE E 254 24.30 39.93 -2.24
N ALA E 255 25.44 39.44 -2.73
CA ALA E 255 26.17 38.38 -2.04
C ALA E 255 26.83 38.91 -0.77
N THR E 256 27.43 40.09 -0.85
CA THR E 256 28.01 40.72 0.34
C THR E 256 26.93 41.08 1.35
N ARG E 257 25.81 41.63 0.88
CA ARG E 257 24.72 41.96 1.79
C ARG E 257 24.17 40.72 2.47
N ALA E 258 24.06 39.61 1.73
CA ALA E 258 23.57 38.37 2.30
C ALA E 258 24.44 37.92 3.48
N GLY E 259 25.76 38.07 3.36
CA GLY E 259 26.62 37.79 4.50
C GLY E 259 26.33 38.70 5.68
N ALA E 260 26.17 39.99 5.43
CA ALA E 260 25.92 40.96 6.50
C ALA E 260 24.60 40.66 7.21
N LEU E 261 23.53 40.41 6.44
CA LEU E 261 22.25 40.06 7.06
C LEU E 261 22.30 38.73 7.79
N ALA E 262 23.24 37.87 7.41
CA ALA E 262 23.39 36.60 8.12
C ALA E 262 24.08 36.79 9.46
N GLY E 263 24.89 37.85 9.60
CA GLY E 263 25.60 38.11 10.84
C GLY E 263 24.84 38.90 11.89
N ILE E 264 23.68 39.48 11.55
CA ILE E 264 22.96 40.33 12.48
C ILE E 264 21.65 39.71 12.95
N SER E 265 21.39 38.46 12.59
CA SER E 265 20.12 37.80 12.91
C SER E 265 20.38 36.49 13.63
N PRO E 266 20.80 36.53 14.89
CA PRO E 266 21.10 35.29 15.62
C PRO E 266 19.83 34.67 16.19
N MET E 267 19.92 33.37 16.44
CA MET E 267 18.85 32.61 17.09
C MET E 267 19.12 32.61 18.59
N PHE E 268 18.51 33.56 19.31
CA PHE E 268 18.87 33.81 20.69
C PHE E 268 18.50 32.62 21.58
N GLN E 269 19.35 32.36 22.57
CA GLN E 269 19.29 31.17 23.41
C GLN E 269 19.47 31.58 24.86
N PRO E 270 19.01 30.75 25.80
CA PRO E 270 19.11 31.14 27.23
C PRO E 270 20.55 31.16 27.71
N CYS E 271 20.76 31.94 28.76
CA CYS E 271 22.07 32.08 29.38
C CYS E 271 22.32 30.99 30.40
N VAL E 272 23.53 30.41 30.37
CA VAL E 272 23.94 29.44 31.38
C VAL E 272 24.60 30.11 32.57
N VAL E 273 24.79 31.43 32.52
CA VAL E 273 25.24 32.24 33.65
C VAL E 273 24.22 33.34 33.85
N PRO E 274 24.20 34.00 35.01
CA PRO E 274 23.33 35.17 35.17
C PRO E 274 23.64 36.22 34.13
N PRO E 275 22.62 36.83 33.53
CA PRO E 275 22.85 37.71 32.38
C PRO E 275 23.61 38.96 32.78
N LYS E 276 24.22 39.60 31.78
CA LYS E 276 24.98 40.81 32.04
C LYS E 276 24.03 41.92 32.45
N PRO E 277 24.23 42.55 33.61
CA PRO E 277 23.29 43.58 34.05
C PRO E 277 23.30 44.78 33.13
N TRP E 278 22.12 45.41 33.01
CA TRP E 278 21.97 46.59 32.18
C TRP E 278 22.41 47.81 32.98
N THR E 279 23.53 48.41 32.58
CA THR E 279 23.94 49.71 33.10
C THR E 279 23.65 50.83 32.12
N GLY E 280 23.21 50.51 30.91
CA GLY E 280 23.04 51.51 29.88
C GLY E 280 22.10 51.04 28.80
N ILE E 281 22.09 51.79 27.70
CA ILE E 281 21.09 51.62 26.65
C ILE E 281 21.33 50.34 25.86
N THR E 282 22.59 50.02 25.59
CA THR E 282 22.93 48.85 24.80
C THR E 282 23.90 47.96 25.57
N GLY E 283 24.22 46.80 24.99
CA GLY E 283 25.24 45.92 25.51
C GLY E 283 24.82 45.01 26.63
N GLY E 284 23.58 45.12 27.12
CA GLY E 284 23.14 44.29 28.23
C GLY E 284 22.77 42.89 27.79
N GLY E 285 22.35 42.09 28.77
CA GLY E 285 21.92 40.74 28.47
C GLY E 285 23.09 39.81 28.27
N TYR E 286 23.35 39.45 27.02
CA TYR E 286 24.47 38.60 26.70
C TYR E 286 25.80 39.33 26.95
N TRP E 287 26.81 38.57 27.34
CA TRP E 287 28.05 39.16 27.83
C TRP E 287 28.99 39.56 26.71
N ALA E 288 29.04 38.77 25.64
CA ALA E 288 30.01 39.02 24.60
C ALA E 288 29.61 40.23 23.74
N ASN E 289 30.62 40.96 23.28
CA ASN E 289 30.40 41.97 22.24
C ASN E 289 30.00 41.23 20.97
N GLY E 290 28.85 41.59 20.42
CA GLY E 290 28.30 40.90 19.26
C GLY E 290 28.10 41.84 18.08
N ARG E 291 27.79 41.23 16.95
CA ARG E 291 27.37 42.00 15.79
C ARG E 291 26.02 42.66 16.01
N ARG E 292 25.13 41.98 16.73
CA ARG E 292 23.86 42.56 17.17
C ARG E 292 23.92 42.80 18.66
N PRO E 293 24.19 44.01 19.12
CA PRO E 293 24.11 44.30 20.56
C PRO E 293 22.66 44.52 20.98
N LEU E 294 22.31 43.98 22.14
CA LEU E 294 20.97 44.14 22.67
C LEU E 294 20.69 45.60 23.02
N ALA E 295 19.45 46.02 22.82
CA ALA E 295 18.99 47.35 23.19
C ALA E 295 18.04 47.23 24.38
N LEU E 296 18.19 48.13 25.36
CA LEU E 296 17.27 48.14 26.49
C LEU E 296 15.85 48.39 26.02
N VAL E 297 15.68 49.10 24.92
CA VAL E 297 14.36 49.33 24.35
C VAL E 297 14.40 48.94 22.88
N ARG E 298 13.49 48.07 22.47
CA ARG E 298 13.39 47.69 21.07
C ARG E 298 12.77 48.85 20.29
N THR E 299 13.57 49.47 19.43
CA THR E 299 13.19 50.67 18.70
C THR E 299 13.20 50.44 17.20
N HIS E 300 12.21 51.01 16.51
CA HIS E 300 12.21 50.98 15.05
C HIS E 300 13.30 51.88 14.48
N SER E 301 13.70 52.92 15.20
CA SER E 301 14.68 53.88 14.73
C SER E 301 15.82 53.99 15.72
N LYS E 302 17.01 54.28 15.19
CA LYS E 302 18.16 54.51 16.06
C LYS E 302 18.02 55.83 16.81
N LYS E 303 17.26 56.78 16.26
CA LYS E 303 17.00 58.03 16.96
C LYS E 303 16.18 57.81 18.22
N ALA E 304 15.11 57.02 18.12
CA ALA E 304 14.25 56.77 19.26
C ALA E 304 14.93 55.90 20.32
N LEU E 305 15.91 55.09 19.91
CA LEU E 305 16.77 54.45 20.90
C LEU E 305 17.59 55.47 21.66
N MET E 306 18.10 56.49 20.95
CA MET E 306 19.08 57.39 21.55
C MET E 306 18.44 58.33 22.57
N ARG E 307 17.14 58.63 22.43
CA ARG E 307 16.49 59.51 23.40
C ARG E 307 16.47 58.91 24.79
N TYR E 308 16.71 57.61 24.92
CA TYR E 308 16.88 56.96 26.21
C TYR E 308 18.29 57.07 26.76
N GLU E 309 19.26 57.48 25.94
CA GLU E 309 20.64 57.50 26.42
C GLU E 309 20.82 58.48 27.57
N ASP E 310 20.23 59.66 27.45
CA ASP E 310 20.38 60.69 28.47
C ASP E 310 19.52 60.43 29.71
N VAL E 311 18.38 59.75 29.55
CA VAL E 311 17.35 59.75 30.58
C VAL E 311 17.81 58.96 31.79
N TYR E 312 17.34 59.38 32.97
CA TYR E 312 17.67 58.79 34.26
C TYR E 312 16.47 57.99 34.76
N MET E 313 16.59 56.67 34.76
CA MET E 313 15.52 55.76 35.20
C MET E 313 16.07 54.71 36.16
N PRO E 314 16.50 55.12 37.36
CA PRO E 314 17.11 54.15 38.27
C PRO E 314 16.20 52.96 38.59
N GLU E 315 14.91 53.20 38.77
CA GLU E 315 13.99 52.11 39.11
C GLU E 315 13.73 51.20 37.92
N VAL E 316 13.72 51.74 36.70
CA VAL E 316 13.50 50.91 35.52
C VAL E 316 14.65 49.92 35.36
N TYR E 317 15.89 50.39 35.50
CA TYR E 317 17.06 49.53 35.34
C TYR E 317 17.09 48.42 36.39
N LYS E 318 16.76 48.76 37.65
CA LYS E 318 16.75 47.76 38.70
C LYS E 318 15.76 46.66 38.39
N ALA E 319 14.56 47.02 37.92
CA ALA E 319 13.54 46.02 37.62
C ALA E 319 14.00 45.05 36.56
N ILE E 320 14.63 45.56 35.49
CA ILE E 320 15.12 44.69 34.42
C ILE E 320 16.22 43.78 34.92
N ASN E 321 17.17 44.33 35.68
CA ASN E 321 18.27 43.53 36.20
C ASN E 321 17.78 42.46 37.17
N ILE E 322 16.79 42.80 38.00
CA ILE E 322 16.25 41.82 38.95
C ILE E 322 15.59 40.68 38.20
N ALA E 323 14.79 41.00 37.18
CA ALA E 323 14.10 39.97 36.41
C ALA E 323 15.08 39.06 35.68
N GLN E 324 16.15 39.64 35.12
CA GLN E 324 17.19 38.85 34.48
C GLN E 324 17.84 37.89 35.47
N ASN E 325 17.97 38.31 36.73
CA ASN E 325 18.67 37.51 37.73
C ASN E 325 17.94 36.21 38.08
N THR E 326 16.64 36.14 37.80
CA THR E 326 15.85 34.98 38.20
C THR E 326 16.37 33.72 37.52
N ALA E 327 16.65 32.69 38.32
CA ALA E 327 17.28 31.47 37.85
C ALA E 327 16.22 30.40 37.63
N TRP E 328 16.17 29.87 36.41
CA TRP E 328 15.22 28.84 36.02
C TRP E 328 15.94 27.51 35.79
N LYS E 329 15.17 26.43 35.88
CA LYS E 329 15.65 25.10 35.52
C LYS E 329 14.56 24.40 34.72
N ILE E 330 14.99 23.41 33.92
CA ILE E 330 14.03 22.64 33.14
C ILE E 330 13.29 21.67 34.06
N ASN E 331 11.97 21.68 33.97
CA ASN E 331 11.15 20.72 34.72
C ASN E 331 11.30 19.35 34.06
N LYS E 332 12.18 18.53 34.63
CA LYS E 332 12.54 17.26 33.99
C LYS E 332 11.34 16.33 33.89
N LYS E 333 10.50 16.30 34.93
CA LYS E 333 9.35 15.39 34.93
C LYS E 333 8.38 15.75 33.81
N VAL E 334 8.06 17.03 33.66
CA VAL E 334 7.18 17.46 32.58
C VAL E 334 7.84 17.22 31.23
N LEU E 335 9.15 17.48 31.14
CA LEU E 335 9.88 17.22 29.90
C LEU E 335 9.84 15.74 29.54
N ALA E 336 9.94 14.86 30.54
CA ALA E 336 9.90 13.43 30.28
C ALA E 336 8.57 13.01 29.68
N VAL E 337 7.47 13.56 30.19
CA VAL E 337 6.15 13.29 29.62
C VAL E 337 6.08 13.84 28.20
N ALA E 338 6.46 15.11 28.04
CA ALA E 338 6.31 15.79 26.76
C ALA E 338 7.09 15.09 25.66
N ASN E 339 8.27 14.56 25.98
CA ASN E 339 9.07 13.86 24.98
C ASN E 339 8.37 12.62 24.43
N VAL E 340 7.47 12.02 25.21
CA VAL E 340 6.80 10.79 24.79
C VAL E 340 5.55 11.09 23.98
N ILE E 341 4.62 11.88 24.53
CA ILE E 341 3.37 12.16 23.84
C ILE E 341 3.58 12.93 22.55
N THR E 342 4.71 13.64 22.43
CA THR E 342 4.99 14.38 21.21
C THR E 342 5.30 13.45 20.04
N LYS E 343 6.04 12.37 20.29
CA LYS E 343 6.33 11.42 19.21
C LYS E 343 5.07 10.76 18.67
N TRP E 344 4.00 10.71 19.47
CA TRP E 344 2.78 10.02 19.08
C TRP E 344 1.72 10.96 18.51
N LYS E 345 1.73 12.22 18.90
CA LYS E 345 0.70 13.17 18.51
C LYS E 345 1.33 14.45 17.98
N HIS E 346 0.73 15.03 16.93
CA HIS E 346 1.23 16.29 16.41
C HIS E 346 1.17 17.39 17.46
N CYS E 347 0.00 17.56 18.07
CA CYS E 347 -0.09 18.32 19.31
C CYS E 347 -0.48 17.38 20.44
N PRO E 348 0.26 17.35 21.53
CA PRO E 348 0.04 16.32 22.56
C PRO E 348 -1.34 16.33 23.18
N VAL E 349 -1.95 17.50 23.34
CA VAL E 349 -3.22 17.64 24.04
C VAL E 349 -4.37 17.96 23.08
N GLU E 350 -4.12 17.92 21.78
CA GLU E 350 -5.11 18.43 20.82
C GLU E 350 -6.36 17.55 20.76
N ASP E 351 -6.18 16.24 20.57
CA ASP E 351 -7.31 15.31 20.42
C ASP E 351 -7.12 14.14 21.37
N ILE E 352 -7.80 14.21 22.52
CA ILE E 352 -7.82 13.11 23.48
C ILE E 352 -9.17 12.41 23.35
N PRO E 353 -9.20 11.10 23.13
CA PRO E 353 -10.48 10.39 23.16
C PRO E 353 -11.15 10.54 24.52
N ALA E 354 -12.47 10.72 24.49
CA ALA E 354 -13.22 10.98 25.71
C ALA E 354 -14.60 10.33 25.65
N THR E 375 -24.84 25.75 2.50
CA THR E 375 -23.63 26.55 2.30
C THR E 375 -22.68 26.43 3.49
N ALA E 376 -22.99 25.50 4.40
CA ALA E 376 -22.08 25.24 5.52
C ALA E 376 -20.78 24.60 5.04
N TRP E 377 -20.82 23.89 3.92
CA TRP E 377 -19.64 23.19 3.43
C TRP E 377 -18.55 24.17 2.97
N LYS E 378 -18.93 25.24 2.27
CA LYS E 378 -17.93 26.14 1.70
C LYS E 378 -17.18 26.90 2.80
N ARG E 379 -17.88 27.27 3.88
CA ARG E 379 -17.20 27.91 5.00
C ARG E 379 -16.24 26.95 5.70
N ALA E 380 -16.67 25.70 5.89
CA ALA E 380 -15.81 24.71 6.52
C ALA E 380 -14.60 24.38 5.65
N ALA E 381 -14.75 24.44 4.33
CA ALA E 381 -13.63 24.16 3.43
C ALA E 381 -12.50 25.17 3.60
N ALA E 382 -12.84 26.44 3.77
CA ALA E 382 -11.81 27.45 4.01
C ALA E 382 -11.10 27.24 5.34
N ALA E 383 -11.81 26.70 6.34
CA ALA E 383 -11.21 26.49 7.65
C ALA E 383 -10.26 25.30 7.66
N VAL E 384 -10.63 24.20 7.00
CA VAL E 384 -9.81 22.98 7.09
C VAL E 384 -8.47 23.18 6.39
N TYR E 385 -8.42 23.96 5.31
CA TYR E 385 -7.13 24.34 4.76
C TYR E 385 -6.34 25.17 5.75
N ARG E 386 -7.00 26.13 6.40
CA ARG E 386 -6.34 26.90 7.45
C ARG E 386 -5.97 26.01 8.62
N LYS E 387 -6.87 25.09 9.00
CA LYS E 387 -6.62 24.24 10.16
C LYS E 387 -5.42 23.34 9.94
N ASP E 388 -5.26 22.80 8.73
CA ASP E 388 -4.07 22.01 8.42
C ASP E 388 -2.82 22.87 8.43
N LYS E 389 -2.86 24.04 7.78
CA LYS E 389 -1.73 24.96 7.80
C LYS E 389 -1.42 25.40 9.23
N ALA E 390 -2.45 25.57 10.06
CA ALA E 390 -2.24 25.89 11.47
C ALA E 390 -1.54 24.75 12.20
N ARG E 391 -1.93 23.51 11.91
CA ARG E 391 -1.36 22.36 12.62
C ARG E 391 0.12 22.20 12.30
N LYS E 392 0.52 22.46 11.06
CA LYS E 392 1.95 22.46 10.73
C LYS E 392 2.67 23.61 11.41
N SER E 393 2.01 24.76 11.57
CA SER E 393 2.66 25.92 12.18
C SER E 393 2.87 25.72 13.68
N ARG E 394 1.95 25.01 14.35
CA ARG E 394 2.11 24.76 15.77
C ARG E 394 3.26 23.79 16.02
N ARG E 395 3.41 22.77 15.17
CA ARG E 395 4.40 21.73 15.42
C ARG E 395 5.82 22.25 15.32
N ILE E 396 6.11 23.09 14.32
CA ILE E 396 7.47 23.60 14.15
C ILE E 396 7.90 24.41 15.37
N SER E 397 6.97 25.17 15.96
CA SER E 397 7.26 25.83 17.22
C SER E 397 7.52 24.82 18.34
N LEU E 398 6.71 23.76 18.40
CA LEU E 398 6.87 22.75 19.44
C LEU E 398 8.24 22.09 19.37
N GLU E 399 8.62 21.65 18.16
CA GLU E 399 9.88 20.93 18.00
C GLU E 399 11.08 21.78 18.36
N PHE E 400 10.99 23.10 18.14
CA PHE E 400 12.07 23.97 18.58
C PHE E 400 12.12 24.05 20.10
N MET E 401 10.97 24.33 20.74
CA MET E 401 10.93 24.48 22.19
C MET E 401 11.41 23.20 22.89
N LEU E 402 10.93 22.05 22.39
CA LEU E 402 11.28 20.77 23.00
C LEU E 402 12.79 20.53 22.93
N GLU E 403 13.40 20.80 21.77
CA GLU E 403 14.84 20.63 21.64
C GLU E 403 15.58 21.54 22.62
N GLN E 404 15.13 22.79 22.74
CA GLN E 404 15.73 23.70 23.72
C GLN E 404 15.56 23.19 25.14
N ALA E 405 14.37 22.66 25.45
CA ALA E 405 14.14 22.12 26.79
C ALA E 405 15.02 20.90 27.05
N ASN E 406 15.15 20.02 26.05
CA ASN E 406 16.06 18.88 26.19
C ASN E 406 17.51 19.33 26.31
N LYS E 407 17.88 20.37 25.56
CA LYS E 407 19.28 20.78 25.49
C LYS E 407 19.78 21.29 26.84
N PHE E 408 18.96 22.05 27.56
CA PHE E 408 19.35 22.63 28.84
C PHE E 408 18.80 21.85 30.02
N ALA E 409 18.26 20.64 29.78
CA ALA E 409 17.60 19.89 30.83
C ALA E 409 18.53 19.53 31.98
N ASN E 410 19.81 19.29 31.68
CA ASN E 410 20.75 18.87 32.71
C ASN E 410 21.37 20.02 33.47
N HIS E 411 21.38 21.23 32.91
CA HIS E 411 21.95 22.38 33.60
C HIS E 411 21.26 22.62 34.93
N LYS E 412 22.05 22.87 35.97
CA LYS E 412 21.49 23.16 37.28
C LYS E 412 20.65 24.43 37.26
N ALA E 413 21.04 25.42 36.46
CA ALA E 413 20.29 26.66 36.36
C ALA E 413 20.54 27.29 34.99
N ILE E 414 19.52 27.99 34.49
CA ILE E 414 19.62 28.80 33.29
C ILE E 414 18.93 30.12 33.57
N TRP E 415 19.31 31.14 32.80
CA TRP E 415 18.82 32.49 33.00
C TRP E 415 18.35 33.06 31.67
N PHE E 416 17.52 34.10 31.75
CA PHE E 416 16.99 34.75 30.57
C PHE E 416 17.28 36.25 30.65
N PRO E 417 17.87 36.83 29.62
CA PRO E 417 18.00 38.30 29.56
C PRO E 417 16.70 38.94 29.14
N TYR E 418 16.52 40.19 29.58
CA TYR E 418 15.27 40.91 29.36
C TYR E 418 15.56 42.30 28.80
N ASN E 419 14.79 42.68 27.77
CA ASN E 419 14.72 44.07 27.34
C ASN E 419 13.26 44.50 27.26
N MET E 420 13.00 45.68 26.70
CA MET E 420 11.67 46.27 26.75
C MET E 420 11.22 46.65 25.36
N ASP E 421 9.90 46.66 25.15
CA ASP E 421 9.39 47.26 23.91
C ASP E 421 9.32 48.78 24.08
N TRP E 422 8.94 49.48 23.02
CA TRP E 422 8.97 50.93 23.06
C TRP E 422 7.92 51.53 24.01
N ARG E 423 6.89 50.76 24.38
CA ARG E 423 5.93 51.22 25.37
C ARG E 423 6.31 50.90 26.80
N GLY E 424 7.29 50.02 27.01
CA GLY E 424 7.75 49.70 28.34
C GLY E 424 7.32 48.35 28.90
N ARG E 425 6.76 47.46 28.07
CA ARG E 425 6.52 46.11 28.54
C ARG E 425 7.81 45.30 28.51
N VAL E 426 7.91 44.34 29.43
CA VAL E 426 9.14 43.61 29.67
C VAL E 426 9.06 42.27 28.95
N TYR E 427 10.02 42.03 28.05
CA TYR E 427 10.06 40.82 27.24
C TYR E 427 11.40 40.12 27.44
N ALA E 428 11.37 38.79 27.48
CA ALA E 428 12.59 38.00 27.49
C ALA E 428 13.14 37.89 26.07
N VAL E 429 14.47 37.92 25.95
CA VAL E 429 15.08 38.10 24.64
C VAL E 429 15.19 36.77 23.87
N SER E 430 15.40 35.65 24.56
CA SER E 430 15.61 34.38 23.88
C SER E 430 14.31 33.82 23.32
N MET E 431 14.44 33.02 22.25
CA MET E 431 13.26 32.45 21.59
C MET E 431 12.50 31.52 22.53
N PHE E 432 13.22 30.78 23.37
CA PHE E 432 12.64 29.89 24.36
C PHE E 432 12.63 30.62 25.70
N ASN E 433 11.45 31.03 26.15
CA ASN E 433 11.33 31.94 27.28
C ASN E 433 10.17 31.53 28.17
N PRO E 434 10.14 32.02 29.42
CA PRO E 434 8.99 31.76 30.30
C PRO E 434 7.69 32.42 29.85
N GLN E 435 7.73 33.28 28.83
CA GLN E 435 6.53 33.95 28.33
C GLN E 435 5.87 33.20 27.18
N GLY E 436 6.12 31.90 27.05
CA GLY E 436 5.67 31.12 25.91
C GLY E 436 4.30 30.50 26.11
N ASN E 437 4.04 29.47 25.33
CA ASN E 437 2.79 28.73 25.38
C ASN E 437 2.76 27.81 26.60
N ASP E 438 1.65 27.09 26.76
CA ASP E 438 1.45 26.28 27.97
C ASP E 438 2.51 25.18 28.09
N MET E 439 2.81 24.49 26.98
CA MET E 439 3.86 23.48 27.03
C MET E 439 5.20 24.10 27.38
N THR E 440 5.54 25.21 26.72
CA THR E 440 6.79 25.90 27.03
C THR E 440 6.79 26.41 28.46
N LYS E 441 5.66 26.96 28.90
CA LYS E 441 5.54 27.41 30.29
C LYS E 441 5.71 26.24 31.26
N GLY E 442 5.08 25.10 30.96
CA GLY E 442 5.19 23.95 31.83
C GLY E 442 6.58 23.33 31.83
N LEU E 443 7.33 23.50 30.75
CA LEU E 443 8.67 22.96 30.66
C LEU E 443 9.68 23.70 31.53
N LEU E 444 9.32 24.88 32.06
CA LEU E 444 10.24 25.74 32.79
C LEU E 444 9.77 25.93 34.22
N THR E 445 10.73 25.89 35.16
CA THR E 445 10.45 26.17 36.56
C THR E 445 11.65 26.89 37.18
N LEU E 446 11.38 27.59 38.27
CA LEU E 446 12.44 28.32 38.96
C LEU E 446 13.41 27.34 39.63
N ALA E 447 14.65 27.79 39.81
CA ALA E 447 15.72 26.94 40.31
C ALA E 447 15.92 27.02 41.82
N LYS E 448 15.60 28.14 42.44
CA LYS E 448 15.78 28.34 43.88
C LYS E 448 14.40 28.29 44.53
N GLY E 449 14.16 27.24 45.32
CA GLY E 449 12.93 27.10 46.06
C GLY E 449 13.14 27.32 47.55
N LYS E 450 12.01 27.40 48.25
CA LYS E 450 11.96 27.43 49.70
C LYS E 450 10.89 26.47 50.17
N PRO E 451 11.01 25.94 51.40
CA PRO E 451 10.01 24.97 51.88
C PRO E 451 8.61 25.56 51.85
N ILE E 452 7.66 24.75 51.37
CA ILE E 452 6.38 25.29 50.93
C ILE E 452 5.57 25.81 52.11
N GLY E 453 5.57 25.10 53.24
CA GLY E 453 4.79 25.53 54.39
C GLY E 453 3.30 25.53 54.17
N LYS E 454 2.54 25.96 55.18
CA LYS E 454 1.08 25.96 55.07
C LYS E 454 0.61 26.91 53.97
N GLU E 455 1.08 28.15 53.99
CA GLU E 455 0.62 29.15 53.03
C GLU E 455 1.02 28.79 51.61
N GLY E 456 2.25 28.30 51.42
CA GLY E 456 2.68 27.91 50.09
C GLY E 456 1.81 26.80 49.51
N TYR E 457 1.46 25.82 50.34
CA TYR E 457 0.54 24.77 49.91
C TYR E 457 -0.80 25.36 49.48
N TYR E 458 -1.32 26.31 50.27
CA TYR E 458 -2.58 26.96 49.93
C TYR E 458 -2.51 27.61 48.56
N TRP E 459 -1.45 28.37 48.30
CA TRP E 459 -1.31 29.00 47.00
C TRP E 459 -0.94 28.00 45.92
N LEU E 460 -0.21 26.93 46.27
CA LEU E 460 0.06 25.88 45.31
C LEU E 460 -1.23 25.27 44.79
N LYS E 461 -2.19 25.01 45.70
CA LYS E 461 -3.46 24.46 45.30
C LYS E 461 -4.28 25.45 44.47
N ILE E 462 -4.26 26.73 44.85
CA ILE E 462 -4.99 27.75 44.10
C ILE E 462 -4.49 27.82 42.67
N HIS E 463 -3.17 27.75 42.48
CA HIS E 463 -2.58 27.75 41.14
C HIS E 463 -3.08 26.57 40.33
N GLY E 464 -3.17 25.38 40.95
CA GLY E 464 -3.62 24.21 40.23
C GLY E 464 -5.07 24.32 39.78
N ALA E 465 -5.94 24.86 40.64
CA ALA E 465 -7.31 25.11 40.24
C ALA E 465 -7.38 26.09 39.09
N ASN E 466 -6.51 27.11 39.10
CA ASN E 466 -6.46 28.08 38.02
C ASN E 466 -6.02 27.41 36.72
N CYS E 467 -5.00 26.55 36.78
CA CYS E 467 -4.58 25.81 35.59
C CYS E 467 -5.70 24.93 35.04
N ALA E 468 -6.54 24.41 35.92
CA ALA E 468 -7.65 23.56 35.51
C ALA E 468 -8.82 24.33 34.93
N GLY E 469 -8.78 25.66 34.98
CA GLY E 469 -9.90 26.48 34.55
C GLY E 469 -10.88 26.83 35.63
N VAL E 470 -10.63 26.43 36.87
CA VAL E 470 -11.49 26.81 38.00
C VAL E 470 -10.91 28.11 38.55
N ASP E 471 -11.28 29.22 37.90
CA ASP E 471 -10.78 30.53 38.26
C ASP E 471 -11.88 31.58 38.40
N LYS E 472 -13.15 31.16 38.32
CA LYS E 472 -14.28 32.07 38.40
C LYS E 472 -15.10 31.86 39.68
N VAL E 473 -14.52 31.21 40.67
CA VAL E 473 -15.21 30.92 41.92
C VAL E 473 -14.34 31.47 43.06
N PRO E 474 -14.91 31.69 44.24
CA PRO E 474 -14.10 32.12 45.38
C PRO E 474 -13.05 31.08 45.73
N PHE E 475 -11.99 31.55 46.38
CA PHE E 475 -10.85 30.70 46.75
C PHE E 475 -11.22 29.42 47.48
N PRO E 476 -12.12 29.42 48.50
CA PRO E 476 -12.44 28.13 49.16
C PRO E 476 -12.99 27.08 48.21
N GLU E 477 -13.78 27.47 47.21
CA GLU E 477 -14.24 26.50 46.23
C GLU E 477 -13.10 26.01 45.35
N ARG E 478 -12.08 26.84 45.13
CA ARG E 478 -10.92 26.41 44.36
C ARG E 478 -10.12 25.35 45.09
N ILE E 479 -9.92 25.53 46.41
CA ILE E 479 -9.26 24.51 47.21
C ILE E 479 -10.09 23.23 47.24
N LYS E 480 -11.42 23.38 47.37
CA LYS E 480 -12.30 22.22 47.45
C LYS E 480 -12.22 21.37 46.19
N PHE E 481 -12.14 22.02 45.02
CA PHE E 481 -12.02 21.27 43.76
C PHE E 481 -10.76 20.43 43.75
N ILE E 482 -9.65 20.97 44.27
CA ILE E 482 -8.39 20.23 44.31
C ILE E 482 -8.51 19.02 45.22
N GLU E 483 -9.07 19.22 46.41
CA GLU E 483 -9.16 18.14 47.39
C GLU E 483 -10.12 17.04 46.94
N GLU E 484 -11.23 17.41 46.28
CA GLU E 484 -12.15 16.41 45.76
C GLU E 484 -11.53 15.61 44.62
N ASN E 485 -10.57 16.20 43.90
CA ASN E 485 -9.90 15.53 42.80
C ASN E 485 -8.50 15.05 43.18
N HIS E 486 -8.25 14.87 44.48
CA HIS E 486 -6.90 14.55 44.94
C HIS E 486 -6.41 13.23 44.37
N GLU E 487 -7.28 12.22 44.29
CA GLU E 487 -6.86 10.93 43.77
C GLU E 487 -6.50 11.01 42.30
N ASN E 488 -7.25 11.80 41.52
CA ASN E 488 -6.89 12.01 40.12
C ASN E 488 -5.56 12.73 40.00
N ILE E 489 -5.33 13.75 40.83
CA ILE E 489 -4.06 14.48 40.83
C ILE E 489 -2.92 13.54 41.16
N MET E 490 -3.12 12.69 42.16
CA MET E 490 -2.10 11.71 42.53
C MET E 490 -1.85 10.71 41.40
N ALA E 491 -2.91 10.26 40.74
CA ALA E 491 -2.75 9.32 39.64
C ALA E 491 -1.94 9.93 38.51
N CYS E 492 -2.22 11.19 38.18
CA CYS E 492 -1.50 11.86 37.10
C CYS E 492 -0.03 12.04 37.45
N ALA E 493 0.27 12.35 38.71
CA ALA E 493 1.66 12.45 39.13
C ALA E 493 2.38 11.11 39.05
N LYS E 494 1.71 10.04 39.49
CA LYS E 494 2.35 8.72 39.52
C LYS E 494 2.59 8.19 38.11
N SER E 495 1.58 8.22 37.25
CA SER E 495 1.63 7.60 35.92
C SER E 495 1.06 8.57 34.91
N PRO E 496 1.83 9.59 34.52
CA PRO E 496 1.27 10.63 33.62
C PRO E 496 0.85 10.12 32.25
N LEU E 497 1.48 9.06 31.75
CA LEU E 497 1.06 8.49 30.47
C LEU E 497 -0.10 7.52 30.63
N GLU E 498 -0.49 7.19 31.85
CA GLU E 498 -1.58 6.25 32.09
C GLU E 498 -2.90 6.93 32.45
N ASN E 499 -2.86 8.18 32.92
CA ASN E 499 -4.08 8.94 33.20
C ASN E 499 -4.01 10.25 32.44
N THR E 500 -4.98 10.46 31.55
CA THR E 500 -4.98 11.62 30.66
C THR E 500 -5.72 12.81 31.22
N TRP E 501 -6.16 12.75 32.49
CA TRP E 501 -6.99 13.80 33.07
C TRP E 501 -6.29 15.16 33.03
N TRP E 502 -4.98 15.18 33.24
CA TRP E 502 -4.26 16.45 33.20
C TRP E 502 -4.27 17.06 31.81
N ALA E 503 -4.18 16.23 30.76
CA ALA E 503 -4.18 16.74 29.40
C ALA E 503 -5.50 17.40 29.02
N GLU E 504 -6.58 17.06 29.73
CA GLU E 504 -7.89 17.62 29.42
C GLU E 504 -8.12 18.98 30.07
N GLN E 505 -7.29 19.36 31.05
CA GLN E 505 -7.48 20.64 31.72
C GLN E 505 -7.11 21.78 30.78
N ASP E 506 -7.49 23.00 31.18
CA ASP E 506 -7.38 24.16 30.30
C ASP E 506 -5.93 24.51 29.99
N SER E 507 -5.04 24.39 30.98
CA SER E 507 -3.62 24.68 30.81
C SER E 507 -2.88 23.40 31.17
N PRO E 508 -2.85 22.42 30.26
CA PRO E 508 -2.55 21.04 30.67
C PRO E 508 -1.14 20.81 31.20
N PHE E 509 -0.11 21.25 30.48
CA PHE E 509 1.26 20.97 30.92
C PHE E 509 1.58 21.70 32.21
N CYS E 510 1.09 22.94 32.37
CA CYS E 510 1.26 23.63 33.64
C CYS E 510 0.48 22.95 34.75
N PHE E 511 -0.67 22.36 34.43
CA PHE E 511 -1.40 21.57 35.42
C PHE E 511 -0.62 20.33 35.83
N LEU E 512 -0.05 19.63 34.84
CA LEU E 512 0.77 18.46 35.12
C LEU E 512 1.95 18.81 36.01
N ALA E 513 2.55 19.99 35.79
CA ALA E 513 3.63 20.45 36.67
C ALA E 513 3.13 20.67 38.09
N PHE E 514 1.91 21.22 38.23
CA PHE E 514 1.33 21.39 39.56
C PHE E 514 1.08 20.05 40.23
N CYS E 515 0.66 19.05 39.45
CA CYS E 515 0.41 17.72 40.00
C CYS E 515 1.65 17.13 40.63
N PHE E 516 2.81 17.31 39.98
CA PHE E 516 4.06 16.75 40.50
C PHE E 516 4.42 17.37 41.86
N GLU E 517 4.23 18.68 42.00
CA GLU E 517 4.52 19.32 43.28
C GLU E 517 3.51 18.95 44.33
N TYR E 518 2.23 18.85 43.95
CA TYR E 518 1.19 18.44 44.91
C TYR E 518 1.50 17.08 45.50
N ALA E 519 1.95 16.13 44.66
CA ALA E 519 2.36 14.83 45.16
C ALA E 519 3.52 14.96 46.13
N GLY E 520 4.50 15.80 45.78
CA GLY E 520 5.67 15.95 46.64
C GLY E 520 5.33 16.46 48.03
N VAL E 521 4.39 17.40 48.12
CA VAL E 521 3.95 17.89 49.43
C VAL E 521 3.28 16.77 50.21
N GLN E 522 2.45 15.97 49.54
CA GLN E 522 1.81 14.85 50.22
C GLN E 522 2.84 13.80 50.62
N HIS E 523 3.80 13.52 49.74
CA HIS E 523 4.84 12.55 50.06
C HIS E 523 5.77 13.05 51.16
N HIS E 524 6.17 14.33 51.09
CA HIS E 524 7.24 14.84 51.93
C HIS E 524 6.81 15.88 52.95
N GLY E 525 5.53 16.29 52.95
CA GLY E 525 5.07 17.23 53.96
C GLY E 525 5.26 18.68 53.58
N LEU E 526 4.88 19.55 54.51
CA LEU E 526 4.98 20.99 54.31
C LEU E 526 6.42 21.49 54.28
N SER E 527 7.38 20.67 54.72
CA SER E 527 8.79 21.03 54.62
C SER E 527 9.36 20.81 53.23
N TYR E 528 8.61 20.14 52.35
CA TYR E 528 9.08 19.83 51.01
C TYR E 528 9.40 21.10 50.25
N ASN E 529 10.57 21.13 49.62
CA ASN E 529 11.00 22.30 48.87
C ASN E 529 10.22 22.40 47.57
N CYS E 530 9.68 23.59 47.30
CA CYS E 530 8.94 23.84 46.08
C CYS E 530 9.48 25.09 45.41
N SER E 531 9.79 24.98 44.12
CA SER E 531 10.28 26.11 43.33
C SER E 531 9.34 26.41 42.15
N LEU E 532 8.12 25.89 42.19
CA LEU E 532 7.21 26.05 41.07
C LEU E 532 6.69 27.48 41.00
N PRO E 533 6.63 28.09 39.81
CA PRO E 533 6.12 29.46 39.67
C PRO E 533 4.60 29.48 39.78
N LEU E 534 4.09 30.25 40.74
CA LEU E 534 2.65 30.41 40.93
C LEU E 534 2.24 31.77 40.38
N ALA E 535 1.54 31.77 39.26
CA ALA E 535 1.25 33.00 38.53
C ALA E 535 -0.13 33.54 38.90
N PHE E 536 -0.19 34.83 39.20
CA PHE E 536 -1.44 35.56 39.43
C PHE E 536 -1.61 36.56 38.31
N ASP E 537 -2.79 36.57 37.67
CA ASP E 537 -3.06 37.42 36.52
C ASP E 537 -4.20 38.38 36.82
N GLY E 538 -4.00 39.66 36.51
CA GLY E 538 -5.10 40.60 36.55
C GLY E 538 -6.18 40.22 35.54
N SER E 539 -7.43 40.43 35.94
CA SER E 539 -8.56 39.98 35.12
C SER E 539 -8.61 40.71 33.78
N CYS E 540 -8.61 42.05 33.81
CA CYS E 540 -8.58 42.87 32.61
C CYS E 540 -7.71 44.08 32.97
N SER E 541 -6.41 43.97 32.67
CA SER E 541 -5.44 44.96 33.15
C SER E 541 -5.79 46.36 32.68
N GLY E 542 -6.09 46.53 31.39
CA GLY E 542 -6.39 47.85 30.87
C GLY E 542 -7.57 48.50 31.57
N ILE E 543 -8.68 47.77 31.68
CA ILE E 543 -9.85 48.30 32.37
C ILE E 543 -9.55 48.47 33.86
N GLN E 544 -8.76 47.55 34.43
CA GLN E 544 -8.32 47.71 35.81
C GLN E 544 -7.56 49.01 36.01
N HIS E 545 -6.61 49.29 35.11
CA HIS E 545 -5.80 50.49 35.25
C HIS E 545 -6.62 51.75 34.97
N PHE E 546 -7.41 51.73 33.88
CA PHE E 546 -8.24 52.89 33.55
C PHE E 546 -9.22 53.22 34.67
N SER E 547 -9.81 52.19 35.28
CA SER E 547 -10.74 52.42 36.39
C SER E 547 -10.01 52.96 37.61
N ALA E 548 -8.76 52.56 37.82
CA ALA E 548 -7.99 53.10 38.94
C ALA E 548 -7.63 54.56 38.72
N MET E 549 -7.25 54.93 37.49
CA MET E 549 -6.89 56.30 37.19
C MET E 549 -8.04 57.25 37.49
N LEU E 550 -9.25 56.88 37.07
CA LEU E 550 -10.41 57.73 37.17
C LEU E 550 -11.33 57.33 38.32
N ARG E 551 -10.89 56.41 39.18
CA ARG E 551 -11.60 56.02 40.41
C ARG E 551 -13.00 55.47 40.10
N ASP E 552 -13.11 54.64 39.07
CA ASP E 552 -14.40 54.13 38.62
C ASP E 552 -14.80 52.95 39.49
N GLU E 553 -15.79 53.16 40.36
CA GLU E 553 -16.27 52.09 41.22
C GLU E 553 -16.91 50.97 40.42
N VAL E 554 -17.87 51.32 39.55
CA VAL E 554 -18.65 50.31 38.84
C VAL E 554 -17.75 49.49 37.92
N GLY E 555 -16.90 50.17 37.15
CA GLY E 555 -15.91 49.46 36.35
C GLY E 555 -14.92 48.71 37.21
N GLY E 556 -14.45 49.33 38.30
CA GLY E 556 -13.51 48.67 39.18
C GLY E 556 -14.06 47.42 39.81
N ARG E 557 -15.33 47.46 40.22
CA ARG E 557 -15.96 46.26 40.77
C ARG E 557 -16.08 45.16 39.73
N ALA E 558 -16.44 45.52 38.50
CA ALA E 558 -16.58 44.52 37.45
C ALA E 558 -15.25 43.83 37.13
N VAL E 559 -14.13 44.49 37.42
CA VAL E 559 -12.82 43.90 37.24
C VAL E 559 -12.20 43.48 38.57
N ASN E 560 -13.03 43.31 39.61
CA ASN E 560 -12.63 42.80 40.92
C ASN E 560 -11.58 43.67 41.61
N LEU E 561 -11.48 44.94 41.21
CA LEU E 561 -10.59 45.88 41.90
C LEU E 561 -11.06 46.09 43.33
N LEU E 562 -12.36 46.23 43.53
CA LEU E 562 -12.94 46.31 44.86
C LEU E 562 -13.01 44.93 45.49
N PRO E 563 -12.93 44.84 46.82
CA PRO E 563 -13.09 43.53 47.47
C PRO E 563 -14.50 43.02 47.29
N SER E 564 -14.61 41.72 46.99
CA SER E 564 -15.89 41.15 46.62
C SER E 564 -16.04 39.76 47.23
N GLU E 565 -17.30 39.42 47.53
CA GLU E 565 -17.63 38.09 48.00
C GLU E 565 -17.44 37.04 46.92
N THR E 566 -17.69 37.41 45.66
CA THR E 566 -17.62 36.48 44.54
C THR E 566 -16.81 37.10 43.41
N VAL E 567 -16.17 36.23 42.62
CA VAL E 567 -15.45 36.69 41.44
C VAL E 567 -16.43 37.30 40.45
N GLN E 568 -16.11 38.50 39.97
CA GLN E 568 -16.97 39.21 39.04
C GLN E 568 -16.53 38.93 37.61
N ASP E 569 -17.49 38.64 36.75
CA ASP E 569 -17.26 38.38 35.34
C ASP E 569 -17.76 39.58 34.55
N ILE E 570 -16.83 40.37 34.00
CA ILE E 570 -17.23 41.53 33.22
C ILE E 570 -18.03 41.11 31.99
N TYR E 571 -17.67 39.97 31.39
CA TYR E 571 -18.42 39.47 30.25
C TYR E 571 -19.86 39.17 30.63
N GLY E 572 -20.07 38.58 31.82
CA GLY E 572 -21.43 38.33 32.27
C GLY E 572 -22.22 39.60 32.51
N ILE E 573 -21.58 40.60 33.12
CA ILE E 573 -22.27 41.85 33.42
C ILE E 573 -22.71 42.54 32.13
N VAL E 574 -21.83 42.57 31.13
CA VAL E 574 -22.21 43.11 29.83
C VAL E 574 -23.35 42.30 29.23
N ALA E 575 -23.26 40.97 29.32
CA ALA E 575 -24.31 40.11 28.79
C ALA E 575 -25.64 40.34 29.51
N LYS E 576 -25.60 40.49 30.84
CA LYS E 576 -26.83 40.76 31.59
C LYS E 576 -27.45 42.09 31.18
N LYS E 577 -26.62 43.11 30.97
CA LYS E 577 -27.13 44.41 30.54
C LYS E 577 -27.67 44.34 29.11
N VAL E 578 -27.04 43.55 28.25
CA VAL E 578 -27.56 43.34 26.91
C VAL E 578 -28.95 42.73 26.97
N ASN E 579 -29.14 41.75 27.87
CA ASN E 579 -30.45 41.11 28.00
C ASN E 579 -31.51 42.08 28.49
N GLU E 580 -31.13 43.07 29.30
CA GLU E 580 -32.09 44.08 29.73
C GLU E 580 -32.56 44.94 28.56
N ILE E 581 -31.64 45.33 27.67
CA ILE E 581 -32.03 46.04 26.45
C ILE E 581 -32.86 45.14 25.56
N LEU E 582 -32.46 43.87 25.42
CA LEU E 582 -33.17 42.91 24.59
C LEU E 582 -34.63 42.79 25.03
N GLN E 583 -34.84 42.67 26.34
CA GLN E 583 -36.21 42.58 26.87
C GLN E 583 -36.99 43.85 26.60
N ALA E 584 -36.34 45.01 26.73
CA ALA E 584 -37.03 46.28 26.49
C ALA E 584 -37.46 46.42 25.04
N ASP E 585 -36.58 46.07 24.10
CA ASP E 585 -36.91 46.23 22.69
C ASP E 585 -37.93 45.21 22.22
N ALA E 586 -37.93 44.01 22.80
CA ALA E 586 -38.92 43.01 22.45
C ALA E 586 -40.32 43.47 22.82
N ILE E 587 -40.44 44.17 23.95
CA ILE E 587 -41.75 44.65 24.40
C ILE E 587 -42.13 45.92 23.65
N ASN E 588 -41.23 46.90 23.59
CA ASN E 588 -41.43 48.14 22.84
C ASN E 588 -40.28 48.28 21.86
N GLY E 589 -40.54 48.02 20.58
CA GLY E 589 -39.51 48.11 19.58
C GLY E 589 -40.03 48.70 18.29
N THR E 590 -39.10 49.17 17.47
CA THR E 590 -39.45 49.60 16.12
C THR E 590 -40.04 48.43 15.35
N ASP E 591 -41.13 48.69 14.63
CA ASP E 591 -41.73 47.65 13.82
C ASP E 591 -40.92 47.47 12.53
N ASN E 592 -41.06 46.27 11.94
CA ASN E 592 -40.33 45.97 10.71
C ASN E 592 -40.86 46.82 9.56
N GLU E 593 -39.93 47.33 8.75
CA GLU E 593 -40.26 48.18 7.62
C GLU E 593 -39.70 47.58 6.34
N VAL E 594 -40.38 47.87 5.22
CA VAL E 594 -40.02 47.32 3.92
C VAL E 594 -39.62 48.45 3.00
N VAL E 595 -38.43 48.35 2.42
CA VAL E 595 -37.89 49.35 1.50
C VAL E 595 -37.47 48.65 0.21
N THR E 596 -37.87 49.22 -0.92
CA THR E 596 -37.46 48.68 -2.20
C THR E 596 -35.99 48.96 -2.46
N VAL E 597 -35.29 47.96 -3.00
CA VAL E 597 -33.86 48.06 -3.29
C VAL E 597 -33.62 47.65 -4.74
N THR E 598 -32.81 48.43 -5.44
CA THR E 598 -32.50 48.17 -6.85
C THR E 598 -31.00 47.92 -6.97
N ASP E 599 -30.62 46.72 -7.40
CA ASP E 599 -29.22 46.40 -7.62
C ASP E 599 -28.62 47.31 -8.66
N GLU E 600 -27.43 47.83 -8.39
CA GLU E 600 -26.81 48.82 -9.28
C GLU E 600 -26.52 48.22 -10.65
N ASN E 601 -26.01 47.00 -10.68
CA ASN E 601 -25.70 46.35 -11.96
C ASN E 601 -26.97 45.81 -12.63
N THR E 602 -27.73 45.00 -11.90
CA THR E 602 -28.92 44.37 -12.48
C THR E 602 -29.98 45.41 -12.81
N GLY E 603 -30.09 46.47 -12.02
CA GLY E 603 -31.24 47.34 -12.14
C GLY E 603 -32.53 46.68 -11.70
N GLU E 604 -32.43 45.64 -10.87
CA GLU E 604 -33.57 44.82 -10.50
C GLU E 604 -34.11 45.28 -9.16
N ILE E 605 -35.39 45.64 -9.13
CA ILE E 605 -36.03 46.19 -7.95
C ILE E 605 -36.62 45.04 -7.14
N SER E 606 -36.14 44.87 -5.92
CA SER E 606 -36.62 43.84 -5.01
C SER E 606 -37.06 44.49 -3.70
N GLU E 607 -38.17 44.00 -3.14
CA GLU E 607 -38.63 44.47 -1.85
C GLU E 607 -37.79 43.82 -0.75
N LYS E 608 -37.27 44.64 0.16
CA LYS E 608 -36.40 44.17 1.23
C LYS E 608 -36.93 44.68 2.58
N VAL E 609 -36.71 43.88 3.62
CA VAL E 609 -37.28 44.14 4.94
C VAL E 609 -36.15 44.54 5.88
N LYS E 610 -36.22 45.77 6.40
CA LYS E 610 -35.37 46.15 7.51
C LYS E 610 -36.03 45.64 8.79
N LEU E 611 -35.30 44.84 9.56
CA LEU E 611 -35.86 44.25 10.77
C LEU E 611 -35.92 45.31 11.86
N GLY E 612 -37.09 45.43 12.50
CA GLY E 612 -37.21 46.31 13.62
C GLY E 612 -36.47 45.78 14.84
N THR E 613 -36.27 46.67 15.82
CA THR E 613 -35.58 46.26 17.04
C THR E 613 -36.37 45.19 17.79
N LYS E 614 -37.69 45.19 17.65
CA LYS E 614 -38.51 44.16 18.29
C LYS E 614 -38.26 42.79 17.68
N ALA E 615 -38.27 42.71 16.35
CA ALA E 615 -37.96 41.44 15.69
C ALA E 615 -36.53 41.01 15.97
N LEU E 616 -35.59 41.96 15.93
CA LEU E 616 -34.17 41.63 16.12
C LEU E 616 -33.91 41.11 17.53
N ALA E 617 -34.52 41.75 18.54
CA ALA E 617 -34.33 41.28 19.91
C ALA E 617 -34.90 39.87 20.09
N GLY E 618 -36.02 39.58 19.43
CA GLY E 618 -36.62 38.26 19.55
C GLY E 618 -35.70 37.14 19.07
N GLN E 619 -34.97 37.37 17.98
CA GLN E 619 -34.01 36.38 17.50
C GLN E 619 -32.90 36.17 18.53
N TRP E 620 -32.36 37.27 19.07
CA TRP E 620 -31.27 37.16 20.04
C TRP E 620 -31.74 36.51 21.34
N LEU E 621 -32.97 36.82 21.76
CA LEU E 621 -33.52 36.16 22.93
C LEU E 621 -33.72 34.66 22.69
N ALA E 622 -34.11 34.30 21.47
CA ALA E 622 -34.25 32.88 21.13
C ALA E 622 -32.91 32.16 21.20
N TYR E 623 -31.85 32.81 20.74
CA TYR E 623 -30.52 32.20 20.78
C TYR E 623 -30.04 32.04 22.22
N GLY E 624 -30.35 33.00 23.08
CA GLY E 624 -29.85 33.01 24.44
C GLY E 624 -28.51 33.72 24.47
N VAL E 625 -28.40 34.81 25.21
CA VAL E 625 -27.23 35.67 25.16
C VAL E 625 -26.42 35.42 26.43
N THR E 626 -25.26 34.79 26.25
CA THR E 626 -24.37 34.40 27.32
C THR E 626 -23.12 35.28 27.29
N ARG E 627 -22.21 35.02 28.24
CA ARG E 627 -20.94 35.74 28.27
C ARG E 627 -20.12 35.47 27.01
N SER E 628 -20.34 34.33 26.36
CA SER E 628 -19.61 34.00 25.14
C SER E 628 -20.00 34.91 23.97
N VAL E 629 -21.17 35.53 24.00
CA VAL E 629 -21.54 36.47 22.95
C VAL E 629 -20.78 37.78 23.11
N THR E 630 -20.59 38.23 24.35
CA THR E 630 -20.00 39.53 24.63
C THR E 630 -18.51 39.49 24.93
N LYS E 631 -17.90 38.29 24.96
CA LYS E 631 -16.55 38.17 25.51
C LYS E 631 -15.52 38.95 24.69
N ARG E 632 -15.48 38.70 23.37
CA ARG E 632 -14.42 39.28 22.55
C ARG E 632 -14.52 40.79 22.49
N SER E 633 -15.74 41.32 22.48
CA SER E 633 -15.92 42.77 22.38
C SER E 633 -15.31 43.49 23.59
N VAL E 634 -15.42 42.88 24.77
CA VAL E 634 -14.79 43.47 25.95
C VAL E 634 -13.27 43.35 25.89
N MET E 635 -12.77 42.21 25.41
CA MET E 635 -11.32 42.03 25.30
C MET E 635 -10.71 43.01 24.31
N THR E 636 -11.37 43.22 23.17
CA THR E 636 -10.88 44.14 22.15
C THR E 636 -11.10 45.59 22.51
N LEU E 637 -11.75 45.89 23.64
CA LEU E 637 -11.99 47.27 24.03
C LEU E 637 -10.69 48.02 24.28
N ALA E 638 -9.74 47.39 24.98
CA ALA E 638 -8.46 48.04 25.24
C ALA E 638 -7.67 48.27 23.97
N TYR E 639 -7.91 47.46 22.94
CA TYR E 639 -7.21 47.62 21.67
C TYR E 639 -7.84 48.70 20.79
N GLY E 640 -8.93 49.30 21.24
CA GLY E 640 -9.58 50.38 20.51
C GLY E 640 -10.80 49.96 19.73
N SER E 641 -11.20 48.70 19.80
CA SER E 641 -12.42 48.28 19.12
C SER E 641 -13.64 48.95 19.73
N LYS E 642 -14.63 49.19 18.88
CA LYS E 642 -15.84 49.93 19.25
C LYS E 642 -16.99 49.30 18.48
N GLU E 643 -18.09 50.05 18.35
CA GLU E 643 -19.34 49.49 17.85
C GLU E 643 -19.19 48.83 16.48
N PHE E 644 -18.39 49.43 15.59
CA PHE E 644 -18.24 48.85 14.26
C PHE E 644 -17.50 47.51 14.32
N GLY E 645 -16.35 47.47 14.98
CA GLY E 645 -15.57 46.24 15.02
C GLY E 645 -16.29 45.12 15.73
N PHE E 646 -17.20 45.46 16.64
CA PHE E 646 -17.97 44.45 17.34
C PHE E 646 -18.85 43.65 16.39
N ARG E 647 -19.44 44.33 15.39
CA ARG E 647 -20.37 43.66 14.50
C ARG E 647 -19.68 42.56 13.70
N GLN E 648 -18.43 42.76 13.32
CA GLN E 648 -17.70 41.68 12.66
C GLN E 648 -17.45 40.54 13.65
N GLN E 649 -17.11 40.87 14.89
CA GLN E 649 -16.88 39.82 15.88
C GLN E 649 -18.12 38.96 16.09
N VAL E 650 -19.27 39.61 16.33
CA VAL E 650 -20.51 38.87 16.61
C VAL E 650 -20.86 37.95 15.43
N LEU E 651 -20.66 38.44 14.21
CA LEU E 651 -20.94 37.61 13.04
C LEU E 651 -20.01 36.40 12.99
N GLU E 652 -18.70 36.61 13.13
CA GLU E 652 -17.77 35.50 13.02
C GLU E 652 -17.78 34.61 14.26
N ASP E 653 -18.15 35.16 15.43
CA ASP E 653 -18.02 34.40 16.67
C ASP E 653 -19.27 33.59 17.01
N THR E 654 -20.45 34.18 16.88
CA THR E 654 -21.66 33.46 17.29
C THR E 654 -22.64 33.23 16.14
N ILE E 655 -22.86 34.22 15.27
CA ILE E 655 -23.92 34.10 14.27
C ILE E 655 -23.53 33.10 13.19
N GLN E 656 -22.37 33.28 12.57
CA GLN E 656 -21.91 32.32 11.57
C GLN E 656 -21.69 30.92 12.13
N PRO E 657 -20.99 30.71 13.25
CA PRO E 657 -20.84 29.34 13.76
C PRO E 657 -22.14 28.66 14.12
N ALA E 658 -23.15 29.42 14.58
CA ALA E 658 -24.46 28.82 14.81
C ALA E 658 -25.08 28.33 13.52
N ILE E 659 -24.97 29.12 12.44
CA ILE E 659 -25.57 28.76 11.15
C ILE E 659 -25.00 27.44 10.65
N ASP E 660 -23.68 27.29 10.72
CA ASP E 660 -23.04 26.05 10.28
C ASP E 660 -23.44 24.88 11.16
N SER E 661 -23.72 25.12 12.43
CA SER E 661 -24.25 24.08 13.32
C SER E 661 -25.72 23.78 13.06
N GLY E 662 -26.40 24.57 12.22
CA GLY E 662 -27.82 24.44 12.01
C GLY E 662 -28.66 25.31 12.91
N LYS E 663 -28.09 25.83 14.00
CA LYS E 663 -28.75 26.85 14.78
C LYS E 663 -28.66 28.18 14.02
N GLY E 664 -29.30 29.20 14.54
CA GLY E 664 -29.41 30.41 13.76
C GLY E 664 -30.57 30.45 12.80
N LEU E 665 -31.52 29.51 12.92
CA LEU E 665 -32.77 29.66 12.18
C LEU E 665 -33.45 30.97 12.53
N MET E 666 -33.25 31.48 13.74
CA MET E 666 -33.77 32.79 14.10
C MET E 666 -33.01 33.90 13.39
N PHE E 667 -31.71 33.72 13.14
CA PHE E 667 -30.90 34.75 12.48
C PHE E 667 -31.17 34.70 10.97
N THR E 668 -32.36 35.18 10.61
CA THR E 668 -32.77 35.19 9.21
C THR E 668 -31.88 36.11 8.38
N GLN E 669 -31.56 37.29 8.91
CA GLN E 669 -30.53 38.13 8.31
C GLN E 669 -29.36 38.22 9.29
N PRO E 670 -28.19 37.69 8.94
CA PRO E 670 -27.06 37.75 9.89
C PRO E 670 -26.55 39.15 10.17
N ASN E 671 -26.32 39.96 9.13
CA ASN E 671 -25.70 41.27 9.33
C ASN E 671 -26.61 42.19 10.13
N GLN E 672 -27.93 42.09 9.93
CA GLN E 672 -28.86 42.89 10.71
C GLN E 672 -28.78 42.53 12.19
N ALA E 673 -28.66 41.23 12.49
CA ALA E 673 -28.53 40.80 13.89
C ALA E 673 -27.19 41.26 14.47
N ALA E 674 -26.12 41.15 13.70
CA ALA E 674 -24.80 41.57 14.19
C ALA E 674 -24.76 43.06 14.47
N GLY E 675 -25.33 43.87 13.58
CA GLY E 675 -25.39 45.30 13.84
C GLY E 675 -26.23 45.64 15.05
N TYR E 676 -27.35 44.96 15.23
CA TYR E 676 -28.17 45.14 16.42
C TYR E 676 -27.41 44.77 17.68
N MET E 677 -26.72 43.62 17.64
CA MET E 677 -25.98 43.15 18.82
C MET E 677 -24.83 44.08 19.15
N ALA E 678 -24.10 44.55 18.14
CA ALA E 678 -22.92 45.37 18.38
C ALA E 678 -23.29 46.69 19.03
N LYS E 679 -24.41 47.29 18.62
CA LYS E 679 -24.91 48.47 19.31
C LYS E 679 -25.24 48.15 20.77
N LEU E 680 -25.88 47.00 21.00
CA LEU E 680 -26.28 46.62 22.35
C LEU E 680 -25.06 46.37 23.23
N ILE E 681 -24.04 45.69 22.70
CA ILE E 681 -22.82 45.46 23.47
C ILE E 681 -22.12 46.79 23.77
N TRP E 682 -22.05 47.67 22.77
CA TRP E 682 -21.37 48.94 22.97
C TRP E 682 -22.07 49.79 24.01
N GLU E 683 -23.41 49.82 23.98
CA GLU E 683 -24.15 50.55 25.02
C GLU E 683 -23.91 49.94 26.39
N SER E 684 -23.88 48.60 26.47
CA SER E 684 -23.66 47.94 27.74
C SER E 684 -22.25 48.18 28.28
N VAL E 685 -21.25 48.09 27.40
CA VAL E 685 -19.87 48.30 27.84
C VAL E 685 -19.69 49.73 28.36
N SER E 686 -20.26 50.70 27.64
CA SER E 686 -20.09 52.10 27.99
C SER E 686 -20.72 52.47 29.33
N VAL E 687 -21.72 51.73 29.79
CA VAL E 687 -22.26 51.98 31.13
C VAL E 687 -21.60 51.11 32.19
N THR E 688 -20.97 50.00 31.81
CA THR E 688 -20.27 49.18 32.78
C THR E 688 -18.93 49.80 33.16
N VAL E 689 -18.14 50.23 32.17
CA VAL E 689 -16.85 50.81 32.46
C VAL E 689 -16.77 52.20 31.82
N VAL E 690 -17.24 53.22 32.53
CA VAL E 690 -17.29 54.54 31.93
C VAL E 690 -15.90 55.14 31.84
N ALA E 691 -15.06 54.91 32.85
CA ALA E 691 -13.73 55.49 32.87
C ALA E 691 -12.88 54.96 31.73
N ALA E 692 -12.99 53.67 31.44
CA ALA E 692 -12.26 53.10 30.30
C ALA E 692 -12.66 53.80 29.01
N VAL E 693 -13.97 53.83 28.71
CA VAL E 693 -14.43 54.47 27.48
C VAL E 693 -14.07 55.95 27.47
N GLU E 694 -14.27 56.64 28.60
CA GLU E 694 -13.99 58.07 28.66
C GLU E 694 -12.50 58.38 28.45
N ALA E 695 -11.63 57.61 29.11
CA ALA E 695 -10.20 57.87 29.03
C ALA E 695 -9.68 57.69 27.61
N MET E 696 -10.03 56.57 26.97
CA MET E 696 -9.53 56.32 25.61
C MET E 696 -10.06 57.33 24.60
N ASN E 697 -11.26 57.87 24.83
CA ASN E 697 -11.71 58.99 23.99
C ASN E 697 -10.86 60.23 24.24
N TRP E 698 -10.53 60.49 25.52
CA TRP E 698 -9.73 61.66 25.87
C TRP E 698 -8.32 61.57 25.30
N LEU E 699 -7.70 60.40 25.39
CA LEU E 699 -6.37 60.20 24.79
C LEU E 699 -6.42 60.30 23.27
N LYS E 700 -7.46 59.73 22.65
CA LYS E 700 -7.58 59.77 21.20
C LYS E 700 -7.76 61.19 20.70
N SER E 701 -8.52 62.01 21.43
CA SER E 701 -8.66 63.41 21.06
C SER E 701 -7.33 64.14 21.16
N ALA E 702 -6.54 63.83 22.20
CA ALA E 702 -5.23 64.45 22.34
C ALA E 702 -4.33 64.10 21.15
N ALA E 703 -4.29 62.81 20.78
CA ALA E 703 -3.42 62.39 19.68
C ALA E 703 -3.83 63.03 18.37
N LYS E 704 -5.14 63.13 18.12
CA LYS E 704 -5.62 63.74 16.88
C LYS E 704 -5.18 65.20 16.76
N LEU E 705 -5.25 65.93 17.87
CA LEU E 705 -4.83 67.34 17.86
C LEU E 705 -3.34 67.47 17.58
N LEU E 706 -2.52 66.73 18.32
CA LEU E 706 -1.07 66.84 18.15
C LEU E 706 -0.62 66.34 16.78
N ALA E 707 -1.24 65.27 16.29
CA ALA E 707 -0.81 64.70 15.01
C ALA E 707 -1.20 65.57 13.84
N ALA E 708 -2.23 66.40 13.97
CA ALA E 708 -2.68 67.24 12.88
C ALA E 708 -1.63 68.32 12.57
N GLU E 709 -1.54 68.68 11.29
CA GLU E 709 -0.75 69.83 10.87
C GLU E 709 -1.69 71.01 10.67
N VAL E 710 -1.36 72.14 11.28
CA VAL E 710 -2.22 73.32 11.28
C VAL E 710 -1.69 74.28 10.24
N LYS E 711 -2.55 74.66 9.30
CA LYS E 711 -2.16 75.56 8.21
C LYS E 711 -3.19 76.67 8.09
N ASP E 712 -2.72 77.91 7.99
CA ASP E 712 -3.59 79.01 7.61
C ASP E 712 -4.16 78.74 6.23
N LYS E 713 -5.48 78.86 6.10
CA LYS E 713 -6.14 78.46 4.86
C LYS E 713 -5.67 79.28 3.67
N LYS E 714 -5.57 80.60 3.85
CA LYS E 714 -5.11 81.45 2.76
C LYS E 714 -3.62 81.25 2.48
N THR E 715 -2.79 81.33 3.53
CA THR E 715 -1.35 81.27 3.34
C THR E 715 -0.90 79.90 2.83
N GLY E 716 -1.48 78.83 3.37
CA GLY E 716 -0.99 77.49 3.13
C GLY E 716 0.24 77.11 3.93
N GLU E 717 0.94 78.09 4.49
CA GLU E 717 2.04 77.82 5.41
C GLU E 717 1.51 77.15 6.66
N ILE E 718 2.31 76.27 7.24
CA ILE E 718 1.90 75.49 8.38
C ILE E 718 2.30 76.22 9.67
N LEU E 719 1.33 76.46 10.54
CA LEU E 719 1.62 77.13 11.80
C LEU E 719 2.17 76.14 12.82
N ARG E 720 1.55 74.98 12.92
CA ARG E 720 2.00 73.92 13.80
C ARG E 720 2.18 72.64 12.98
N LYS E 721 3.37 72.08 13.02
CA LYS E 721 3.64 70.83 12.33
C LYS E 721 3.07 69.66 13.13
N ARG E 722 3.03 68.49 12.47
CA ARG E 722 2.58 67.28 13.14
C ARG E 722 3.50 66.97 14.32
N CYS E 723 2.88 66.67 15.46
CA CYS E 723 3.61 66.54 16.72
C CYS E 723 3.48 65.13 17.26
N ALA E 724 4.61 64.58 17.70
CA ALA E 724 4.64 63.29 18.38
C ALA E 724 3.99 63.40 19.75
N VAL E 725 3.57 62.26 20.27
CA VAL E 725 2.99 62.18 21.60
C VAL E 725 3.97 61.46 22.52
N HIS E 726 4.27 62.09 23.66
CA HIS E 726 5.26 61.59 24.60
C HIS E 726 4.70 61.72 26.02
N TRP E 727 5.05 60.75 26.86
CA TRP E 727 4.68 60.80 28.27
C TRP E 727 5.72 60.05 29.08
N VAL E 728 5.56 60.08 30.40
CA VAL E 728 6.48 59.43 31.33
C VAL E 728 5.66 58.63 32.33
N THR E 729 5.97 57.34 32.44
CA THR E 729 5.32 56.47 33.40
C THR E 729 5.74 56.83 34.83
N PRO E 730 4.93 56.46 35.83
CA PRO E 730 5.34 56.76 37.23
C PRO E 730 6.68 56.14 37.59
N ASP E 731 7.01 55.01 36.97
CA ASP E 731 8.33 54.42 37.13
C ASP E 731 9.44 55.35 36.66
N GLY E 732 9.15 56.24 35.72
CA GLY E 732 10.15 57.11 35.12
C GLY E 732 10.48 56.80 33.68
N PHE E 733 9.92 55.74 33.13
CA PHE E 733 10.16 55.39 31.74
C PHE E 733 9.49 56.39 30.81
N PRO E 734 10.21 57.01 29.88
CA PRO E 734 9.57 57.82 28.85
C PRO E 734 9.29 57.00 27.61
N VAL E 735 8.27 57.42 26.88
CA VAL E 735 7.87 56.74 25.66
C VAL E 735 7.47 57.80 24.64
N TRP E 736 7.95 57.62 23.41
CA TRP E 736 7.60 58.50 22.30
C TRP E 736 6.88 57.65 21.26
N GLN E 737 5.68 58.08 20.88
CA GLN E 737 4.90 57.39 19.87
C GLN E 737 4.94 58.21 18.58
N GLU E 738 5.76 57.76 17.62
CA GLU E 738 5.95 58.40 16.32
C GLU E 738 5.63 57.38 15.23
N TYR E 739 4.36 57.27 14.87
CA TYR E 739 3.95 56.44 13.74
C TYR E 739 4.14 57.23 12.45
N LYS E 740 5.04 56.77 11.59
CA LYS E 740 5.42 57.52 10.39
C LYS E 740 5.02 56.74 9.14
N LYS E 741 4.33 57.41 8.22
CA LYS E 741 3.92 56.84 6.94
C LYS E 741 4.83 57.33 5.82
N PRO E 742 5.19 56.46 4.88
CA PRO E 742 5.97 56.90 3.72
C PRO E 742 5.13 57.73 2.76
N ILE E 743 5.82 58.46 1.89
CA ILE E 743 5.13 59.37 0.97
C ILE E 743 4.47 58.63 -0.17
N GLN E 744 5.24 57.79 -0.89
CA GLN E 744 4.72 57.05 -2.03
C GLN E 744 5.16 55.59 -1.95
N THR E 745 4.23 54.70 -2.27
CA THR E 745 4.49 53.26 -2.26
C THR E 745 3.86 52.63 -3.49
N ARG E 746 4.47 51.54 -3.95
CA ARG E 746 4.03 50.85 -5.16
C ARG E 746 3.66 49.41 -4.82
N LEU E 747 2.45 49.00 -5.22
CA LEU E 747 1.96 47.65 -4.97
C LEU E 747 1.44 47.05 -6.27
N ASN E 748 1.82 45.81 -6.54
CA ASN E 748 1.35 45.07 -7.70
C ASN E 748 0.47 43.91 -7.26
N LEU E 749 -0.53 43.59 -8.08
CA LEU E 749 -1.44 42.50 -7.74
C LEU E 749 -0.76 41.15 -7.88
N MET E 750 -0.07 40.92 -9.00
CA MET E 750 0.55 39.64 -9.28
C MET E 750 1.98 39.54 -8.79
N PHE E 751 2.61 40.66 -8.45
CA PHE E 751 3.99 40.69 -7.97
C PHE E 751 4.03 41.43 -6.64
N LEU E 752 5.03 41.11 -5.83
CA LEU E 752 5.13 41.70 -4.50
C LEU E 752 5.31 43.21 -4.59
N GLY E 753 4.63 43.92 -3.70
CA GLY E 753 4.75 45.37 -3.67
C GLY E 753 6.11 45.81 -3.14
N GLN E 754 6.64 46.88 -3.71
CA GLN E 754 7.94 47.40 -3.32
C GLN E 754 7.84 48.85 -2.85
N SER E 767 8.78 60.38 5.10
CA SER E 767 8.67 60.14 6.54
C SER E 767 7.76 61.17 7.21
N GLU E 768 6.46 60.97 7.09
CA GLU E 768 5.46 61.84 7.68
C GLU E 768 4.70 61.08 8.75
N ILE E 769 4.39 61.75 9.86
CA ILE E 769 3.68 61.10 10.96
C ILE E 769 2.28 60.71 10.51
N ASP E 770 1.90 59.46 10.79
CA ASP E 770 0.56 58.97 10.46
C ASP E 770 -0.38 59.31 11.60
N ALA E 771 -1.26 60.31 11.36
CA ALA E 771 -2.19 60.75 12.39
C ALA E 771 -3.12 59.62 12.81
N HIS E 772 -3.59 58.83 11.85
CA HIS E 772 -4.54 57.78 12.15
C HIS E 772 -3.95 56.74 13.10
N LYS E 773 -2.75 56.26 12.81
CA LYS E 773 -2.10 55.30 13.71
C LYS E 773 -1.76 55.93 15.05
N GLN E 774 -1.52 57.25 15.08
CA GLN E 774 -1.36 57.93 16.36
C GLN E 774 -2.63 57.84 17.19
N GLU E 775 -3.79 58.03 16.55
CA GLU E 775 -5.05 57.93 17.28
C GLU E 775 -5.40 56.47 17.58
N SER E 776 -5.19 55.58 16.62
CA SER E 776 -5.50 54.17 16.83
C SER E 776 -4.67 53.56 17.94
N GLY E 777 -3.45 54.08 18.16
CA GLY E 777 -2.54 53.45 19.09
C GLY E 777 -2.36 54.13 20.42
N ILE E 778 -2.78 55.39 20.57
CA ILE E 778 -2.48 56.13 21.79
C ILE E 778 -3.16 55.50 22.99
N ALA E 779 -4.42 55.08 22.86
CA ALA E 779 -5.11 54.48 23.99
C ALA E 779 -4.50 53.14 24.40
N PRO E 780 -4.26 52.17 23.50
CA PRO E 780 -3.62 50.93 23.96
C PRO E 780 -2.19 51.12 24.45
N ASN E 781 -1.40 51.96 23.77
CA ASN E 781 0.00 52.11 24.13
C ASN E 781 0.17 52.79 25.49
N PHE E 782 -0.69 53.77 25.79
CA PHE E 782 -0.61 54.45 27.08
C PHE E 782 -0.91 53.50 28.22
N VAL E 783 -1.96 52.68 28.09
CA VAL E 783 -2.33 51.79 29.18
C VAL E 783 -1.35 50.64 29.31
N HIS E 784 -0.78 50.17 28.19
CA HIS E 784 0.29 49.17 28.26
C HIS E 784 1.51 49.76 28.95
N SER E 785 1.81 51.03 28.69
CA SER E 785 2.90 51.69 29.40
C SER E 785 2.66 51.72 30.90
N GLN E 786 1.39 51.84 31.31
CA GLN E 786 1.08 51.86 32.73
C GLN E 786 1.20 50.48 33.36
N ASP E 787 0.78 49.43 32.64
CA ASP E 787 0.90 48.09 33.19
C ASP E 787 2.36 47.65 33.30
N GLY E 788 3.19 48.10 32.36
CA GLY E 788 4.61 47.82 32.44
C GLY E 788 5.28 48.48 33.63
N SER E 789 4.94 49.75 33.90
CA SER E 789 5.46 50.42 35.08
C SER E 789 4.98 49.73 36.35
N HIS E 790 3.73 49.27 36.35
CA HIS E 790 3.22 48.52 37.49
C HIS E 790 4.02 47.23 37.71
N LEU E 791 4.32 46.52 36.62
CA LEU E 791 5.14 45.31 36.72
C LEU E 791 6.51 45.66 37.27
N ARG E 792 7.17 46.66 36.68
CA ARG E 792 8.52 47.03 37.10
C ARG E 792 8.52 47.54 38.53
N LYS E 793 7.49 48.28 38.93
CA LYS E 793 7.37 48.70 40.32
C LYS E 793 7.16 47.51 41.23
N THR E 794 6.38 46.52 40.79
CA THR E 794 6.10 45.36 41.62
C THR E 794 7.37 44.54 41.87
N VAL E 795 8.19 44.33 40.83
CA VAL E 795 9.35 43.46 41.00
C VAL E 795 10.40 44.12 41.89
N VAL E 796 10.58 45.44 41.78
CA VAL E 796 11.50 46.10 42.71
C VAL E 796 10.91 46.15 44.12
N TRP E 797 9.59 46.40 44.24
CA TRP E 797 8.96 46.42 45.55
C TRP E 797 8.98 45.04 46.18
N ALA E 798 8.73 43.99 45.39
CA ALA E 798 8.78 42.63 45.92
C ALA E 798 10.18 42.26 46.37
N HIS E 799 11.20 42.65 45.62
CA HIS E 799 12.57 42.32 45.98
C HIS E 799 13.07 43.16 47.16
N GLU E 800 12.63 44.41 47.27
CA GLU E 800 13.18 45.26 48.33
C GLU E 800 12.42 45.13 49.63
N LYS E 801 11.08 45.14 49.59
CA LYS E 801 10.30 45.03 50.82
C LYS E 801 10.30 43.60 51.35
N TYR E 802 10.33 42.61 50.46
CA TYR E 802 10.31 41.21 50.84
C TYR E 802 11.52 40.52 50.22
N GLY E 803 11.71 39.25 50.52
CA GLY E 803 12.90 38.59 50.05
C GLY E 803 12.84 38.04 48.65
N ILE E 804 11.83 38.39 47.87
CA ILE E 804 11.55 37.70 46.62
C ILE E 804 12.67 37.95 45.62
N GLU E 805 13.31 36.86 45.17
CA GLU E 805 14.42 36.92 44.24
C GLU E 805 14.16 36.18 42.93
N SER E 806 13.05 35.45 42.83
CA SER E 806 12.71 34.72 41.62
C SER E 806 11.36 35.21 41.11
N PHE E 807 11.31 35.63 39.85
CA PHE E 807 10.14 36.27 39.27
C PHE E 807 9.76 35.62 37.95
N ALA E 808 8.48 35.31 37.79
CA ALA E 808 7.90 34.89 36.51
C ALA E 808 6.97 36.01 36.06
N LEU E 809 7.30 36.66 34.96
CA LEU E 809 6.66 37.91 34.55
C LEU E 809 6.12 37.78 33.14
N ILE E 810 4.78 37.82 32.99
CA ILE E 810 4.19 38.00 31.66
C ILE E 810 3.20 39.15 31.67
N HIS E 811 3.72 40.37 31.57
CA HIS E 811 3.06 41.66 31.26
C HIS E 811 1.98 42.11 32.25
N ASP E 812 1.30 41.16 32.85
CA ASP E 812 0.39 41.41 33.96
C ASP E 812 0.28 40.19 34.85
N SER E 813 1.01 39.12 34.53
CA SER E 813 1.05 37.90 35.29
C SER E 813 2.33 37.90 36.11
N PHE E 814 2.21 37.65 37.40
CA PHE E 814 3.33 37.72 38.33
C PHE E 814 3.46 36.37 39.03
N GLY E 815 4.63 35.76 38.92
CA GLY E 815 4.86 34.45 39.51
C GLY E 815 6.11 34.44 40.36
N THR E 816 6.07 33.61 41.39
CA THR E 816 7.21 33.34 42.24
C THR E 816 7.01 31.97 42.88
N ILE E 817 7.95 31.58 43.72
CA ILE E 817 7.87 30.30 44.42
C ILE E 817 6.75 30.35 45.45
N PRO E 818 6.15 29.21 45.83
CA PRO E 818 4.98 29.25 46.73
C PRO E 818 5.25 29.87 48.09
N ALA E 819 6.45 29.70 48.66
CA ALA E 819 6.76 30.32 49.94
C ALA E 819 6.73 31.83 49.83
N ASP E 820 7.16 32.38 48.69
CA ASP E 820 7.13 33.81 48.44
C ASP E 820 5.80 34.30 47.90
N ALA E 821 4.86 33.39 47.61
CA ALA E 821 3.70 33.74 46.79
C ALA E 821 2.79 34.76 47.48
N ALA E 822 2.57 34.60 48.79
CA ALA E 822 1.64 35.49 49.49
C ALA E 822 2.15 36.92 49.54
N ASN E 823 3.47 37.11 49.62
CA ASN E 823 4.02 38.47 49.65
C ASN E 823 3.89 39.15 48.30
N LEU E 824 4.12 38.41 47.21
CA LEU E 824 3.95 38.99 45.87
C LEU E 824 2.52 39.46 45.66
N PHE E 825 1.56 38.65 46.09
CA PHE E 825 0.15 39.04 46.10
C PHE E 825 -0.06 40.36 46.86
N LYS E 826 0.68 40.55 47.95
CA LYS E 826 0.62 41.82 48.67
C LYS E 826 1.33 42.93 47.92
N ALA E 827 2.53 42.64 47.38
CA ALA E 827 3.35 43.67 46.75
C ALA E 827 2.67 44.24 45.51
N VAL E 828 2.02 43.38 44.72
CA VAL E 828 1.37 43.86 43.50
C VAL E 828 0.18 44.75 43.83
N ARG E 829 -0.52 44.47 44.93
CA ARG E 829 -1.59 45.35 45.38
C ARG E 829 -1.02 46.66 45.91
N GLU E 830 0.09 46.59 46.63
CA GLU E 830 0.67 47.79 47.23
C GLU E 830 1.24 48.74 46.19
N THR E 831 1.86 48.19 45.15
CA THR E 831 2.41 49.03 44.09
C THR E 831 1.31 49.82 43.38
N MET E 832 0.26 49.12 42.94
CA MET E 832 -0.80 49.79 42.17
C MET E 832 -1.50 50.85 43.00
N VAL E 833 -1.79 50.55 44.28
CA VAL E 833 -2.41 51.53 45.15
C VAL E 833 -1.50 52.74 45.31
N ASP E 834 -0.19 52.50 45.45
CA ASP E 834 0.75 53.59 45.68
C ASP E 834 0.81 54.57 44.51
N THR E 835 0.93 54.05 43.29
CA THR E 835 1.14 54.92 42.13
C THR E 835 -0.06 55.82 41.89
N TYR E 836 -1.26 55.24 41.80
CA TYR E 836 -2.43 56.02 41.46
C TYR E 836 -2.95 56.86 42.62
N GLU E 837 -2.50 56.59 43.85
CA GLU E 837 -2.67 57.58 44.92
C GLU E 837 -1.68 58.72 44.77
N SER E 838 -0.48 58.42 44.24
CA SER E 838 0.57 59.41 44.11
C SER E 838 0.50 60.18 42.80
N CYS E 839 0.03 59.56 41.72
CA CYS E 839 0.15 60.13 40.38
C CYS E 839 -1.20 60.18 39.70
N ASP E 840 -1.58 61.37 39.24
CA ASP E 840 -2.66 61.52 38.27
C ASP E 840 -2.00 61.41 36.90
N VAL E 841 -2.01 60.20 36.35
CA VAL E 841 -1.27 59.94 35.11
C VAL E 841 -1.84 60.75 33.96
N LEU E 842 -3.16 60.95 33.95
CA LEU E 842 -3.78 61.68 32.85
C LEU E 842 -3.49 63.17 32.94
N ALA E 843 -3.45 63.72 34.15
CA ALA E 843 -3.06 65.12 34.32
C ALA E 843 -1.59 65.32 33.98
N ASP E 844 -0.74 64.36 34.36
CA ASP E 844 0.67 64.42 33.97
C ASP E 844 0.82 64.37 32.47
N PHE E 845 0.01 63.53 31.81
CA PHE E 845 0.00 63.47 30.36
C PHE E 845 -0.38 64.82 29.75
N TYR E 846 -1.40 65.48 30.32
CA TYR E 846 -1.85 66.76 29.79
C TYR E 846 -0.76 67.82 29.87
N ASP E 847 -0.02 67.83 30.98
CA ASP E 847 1.07 68.81 31.13
C ASP E 847 2.18 68.59 30.12
N GLN E 848 2.33 67.38 29.58
CA GLN E 848 3.38 67.11 28.61
C GLN E 848 3.06 67.65 27.22
N PHE E 849 1.79 67.68 26.82
CA PHE E 849 1.42 68.13 25.48
C PHE E 849 0.66 69.45 25.45
N ALA E 850 0.30 70.02 26.60
CA ALA E 850 -0.55 71.21 26.61
C ALA E 850 0.08 72.37 25.85
N ASP E 851 1.39 72.57 26.05
CA ASP E 851 2.08 73.63 25.33
C ASP E 851 2.16 73.33 23.83
N GLN E 852 2.17 72.05 23.45
CA GLN E 852 2.26 71.70 22.04
C GLN E 852 1.00 72.03 21.26
N LEU E 853 -0.10 72.36 21.92
CA LEU E 853 -1.34 72.64 21.21
C LEU E 853 -1.36 74.06 20.66
N HIS E 854 -1.86 74.20 19.43
CA HIS E 854 -2.02 75.50 18.79
C HIS E 854 -3.19 76.25 19.42
N GLU E 855 -3.17 77.58 19.29
CA GLU E 855 -4.20 78.41 19.90
C GLU E 855 -5.61 78.00 19.48
N SER E 856 -5.77 77.63 18.21
CA SER E 856 -7.06 77.11 17.75
C SER E 856 -7.41 75.79 18.42
N GLN E 857 -6.41 74.98 18.77
CA GLN E 857 -6.66 73.64 19.28
C GLN E 857 -7.14 73.61 20.72
N LEU E 858 -6.84 74.63 21.54
CA LEU E 858 -7.14 74.54 22.98
C LEU E 858 -8.64 74.40 23.24
N ASP E 859 -9.47 75.16 22.50
CA ASP E 859 -10.91 75.04 22.72
C ASP E 859 -11.43 73.65 22.33
N LYS E 860 -10.77 73.02 21.37
CA LYS E 860 -11.22 71.72 20.86
C LYS E 860 -10.95 70.59 21.86
N MET E 861 -9.90 70.71 22.66
CA MET E 861 -9.49 69.61 23.52
C MET E 861 -10.51 69.40 24.62
N PRO E 862 -11.06 68.19 24.77
CA PRO E 862 -11.97 67.92 25.87
C PRO E 862 -11.26 67.99 27.22
N ALA E 863 -12.04 68.31 28.25
CA ALA E 863 -11.48 68.35 29.60
C ALA E 863 -11.20 66.94 30.10
N LEU E 864 -10.49 66.87 31.22
CA LEU E 864 -10.22 65.58 31.84
C LEU E 864 -11.52 64.94 32.30
N PRO E 865 -11.67 63.62 32.17
CA PRO E 865 -12.84 62.97 32.74
C PRO E 865 -12.85 63.11 34.27
N ALA E 866 -14.05 63.20 34.82
CA ALA E 866 -14.20 63.40 36.25
C ALA E 866 -13.80 62.14 37.01
N LYS E 867 -13.16 62.32 38.16
CA LYS E 867 -12.83 61.20 39.02
C LYS E 867 -14.08 60.61 39.64
N GLY E 868 -14.04 59.31 39.92
CA GLY E 868 -15.16 58.60 40.47
C GLY E 868 -15.05 58.42 41.98
N ASN E 869 -15.92 57.54 42.50
CA ASN E 869 -16.09 57.35 43.92
C ASN E 869 -15.20 56.24 44.51
N LEU E 870 -14.36 55.61 43.69
CA LEU E 870 -13.60 54.46 44.17
C LEU E 870 -12.48 54.87 45.11
N ASN E 871 -12.29 54.08 46.15
CA ASN E 871 -11.15 54.20 47.05
C ASN E 871 -10.15 53.11 46.69
N LEU E 872 -8.91 53.51 46.42
CA LEU E 872 -7.90 52.56 45.98
C LEU E 872 -7.45 51.65 47.12
N ARG E 873 -7.58 52.11 48.36
CA ARG E 873 -7.17 51.29 49.50
C ARG E 873 -7.92 49.96 49.51
N ASP E 874 -9.13 49.94 48.96
CA ASP E 874 -9.91 48.72 48.86
C ASP E 874 -9.30 47.70 47.89
N ILE E 875 -8.44 48.15 46.97
CA ILE E 875 -7.73 47.20 46.10
C ILE E 875 -6.86 46.27 46.93
N LEU E 876 -6.28 46.79 48.02
CA LEU E 876 -5.43 45.98 48.88
C LEU E 876 -6.21 44.83 49.53
N GLU E 877 -7.51 45.02 49.78
CA GLU E 877 -8.31 43.99 50.41
C GLU E 877 -8.93 43.00 49.43
N SER E 878 -8.94 43.33 48.13
CA SER E 878 -9.63 42.50 47.15
C SER E 878 -8.87 41.20 46.91
N ASP E 879 -9.61 40.08 46.94
CA ASP E 879 -9.00 38.78 46.68
C ASP E 879 -8.73 38.57 45.20
N PHE E 880 -9.71 38.89 44.36
CA PHE E 880 -9.72 38.43 42.99
C PHE E 880 -9.11 39.41 42.00
N ALA E 881 -8.60 40.54 42.46
CA ALA E 881 -7.88 41.44 41.56
C ALA E 881 -6.65 40.75 40.98
N PHE E 882 -5.95 39.96 41.80
CA PHE E 882 -4.73 39.23 41.44
C PHE E 882 -3.61 40.16 41.00
N ALA E 883 -3.81 41.47 41.11
CA ALA E 883 -2.90 42.48 40.59
C ALA E 883 -3.35 43.85 41.07
N ASN I 2 -62.45 -41.99 28.46
CA ASN I 2 -63.36 -41.24 27.60
C ASN I 2 -62.59 -40.53 26.48
N THR I 3 -63.07 -40.64 25.25
CA THR I 3 -62.38 -40.05 24.11
C THR I 3 -63.26 -38.99 23.47
N ILE I 4 -62.71 -37.79 23.32
CA ILE I 4 -63.42 -36.71 22.65
C ILE I 4 -63.53 -37.02 21.16
N ASN I 5 -64.62 -36.56 20.55
CA ASN I 5 -64.88 -36.84 19.14
C ASN I 5 -64.17 -35.79 18.31
N ILE I 6 -63.02 -36.19 17.77
CA ILE I 6 -62.26 -35.38 16.83
C ILE I 6 -63.11 -35.09 15.61
N ALA I 7 -64.01 -36.02 15.25
CA ALA I 7 -64.80 -35.93 14.03
C ALA I 7 -65.59 -34.64 13.90
N LYS I 8 -66.04 -34.08 15.03
CA LYS I 8 -66.88 -32.88 14.98
C LYS I 8 -66.16 -31.71 14.33
N ASN I 9 -65.08 -31.23 14.95
CA ASN I 9 -64.33 -30.12 14.39
C ASN I 9 -63.22 -30.57 13.46
N ASP I 10 -62.46 -31.60 13.84
CA ASP I 10 -61.35 -32.04 12.99
C ASP I 10 -61.84 -32.65 11.68
N PHE I 11 -62.91 -33.41 11.70
CA PHE I 11 -63.28 -33.96 10.40
C PHE I 11 -64.05 -32.95 9.56
N SER I 12 -64.37 -31.77 10.10
CA SER I 12 -64.71 -30.66 9.22
C SER I 12 -63.48 -30.07 8.55
N ASP I 13 -62.29 -30.20 9.19
CA ASP I 13 -61.08 -29.62 8.59
C ASP I 13 -60.64 -30.42 7.37
N ILE I 14 -60.75 -31.76 7.43
CA ILE I 14 -60.40 -32.58 6.27
C ILE I 14 -61.35 -32.30 5.13
N GLU I 15 -62.62 -32.02 5.43
CA GLU I 15 -63.57 -31.64 4.38
C GLU I 15 -63.03 -30.49 3.55
N LEU I 16 -62.42 -29.50 4.21
CA LEU I 16 -61.79 -28.36 3.53
C LEU I 16 -62.77 -27.71 2.57
N ALA I 17 -63.98 -27.45 3.06
CA ALA I 17 -65.00 -26.91 2.18
C ALA I 17 -64.77 -25.43 1.83
N ALA I 18 -63.58 -24.92 2.12
CA ALA I 18 -63.16 -23.54 1.82
C ALA I 18 -62.17 -23.43 0.67
N ILE I 19 -61.17 -24.33 0.60
CA ILE I 19 -60.33 -24.43 -0.60
C ILE I 19 -61.34 -24.64 -1.70
N PRO I 20 -61.34 -23.80 -2.75
CA PRO I 20 -62.48 -23.79 -3.67
C PRO I 20 -62.77 -25.17 -4.23
N PHE I 21 -63.94 -25.70 -3.86
CA PHE I 21 -64.37 -26.95 -4.47
C PHE I 21 -64.61 -26.74 -5.96
N ASN I 22 -64.70 -25.47 -6.39
CA ASN I 22 -64.75 -25.15 -7.81
C ASN I 22 -63.47 -25.60 -8.52
N THR I 23 -62.33 -25.58 -7.83
CA THR I 23 -61.08 -26.13 -8.38
C THR I 23 -61.33 -27.52 -8.91
N LEU I 24 -62.04 -28.32 -8.12
CA LEU I 24 -62.56 -29.59 -8.61
C LEU I 24 -63.80 -29.42 -9.48
N ALA I 25 -64.71 -28.52 -9.08
CA ALA I 25 -66.04 -28.50 -9.70
C ALA I 25 -66.00 -27.99 -11.14
N ASP I 26 -65.15 -27.01 -11.43
CA ASP I 26 -65.07 -26.54 -12.82
C ASP I 26 -64.55 -27.63 -13.74
N HIS I 27 -63.52 -28.37 -13.31
CA HIS I 27 -62.93 -29.39 -14.17
C HIS I 27 -63.81 -30.64 -14.26
N TYR I 28 -64.47 -31.01 -13.15
CA TYR I 28 -65.17 -32.30 -13.09
C TYR I 28 -66.62 -32.23 -12.64
N GLY I 29 -67.14 -31.06 -12.30
CA GLY I 29 -68.52 -31.07 -11.85
C GLY I 29 -68.62 -31.04 -10.33
N GLU I 30 -69.65 -30.35 -9.84
CA GLU I 30 -69.77 -30.13 -8.41
C GLU I 30 -70.19 -31.39 -7.66
N ARG I 31 -71.12 -32.16 -8.23
CA ARG I 31 -71.62 -33.35 -7.55
C ARG I 31 -70.52 -34.35 -7.30
N LEU I 32 -69.69 -34.59 -8.32
CA LEU I 32 -68.55 -35.48 -8.15
C LEU I 32 -67.51 -34.89 -7.21
N ALA I 33 -67.30 -33.57 -7.29
CA ALA I 33 -66.40 -32.90 -6.36
C ALA I 33 -66.90 -33.01 -4.92
N ARG I 34 -68.19 -32.72 -4.70
CA ARG I 34 -68.77 -32.89 -3.38
C ARG I 34 -68.69 -34.34 -2.90
N GLU I 35 -68.99 -35.29 -3.78
CA GLU I 35 -68.93 -36.69 -3.38
C GLU I 35 -67.51 -37.09 -3.02
N GLN I 36 -66.54 -36.66 -3.82
CA GLN I 36 -65.14 -36.94 -3.51
C GLN I 36 -64.75 -36.37 -2.16
N LEU I 37 -65.12 -35.12 -1.92
CA LEU I 37 -64.84 -34.51 -0.62
C LEU I 37 -65.65 -35.16 0.49
N ALA I 38 -66.88 -35.58 0.19
CA ALA I 38 -67.65 -36.37 1.14
C ALA I 38 -66.98 -37.72 1.38
N LEU I 39 -66.40 -38.31 0.34
CA LEU I 39 -65.76 -39.63 0.49
C LEU I 39 -64.51 -39.53 1.38
N GLU I 40 -63.67 -38.52 1.15
CA GLU I 40 -62.48 -38.35 1.97
C GLU I 40 -62.84 -38.04 3.42
N HIS I 41 -63.83 -37.17 3.62
CA HIS I 41 -64.36 -36.92 4.96
C HIS I 41 -64.83 -38.22 5.60
N GLU I 42 -65.65 -38.98 4.88
CA GLU I 42 -66.16 -40.25 5.39
C GLU I 42 -65.02 -41.23 5.66
N SER I 43 -64.01 -41.23 4.79
CA SER I 43 -62.87 -42.14 4.96
C SER I 43 -62.14 -41.86 6.27
N TYR I 44 -62.06 -40.59 6.67
CA TYR I 44 -61.47 -40.27 7.97
C TYR I 44 -62.39 -40.66 9.11
N GLU I 45 -63.70 -40.46 8.95
CA GLU I 45 -64.67 -40.86 9.97
C GLU I 45 -64.65 -42.37 10.19
N MET I 46 -64.59 -43.14 9.10
CA MET I 46 -64.63 -44.59 9.20
C MET I 46 -63.43 -45.12 9.97
N GLY I 47 -62.25 -44.52 9.76
CA GLY I 47 -61.07 -44.95 10.48
C GLY I 47 -61.13 -44.62 11.96
N GLU I 48 -61.71 -43.48 12.31
CA GLU I 48 -61.85 -43.13 13.72
C GLU I 48 -62.76 -44.12 14.44
N ALA I 49 -63.85 -44.53 13.79
CA ALA I 49 -64.75 -45.52 14.38
C ALA I 49 -64.02 -46.85 14.59
N ARG I 50 -63.15 -47.22 13.65
CA ARG I 50 -62.37 -48.45 13.78
C ARG I 50 -61.45 -48.38 15.00
N PHE I 51 -60.79 -47.24 15.22
CA PHE I 51 -59.94 -47.08 16.39
C PHE I 51 -60.74 -47.19 17.68
N ARG I 52 -61.94 -46.59 17.71
CA ARG I 52 -62.74 -46.59 18.93
C ARG I 52 -63.19 -47.98 19.31
N LYS I 53 -63.64 -48.77 18.33
CA LYS I 53 -64.05 -50.14 18.62
C LYS I 53 -62.88 -50.97 19.13
N MET I 54 -61.71 -50.82 18.49
CA MET I 54 -60.52 -51.52 18.96
C MET I 54 -60.11 -51.05 20.35
N PHE I 55 -60.18 -49.74 20.60
CA PHE I 55 -59.80 -49.20 21.90
C PHE I 55 -60.71 -49.74 23.00
N GLU I 56 -62.02 -49.80 22.75
CA GLU I 56 -62.94 -50.29 23.76
C GLU I 56 -62.65 -51.75 24.12
N ARG I 57 -62.40 -52.58 23.11
CA ARG I 57 -62.10 -53.99 23.37
C ARG I 57 -60.83 -54.15 24.19
N GLN I 58 -59.81 -53.35 23.90
CA GLN I 58 -58.62 -53.33 24.74
C GLN I 58 -58.93 -52.85 26.14
N LEU I 59 -59.89 -51.91 26.27
CA LEU I 59 -60.28 -51.43 27.60
C LEU I 59 -60.95 -52.53 28.41
N LYS I 60 -61.81 -53.34 27.78
CA LYS I 60 -62.47 -54.43 28.49
C LYS I 60 -61.47 -55.50 28.91
N ALA I 61 -60.42 -55.72 28.13
CA ALA I 61 -59.46 -56.79 28.39
C ALA I 61 -58.22 -56.29 29.12
N GLY I 62 -58.25 -55.08 29.66
CA GLY I 62 -57.07 -54.53 30.31
C GLY I 62 -55.89 -54.38 29.38
N GLU I 63 -56.14 -54.22 28.09
CA GLU I 63 -55.10 -54.17 27.08
C GLU I 63 -54.77 -52.76 26.66
N VAL I 64 -55.19 -51.76 27.44
CA VAL I 64 -54.94 -50.36 27.09
C VAL I 64 -53.44 -50.08 27.04
N ALA I 65 -52.64 -50.78 27.86
CA ALA I 65 -51.20 -50.61 27.83
C ALA I 65 -50.60 -51.03 26.50
N ASP I 66 -51.24 -51.99 25.81
CA ASP I 66 -50.80 -52.34 24.46
C ASP I 66 -51.05 -51.21 23.48
N ASN I 67 -52.16 -50.50 23.62
CA ASN I 67 -52.55 -49.47 22.67
C ASN I 67 -51.50 -48.36 22.65
N ALA I 68 -51.26 -47.81 21.45
CA ALA I 68 -50.21 -46.82 21.28
C ALA I 68 -50.48 -45.56 22.08
N ALA I 69 -51.75 -45.28 22.39
CA ALA I 69 -52.09 -44.04 23.09
C ALA I 69 -51.62 -44.06 24.54
N ALA I 70 -51.50 -45.24 25.14
CA ALA I 70 -51.01 -45.33 26.51
C ALA I 70 -49.50 -45.46 26.60
N LYS I 71 -48.83 -45.76 25.49
CA LYS I 71 -47.37 -45.88 25.49
C LYS I 71 -46.64 -44.60 25.92
N PRO I 72 -46.93 -43.40 25.37
CA PRO I 72 -46.00 -42.28 25.60
C PRO I 72 -45.96 -41.82 27.05
N LEU I 73 -47.03 -42.02 27.82
CA LEU I 73 -46.89 -41.83 29.25
C LEU I 73 -45.98 -42.90 29.85
N ILE I 74 -46.24 -44.17 29.53
CA ILE I 74 -45.54 -45.29 30.16
C ILE I 74 -44.02 -45.16 29.97
N THR I 75 -43.59 -44.79 28.76
CA THR I 75 -42.16 -44.62 28.51
C THR I 75 -41.59 -43.44 29.28
N THR I 76 -42.41 -42.43 29.59
CA THR I 76 -41.93 -41.34 30.43
C THR I 76 -41.83 -41.78 31.90
N LEU I 77 -42.74 -42.65 32.33
CA LEU I 77 -42.85 -42.97 33.75
C LEU I 77 -41.97 -44.15 34.18
N LEU I 78 -41.67 -45.06 33.25
CA LEU I 78 -40.80 -46.19 33.55
C LEU I 78 -39.43 -45.81 34.10
N PRO I 79 -38.65 -44.89 33.51
CA PRO I 79 -37.31 -44.65 34.07
C PRO I 79 -37.35 -43.98 35.43
N LYS I 80 -38.32 -43.10 35.67
CA LYS I 80 -38.51 -42.55 37.00
C LYS I 80 -38.88 -43.64 38.00
N MET I 81 -39.75 -44.56 37.59
CA MET I 81 -40.00 -45.74 38.41
C MET I 81 -38.72 -46.55 38.59
N ILE I 82 -38.05 -46.87 37.47
CA ILE I 82 -36.84 -47.70 37.50
C ILE I 82 -35.79 -47.10 38.43
N ALA I 83 -35.60 -45.79 38.36
CA ALA I 83 -34.65 -45.13 39.25
C ALA I 83 -35.04 -45.33 40.71
N ARG I 84 -36.34 -45.30 41.01
CA ARG I 84 -36.76 -45.48 42.40
C ARG I 84 -36.63 -46.92 42.87
N ILE I 85 -36.71 -47.90 41.96
CA ILE I 85 -36.47 -49.29 42.36
C ILE I 85 -35.06 -49.46 42.90
N ASN I 86 -34.08 -48.96 42.15
CA ASN I 86 -32.68 -49.08 42.57
C ASN I 86 -32.37 -48.21 43.78
N ASP I 87 -33.10 -47.10 43.93
CA ASP I 87 -32.88 -46.23 45.08
C ASP I 87 -33.20 -46.94 46.39
N TRP I 88 -34.31 -47.71 46.44
CA TRP I 88 -34.60 -48.56 47.59
C TRP I 88 -33.62 -49.74 47.67
N PHE I 89 -33.24 -50.27 46.51
CA PHE I 89 -32.29 -51.36 46.49
C PHE I 89 -31.00 -50.94 47.17
N GLU I 90 -30.58 -49.69 46.93
CA GLU I 90 -29.45 -49.12 47.64
C GLU I 90 -29.74 -48.94 49.13
N GLU I 91 -30.94 -48.44 49.46
CA GLU I 91 -31.29 -48.20 50.87
C GLU I 91 -31.38 -49.51 51.65
N VAL I 92 -32.00 -50.54 51.07
CA VAL I 92 -32.06 -51.83 51.72
C VAL I 92 -30.68 -52.47 51.80
N LYS I 93 -29.86 -52.27 50.76
CA LYS I 93 -28.49 -52.77 50.80
C LYS I 93 -27.66 -52.02 51.83
N ALA I 94 -27.93 -50.73 52.00
CA ALA I 94 -27.15 -49.92 52.95
C ALA I 94 -27.38 -50.38 54.38
N LYS I 95 -28.62 -50.69 54.74
CA LYS I 95 -28.98 -51.03 56.12
C LYS I 95 -29.29 -52.51 56.23
N ARG I 96 -28.54 -53.22 57.06
CA ARG I 96 -28.82 -54.63 57.32
C ARG I 96 -30.14 -54.77 58.07
N GLY I 97 -31.00 -55.66 57.59
CA GLY I 97 -32.30 -55.87 58.21
C GLY I 97 -32.85 -57.26 57.98
N ILE I 109 -36.36 -61.03 39.52
CA ILE I 109 -36.81 -60.32 38.33
C ILE I 109 -35.96 -59.09 38.09
N LYS I 110 -35.87 -58.65 36.84
CA LYS I 110 -35.10 -57.46 36.50
C LYS I 110 -35.81 -56.22 37.02
N PRO I 111 -35.05 -55.17 37.38
CA PRO I 111 -35.69 -53.94 37.86
C PRO I 111 -36.61 -53.29 36.82
N GLU I 112 -36.24 -53.37 35.54
CA GLU I 112 -37.11 -52.83 34.50
C GLU I 112 -38.41 -53.62 34.41
N ALA I 113 -38.33 -54.95 34.52
CA ALA I 113 -39.53 -55.78 34.45
C ALA I 113 -40.48 -55.51 35.61
N VAL I 114 -39.93 -55.29 36.81
CA VAL I 114 -40.76 -54.97 37.97
C VAL I 114 -41.53 -53.68 37.72
N ALA I 115 -40.88 -52.68 37.11
CA ALA I 115 -41.55 -51.44 36.77
C ALA I 115 -42.63 -51.66 35.72
N TYR I 116 -42.29 -52.38 34.65
CA TYR I 116 -43.24 -52.57 33.56
C TYR I 116 -44.42 -53.44 33.99
N ILE I 117 -44.16 -54.48 34.77
CA ILE I 117 -45.24 -55.36 35.22
C ILE I 117 -46.17 -54.61 36.17
N THR I 118 -45.62 -53.72 37.01
CA THR I 118 -46.45 -52.96 37.93
C THR I 118 -47.37 -51.98 37.20
N ILE I 119 -46.82 -51.27 36.20
CA ILE I 119 -47.61 -50.28 35.48
C ILE I 119 -48.71 -50.93 34.66
N LYS I 120 -48.38 -52.03 33.96
CA LYS I 120 -49.36 -52.68 33.11
C LYS I 120 -50.49 -53.30 33.92
N THR I 121 -50.15 -54.00 35.00
CA THR I 121 -51.18 -54.66 35.81
C THR I 121 -52.08 -53.65 36.50
N THR I 122 -51.53 -52.51 36.92
CA THR I 122 -52.33 -51.47 37.56
C THR I 122 -53.29 -50.82 36.57
N LEU I 123 -52.79 -50.46 35.39
CA LEU I 123 -53.63 -49.81 34.39
C LEU I 123 -54.75 -50.72 33.93
N ALA I 124 -54.45 -52.02 33.78
CA ALA I 124 -55.47 -52.98 33.36
C ALA I 124 -56.59 -53.10 34.39
N CYS I 125 -56.23 -53.16 35.68
CA CYS I 125 -57.24 -53.29 36.72
C CYS I 125 -58.13 -52.05 36.79
N LEU I 126 -57.55 -50.86 36.65
CA LEU I 126 -58.35 -49.65 36.62
C LEU I 126 -59.18 -49.55 35.35
N THR I 127 -58.62 -49.98 34.22
CA THR I 127 -59.35 -49.94 32.95
C THR I 127 -60.57 -50.87 32.99
N SER I 128 -60.41 -52.05 33.56
CA SER I 128 -61.52 -52.99 33.67
C SER I 128 -62.06 -53.02 35.09
N ASN I 131 -63.22 -53.43 41.21
CA ASN I 131 -62.11 -53.98 41.97
C ASN I 131 -60.96 -52.99 42.10
N THR I 132 -61.31 -51.74 42.41
CA THR I 132 -60.30 -50.70 42.62
C THR I 132 -59.61 -50.81 43.97
N THR I 133 -59.92 -51.84 44.76
CA THR I 133 -59.30 -52.02 46.07
C THR I 133 -57.81 -52.25 45.91
N VAL I 134 -57.04 -51.71 46.86
CA VAL I 134 -55.58 -51.82 46.81
C VAL I 134 -55.12 -53.26 46.89
N GLN I 135 -55.85 -54.09 47.65
CA GLN I 135 -55.48 -55.49 47.75
C GLN I 135 -55.66 -56.22 46.43
N ALA I 136 -56.79 -56.02 45.76
CA ALA I 136 -57.08 -56.79 44.55
C ALA I 136 -56.01 -56.59 43.48
N VAL I 137 -55.56 -55.35 43.29
CA VAL I 137 -54.58 -55.06 42.25
C VAL I 137 -53.21 -55.65 42.60
N ALA I 138 -52.81 -55.55 43.88
CA ALA I 138 -51.52 -56.09 44.29
C ALA I 138 -51.49 -57.61 44.18
N SER I 139 -52.62 -58.26 44.47
CA SER I 139 -52.71 -59.71 44.31
C SER I 139 -52.55 -60.11 42.85
N ALA I 140 -53.16 -59.34 41.94
CA ALA I 140 -52.96 -59.58 40.52
C ALA I 140 -51.52 -59.27 40.10
N ILE I 141 -50.96 -58.18 40.63
CA ILE I 141 -49.57 -57.83 40.30
C ILE I 141 -48.61 -58.87 40.87
N GLY I 142 -48.92 -59.40 42.05
CA GLY I 142 -48.07 -60.43 42.63
C GLY I 142 -48.06 -61.72 41.83
N ARG I 143 -49.21 -62.07 41.25
CA ARG I 143 -49.28 -63.28 40.44
C ARG I 143 -48.42 -63.17 39.20
N ALA I 144 -48.39 -62.00 38.57
CA ALA I 144 -47.63 -61.82 37.33
C ALA I 144 -46.13 -61.90 37.59
N ILE I 145 -45.65 -61.26 38.66
CA ILE I 145 -44.22 -61.29 38.97
C ILE I 145 -43.77 -62.71 39.28
N GLU I 146 -44.58 -63.45 40.05
CA GLU I 146 -44.29 -64.86 40.30
C GLU I 146 -44.37 -65.66 39.00
N ASP I 147 -45.34 -65.35 38.15
CA ASP I 147 -45.45 -66.04 36.86
C ASP I 147 -44.24 -65.76 35.99
N GLU I 148 -43.72 -64.54 36.05
CA GLU I 148 -42.54 -64.19 35.25
C GLU I 148 -41.29 -64.91 35.76
N ALA I 149 -41.17 -65.07 37.08
CA ALA I 149 -39.94 -65.62 37.65
C ALA I 149 -39.80 -67.10 37.32
N ARG I 150 -40.86 -67.87 37.50
CA ARG I 150 -40.80 -69.30 37.18
C ARG I 150 -40.58 -69.52 35.69
N PHE I 151 -41.40 -68.88 34.86
CA PHE I 151 -41.26 -69.02 33.41
C PHE I 151 -39.94 -68.42 32.93
N GLY I 152 -39.55 -67.27 33.47
CA GLY I 152 -38.32 -66.62 33.06
C GLY I 152 -37.06 -67.41 33.38
N ARG I 153 -37.16 -68.41 34.27
CA ARG I 153 -36.03 -69.30 34.50
C ARG I 153 -35.67 -70.07 33.23
N ILE I 154 -36.68 -70.46 32.46
CA ILE I 154 -36.45 -71.14 31.19
C ILE I 154 -35.70 -70.23 30.23
N ARG I 155 -36.07 -68.94 30.20
CA ARG I 155 -35.38 -67.98 29.35
C ARG I 155 -33.93 -67.81 29.78
N ASP I 156 -33.70 -67.66 31.08
CA ASP I 156 -32.36 -67.40 31.60
C ASP I 156 -31.93 -68.47 32.59
N ALA I 159 -30.90 -74.48 29.42
CA ALA I 159 -31.82 -73.39 29.71
C ALA I 159 -32.10 -72.55 28.46
N LYS I 160 -31.20 -71.60 28.19
CA LYS I 160 -31.42 -70.65 27.10
C LYS I 160 -31.43 -71.33 25.74
N HIS I 161 -30.52 -72.28 25.52
CA HIS I 161 -30.49 -72.98 24.24
C HIS I 161 -31.76 -73.77 24.00
N PHE I 162 -32.25 -74.47 25.02
CA PHE I 162 -33.54 -75.14 24.89
C PHE I 162 -34.69 -74.15 24.82
N LYS I 163 -34.51 -72.96 25.41
CA LYS I 163 -35.52 -71.92 25.31
C LYS I 163 -35.69 -71.42 23.88
N LYS I 164 -34.61 -71.42 23.10
CA LYS I 164 -34.71 -71.00 21.70
C LYS I 164 -35.61 -71.93 20.90
N ASN I 165 -35.66 -73.22 21.27
CA ASN I 165 -36.56 -74.14 20.58
C ASN I 165 -38.01 -73.92 20.99
N VAL I 166 -38.26 -73.70 22.28
CA VAL I 166 -39.65 -73.52 22.74
C VAL I 166 -40.18 -72.12 22.54
N GLU I 167 -39.32 -71.15 22.19
CA GLU I 167 -39.77 -69.77 22.04
C GLU I 167 -40.80 -69.64 20.93
N GLU I 168 -40.56 -70.31 19.79
CA GLU I 168 -41.48 -70.19 18.66
C GLU I 168 -42.87 -70.71 19.02
N GLN I 169 -42.94 -71.79 19.79
CA GLN I 169 -44.24 -72.34 20.18
C GLN I 169 -44.96 -71.42 21.17
N LEU I 170 -44.22 -70.70 22.00
CA LEU I 170 -44.85 -69.69 22.86
C LEU I 170 -45.41 -68.55 22.03
N ASN I 171 -44.69 -68.13 20.99
CA ASN I 171 -45.15 -67.04 20.13
C ASN I 171 -46.42 -67.42 19.38
N LYS I 172 -46.52 -68.70 18.96
CA LYS I 172 -47.75 -69.15 18.31
C LYS I 172 -48.94 -69.17 19.27
N ARG I 173 -48.69 -69.32 20.57
CA ARG I 173 -49.76 -69.32 21.56
C ARG I 173 -50.31 -67.91 21.79
N VAL I 174 -51.63 -67.81 21.95
CA VAL I 174 -52.28 -66.51 22.03
C VAL I 174 -53.22 -66.48 23.22
N GLY I 175 -53.12 -65.44 24.05
CA GLY I 175 -54.00 -65.33 25.23
C GLY I 175 -53.34 -65.82 26.51
N HIS I 176 -53.18 -64.91 27.51
CA HIS I 176 -52.26 -65.03 28.64
C HIS I 176 -52.36 -66.40 29.26
N VAL I 177 -53.57 -66.92 29.22
CA VAL I 177 -53.82 -68.25 29.73
C VAL I 177 -53.18 -69.32 28.82
N TYR I 178 -53.29 -69.14 27.50
CA TYR I 178 -52.79 -70.14 26.55
C TYR I 178 -51.27 -70.17 26.48
N LYS I 179 -50.60 -69.02 26.63
CA LYS I 179 -49.15 -69.09 26.84
C LYS I 179 -48.79 -69.77 28.14
N LYS I 180 -49.59 -69.58 29.19
CA LYS I 180 -49.28 -70.19 30.49
C LYS I 180 -49.41 -71.69 30.45
N ALA I 181 -50.43 -72.21 29.77
CA ALA I 181 -50.58 -73.66 29.65
C ALA I 181 -49.36 -74.28 28.99
N PHE I 182 -48.83 -73.62 27.95
CA PHE I 182 -47.65 -74.13 27.26
C PHE I 182 -46.43 -74.10 28.17
N MET I 183 -46.17 -72.95 28.81
CA MET I 183 -45.03 -72.85 29.73
C MET I 183 -45.16 -73.81 30.91
N GLN I 184 -46.40 -74.10 31.34
CA GLN I 184 -46.60 -75.10 32.37
C GLN I 184 -46.19 -76.48 31.88
N VAL I 185 -46.53 -76.82 30.63
CA VAL I 185 -46.15 -78.12 30.09
C VAL I 185 -44.64 -78.21 29.88
N VAL I 186 -44.01 -77.14 29.38
CA VAL I 186 -42.58 -77.21 29.14
C VAL I 186 -41.82 -77.32 30.47
N GLU I 187 -42.24 -76.56 31.49
CA GLU I 187 -41.56 -76.65 32.79
C GLU I 187 -41.64 -78.07 33.34
N ALA I 188 -42.77 -78.74 33.14
CA ALA I 188 -42.86 -80.15 33.52
C ALA I 188 -41.89 -81.00 32.72
N ASP I 189 -41.87 -80.83 31.39
CA ASP I 189 -40.96 -81.60 30.55
C ASP I 189 -39.51 -81.30 30.89
N MET I 190 -39.17 -80.01 31.10
CA MET I 190 -37.83 -79.68 31.59
C MET I 190 -37.57 -80.33 32.93
N LEU I 191 -38.56 -80.33 33.84
CA LEU I 191 -38.35 -80.86 35.18
C LEU I 191 -38.45 -82.38 35.21
N SER I 192 -39.40 -82.96 34.47
CA SER I 192 -39.45 -84.42 34.33
C SER I 192 -38.17 -84.91 33.67
N LYS I 193 -37.58 -84.11 32.79
CA LYS I 193 -36.16 -84.28 32.48
C LYS I 193 -35.31 -83.91 33.70
N GLY I 194 -35.43 -82.67 34.15
CA GLY I 194 -34.60 -82.16 35.25
C GLY I 194 -33.83 -80.93 34.80
N LEU I 195 -34.24 -80.38 33.65
CA LEU I 195 -33.44 -79.37 32.97
C LEU I 195 -33.46 -78.02 33.69
N LEU I 196 -34.57 -77.65 34.32
CA LEU I 196 -34.63 -76.34 34.98
C LEU I 196 -33.90 -76.32 36.31
N GLY I 197 -33.53 -77.47 36.84
CA GLY I 197 -32.88 -77.53 38.13
C GLY I 197 -33.25 -78.75 38.92
N GLY I 198 -34.31 -79.45 38.51
CA GLY I 198 -34.99 -80.35 39.40
C GLY I 198 -35.72 -79.65 40.53
N GLU I 199 -35.42 -78.36 40.77
CA GLU I 199 -36.12 -77.53 41.74
C GLU I 199 -37.41 -77.06 41.10
N ALA I 200 -38.53 -77.62 41.55
CA ALA I 200 -39.82 -77.10 41.16
C ALA I 200 -39.96 -75.65 41.62
N TRP I 201 -40.87 -74.93 41.00
CA TRP I 201 -41.08 -73.55 41.41
C TRP I 201 -41.59 -73.50 42.84
N SER I 202 -40.98 -72.63 43.65
CA SER I 202 -41.44 -72.39 45.01
C SER I 202 -42.54 -71.34 44.96
N SER I 203 -43.77 -71.77 45.24
CA SER I 203 -44.91 -70.86 45.16
C SER I 203 -44.78 -69.74 46.18
N TRP I 204 -45.00 -68.51 45.73
CA TRP I 204 -44.97 -67.37 46.62
C TRP I 204 -46.10 -67.46 47.63
N HIS I 205 -45.81 -67.03 48.86
CA HIS I 205 -46.89 -66.90 49.84
C HIS I 205 -47.91 -65.91 49.32
N LYS I 206 -49.18 -66.28 49.47
CA LYS I 206 -50.26 -65.43 48.97
C LYS I 206 -50.22 -64.06 49.64
N GLU I 207 -49.90 -64.02 50.93
CA GLU I 207 -49.69 -62.74 51.60
C GLU I 207 -48.34 -62.12 51.24
N ASP I 208 -47.37 -62.91 50.78
CA ASP I 208 -46.16 -62.28 50.30
C ASP I 208 -46.35 -61.67 48.92
N SER I 209 -47.06 -62.37 48.03
CA SER I 209 -47.31 -61.82 46.70
C SER I 209 -48.09 -60.52 46.77
N ILE I 210 -49.06 -60.43 47.70
CA ILE I 210 -49.71 -59.15 47.93
C ILE I 210 -48.72 -58.15 48.53
N HIS I 211 -47.77 -58.63 49.35
CA HIS I 211 -46.74 -57.75 49.89
C HIS I 211 -45.85 -57.19 48.77
N VAL I 212 -45.47 -58.04 47.82
CA VAL I 212 -44.66 -57.57 46.69
C VAL I 212 -45.44 -56.55 45.87
N GLY I 213 -46.73 -56.80 45.65
CA GLY I 213 -47.59 -55.85 44.99
C GLY I 213 -47.56 -54.49 45.67
N VAL I 214 -48.13 -54.43 46.90
CA VAL I 214 -48.25 -53.18 47.66
C VAL I 214 -46.96 -52.40 47.62
N ARG I 215 -45.86 -53.10 47.82
CA ARG I 215 -44.53 -52.52 47.76
C ARG I 215 -44.29 -51.87 46.38
N CYS I 216 -44.61 -52.57 45.30
CA CYS I 216 -44.41 -51.99 43.98
C CYS I 216 -45.39 -50.86 43.70
N ILE I 217 -46.62 -50.96 44.22
CA ILE I 217 -47.55 -49.84 44.11
C ILE I 217 -47.01 -48.63 44.84
N GLU I 218 -46.60 -48.82 46.10
CA GLU I 218 -46.13 -47.70 46.93
C GLU I 218 -44.98 -46.97 46.26
N MET I 219 -44.09 -47.71 45.61
CA MET I 219 -43.01 -47.10 44.85
C MET I 219 -43.56 -46.26 43.70
N LEU I 220 -44.64 -46.74 43.07
CA LEU I 220 -45.19 -46.06 41.90
C LEU I 220 -45.73 -44.69 42.27
N ILE I 221 -46.46 -44.59 43.39
CA ILE I 221 -47.02 -43.31 43.79
C ILE I 221 -45.90 -42.32 44.13
N GLU I 222 -44.87 -42.80 44.82
CA GLU I 222 -43.73 -41.93 45.11
C GLU I 222 -43.04 -41.49 43.81
N SER I 223 -42.80 -42.43 42.91
CA SER I 223 -42.06 -42.08 41.70
C SER I 223 -42.92 -41.28 40.74
N THR I 224 -44.18 -41.66 40.55
CA THR I 224 -45.07 -40.96 39.63
C THR I 224 -46.40 -40.68 40.31
N GLY I 225 -47.08 -39.64 39.82
CA GLY I 225 -48.38 -39.31 40.36
C GLY I 225 -49.54 -40.06 39.76
N MET I 226 -49.28 -41.10 38.95
CA MET I 226 -50.33 -41.74 38.14
C MET I 226 -51.43 -42.35 39.01
N VAL I 227 -51.10 -42.82 40.21
CA VAL I 227 -52.10 -43.44 41.08
C VAL I 227 -52.24 -42.66 42.36
N LEU I 246 -56.64 -43.72 39.21
CA LEU I 246 -55.70 -43.11 38.27
C LEU I 246 -55.81 -41.58 38.30
N ALA I 247 -54.67 -40.90 38.25
CA ALA I 247 -54.67 -39.46 38.23
C ALA I 247 -55.35 -38.94 36.96
N PRO I 248 -56.06 -37.82 37.03
CA PRO I 248 -56.78 -37.33 35.84
C PRO I 248 -55.87 -37.00 34.67
N GLU I 249 -54.78 -36.28 34.92
CA GLU I 249 -53.90 -35.81 33.85
C GLU I 249 -53.40 -36.95 32.98
N TYR I 250 -53.15 -38.10 33.59
CA TYR I 250 -52.73 -39.27 32.83
C TYR I 250 -53.89 -39.87 32.05
N ALA I 251 -55.11 -39.73 32.55
CA ALA I 251 -56.28 -40.27 31.86
C ALA I 251 -56.64 -39.42 30.65
N GLU I 252 -56.51 -38.10 30.74
CA GLU I 252 -56.75 -37.28 29.56
C GLU I 252 -55.62 -37.43 28.55
N ALA I 253 -54.41 -37.75 29.02
CA ALA I 253 -53.27 -37.94 28.12
C ALA I 253 -53.49 -39.13 27.19
N ILE I 254 -54.02 -40.25 27.73
CA ILE I 254 -54.38 -41.36 26.86
C ILE I 254 -55.51 -40.94 25.93
N ALA I 255 -56.44 -40.13 26.44
CA ALA I 255 -57.61 -39.74 25.67
C ALA I 255 -57.23 -38.81 24.53
N THR I 256 -56.44 -37.78 24.84
CA THR I 256 -56.01 -36.83 23.81
C THR I 256 -55.16 -37.52 22.76
N ARG I 257 -54.26 -38.41 23.18
CA ARG I 257 -53.48 -39.18 22.23
C ARG I 257 -54.37 -40.13 21.43
N ALA I 258 -55.30 -40.82 22.10
CA ALA I 258 -56.23 -41.68 21.38
C ALA I 258 -57.07 -40.87 20.40
N GLY I 259 -57.45 -39.65 20.79
CA GLY I 259 -58.16 -38.78 19.87
C GLY I 259 -57.33 -38.45 18.64
N ALA I 260 -56.09 -38.01 18.87
CA ALA I 260 -55.21 -37.69 17.74
C ALA I 260 -54.98 -38.90 16.85
N LEU I 261 -54.94 -40.11 17.44
CA LEU I 261 -54.71 -41.33 16.66
C LEU I 261 -55.93 -41.75 15.86
N ALA I 262 -57.13 -41.37 16.26
CA ALA I 262 -58.31 -41.67 15.45
C ALA I 262 -58.35 -40.82 14.20
N GLY I 263 -57.75 -39.63 14.24
CA GLY I 263 -57.78 -38.73 13.10
C GLY I 263 -56.77 -39.04 12.02
N ILE I 264 -55.67 -39.71 12.36
CA ILE I 264 -54.60 -39.95 11.40
C ILE I 264 -54.66 -41.36 10.81
N SER I 265 -55.76 -42.07 11.02
CA SER I 265 -55.89 -43.46 10.57
C SER I 265 -57.13 -43.62 9.71
N PRO I 266 -57.17 -43.01 8.53
CA PRO I 266 -58.37 -43.10 7.68
C PRO I 266 -58.46 -44.43 6.96
N MET I 267 -59.69 -44.79 6.60
CA MET I 267 -59.97 -45.96 5.77
C MET I 267 -60.13 -45.45 4.34
N PHE I 268 -59.02 -45.44 3.61
CA PHE I 268 -58.98 -44.79 2.30
C PHE I 268 -59.89 -45.50 1.31
N GLN I 269 -60.58 -44.69 0.50
CA GLN I 269 -61.56 -45.15 -0.48
C GLN I 269 -61.14 -44.71 -1.87
N PRO I 270 -61.66 -45.38 -2.92
CA PRO I 270 -61.35 -44.94 -4.28
C PRO I 270 -61.92 -43.56 -4.56
N CYS I 271 -61.32 -42.89 -5.54
CA CYS I 271 -61.75 -41.55 -5.93
C CYS I 271 -62.83 -41.62 -6.99
N VAL I 272 -63.85 -40.77 -6.83
CA VAL I 272 -64.89 -40.65 -7.86
C VAL I 272 -64.55 -39.59 -8.90
N VAL I 273 -63.53 -38.77 -8.66
CA VAL I 273 -62.97 -37.87 -9.67
C VAL I 273 -61.55 -38.35 -9.95
N PRO I 274 -60.89 -37.88 -11.01
CA PRO I 274 -59.49 -38.24 -11.20
C PRO I 274 -58.65 -37.75 -10.04
N PRO I 275 -57.58 -38.47 -9.70
CA PRO I 275 -56.77 -38.09 -8.54
C PRO I 275 -56.04 -36.78 -8.79
N LYS I 276 -55.68 -36.13 -7.69
CA LYS I 276 -54.87 -34.92 -7.78
C LYS I 276 -53.45 -35.31 -8.24
N PRO I 277 -52.91 -34.67 -9.27
CA PRO I 277 -51.56 -35.02 -9.71
C PRO I 277 -50.51 -34.66 -8.67
N TRP I 278 -49.50 -35.51 -8.55
CA TRP I 278 -48.41 -35.30 -7.60
C TRP I 278 -47.46 -34.26 -8.15
N THR I 279 -47.42 -33.09 -7.52
CA THR I 279 -46.42 -32.08 -7.82
C THR I 279 -45.34 -31.99 -6.75
N GLY I 280 -45.45 -32.77 -5.69
CA GLY I 280 -44.51 -32.65 -4.61
C GLY I 280 -44.51 -33.86 -3.71
N ILE I 281 -43.82 -33.71 -2.58
CA ILE I 281 -43.64 -34.82 -1.64
C ILE I 281 -44.95 -35.24 -1.02
N THR I 282 -45.78 -34.26 -0.65
CA THR I 282 -47.04 -34.53 0.03
C THR I 282 -48.17 -33.86 -0.73
N GLY I 283 -49.40 -34.28 -0.41
CA GLY I 283 -50.59 -33.63 -0.92
C GLY I 283 -51.14 -34.18 -2.22
N GLY I 284 -50.50 -35.16 -2.82
CA GLY I 284 -51.00 -35.76 -4.04
C GLY I 284 -52.13 -36.74 -3.77
N GLY I 285 -52.71 -37.24 -4.86
CA GLY I 285 -53.72 -38.27 -4.75
C GLY I 285 -55.09 -37.73 -4.44
N TYR I 286 -55.48 -37.83 -3.17
CA TYR I 286 -56.70 -37.21 -2.70
C TYR I 286 -56.59 -35.69 -2.72
N TRP I 287 -57.72 -35.04 -2.95
CA TRP I 287 -57.70 -33.59 -3.16
C TRP I 287 -57.74 -32.82 -1.84
N ALA I 288 -58.51 -33.32 -0.88
CA ALA I 288 -58.76 -32.58 0.36
C ALA I 288 -57.48 -32.40 1.17
N ASN I 289 -57.34 -31.22 1.78
CA ASN I 289 -56.32 -31.04 2.80
C ASN I 289 -56.68 -31.88 4.01
N GLY I 290 -55.70 -32.61 4.53
CA GLY I 290 -55.96 -33.56 5.60
C GLY I 290 -54.96 -33.43 6.73
N ARG I 291 -55.39 -33.93 7.89
CA ARG I 291 -54.46 -34.08 9.01
C ARG I 291 -53.36 -35.09 8.67
N ARG I 292 -53.71 -36.11 7.88
CA ARG I 292 -52.75 -37.08 7.34
C ARG I 292 -52.74 -36.94 5.82
N PRO I 293 -51.96 -36.02 5.26
CA PRO I 293 -51.86 -35.95 3.80
C PRO I 293 -51.11 -37.15 3.26
N LEU I 294 -51.31 -37.41 1.97
CA LEU I 294 -50.61 -38.49 1.32
C LEU I 294 -49.14 -38.13 1.14
N ALA I 295 -48.27 -39.13 1.25
CA ALA I 295 -46.85 -38.98 1.04
C ALA I 295 -46.44 -39.76 -0.20
N LEU I 296 -45.60 -39.14 -1.03
CA LEU I 296 -45.17 -39.80 -2.26
C LEU I 296 -44.41 -41.09 -1.95
N VAL I 297 -43.53 -41.05 -0.96
CA VAL I 297 -42.74 -42.20 -0.56
C VAL I 297 -43.15 -42.58 0.86
N ARG I 298 -43.59 -43.82 1.04
CA ARG I 298 -43.96 -44.32 2.36
C ARG I 298 -42.69 -44.60 3.15
N THR I 299 -42.43 -43.77 4.15
CA THR I 299 -41.22 -43.85 4.95
C THR I 299 -41.57 -43.96 6.42
N HIS I 300 -40.79 -44.75 7.15
CA HIS I 300 -40.99 -44.86 8.59
C HIS I 300 -40.62 -43.57 9.31
N SER I 301 -39.62 -42.86 8.81
CA SER I 301 -39.19 -41.61 9.38
C SER I 301 -39.67 -40.43 8.54
N LYS I 302 -39.96 -39.33 9.20
CA LYS I 302 -40.28 -38.10 8.48
C LYS I 302 -39.05 -37.55 7.76
N LYS I 303 -37.87 -37.79 8.33
CA LYS I 303 -36.63 -37.34 7.70
C LYS I 303 -36.41 -38.04 6.36
N ALA I 304 -36.68 -39.35 6.30
CA ALA I 304 -36.50 -40.08 5.05
C ALA I 304 -37.42 -39.54 3.96
N LEU I 305 -38.62 -39.11 4.34
CA LEU I 305 -39.50 -38.44 3.39
C LEU I 305 -38.94 -37.08 2.96
N MET I 306 -38.29 -36.37 3.89
CA MET I 306 -37.78 -35.04 3.60
C MET I 306 -36.69 -35.07 2.53
N ARG I 307 -35.92 -36.17 2.46
CA ARG I 307 -34.83 -36.24 1.49
C ARG I 307 -35.32 -36.16 0.06
N TYR I 308 -36.55 -36.62 -0.19
CA TYR I 308 -37.08 -36.66 -1.54
C TYR I 308 -37.51 -35.29 -2.05
N GLU I 309 -37.66 -34.30 -1.16
CA GLU I 309 -38.13 -32.98 -1.59
C GLU I 309 -37.10 -32.29 -2.47
N ASP I 310 -35.82 -32.37 -2.10
CA ASP I 310 -34.79 -31.71 -2.89
C ASP I 310 -34.52 -32.45 -4.19
N VAL I 311 -34.80 -33.75 -4.24
CA VAL I 311 -34.47 -34.54 -5.43
C VAL I 311 -35.33 -34.11 -6.60
N TYR I 312 -34.69 -33.96 -7.76
CA TYR I 312 -35.36 -33.67 -9.01
C TYR I 312 -35.49 -34.99 -9.77
N MET I 313 -36.69 -35.57 -9.75
CA MET I 313 -36.98 -36.83 -10.43
C MET I 313 -38.24 -36.65 -11.27
N PRO I 314 -38.14 -35.89 -12.38
CA PRO I 314 -39.35 -35.61 -13.17
C PRO I 314 -40.01 -36.86 -13.74
N GLU I 315 -39.22 -37.85 -14.16
CA GLU I 315 -39.80 -39.03 -14.79
C GLU I 315 -40.52 -39.92 -13.78
N VAL I 316 -40.07 -39.93 -12.53
CA VAL I 316 -40.78 -40.65 -11.48
C VAL I 316 -42.17 -40.05 -11.29
N TYR I 317 -42.24 -38.71 -11.23
CA TYR I 317 -43.51 -38.03 -11.02
C TYR I 317 -44.47 -38.29 -12.17
N LYS I 318 -43.96 -38.33 -13.41
CA LYS I 318 -44.83 -38.57 -14.56
C LYS I 318 -45.51 -39.92 -14.45
N ALA I 319 -44.75 -40.97 -14.11
CA ALA I 319 -45.31 -42.32 -14.04
C ALA I 319 -46.45 -42.41 -13.05
N ILE I 320 -46.26 -41.87 -11.85
CA ILE I 320 -47.30 -41.91 -10.83
C ILE I 320 -48.56 -41.19 -11.31
N ASN I 321 -48.39 -40.08 -12.02
CA ASN I 321 -49.54 -39.30 -12.45
C ASN I 321 -50.30 -39.99 -13.58
N ILE I 322 -49.58 -40.61 -14.52
CA ILE I 322 -50.27 -41.39 -15.56
C ILE I 322 -50.97 -42.60 -14.95
N ALA I 323 -50.34 -43.24 -13.96
CA ALA I 323 -50.95 -44.38 -13.30
C ALA I 323 -52.25 -43.97 -12.59
N GLN I 324 -52.20 -42.86 -11.84
CA GLN I 324 -53.40 -42.35 -11.19
C GLN I 324 -54.49 -42.03 -12.19
N ASN I 325 -54.13 -41.67 -13.42
CA ASN I 325 -55.10 -41.24 -14.42
C ASN I 325 -55.89 -42.40 -15.02
N THR I 326 -55.48 -43.64 -14.79
CA THR I 326 -56.24 -44.79 -15.28
C THR I 326 -57.63 -44.81 -14.67
N ALA I 327 -58.65 -44.90 -15.53
CA ALA I 327 -60.04 -44.85 -15.10
C ALA I 327 -60.61 -46.26 -15.08
N TRP I 328 -61.12 -46.67 -13.92
CA TRP I 328 -61.66 -48.01 -13.72
C TRP I 328 -63.17 -47.96 -13.56
N LYS I 329 -63.81 -49.09 -13.83
CA LYS I 329 -65.23 -49.29 -13.55
C LYS I 329 -65.39 -50.66 -12.90
N ILE I 330 -66.39 -50.79 -12.04
CA ILE I 330 -66.67 -52.07 -11.42
C ILE I 330 -67.34 -52.99 -12.44
N ASN I 331 -66.80 -54.19 -12.62
CA ASN I 331 -67.39 -55.19 -13.51
C ASN I 331 -68.68 -55.69 -12.87
N LYS I 332 -69.81 -55.18 -13.36
CA LYS I 332 -71.09 -55.50 -12.74
C LYS I 332 -71.44 -56.98 -12.87
N LYS I 333 -71.13 -57.58 -14.03
CA LYS I 333 -71.46 -58.98 -14.26
C LYS I 333 -70.73 -59.88 -13.29
N VAL I 334 -69.45 -59.60 -13.03
CA VAL I 334 -68.71 -60.35 -12.02
C VAL I 334 -69.32 -60.13 -10.65
N LEU I 335 -69.69 -58.88 -10.33
CA LEU I 335 -70.19 -58.54 -9.00
C LEU I 335 -71.49 -59.27 -8.68
N ALA I 336 -72.38 -59.38 -9.66
CA ALA I 336 -73.66 -60.07 -9.44
C ALA I 336 -73.43 -61.53 -9.08
N VAL I 337 -72.51 -62.20 -9.78
CA VAL I 337 -72.15 -63.57 -9.42
C VAL I 337 -71.55 -63.61 -8.03
N ALA I 338 -70.61 -62.70 -7.75
CA ALA I 338 -69.93 -62.69 -6.46
C ALA I 338 -70.92 -62.45 -5.32
N ASN I 339 -71.91 -61.58 -5.54
CA ASN I 339 -72.84 -61.25 -4.47
C ASN I 339 -73.64 -62.45 -4.00
N VAL I 340 -74.02 -63.35 -4.93
CA VAL I 340 -74.84 -64.48 -4.50
C VAL I 340 -73.99 -65.57 -3.85
N ILE I 341 -72.83 -65.91 -4.43
CA ILE I 341 -72.08 -67.05 -3.90
C ILE I 341 -71.45 -66.73 -2.55
N THR I 342 -71.18 -65.44 -2.29
CA THR I 342 -70.60 -65.08 -1.00
C THR I 342 -71.60 -65.26 0.14
N LYS I 343 -72.90 -65.20 -0.15
CA LYS I 343 -73.89 -65.43 0.92
C LYS I 343 -74.01 -66.90 1.25
N TRP I 344 -73.68 -67.78 0.33
CA TRP I 344 -73.85 -69.21 0.54
C TRP I 344 -72.58 -69.87 1.06
N LYS I 345 -71.42 -69.38 0.68
CA LYS I 345 -70.15 -69.97 1.05
C LYS I 345 -69.29 -68.95 1.78
N HIS I 346 -68.61 -69.41 2.83
CA HIS I 346 -67.66 -68.55 3.54
C HIS I 346 -66.59 -68.06 2.58
N CYS I 347 -66.09 -68.94 1.72
CA CYS I 347 -65.32 -68.55 0.56
C CYS I 347 -66.02 -69.09 -0.70
N PRO I 348 -66.25 -68.25 -1.70
CA PRO I 348 -67.07 -68.67 -2.85
C PRO I 348 -66.51 -69.86 -3.61
N VAL I 349 -65.20 -70.07 -3.62
CA VAL I 349 -64.57 -71.07 -4.47
C VAL I 349 -63.81 -72.12 -3.70
N GLU I 350 -63.82 -72.09 -2.37
CA GLU I 350 -62.90 -72.94 -1.60
C GLU I 350 -63.27 -74.41 -1.69
N ASP I 351 -64.54 -74.74 -1.49
CA ASP I 351 -64.99 -76.13 -1.48
C ASP I 351 -66.14 -76.27 -2.47
N ILE I 352 -65.84 -76.79 -3.66
CA ILE I 352 -66.83 -77.01 -4.70
C ILE I 352 -67.05 -78.51 -4.83
N PRO I 353 -68.29 -79.01 -4.77
CA PRO I 353 -68.53 -80.42 -5.10
C PRO I 353 -68.04 -80.76 -6.49
N ALA I 354 -67.23 -81.81 -6.58
CA ALA I 354 -66.61 -82.19 -7.84
C ALA I 354 -67.04 -83.60 -8.24
N TRP I 377 -49.98 -86.55 13.34
CA TRP I 377 -51.17 -85.84 12.90
C TRP I 377 -51.63 -84.83 13.96
N LYS I 378 -50.98 -84.87 15.12
CA LYS I 378 -51.24 -83.85 16.14
C LYS I 378 -50.83 -82.48 15.63
N ARG I 379 -49.71 -82.40 14.91
CA ARG I 379 -49.33 -81.16 14.24
C ARG I 379 -50.35 -80.78 13.18
N ALA I 380 -50.90 -81.77 12.47
CA ALA I 380 -51.96 -81.49 11.51
C ALA I 380 -53.19 -80.92 12.20
N ALA I 381 -53.48 -81.40 13.43
CA ALA I 381 -54.60 -80.86 14.19
C ALA I 381 -54.36 -79.44 14.66
N ALA I 382 -53.09 -79.05 14.84
CA ALA I 382 -52.80 -77.64 15.07
C ALA I 382 -53.08 -76.81 13.82
N ALA I 383 -52.89 -77.40 12.64
CA ALA I 383 -53.05 -76.66 11.39
C ALA I 383 -54.52 -76.37 11.10
N VAL I 384 -55.43 -77.29 11.45
CA VAL I 384 -56.84 -77.04 11.17
C VAL I 384 -57.34 -75.89 12.02
N TYR I 385 -56.79 -75.71 13.23
CA TYR I 385 -57.07 -74.50 14.01
C TYR I 385 -56.66 -73.25 13.22
N ARG I 386 -55.46 -73.27 12.64
CA ARG I 386 -55.02 -72.17 11.79
C ARG I 386 -55.96 -71.96 10.62
N LYS I 387 -56.51 -73.04 10.06
CA LYS I 387 -57.46 -72.92 8.96
C LYS I 387 -58.73 -72.22 9.41
N ASP I 388 -59.19 -72.50 10.63
CA ASP I 388 -60.37 -71.82 11.15
C ASP I 388 -60.13 -70.32 11.31
N LYS I 389 -58.94 -69.94 11.80
CA LYS I 389 -58.56 -68.53 11.81
C LYS I 389 -58.48 -68.00 10.39
N ALA I 390 -57.90 -68.79 9.48
CA ALA I 390 -57.81 -68.37 8.09
C ALA I 390 -59.20 -68.09 7.53
N ARG I 391 -60.14 -69.04 7.70
CA ARG I 391 -61.47 -68.92 7.14
C ARG I 391 -62.18 -67.65 7.61
N LYS I 392 -62.03 -67.30 8.89
CA LYS I 392 -62.53 -66.02 9.36
C LYS I 392 -61.88 -64.88 8.60
N SER I 393 -60.54 -64.78 8.68
CA SER I 393 -59.81 -63.61 8.20
C SER I 393 -60.15 -63.25 6.75
N ARG I 394 -60.25 -64.25 5.88
CA ARG I 394 -60.60 -63.98 4.49
C ARG I 394 -61.99 -63.40 4.37
N ARG I 395 -62.91 -63.80 5.25
CA ARG I 395 -64.28 -63.29 5.16
C ARG I 395 -64.36 -61.80 5.45
N ILE I 396 -63.62 -61.31 6.46
CA ILE I 396 -63.69 -59.87 6.74
C ILE I 396 -63.18 -59.06 5.56
N SER I 397 -62.04 -59.47 4.98
CA SER I 397 -61.53 -58.79 3.81
C SER I 397 -62.49 -58.93 2.63
N LEU I 398 -63.08 -60.11 2.46
CA LEU I 398 -64.03 -60.33 1.37
C LEU I 398 -65.25 -59.44 1.52
N GLU I 399 -65.79 -59.34 2.73
CA GLU I 399 -67.00 -58.55 2.93
C GLU I 399 -66.76 -57.07 2.67
N PHE I 400 -65.60 -56.55 3.07
CA PHE I 400 -65.31 -55.16 2.79
C PHE I 400 -65.11 -54.91 1.29
N MET I 401 -64.38 -55.81 0.62
CA MET I 401 -64.16 -55.65 -0.82
C MET I 401 -65.49 -55.68 -1.57
N LEU I 402 -66.38 -56.60 -1.19
CA LEU I 402 -67.72 -56.63 -1.78
C LEU I 402 -68.48 -55.34 -1.48
N GLU I 403 -68.37 -54.84 -0.25
CA GLU I 403 -69.11 -53.64 0.14
C GLU I 403 -68.69 -52.44 -0.71
N GLN I 404 -67.38 -52.23 -0.86
CA GLN I 404 -66.89 -51.14 -1.68
C GLN I 404 -67.30 -51.32 -3.13
N ALA I 405 -67.14 -52.53 -3.66
CA ALA I 405 -67.47 -52.78 -5.06
C ALA I 405 -68.93 -52.51 -5.34
N ASN I 406 -69.81 -52.88 -4.41
CA ASN I 406 -71.21 -52.52 -4.53
C ASN I 406 -71.43 -51.02 -4.41
N LYS I 407 -70.67 -50.37 -3.51
CA LYS I 407 -70.85 -48.94 -3.28
C LYS I 407 -70.53 -48.13 -4.53
N PHE I 408 -69.52 -48.54 -5.30
CA PHE I 408 -69.10 -47.84 -6.50
C PHE I 408 -69.56 -48.53 -7.78
N ALA I 409 -70.43 -49.54 -7.67
CA ALA I 409 -70.85 -50.29 -8.85
C ALA I 409 -71.61 -49.40 -9.84
N ASN I 410 -72.31 -48.38 -9.34
CA ASN I 410 -73.10 -47.51 -10.20
C ASN I 410 -72.29 -46.39 -10.82
N HIS I 411 -71.13 -46.05 -10.25
CA HIS I 411 -70.33 -44.95 -10.78
C HIS I 411 -69.79 -45.29 -12.16
N LYS I 412 -69.86 -44.32 -13.07
CA LYS I 412 -69.38 -44.53 -14.43
C LYS I 412 -67.86 -44.71 -14.49
N ALA I 413 -67.14 -44.17 -13.51
CA ALA I 413 -65.71 -44.42 -13.38
C ALA I 413 -65.28 -44.12 -11.95
N ILE I 414 -64.26 -44.84 -11.49
CA ILE I 414 -63.59 -44.57 -10.23
C ILE I 414 -62.09 -44.57 -10.49
N TRP I 415 -61.35 -43.85 -9.64
CA TRP I 415 -59.91 -43.74 -9.78
C TRP I 415 -59.23 -44.07 -8.46
N PHE I 416 -57.98 -44.51 -8.57
CA PHE I 416 -57.17 -44.85 -7.40
C PHE I 416 -55.94 -43.97 -7.36
N PRO I 417 -55.69 -43.25 -6.26
CA PRO I 417 -54.40 -42.57 -6.11
C PRO I 417 -53.28 -43.58 -5.91
N TYR I 418 -52.05 -43.12 -6.18
CA TYR I 418 -50.88 -43.97 -6.08
C TYR I 418 -49.76 -43.27 -5.34
N ASN I 419 -48.97 -44.06 -4.61
CA ASN I 419 -47.70 -43.63 -4.04
C ASN I 419 -46.73 -44.81 -4.14
N MET I 420 -45.62 -44.73 -3.42
CA MET I 420 -44.59 -45.76 -3.51
C MET I 420 -43.96 -45.99 -2.15
N ASP I 421 -43.41 -47.20 -1.96
CA ASP I 421 -42.63 -47.48 -0.77
C ASP I 421 -41.24 -46.87 -0.91
N TRP I 422 -40.39 -47.09 0.10
CA TRP I 422 -39.07 -46.48 0.08
C TRP I 422 -38.20 -47.04 -1.04
N ARG I 423 -38.47 -48.28 -1.47
CA ARG I 423 -37.76 -48.83 -2.62
C ARG I 423 -38.28 -48.31 -3.95
N GLY I 424 -39.41 -47.61 -3.96
CA GLY I 424 -39.95 -47.06 -5.18
C GLY I 424 -40.98 -47.91 -5.89
N ARG I 425 -41.31 -49.09 -5.36
CA ARG I 425 -42.41 -49.87 -5.93
C ARG I 425 -43.72 -49.13 -5.74
N VAL I 426 -44.58 -49.18 -6.74
CA VAL I 426 -45.76 -48.33 -6.82
C VAL I 426 -46.97 -49.08 -6.25
N TYR I 427 -47.66 -48.46 -5.31
CA TYR I 427 -48.79 -49.04 -4.61
C TYR I 427 -50.00 -48.13 -4.71
N ALA I 428 -51.16 -48.72 -4.95
CA ALA I 428 -52.41 -47.96 -4.94
C ALA I 428 -52.84 -47.69 -3.50
N VAL I 429 -53.30 -46.47 -3.25
CA VAL I 429 -53.50 -45.99 -1.90
C VAL I 429 -54.74 -46.60 -1.25
N SER I 430 -55.83 -46.71 -2.01
CA SER I 430 -57.10 -47.15 -1.44
C SER I 430 -57.02 -48.59 -0.94
N MET I 431 -57.76 -48.85 0.14
CA MET I 431 -57.85 -50.21 0.66
C MET I 431 -58.43 -51.17 -0.38
N PHE I 432 -59.43 -50.70 -1.13
CA PHE I 432 -59.97 -51.42 -2.28
C PHE I 432 -59.26 -50.91 -3.53
N ASN I 433 -58.47 -51.78 -4.17
CA ASN I 433 -57.59 -51.36 -5.26
C ASN I 433 -57.40 -52.54 -6.19
N PRO I 434 -56.86 -52.31 -7.39
CA PRO I 434 -56.64 -53.42 -8.33
C PRO I 434 -55.45 -54.31 -8.01
N GLN I 435 -54.81 -54.16 -6.85
CA GLN I 435 -53.67 -54.99 -6.48
C GLN I 435 -54.05 -56.05 -5.45
N GLY I 436 -55.32 -56.45 -5.42
CA GLY I 436 -55.84 -57.37 -4.43
C GLY I 436 -55.90 -58.80 -4.92
N ASN I 437 -56.78 -59.57 -4.28
CA ASN I 437 -56.94 -60.99 -4.60
C ASN I 437 -57.72 -61.18 -5.90
N ASP I 438 -57.84 -62.44 -6.32
CA ASP I 438 -58.44 -62.75 -7.61
C ASP I 438 -59.86 -62.21 -7.73
N MET I 439 -60.62 -62.27 -6.64
CA MET I 439 -61.98 -61.73 -6.68
C MET I 439 -61.98 -60.21 -6.72
N THR I 440 -61.04 -59.58 -6.02
CA THR I 440 -60.90 -58.13 -6.10
C THR I 440 -60.50 -57.69 -7.51
N LYS I 441 -59.58 -58.43 -8.13
CA LYS I 441 -59.19 -58.14 -9.50
C LYS I 441 -60.37 -58.31 -10.45
N GLY I 442 -61.16 -59.38 -10.27
CA GLY I 442 -62.28 -59.62 -11.15
C GLY I 442 -63.38 -58.58 -11.03
N LEU I 443 -63.56 -58.02 -9.82
CA LEU I 443 -64.57 -56.99 -9.62
C LEU I 443 -64.23 -55.70 -10.36
N LEU I 444 -62.95 -55.46 -10.64
CA LEU I 444 -62.49 -54.22 -11.23
C LEU I 444 -62.12 -54.42 -12.69
N THR I 445 -62.56 -53.50 -13.54
CA THR I 445 -62.17 -53.47 -14.94
C THR I 445 -61.99 -52.01 -15.35
N LEU I 446 -61.27 -51.80 -16.45
CA LEU I 446 -60.99 -50.44 -16.89
C LEU I 446 -62.25 -49.81 -17.49
N ALA I 447 -62.38 -48.50 -17.31
CA ALA I 447 -63.50 -47.78 -17.91
C ALA I 447 -63.27 -47.48 -19.37
N LYS I 448 -62.02 -47.17 -19.74
CA LYS I 448 -61.69 -46.82 -21.12
C LYS I 448 -61.58 -48.07 -21.98
N GLY I 449 -62.15 -48.02 -23.17
CA GLY I 449 -62.19 -49.17 -24.04
C GLY I 449 -61.93 -48.80 -25.48
N LYS I 450 -61.41 -49.78 -26.22
CA LYS I 450 -61.20 -49.72 -27.66
C LYS I 450 -61.67 -51.04 -28.26
N PRO I 451 -62.09 -51.04 -29.53
CA PRO I 451 -62.50 -52.29 -30.17
C PRO I 451 -61.39 -53.32 -30.12
N ILE I 452 -61.77 -54.56 -29.81
CA ILE I 452 -60.78 -55.57 -29.40
C ILE I 452 -59.82 -55.90 -30.54
N GLY I 453 -60.32 -56.08 -31.75
CA GLY I 453 -59.46 -56.40 -32.88
C GLY I 453 -58.94 -57.81 -32.86
N LYS I 454 -58.24 -58.21 -33.93
CA LYS I 454 -57.70 -59.57 -33.99
C LYS I 454 -56.58 -59.76 -32.97
N GLU I 455 -55.69 -58.76 -32.86
CA GLU I 455 -54.61 -58.84 -31.89
C GLU I 455 -55.14 -58.91 -30.46
N GLY I 456 -56.12 -58.06 -30.13
CA GLY I 456 -56.64 -58.02 -28.77
C GLY I 456 -57.36 -59.30 -28.38
N TYR I 457 -58.07 -59.91 -29.33
CA TYR I 457 -58.78 -61.16 -29.06
C TYR I 457 -57.78 -62.28 -28.77
N TYR I 458 -56.65 -62.28 -29.48
CA TYR I 458 -55.58 -63.22 -29.21
C TYR I 458 -55.08 -63.09 -27.78
N TRP I 459 -54.78 -61.86 -27.36
CA TRP I 459 -54.29 -61.65 -26.00
C TRP I 459 -55.37 -61.92 -24.96
N LEU I 460 -56.64 -61.70 -25.33
CA LEU I 460 -57.73 -62.08 -24.44
C LEU I 460 -57.75 -63.59 -24.23
N LYS I 461 -57.56 -64.36 -25.31
CA LYS I 461 -57.41 -65.81 -25.16
C LYS I 461 -56.19 -66.16 -24.33
N ILE I 462 -55.05 -65.49 -24.58
CA ILE I 462 -53.83 -65.79 -23.83
C ILE I 462 -54.05 -65.50 -22.35
N HIS I 463 -54.67 -64.37 -22.04
CA HIS I 463 -54.99 -64.02 -20.67
C HIS I 463 -55.88 -65.08 -20.01
N GLY I 464 -56.86 -65.58 -20.75
CA GLY I 464 -57.76 -66.58 -20.19
C GLY I 464 -57.05 -67.87 -19.83
N ALA I 465 -56.18 -68.36 -20.73
CA ALA I 465 -55.44 -69.59 -20.45
C ALA I 465 -54.47 -69.41 -19.29
N ASN I 466 -53.91 -68.20 -19.12
CA ASN I 466 -53.11 -67.92 -17.93
C ASN I 466 -53.97 -67.94 -16.69
N CYS I 467 -55.17 -67.37 -16.76
CA CYS I 467 -56.12 -67.48 -15.65
C CYS I 467 -56.51 -68.93 -15.40
N ALA I 468 -56.61 -69.72 -16.47
CA ALA I 468 -56.85 -71.15 -16.33
C ALA I 468 -55.64 -71.89 -15.78
N GLY I 469 -54.45 -71.31 -15.90
CA GLY I 469 -53.24 -71.95 -15.42
C GLY I 469 -52.39 -72.60 -16.48
N VAL I 470 -52.74 -72.47 -17.75
CA VAL I 470 -51.91 -73.02 -18.82
C VAL I 470 -50.91 -71.92 -19.18
N ASP I 471 -49.85 -71.83 -18.38
CA ASP I 471 -48.83 -70.81 -18.52
C ASP I 471 -47.44 -71.39 -18.74
N LYS I 472 -47.30 -72.71 -18.79
CA LYS I 472 -46.03 -73.37 -19.05
C LYS I 472 -45.95 -73.93 -20.46
N VAL I 473 -46.82 -73.47 -21.35
CA VAL I 473 -46.90 -73.98 -22.72
C VAL I 473 -46.80 -72.80 -23.68
N PRO I 474 -46.43 -73.06 -24.94
CA PRO I 474 -46.32 -71.97 -25.91
C PRO I 474 -47.68 -71.34 -26.23
N PHE I 475 -47.61 -70.13 -26.79
CA PHE I 475 -48.82 -69.36 -27.04
C PHE I 475 -49.80 -70.03 -27.99
N PRO I 476 -49.38 -70.62 -29.13
CA PRO I 476 -50.36 -71.35 -29.95
C PRO I 476 -51.16 -72.40 -29.18
N GLU I 477 -50.53 -73.14 -28.25
CA GLU I 477 -51.30 -74.06 -27.42
C GLU I 477 -52.27 -73.30 -26.54
N ARG I 478 -51.79 -72.28 -25.84
CA ARG I 478 -52.65 -71.47 -24.96
C ARG I 478 -53.88 -70.99 -25.70
N ILE I 479 -53.69 -70.61 -26.96
CA ILE I 479 -54.81 -70.34 -27.85
C ILE I 479 -55.68 -71.58 -27.98
N LYS I 480 -55.06 -72.74 -28.28
CA LYS I 480 -55.82 -73.94 -28.63
C LYS I 480 -56.69 -74.42 -27.49
N PHE I 481 -56.19 -74.34 -26.25
CA PHE I 481 -56.96 -74.73 -25.07
C PHE I 481 -58.31 -74.02 -25.05
N ILE I 482 -58.33 -72.78 -25.52
CA ILE I 482 -59.50 -71.94 -25.36
C ILE I 482 -60.65 -72.42 -26.23
N GLU I 483 -60.38 -72.71 -27.51
CA GLU I 483 -61.45 -73.15 -28.40
C GLU I 483 -61.86 -74.59 -28.13
N GLU I 484 -60.94 -75.38 -27.55
CA GLU I 484 -61.32 -76.71 -27.08
C GLU I 484 -62.42 -76.62 -26.03
N ASN I 485 -62.31 -75.67 -25.12
CA ASN I 485 -63.30 -75.44 -24.09
C ASN I 485 -64.26 -74.32 -24.43
N HIS I 486 -64.35 -73.95 -25.72
CA HIS I 486 -65.18 -72.81 -26.13
C HIS I 486 -66.63 -72.98 -25.69
N GLU I 487 -67.15 -74.20 -25.78
CA GLU I 487 -68.53 -74.43 -25.35
C GLU I 487 -68.69 -74.23 -23.84
N ASN I 488 -67.67 -74.61 -23.05
CA ASN I 488 -67.75 -74.42 -21.61
C ASN I 488 -67.63 -72.95 -21.22
N ILE I 489 -66.85 -72.17 -21.97
CA ILE I 489 -66.70 -70.75 -21.68
C ILE I 489 -68.00 -69.99 -21.92
N MET I 490 -68.70 -70.32 -23.01
CA MET I 490 -70.02 -69.75 -23.28
C MET I 490 -71.00 -70.02 -22.15
N ALA I 491 -71.07 -71.28 -21.74
CA ALA I 491 -72.02 -71.68 -20.71
C ALA I 491 -71.72 -70.98 -19.39
N CYS I 492 -70.43 -70.83 -19.06
CA CYS I 492 -70.05 -70.08 -17.87
C CYS I 492 -70.50 -68.63 -17.96
N ALA I 493 -70.38 -68.02 -19.14
CA ALA I 493 -70.83 -66.65 -19.29
C ALA I 493 -72.35 -66.56 -19.28
N LYS I 494 -73.03 -67.48 -19.96
CA LYS I 494 -74.49 -67.42 -20.06
C LYS I 494 -75.15 -67.62 -18.70
N SER I 495 -74.66 -68.61 -17.94
CA SER I 495 -75.25 -68.96 -16.65
C SER I 495 -74.13 -69.32 -15.67
N PRO I 496 -73.49 -68.31 -15.07
CA PRO I 496 -72.36 -68.57 -14.18
C PRO I 496 -72.72 -69.40 -12.96
N LEU I 497 -73.96 -69.33 -12.50
CA LEU I 497 -74.37 -70.13 -11.35
C LEU I 497 -74.61 -71.58 -11.71
N GLU I 498 -75.01 -71.86 -12.95
CA GLU I 498 -75.29 -73.24 -13.36
C GLU I 498 -74.01 -74.03 -13.63
N ASN I 499 -72.98 -73.38 -14.18
CA ASN I 499 -71.73 -74.06 -14.51
C ASN I 499 -70.63 -73.56 -13.59
N THR I 500 -69.97 -74.50 -12.91
CA THR I 500 -68.94 -74.18 -11.93
C THR I 500 -67.54 -74.26 -12.50
N TRP I 501 -67.41 -74.44 -13.82
CA TRP I 501 -66.09 -74.63 -14.43
C TRP I 501 -65.19 -73.41 -14.23
N TRP I 502 -65.77 -72.21 -14.26
CA TRP I 502 -64.97 -71.01 -14.07
C TRP I 502 -64.38 -70.96 -12.66
N ALA I 503 -65.14 -71.43 -11.67
CA ALA I 503 -64.62 -71.47 -10.30
C ALA I 503 -63.51 -72.48 -10.13
N GLU I 504 -63.46 -73.51 -10.98
CA GLU I 504 -62.44 -74.55 -10.85
C GLU I 504 -61.05 -74.07 -11.29
N GLN I 505 -60.98 -72.97 -12.03
CA GLN I 505 -59.71 -72.50 -12.56
C GLN I 505 -58.86 -71.87 -11.46
N ASP I 506 -57.58 -71.63 -11.78
CA ASP I 506 -56.63 -71.15 -10.79
C ASP I 506 -56.93 -69.71 -10.35
N SER I 507 -57.45 -68.89 -11.26
CA SER I 507 -57.84 -67.51 -10.94
C SER I 507 -59.29 -67.35 -11.36
N PRO I 508 -60.23 -67.88 -10.57
CA PRO I 508 -61.61 -68.07 -11.07
C PRO I 508 -62.34 -66.79 -11.44
N PHE I 509 -62.31 -65.77 -10.58
CA PHE I 509 -63.09 -64.57 -10.86
C PHE I 509 -62.51 -63.79 -12.03
N CYS I 510 -61.18 -63.75 -12.16
CA CYS I 510 -60.57 -63.20 -13.37
C CYS I 510 -60.93 -64.03 -14.59
N PHE I 511 -60.91 -65.36 -14.45
CA PHE I 511 -61.30 -66.24 -15.56
C PHE I 511 -62.77 -66.06 -15.90
N LEU I 512 -63.62 -65.80 -14.89
CA LEU I 512 -65.01 -65.50 -15.17
C LEU I 512 -65.16 -64.19 -15.93
N ALA I 513 -64.42 -63.15 -15.52
CA ALA I 513 -64.44 -61.89 -16.24
C ALA I 513 -63.94 -62.07 -17.66
N PHE I 514 -62.95 -62.95 -17.86
CA PHE I 514 -62.57 -63.31 -19.21
C PHE I 514 -63.71 -63.98 -19.96
N CYS I 515 -64.44 -64.87 -19.28
CA CYS I 515 -65.54 -65.60 -19.92
C CYS I 515 -66.60 -64.65 -20.42
N PHE I 516 -66.91 -63.60 -19.64
CA PHE I 516 -67.90 -62.62 -20.06
C PHE I 516 -67.46 -61.89 -21.32
N GLU I 517 -66.20 -61.45 -21.37
CA GLU I 517 -65.71 -60.72 -22.53
C GLU I 517 -65.58 -61.62 -23.74
N TYR I 518 -65.10 -62.85 -23.55
CA TYR I 518 -64.98 -63.79 -24.67
C TYR I 518 -66.33 -64.07 -25.27
N ALA I 519 -67.36 -64.21 -24.44
CA ALA I 519 -68.72 -64.32 -24.96
C ALA I 519 -69.13 -63.05 -25.68
N GLY I 520 -68.78 -61.89 -25.13
CA GLY I 520 -69.15 -60.62 -25.75
C GLY I 520 -68.56 -60.44 -27.13
N VAL I 521 -67.31 -60.84 -27.32
CA VAL I 521 -66.70 -60.75 -28.65
C VAL I 521 -67.44 -61.67 -29.63
N GLN I 522 -67.74 -62.89 -29.19
CA GLN I 522 -68.44 -63.82 -30.05
C GLN I 522 -69.84 -63.35 -30.40
N HIS I 523 -70.45 -62.53 -29.53
CA HIS I 523 -71.77 -61.99 -29.84
C HIS I 523 -71.69 -60.87 -30.88
N HIS I 524 -70.70 -59.98 -30.78
CA HIS I 524 -70.67 -58.78 -31.60
C HIS I 524 -69.48 -58.72 -32.55
N GLY I 525 -68.67 -59.77 -32.64
CA GLY I 525 -67.53 -59.75 -33.52
C GLY I 525 -66.38 -58.93 -32.96
N LEU I 526 -65.39 -58.72 -33.83
CA LEU I 526 -64.19 -57.96 -33.47
C LEU I 526 -64.49 -56.49 -33.22
N SER I 527 -65.65 -56.00 -33.64
CA SER I 527 -66.03 -54.61 -33.39
C SER I 527 -66.29 -54.34 -31.91
N TYR I 528 -66.59 -55.37 -31.13
CA TYR I 528 -67.04 -55.20 -29.75
C TYR I 528 -65.94 -54.57 -28.90
N ASN I 529 -66.34 -53.66 -28.02
CA ASN I 529 -65.41 -52.87 -27.23
C ASN I 529 -65.08 -53.60 -25.94
N CYS I 530 -63.79 -53.87 -25.73
CA CYS I 530 -63.31 -54.57 -24.54
C CYS I 530 -62.43 -53.65 -23.73
N SER I 531 -62.73 -53.54 -22.44
CA SER I 531 -61.95 -52.72 -21.52
C SER I 531 -61.37 -53.55 -20.38
N LEU I 532 -61.28 -54.87 -20.56
CA LEU I 532 -60.77 -55.74 -19.51
C LEU I 532 -59.25 -55.71 -19.49
N PRO I 533 -58.63 -55.59 -18.31
CA PRO I 533 -57.16 -55.60 -18.24
C PRO I 533 -56.60 -56.98 -18.52
N LEU I 534 -55.47 -57.02 -19.22
CA LEU I 534 -54.79 -58.26 -19.58
C LEU I 534 -53.38 -58.21 -18.99
N ALA I 535 -53.20 -58.92 -17.87
CA ALA I 535 -51.98 -58.84 -17.07
C ALA I 535 -50.99 -59.93 -17.48
N PHE I 536 -49.76 -59.52 -17.77
CA PHE I 536 -48.67 -60.44 -18.08
C PHE I 536 -47.59 -60.29 -17.02
N ASP I 537 -47.06 -61.41 -16.54
CA ASP I 537 -46.15 -61.42 -15.41
C ASP I 537 -44.84 -62.10 -15.80
N GLY I 538 -43.72 -61.45 -15.49
CA GLY I 538 -42.44 -62.09 -15.65
C GLY I 538 -42.31 -63.29 -14.70
N SER I 539 -41.64 -64.33 -15.18
CA SER I 539 -41.57 -65.59 -14.44
C SER I 539 -40.95 -65.39 -13.06
N CYS I 540 -39.76 -64.77 -13.02
CA CYS I 540 -39.11 -64.40 -11.77
C CYS I 540 -38.40 -63.07 -12.05
N SER I 541 -38.98 -61.98 -11.55
CA SER I 541 -38.48 -60.65 -11.89
C SER I 541 -37.06 -60.43 -11.38
N GLY I 542 -36.77 -60.93 -10.18
CA GLY I 542 -35.44 -60.73 -9.61
C GLY I 542 -34.34 -61.38 -10.43
N ILE I 543 -34.56 -62.63 -10.81
CA ILE I 543 -33.56 -63.34 -11.61
C ILE I 543 -33.44 -62.70 -12.99
N GLN I 544 -34.57 -62.29 -13.59
CA GLN I 544 -34.54 -61.60 -14.88
C GLN I 544 -33.70 -60.34 -14.81
N HIS I 545 -33.95 -59.50 -13.80
CA HIS I 545 -33.22 -58.25 -13.67
C HIS I 545 -31.74 -58.50 -13.40
N PHE I 546 -31.43 -59.44 -12.50
CA PHE I 546 -30.03 -59.75 -12.20
C PHE I 546 -29.32 -60.33 -13.42
N SER I 547 -30.01 -61.18 -14.19
CA SER I 547 -29.38 -61.78 -15.36
C SER I 547 -29.10 -60.75 -16.44
N ALA I 548 -29.94 -59.74 -16.57
CA ALA I 548 -29.75 -58.73 -17.62
C ALA I 548 -28.50 -57.89 -17.35
N MET I 549 -28.36 -57.40 -16.13
CA MET I 549 -27.27 -56.47 -15.83
C MET I 549 -25.90 -57.14 -15.91
N LEU I 550 -25.82 -58.43 -15.57
CA LEU I 550 -24.58 -59.18 -15.66
C LEU I 550 -24.47 -60.01 -16.93
N ARG I 551 -25.47 -59.93 -17.81
CA ARG I 551 -25.44 -60.58 -19.12
C ARG I 551 -25.28 -62.09 -19.02
N ASP I 552 -25.96 -62.71 -18.05
CA ASP I 552 -25.90 -64.15 -17.90
C ASP I 552 -26.84 -64.78 -18.92
N GLU I 553 -26.28 -65.39 -19.97
CA GLU I 553 -27.09 -66.08 -20.96
C GLU I 553 -27.81 -67.28 -20.34
N VAL I 554 -27.12 -68.02 -19.47
CA VAL I 554 -27.72 -69.20 -18.86
C VAL I 554 -28.92 -68.83 -18.02
N GLY I 555 -28.81 -67.76 -17.23
CA GLY I 555 -29.95 -67.27 -16.49
C GLY I 555 -31.08 -66.83 -17.40
N GLY I 556 -30.73 -66.15 -18.50
CA GLY I 556 -31.75 -65.61 -19.39
C GLY I 556 -32.65 -66.67 -20.01
N ARG I 557 -32.06 -67.80 -20.39
CA ARG I 557 -32.88 -68.92 -20.84
C ARG I 557 -33.78 -69.41 -19.72
N ALA I 558 -33.24 -69.53 -18.51
CA ALA I 558 -34.00 -70.07 -17.38
C ALA I 558 -35.19 -69.18 -17.05
N VAL I 559 -35.02 -67.86 -17.16
CA VAL I 559 -36.13 -66.94 -16.95
C VAL I 559 -36.83 -66.58 -18.26
N ASN I 560 -36.51 -67.28 -19.35
CA ASN I 560 -37.13 -67.07 -20.66
C ASN I 560 -36.84 -65.69 -21.21
N LEU I 561 -35.79 -65.04 -20.70
CA LEU I 561 -35.37 -63.74 -21.19
C LEU I 561 -34.88 -63.83 -22.63
N LEU I 562 -34.21 -64.92 -22.97
CA LEU I 562 -33.77 -65.17 -24.34
C LEU I 562 -34.91 -65.78 -25.16
N PRO I 563 -34.90 -65.60 -26.48
CA PRO I 563 -35.90 -66.27 -27.32
C PRO I 563 -35.70 -67.78 -27.27
N SER I 564 -36.78 -68.49 -26.96
CA SER I 564 -36.71 -69.93 -26.76
C SER I 564 -37.91 -70.59 -27.42
N GLU I 565 -37.70 -71.83 -27.85
CA GLU I 565 -38.77 -72.59 -28.50
C GLU I 565 -39.86 -72.97 -27.49
N THR I 566 -39.49 -73.20 -26.23
CA THR I 566 -40.42 -73.65 -25.20
C THR I 566 -40.23 -72.81 -23.94
N VAL I 567 -41.32 -72.69 -23.17
CA VAL I 567 -41.24 -72.04 -21.87
C VAL I 567 -40.31 -72.86 -20.98
N GLN I 568 -39.51 -72.17 -20.18
CA GLN I 568 -38.50 -72.81 -19.35
C GLN I 568 -38.91 -72.69 -17.89
N ASP I 569 -38.99 -73.84 -17.22
CA ASP I 569 -39.35 -73.92 -15.81
C ASP I 569 -38.04 -74.01 -15.02
N ILE I 570 -37.67 -72.90 -14.37
CA ILE I 570 -36.42 -72.86 -13.62
C ILE I 570 -36.42 -73.89 -12.49
N TYR I 571 -37.60 -74.18 -11.93
CA TYR I 571 -37.70 -75.25 -10.95
C TYR I 571 -37.35 -76.59 -11.58
N GLY I 572 -37.83 -76.81 -12.81
CA GLY I 572 -37.48 -78.03 -13.53
C GLY I 572 -36.00 -78.08 -13.85
N ILE I 573 -35.40 -76.94 -14.20
CA ILE I 573 -33.99 -76.92 -14.56
C ILE I 573 -33.12 -77.35 -13.39
N VAL I 574 -33.34 -76.74 -12.21
CA VAL I 574 -32.54 -77.07 -11.03
C VAL I 574 -32.79 -78.51 -10.61
N ALA I 575 -34.04 -78.97 -10.72
CA ALA I 575 -34.37 -80.33 -10.31
C ALA I 575 -33.64 -81.37 -11.16
N LYS I 576 -33.57 -81.14 -12.48
CA LYS I 576 -32.85 -82.07 -13.34
C LYS I 576 -31.38 -82.14 -12.96
N LYS I 577 -30.77 -81.00 -12.66
CA LYS I 577 -29.38 -81.01 -12.20
C LYS I 577 -29.25 -81.78 -10.89
N VAL I 578 -30.18 -81.59 -9.97
CA VAL I 578 -30.16 -82.32 -8.70
C VAL I 578 -30.25 -83.82 -8.95
N ASN I 579 -31.13 -84.23 -9.88
CA ASN I 579 -31.22 -85.64 -10.25
C ASN I 579 -29.89 -86.15 -10.78
N GLU I 580 -29.19 -85.34 -11.60
CA GLU I 580 -27.90 -85.74 -12.13
C GLU I 580 -26.88 -85.95 -11.02
N ILE I 581 -26.82 -85.04 -10.05
CA ILE I 581 -25.94 -85.24 -8.90
C ILE I 581 -26.35 -86.50 -8.16
N LEU I 582 -27.65 -86.68 -7.94
CA LEU I 582 -28.15 -87.83 -7.20
C LEU I 582 -27.76 -89.14 -7.86
N GLN I 583 -27.89 -89.21 -9.20
CA GLN I 583 -27.51 -90.43 -9.90
C GLN I 583 -26.02 -90.71 -9.74
N ALA I 584 -25.18 -89.69 -9.97
CA ALA I 584 -23.75 -89.85 -9.74
C ALA I 584 -23.46 -90.16 -8.28
N ASP I 585 -24.16 -89.50 -7.36
CA ASP I 585 -23.93 -89.71 -5.93
C ASP I 585 -24.20 -91.15 -5.53
N ALA I 586 -25.16 -91.81 -6.18
CA ALA I 586 -25.34 -93.24 -5.94
C ALA I 586 -24.12 -94.03 -6.41
N ILE I 587 -23.54 -93.63 -7.54
CA ILE I 587 -22.35 -94.31 -8.05
C ILE I 587 -21.14 -94.03 -7.15
N ASN I 588 -20.89 -92.77 -6.84
CA ASN I 588 -19.82 -92.41 -5.92
C ASN I 588 -20.37 -91.60 -4.76
N GLY I 589 -20.10 -92.06 -3.54
CA GLY I 589 -20.59 -91.37 -2.37
C GLY I 589 -19.75 -91.71 -1.16
N THR I 590 -19.72 -90.80 -0.20
CA THR I 590 -19.06 -91.09 1.06
C THR I 590 -19.79 -92.23 1.75
N ASP I 591 -19.03 -93.13 2.37
CA ASP I 591 -19.65 -94.27 3.03
C ASP I 591 -20.30 -93.82 4.34
N ASN I 592 -21.30 -94.60 4.76
CA ASN I 592 -21.93 -94.33 6.05
C ASN I 592 -20.93 -94.58 7.18
N GLU I 593 -20.79 -93.60 8.06
CA GLU I 593 -19.86 -93.69 9.19
C GLU I 593 -20.59 -93.29 10.46
N VAL I 594 -20.17 -93.90 11.58
CA VAL I 594 -20.84 -93.77 12.86
C VAL I 594 -20.01 -92.87 13.76
N VAL I 595 -20.61 -91.77 14.21
CA VAL I 595 -19.93 -90.83 15.10
C VAL I 595 -20.62 -90.81 16.46
N SER I 606 -24.81 -90.79 23.20
CA SER I 606 -25.10 -91.83 22.22
C SER I 606 -24.21 -91.68 20.99
N GLU I 607 -24.07 -92.76 20.23
CA GLU I 607 -23.35 -92.76 18.97
C GLU I 607 -24.33 -92.99 17.83
N LYS I 608 -24.28 -92.13 16.82
CA LYS I 608 -25.21 -92.17 15.71
C LYS I 608 -24.47 -92.30 14.40
N VAL I 609 -25.01 -93.13 13.51
CA VAL I 609 -24.43 -93.29 12.18
C VAL I 609 -24.86 -92.13 11.30
N LYS I 610 -23.89 -91.45 10.70
CA LYS I 610 -24.18 -90.43 9.70
C LYS I 610 -24.35 -91.14 8.36
N LEU I 611 -25.44 -90.81 7.66
CA LEU I 611 -25.79 -91.46 6.41
C LEU I 611 -24.94 -90.93 5.28
N GLY I 612 -24.30 -91.83 4.54
CA GLY I 612 -23.42 -91.41 3.45
C GLY I 612 -24.16 -90.65 2.38
N THR I 613 -23.39 -89.89 1.59
CA THR I 613 -23.97 -89.15 0.48
C THR I 613 -24.62 -90.09 -0.54
N LYS I 614 -24.01 -91.26 -0.77
CA LYS I 614 -24.65 -92.26 -1.61
C LYS I 614 -25.91 -92.83 -0.94
N ALA I 615 -25.84 -93.08 0.37
CA ALA I 615 -27.01 -93.59 1.08
C ALA I 615 -28.13 -92.55 1.11
N LEU I 616 -27.78 -91.28 1.32
CA LEU I 616 -28.76 -90.21 1.24
C LEU I 616 -29.30 -90.06 -0.17
N ALA I 617 -28.45 -90.27 -1.18
CA ALA I 617 -28.91 -90.24 -2.57
C ALA I 617 -29.90 -91.36 -2.86
N GLY I 618 -29.64 -92.56 -2.34
CA GLY I 618 -30.52 -93.69 -2.61
C GLY I 618 -31.94 -93.46 -2.12
N GLN I 619 -32.09 -92.89 -0.93
CA GLN I 619 -33.42 -92.53 -0.44
C GLN I 619 -34.04 -91.46 -1.32
N TRP I 620 -33.28 -90.39 -1.61
CA TRP I 620 -33.82 -89.29 -2.41
C TRP I 620 -34.18 -89.74 -3.81
N LEU I 621 -33.35 -90.61 -4.40
CA LEU I 621 -33.67 -91.14 -5.73
C LEU I 621 -34.91 -92.03 -5.69
N ALA I 622 -35.06 -92.82 -4.62
CA ALA I 622 -36.27 -93.62 -4.47
C ALA I 622 -37.51 -92.73 -4.34
N TYR I 623 -37.40 -91.65 -3.56
CA TYR I 623 -38.49 -90.69 -3.50
C TYR I 623 -38.63 -89.93 -4.81
N GLY I 624 -37.52 -89.50 -5.40
CA GLY I 624 -37.54 -88.71 -6.60
C GLY I 624 -37.54 -87.22 -6.32
N VAL I 625 -37.07 -86.46 -7.31
CA VAL I 625 -36.97 -85.02 -7.21
C VAL I 625 -37.72 -84.43 -8.39
N THR I 626 -38.63 -83.50 -8.11
CA THR I 626 -39.46 -82.88 -9.11
C THR I 626 -39.41 -81.38 -8.87
N ARG I 627 -39.70 -80.60 -9.92
CA ARG I 627 -39.74 -79.15 -9.92
C ARG I 627 -40.33 -78.59 -8.62
N SER I 628 -41.34 -79.28 -8.07
CA SER I 628 -42.00 -78.81 -6.85
C SER I 628 -41.05 -78.83 -5.66
N VAL I 629 -40.18 -79.84 -5.56
CA VAL I 629 -39.24 -79.93 -4.45
C VAL I 629 -38.25 -78.77 -4.50
N THR I 630 -37.68 -78.51 -5.69
CA THR I 630 -36.76 -77.38 -5.82
C THR I 630 -37.50 -76.06 -5.76
N LYS I 631 -38.80 -76.07 -6.07
CA LYS I 631 -39.58 -74.87 -6.41
C LYS I 631 -39.33 -73.73 -5.43
N ARG I 632 -39.53 -73.97 -4.13
CA ARG I 632 -39.41 -72.89 -3.17
C ARG I 632 -38.01 -72.27 -3.17
N SER I 633 -36.97 -73.11 -3.12
CA SER I 633 -35.61 -72.64 -2.92
C SER I 633 -35.16 -71.58 -3.92
N VAL I 634 -35.82 -71.48 -5.08
CA VAL I 634 -35.45 -70.44 -6.02
C VAL I 634 -36.32 -69.18 -5.85
N MET I 635 -37.59 -69.32 -5.44
CA MET I 635 -38.34 -68.09 -5.17
C MET I 635 -37.85 -67.45 -3.89
N THR I 636 -37.49 -68.25 -2.88
CA THR I 636 -36.81 -67.73 -1.71
C THR I 636 -35.45 -67.14 -2.05
N LEU I 637 -34.81 -67.60 -3.13
CA LEU I 637 -33.44 -67.18 -3.42
C LEU I 637 -33.37 -65.68 -3.70
N ALA I 638 -34.35 -65.16 -4.44
CA ALA I 638 -34.41 -63.70 -4.65
C ALA I 638 -34.61 -62.97 -3.32
N TYR I 639 -35.38 -63.56 -2.41
CA TYR I 639 -35.58 -62.98 -1.08
C TYR I 639 -34.34 -63.14 -0.19
N GLY I 640 -33.33 -63.88 -0.64
CA GLY I 640 -32.08 -64.00 0.08
C GLY I 640 -31.87 -65.30 0.83
N SER I 641 -32.73 -66.30 0.62
CA SER I 641 -32.58 -67.56 1.34
C SER I 641 -31.39 -68.35 0.80
N LYS I 642 -30.77 -69.10 1.71
CA LYS I 642 -29.51 -69.79 1.46
C LYS I 642 -29.67 -71.26 1.80
N GLU I 643 -28.58 -72.01 1.66
CA GLU I 643 -28.62 -73.46 1.86
C GLU I 643 -29.05 -73.81 3.28
N PHE I 644 -28.58 -73.04 4.28
CA PHE I 644 -29.08 -73.23 5.64
C PHE I 644 -30.59 -73.04 5.68
N GLY I 645 -31.07 -71.94 5.11
CA GLY I 645 -32.51 -71.72 5.06
C GLY I 645 -33.21 -72.77 4.23
N PHE I 646 -32.55 -73.26 3.18
CA PHE I 646 -33.18 -74.24 2.30
C PHE I 646 -33.56 -75.49 3.06
N ARG I 647 -32.68 -75.98 3.94
CA ARG I 647 -32.89 -77.31 4.53
C ARG I 647 -34.19 -77.39 5.32
N GLN I 648 -34.57 -76.31 6.03
CA GLN I 648 -35.86 -76.35 6.72
C GLN I 648 -36.99 -76.48 5.70
N GLN I 649 -37.01 -75.59 4.71
CA GLN I 649 -38.16 -75.55 3.80
C GLN I 649 -38.31 -76.86 3.03
N VAL I 650 -37.20 -77.54 2.69
CA VAL I 650 -37.33 -78.84 2.05
C VAL I 650 -38.04 -79.84 2.96
N LEU I 651 -37.69 -79.85 4.26
CA LEU I 651 -38.38 -80.75 5.19
C LEU I 651 -39.86 -80.41 5.29
N GLU I 652 -40.17 -79.13 5.47
CA GLU I 652 -41.57 -78.73 5.65
C GLU I 652 -42.40 -78.99 4.38
N ASP I 653 -41.80 -78.76 3.21
CA ASP I 653 -42.55 -78.89 1.96
C ASP I 653 -42.59 -80.32 1.42
N THR I 654 -41.53 -81.10 1.60
CA THR I 654 -41.42 -82.39 0.92
C THR I 654 -41.24 -83.58 1.85
N ILE I 655 -40.52 -83.43 2.96
CA ILE I 655 -40.33 -84.56 3.87
C ILE I 655 -41.50 -84.67 4.85
N GLN I 656 -41.96 -83.55 5.41
CA GLN I 656 -43.08 -83.60 6.36
C GLN I 656 -44.40 -84.15 5.79
N PRO I 657 -44.91 -83.69 4.62
CA PRO I 657 -46.15 -84.28 4.10
C PRO I 657 -46.04 -85.73 3.68
N ALA I 658 -44.85 -86.22 3.33
CA ALA I 658 -44.67 -87.65 3.03
C ALA I 658 -44.88 -88.50 4.27
N ILE I 659 -44.32 -88.08 5.42
CA ILE I 659 -44.52 -88.84 6.66
C ILE I 659 -46.01 -88.90 7.00
N ASP I 660 -46.71 -87.78 6.84
CA ASP I 660 -48.17 -87.80 6.99
C ASP I 660 -48.82 -88.66 5.92
N SER I 661 -48.28 -88.63 4.70
CA SER I 661 -48.79 -89.48 3.63
C SER I 661 -48.48 -90.96 3.83
N GLY I 662 -47.59 -91.29 4.77
CA GLY I 662 -47.08 -92.63 4.88
C GLY I 662 -45.82 -92.88 4.09
N LYS I 663 -45.53 -92.03 3.10
CA LYS I 663 -44.25 -92.05 2.42
C LYS I 663 -43.20 -91.45 3.35
N GLY I 664 -42.00 -91.24 2.85
CA GLY I 664 -40.93 -90.86 3.73
C GLY I 664 -40.40 -92.00 4.57
N LEU I 665 -40.86 -93.22 4.31
CA LEU I 665 -40.22 -94.39 4.90
C LEU I 665 -38.74 -94.44 4.54
N MET I 666 -38.41 -93.96 3.33
CA MET I 666 -37.01 -93.96 2.91
C MET I 666 -36.17 -93.04 3.77
N PHE I 667 -36.69 -91.85 4.11
CA PHE I 667 -35.93 -90.93 4.94
C PHE I 667 -35.86 -91.46 6.37
N THR I 668 -34.79 -92.20 6.68
CA THR I 668 -34.60 -92.67 8.04
C THR I 668 -34.39 -91.50 8.99
N GLN I 669 -33.66 -90.47 8.54
CA GLN I 669 -33.53 -89.22 9.27
C GLN I 669 -34.02 -88.09 8.36
N PRO I 670 -35.10 -87.38 8.73
CA PRO I 670 -35.55 -86.26 7.89
C PRO I 670 -34.54 -85.14 7.77
N ASN I 671 -33.85 -84.79 8.87
CA ASN I 671 -32.93 -83.66 8.84
C ASN I 671 -31.70 -83.97 8.01
N GLN I 672 -31.22 -85.22 8.05
CA GLN I 672 -30.12 -85.62 7.19
C GLN I 672 -30.48 -85.48 5.73
N ALA I 673 -31.70 -85.90 5.36
CA ALA I 673 -32.16 -85.75 3.99
C ALA I 673 -32.32 -84.28 3.62
N ALA I 674 -32.87 -83.47 4.54
CA ALA I 674 -33.04 -82.05 4.27
C ALA I 674 -31.70 -81.36 4.06
N GLY I 675 -30.71 -81.66 4.91
CA GLY I 675 -29.40 -81.07 4.74
C GLY I 675 -28.69 -81.55 3.49
N TYR I 676 -28.73 -82.85 3.23
CA TYR I 676 -28.16 -83.39 1.99
C TYR I 676 -28.85 -82.82 0.77
N MET I 677 -30.18 -82.76 0.81
CA MET I 677 -30.91 -82.09 -0.26
C MET I 677 -30.44 -80.66 -0.41
N ALA I 678 -30.41 -79.91 0.70
CA ALA I 678 -30.20 -78.46 0.66
C ALA I 678 -28.97 -78.07 -0.14
N LYS I 679 -27.84 -78.73 0.11
CA LYS I 679 -26.64 -78.43 -0.66
C LYS I 679 -26.79 -78.80 -2.13
N LEU I 680 -27.70 -79.72 -2.48
CA LEU I 680 -27.88 -80.07 -3.89
C LEU I 680 -28.70 -79.01 -4.64
N ILE I 681 -29.74 -78.43 -4.02
CA ILE I 681 -30.41 -77.34 -4.71
C ILE I 681 -29.49 -76.13 -4.81
N TRP I 682 -28.76 -75.80 -3.74
CA TRP I 682 -27.91 -74.61 -3.75
C TRP I 682 -26.82 -74.73 -4.81
N GLU I 683 -26.18 -75.90 -4.90
CA GLU I 683 -25.19 -76.10 -5.94
C GLU I 683 -25.81 -76.04 -7.33
N SER I 684 -26.99 -76.65 -7.49
CA SER I 684 -27.70 -76.59 -8.77
C SER I 684 -28.17 -75.17 -9.06
N VAL I 685 -28.59 -74.44 -8.04
CA VAL I 685 -28.99 -73.04 -8.23
C VAL I 685 -27.80 -72.20 -8.66
N SER I 686 -26.64 -72.42 -8.04
CA SER I 686 -25.47 -71.57 -8.30
C SER I 686 -25.00 -71.68 -9.73
N VAL I 687 -25.06 -72.88 -10.32
CA VAL I 687 -24.67 -73.03 -11.72
C VAL I 687 -25.79 -72.64 -12.67
N THR I 688 -27.04 -72.65 -12.22
CA THR I 688 -28.15 -72.27 -13.10
C THR I 688 -28.22 -70.76 -13.29
N VAL I 689 -28.19 -70.00 -12.21
CA VAL I 689 -28.18 -68.55 -12.32
C VAL I 689 -26.97 -67.99 -11.58
N VAL I 690 -25.83 -67.93 -12.27
CA VAL I 690 -24.60 -67.52 -11.62
C VAL I 690 -24.61 -66.02 -11.35
N ALA I 691 -25.21 -65.25 -12.25
CA ALA I 691 -25.27 -63.80 -12.06
C ALA I 691 -26.08 -63.42 -10.83
N ALA I 692 -27.22 -64.08 -10.62
CA ALA I 692 -28.08 -63.75 -9.49
C ALA I 692 -27.36 -64.01 -8.17
N VAL I 693 -26.65 -65.14 -8.07
CA VAL I 693 -25.87 -65.43 -6.86
C VAL I 693 -24.69 -64.48 -6.75
N GLU I 694 -23.93 -64.32 -7.83
CA GLU I 694 -22.70 -63.52 -7.79
C GLU I 694 -23.01 -62.07 -7.46
N ALA I 695 -24.09 -61.52 -8.04
CA ALA I 695 -24.52 -60.18 -7.65
C ALA I 695 -24.79 -60.11 -6.16
N MET I 696 -25.75 -60.92 -5.68
CA MET I 696 -26.28 -60.80 -4.33
C MET I 696 -25.18 -60.83 -3.27
N ASN I 697 -24.11 -61.60 -3.51
CA ASN I 697 -22.97 -61.58 -2.61
C ASN I 697 -22.30 -60.20 -2.60
N TRP I 698 -22.11 -59.61 -3.78
CA TRP I 698 -21.41 -58.32 -3.89
C TRP I 698 -22.16 -57.22 -3.16
N LEU I 699 -23.47 -57.12 -3.39
CA LEU I 699 -24.25 -56.11 -2.67
C LEU I 699 -24.27 -56.38 -1.18
N LYS I 700 -24.41 -57.65 -0.79
CA LYS I 700 -24.38 -58.00 0.63
C LYS I 700 -23.02 -57.69 1.24
N SER I 701 -21.94 -58.04 0.53
CA SER I 701 -20.61 -57.77 1.03
C SER I 701 -20.39 -56.27 1.22
N ALA I 702 -20.85 -55.47 0.25
CA ALA I 702 -20.79 -54.02 0.38
C ALA I 702 -21.51 -53.56 1.64
N ALA I 703 -22.77 -53.97 1.79
CA ALA I 703 -23.59 -53.48 2.90
C ALA I 703 -23.01 -53.89 4.25
N LYS I 704 -22.43 -55.09 4.33
CA LYS I 704 -21.76 -55.50 5.58
C LYS I 704 -20.61 -54.57 5.93
N LEU I 705 -19.79 -54.22 4.94
CA LEU I 705 -18.69 -53.28 5.18
C LEU I 705 -19.22 -51.91 5.59
N LEU I 706 -20.27 -51.43 4.92
CA LEU I 706 -20.82 -50.12 5.25
C LEU I 706 -21.42 -50.11 6.65
N ALA I 707 -22.09 -51.19 7.03
CA ALA I 707 -22.72 -51.26 8.35
C ALA I 707 -21.73 -51.52 9.48
N ALA I 708 -20.56 -52.08 9.18
CA ALA I 708 -19.58 -52.37 10.22
C ALA I 708 -18.90 -51.10 10.69
N GLU I 709 -18.43 -51.12 11.93
CA GLU I 709 -17.62 -50.06 12.50
C GLU I 709 -16.15 -50.44 12.42
N VAL I 710 -15.31 -49.53 11.95
CA VAL I 710 -13.87 -49.74 11.90
C VAL I 710 -13.25 -48.98 13.08
N LYS I 711 -12.59 -49.73 13.96
CA LYS I 711 -11.90 -49.14 15.09
C LYS I 711 -10.44 -49.56 15.08
N ASP I 712 -9.57 -48.65 15.54
CA ASP I 712 -8.20 -49.05 15.83
C ASP I 712 -8.22 -50.13 16.90
N LYS I 713 -7.53 -51.23 16.63
CA LYS I 713 -7.73 -52.46 17.41
C LYS I 713 -7.40 -52.23 18.88
N LYS I 714 -6.27 -51.59 19.16
CA LYS I 714 -5.94 -51.26 20.55
C LYS I 714 -6.78 -50.09 21.05
N THR I 715 -6.90 -49.04 20.25
CA THR I 715 -7.55 -47.80 20.72
C THR I 715 -9.05 -47.97 20.84
N GLY I 716 -9.68 -48.61 19.85
CA GLY I 716 -11.12 -48.65 19.79
C GLY I 716 -11.76 -47.39 19.22
N GLU I 717 -10.97 -46.41 18.83
CA GLU I 717 -11.51 -45.19 18.24
C GLU I 717 -12.05 -45.48 16.84
N ILE I 718 -13.26 -45.01 16.58
CA ILE I 718 -14.02 -45.43 15.40
C ILE I 718 -13.51 -44.67 14.19
N LEU I 719 -12.84 -45.37 13.27
CA LEU I 719 -12.37 -44.75 12.04
C LEU I 719 -13.53 -44.40 11.12
N ARG I 720 -14.56 -45.24 11.09
CA ARG I 720 -15.70 -45.03 10.21
C ARG I 720 -16.97 -45.50 10.90
N LYS I 721 -17.98 -44.63 10.92
CA LYS I 721 -19.25 -44.91 11.57
C LYS I 721 -20.05 -45.96 10.79
N ARG I 722 -21.04 -46.55 11.44
CA ARG I 722 -21.98 -47.39 10.71
C ARG I 722 -22.70 -46.56 9.65
N CYS I 723 -22.64 -47.03 8.40
CA CYS I 723 -23.12 -46.26 7.27
C CYS I 723 -24.23 -47.00 6.56
N ALA I 724 -25.33 -46.29 6.30
CA ALA I 724 -26.38 -46.80 5.44
C ALA I 724 -25.90 -46.80 3.99
N VAL I 725 -26.66 -47.46 3.13
CA VAL I 725 -26.34 -47.58 1.72
C VAL I 725 -27.38 -46.83 0.90
N HIS I 726 -26.93 -46.21 -0.18
CA HIS I 726 -27.81 -45.39 -1.01
C HIS I 726 -27.52 -45.65 -2.48
N TRP I 727 -28.59 -45.72 -3.27
CA TRP I 727 -28.45 -45.84 -4.71
C TRP I 727 -29.61 -45.14 -5.37
N VAL I 728 -29.43 -44.81 -6.65
CA VAL I 728 -30.43 -44.08 -7.43
C VAL I 728 -30.84 -44.97 -8.60
N THR I 729 -32.14 -45.18 -8.74
CA THR I 729 -32.67 -45.99 -9.82
C THR I 729 -32.50 -45.26 -11.15
N PRO I 730 -32.46 -45.99 -12.27
CA PRO I 730 -32.28 -45.32 -13.56
C PRO I 730 -33.37 -44.30 -13.89
N ASP I 731 -34.58 -44.49 -13.35
CA ASP I 731 -35.62 -43.47 -13.44
C ASP I 731 -35.23 -42.19 -12.71
N GLY I 732 -34.26 -42.26 -11.80
CA GLY I 732 -33.90 -41.14 -10.96
C GLY I 732 -34.50 -41.16 -9.58
N PHE I 733 -35.22 -42.21 -9.23
CA PHE I 733 -35.74 -42.33 -7.87
C PHE I 733 -34.61 -42.72 -6.94
N PRO I 734 -34.35 -41.94 -5.90
CA PRO I 734 -33.33 -42.30 -4.93
C PRO I 734 -33.92 -43.15 -3.82
N VAL I 735 -33.09 -44.02 -3.26
CA VAL I 735 -33.50 -44.83 -2.13
C VAL I 735 -32.35 -44.93 -1.15
N TRP I 736 -32.64 -44.73 0.13
CA TRP I 736 -31.68 -44.89 1.21
C TRP I 736 -32.15 -46.02 2.10
N GLN I 737 -31.29 -47.01 2.32
CA GLN I 737 -31.62 -48.14 3.18
C GLN I 737 -30.90 -47.97 4.51
N GLU I 738 -31.66 -47.60 5.55
CA GLU I 738 -31.11 -47.38 6.89
C GLU I 738 -31.91 -48.22 7.89
N TYR I 739 -31.55 -49.49 8.00
CA TYR I 739 -32.18 -50.32 9.02
C TYR I 739 -31.61 -49.95 10.37
N LYS I 740 -32.50 -49.68 11.34
CA LYS I 740 -32.10 -49.17 12.64
C LYS I 740 -32.58 -50.10 13.75
N LYS I 741 -31.71 -50.32 14.73
CA LYS I 741 -31.94 -51.24 15.83
C LYS I 741 -31.87 -50.49 17.16
N PRO I 742 -32.88 -50.61 18.03
CA PRO I 742 -32.78 -50.00 19.36
C PRO I 742 -31.71 -50.69 20.20
N ILE I 743 -31.10 -49.91 21.09
CA ILE I 743 -30.00 -50.45 21.89
C ILE I 743 -30.52 -51.36 22.99
N GLN I 744 -31.64 -50.99 23.63
CA GLN I 744 -32.24 -51.82 24.68
C GLN I 744 -33.69 -52.13 24.34
N THR I 745 -34.10 -53.37 24.63
CA THR I 745 -35.47 -53.83 24.42
C THR I 745 -35.86 -54.77 25.55
N ARG I 746 -37.13 -54.70 25.96
CA ARG I 746 -37.65 -55.52 27.06
C ARG I 746 -38.70 -56.48 26.54
N LEU I 747 -38.53 -57.76 26.83
CA LEU I 747 -39.49 -58.80 26.48
C LEU I 747 -39.81 -59.63 27.71
N ASN I 748 -41.11 -59.78 28.00
CA ASN I 748 -41.58 -60.62 29.09
C ASN I 748 -42.19 -61.89 28.50
N LEU I 749 -42.07 -62.99 29.25
CA LEU I 749 -42.53 -64.27 28.74
C LEU I 749 -44.04 -64.33 28.66
N MET I 750 -44.72 -63.90 29.72
CA MET I 750 -46.17 -63.97 29.80
C MET I 750 -46.86 -62.67 29.40
N PHE I 751 -46.17 -61.55 29.55
CA PHE I 751 -46.72 -60.25 29.21
C PHE I 751 -46.07 -59.73 27.93
N LEU I 752 -46.74 -58.73 27.34
CA LEU I 752 -46.29 -58.08 26.12
C LEU I 752 -44.84 -57.60 26.25
N GLY I 753 -44.16 -57.52 25.10
CA GLY I 753 -42.89 -56.84 25.05
C GLY I 753 -43.06 -55.35 24.83
N GLN I 754 -42.10 -54.58 25.34
CA GLN I 754 -42.12 -53.13 25.14
C GLN I 754 -40.70 -52.58 25.07
N SER I 767 -30.74 -46.91 18.32
CA SER I 767 -30.60 -45.83 17.35
C SER I 767 -29.31 -45.99 16.54
N GLU I 768 -28.96 -47.25 16.26
CA GLU I 768 -27.79 -47.59 15.47
C GLU I 768 -28.21 -48.40 14.25
N ILE I 769 -27.35 -48.42 13.24
CA ILE I 769 -27.62 -49.19 12.04
C ILE I 769 -27.57 -50.67 12.37
N ASP I 770 -28.60 -51.42 11.95
CA ASP I 770 -28.66 -52.86 12.17
C ASP I 770 -27.88 -53.54 11.04
N ALA I 771 -26.70 -54.04 11.37
CA ALA I 771 -25.83 -54.61 10.33
C ALA I 771 -26.47 -55.80 9.65
N HIS I 772 -27.05 -56.72 10.43
CA HIS I 772 -27.63 -57.93 9.85
C HIS I 772 -28.81 -57.60 8.95
N LYS I 773 -29.68 -56.69 9.38
CA LYS I 773 -30.80 -56.27 8.54
C LYS I 773 -30.31 -55.56 7.27
N GLN I 774 -29.27 -54.73 7.40
CA GLN I 774 -28.72 -54.05 6.23
C GLN I 774 -28.16 -55.05 5.22
N GLU I 775 -27.45 -56.08 5.70
CA GLU I 775 -26.95 -57.11 4.81
C GLU I 775 -28.09 -57.94 4.23
N SER I 776 -29.02 -58.38 5.08
CA SER I 776 -30.11 -59.22 4.63
C SER I 776 -31.01 -58.50 3.63
N GLY I 777 -31.13 -57.18 3.75
CA GLY I 777 -32.06 -56.44 2.92
C GLY I 777 -31.52 -55.88 1.63
N ILE I 778 -30.21 -55.71 1.51
CA ILE I 778 -29.66 -54.90 0.41
C ILE I 778 -29.91 -55.57 -0.94
N ALA I 779 -29.65 -56.88 -1.03
CA ALA I 779 -29.83 -57.57 -2.30
C ALA I 779 -31.29 -57.63 -2.75
N PRO I 780 -32.27 -58.00 -1.92
CA PRO I 780 -33.67 -57.97 -2.40
C PRO I 780 -34.23 -56.58 -2.58
N ASN I 781 -33.85 -55.61 -1.72
CA ASN I 781 -34.38 -54.26 -1.86
C ASN I 781 -33.86 -53.60 -3.13
N PHE I 782 -32.59 -53.85 -3.48
CA PHE I 782 -32.04 -53.27 -4.70
C PHE I 782 -32.76 -53.78 -5.93
N VAL I 783 -33.00 -55.10 -5.99
CA VAL I 783 -33.66 -55.66 -7.18
C VAL I 783 -35.11 -55.19 -7.26
N HIS I 784 -35.74 -54.94 -6.12
CA HIS I 784 -37.10 -54.40 -6.14
C HIS I 784 -37.12 -52.96 -6.65
N SER I 785 -36.12 -52.17 -6.26
CA SER I 785 -36.04 -50.80 -6.75
C SER I 785 -35.89 -50.77 -8.28
N GLN I 786 -35.16 -51.74 -8.83
CA GLN I 786 -35.00 -51.79 -10.28
C GLN I 786 -36.31 -52.14 -10.99
N ASP I 787 -37.07 -53.09 -10.46
CA ASP I 787 -38.32 -53.45 -11.13
C ASP I 787 -39.34 -52.33 -11.04
N GLY I 788 -39.35 -51.59 -9.93
CA GLY I 788 -40.19 -50.42 -9.83
C GLY I 788 -39.77 -49.31 -10.78
N SER I 789 -38.45 -49.13 -10.95
CA SER I 789 -37.97 -48.21 -11.97
C SER I 789 -38.40 -48.67 -13.35
N HIS I 790 -38.33 -49.97 -13.61
CA HIS I 790 -38.78 -50.50 -14.91
C HIS I 790 -40.27 -50.27 -15.11
N LEU I 791 -41.08 -50.55 -14.08
CA LEU I 791 -42.52 -50.32 -14.18
C LEU I 791 -42.82 -48.85 -14.46
N ARG I 792 -42.20 -47.96 -13.69
CA ARG I 792 -42.37 -46.53 -13.93
C ARG I 792 -41.89 -46.14 -15.31
N LYS I 793 -40.77 -46.71 -15.76
CA LYS I 793 -40.30 -46.46 -17.11
C LYS I 793 -41.28 -47.00 -18.14
N THR I 794 -41.88 -48.15 -17.87
CA THR I 794 -42.78 -48.78 -18.83
C THR I 794 -44.02 -47.94 -19.06
N VAL I 795 -44.64 -47.42 -17.99
CA VAL I 795 -45.90 -46.68 -18.15
C VAL I 795 -45.67 -45.37 -18.88
N VAL I 796 -44.59 -44.65 -18.56
CA VAL I 796 -44.29 -43.41 -19.26
C VAL I 796 -43.96 -43.69 -20.73
N TRP I 797 -43.13 -44.70 -20.97
CA TRP I 797 -42.80 -45.10 -22.34
C TRP I 797 -44.05 -45.55 -23.09
N ALA I 798 -44.91 -46.33 -22.43
CA ALA I 798 -46.12 -46.79 -23.08
C ALA I 798 -47.09 -45.65 -23.37
N HIS I 799 -47.14 -44.64 -22.49
CA HIS I 799 -48.05 -43.52 -22.71
C HIS I 799 -47.53 -42.54 -23.76
N GLU I 800 -46.21 -42.34 -23.82
CA GLU I 800 -45.69 -41.33 -24.72
C GLU I 800 -45.44 -41.87 -26.13
N LYS I 801 -44.83 -43.04 -26.24
CA LYS I 801 -44.60 -43.62 -27.56
C LYS I 801 -45.89 -44.16 -28.17
N TYR I 802 -46.77 -44.70 -27.34
CA TYR I 802 -48.01 -45.29 -27.80
C TYR I 802 -49.19 -44.64 -27.09
N GLY I 803 -50.38 -44.82 -27.65
CA GLY I 803 -51.54 -44.09 -27.16
C GLY I 803 -52.03 -44.53 -25.78
N ILE I 804 -51.43 -45.57 -25.20
CA ILE I 804 -51.90 -46.22 -23.99
C ILE I 804 -52.10 -45.23 -22.85
N GLU I 805 -53.33 -45.15 -22.34
CA GLU I 805 -53.67 -44.28 -21.22
C GLU I 805 -54.21 -45.01 -20.01
N SER I 806 -54.47 -46.31 -20.11
CA SER I 806 -55.01 -47.12 -19.02
C SER I 806 -54.03 -48.23 -18.70
N PHE I 807 -53.59 -48.30 -17.45
CA PHE I 807 -52.57 -49.24 -17.01
C PHE I 807 -53.05 -50.00 -15.78
N ALA I 808 -52.90 -51.31 -15.81
CA ALA I 808 -53.09 -52.16 -14.62
C ALA I 808 -51.73 -52.68 -14.19
N LEU I 809 -51.30 -52.30 -13.00
CA LEU I 809 -49.92 -52.51 -12.57
C LEU I 809 -49.90 -53.22 -11.23
N ILE I 810 -49.29 -54.41 -11.17
CA ILE I 810 -48.97 -55.02 -9.89
C ILE I 810 -47.51 -55.46 -9.87
N HIS I 811 -46.62 -54.50 -9.59
CA HIS I 811 -45.21 -54.62 -9.21
C HIS I 811 -44.29 -55.26 -10.23
N ASP I 812 -44.83 -56.18 -11.03
CA ASP I 812 -44.16 -56.68 -12.23
C ASP I 812 -45.19 -57.17 -13.24
N SER I 813 -46.48 -57.06 -12.95
CA SER I 813 -47.54 -57.46 -13.85
C SER I 813 -48.06 -56.21 -14.54
N PHE I 814 -48.07 -56.24 -15.87
CA PHE I 814 -48.46 -55.10 -16.69
C PHE I 814 -49.74 -55.44 -17.44
N GLY I 815 -50.74 -54.60 -17.30
CA GLY I 815 -52.03 -54.85 -17.92
C GLY I 815 -52.58 -53.59 -18.55
N THR I 816 -53.34 -53.80 -19.62
CA THR I 816 -54.07 -52.72 -20.29
C THR I 816 -55.22 -53.38 -21.05
N ILE I 817 -56.02 -52.55 -21.71
CA ILE I 817 -57.14 -53.04 -22.51
C ILE I 817 -56.56 -53.87 -23.66
N PRO I 818 -57.29 -54.87 -24.16
CA PRO I 818 -56.68 -55.81 -25.12
C PRO I 818 -56.15 -55.17 -26.39
N ALA I 819 -56.78 -54.10 -26.87
CA ALA I 819 -56.32 -53.46 -28.10
C ALA I 819 -54.91 -52.91 -27.94
N ASP I 820 -54.60 -52.36 -26.77
CA ASP I 820 -53.31 -51.75 -26.49
C ASP I 820 -52.30 -52.75 -25.91
N ALA I 821 -52.68 -54.01 -25.73
CA ALA I 821 -51.82 -54.96 -25.03
C ALA I 821 -50.52 -55.22 -25.79
N ALA I 822 -50.61 -55.41 -27.10
CA ALA I 822 -49.43 -55.74 -27.89
C ALA I 822 -48.41 -54.60 -27.84
N ASN I 823 -48.87 -53.36 -27.78
CA ASN I 823 -47.96 -52.23 -27.67
C ASN I 823 -47.27 -52.20 -26.31
N LEU I 824 -48.03 -52.44 -25.24
CA LEU I 824 -47.43 -52.60 -23.91
C LEU I 824 -46.54 -53.83 -23.86
N PHE I 825 -46.95 -54.90 -24.54
CA PHE I 825 -46.14 -56.08 -24.76
C PHE I 825 -44.78 -55.71 -25.35
N LYS I 826 -44.76 -54.76 -26.29
CA LYS I 826 -43.48 -54.27 -26.83
C LYS I 826 -42.74 -53.39 -25.83
N ALA I 827 -43.47 -52.47 -25.19
CA ALA I 827 -42.83 -51.41 -24.40
C ALA I 827 -42.04 -51.98 -23.23
N VAL I 828 -42.56 -53.04 -22.60
CA VAL I 828 -41.92 -53.57 -21.40
C VAL I 828 -40.56 -54.18 -21.72
N ARG I 829 -40.37 -54.74 -22.93
CA ARG I 829 -39.03 -55.11 -23.35
C ARG I 829 -38.16 -53.89 -23.52
N GLU I 830 -38.64 -52.93 -24.33
CA GLU I 830 -37.79 -51.84 -24.79
C GLU I 830 -37.20 -51.05 -23.64
N THR I 831 -38.02 -50.78 -22.62
CA THR I 831 -37.51 -50.10 -21.44
C THR I 831 -36.45 -50.93 -20.71
N MET I 832 -36.69 -52.24 -20.57
CA MET I 832 -35.74 -53.09 -19.88
C MET I 832 -34.41 -53.16 -20.63
N VAL I 833 -34.46 -53.36 -21.95
CA VAL I 833 -33.23 -53.36 -22.74
C VAL I 833 -32.54 -52.00 -22.65
N ASP I 834 -33.29 -50.93 -22.92
CA ASP I 834 -32.69 -49.59 -23.00
C ASP I 834 -31.99 -49.21 -21.69
N THR I 835 -32.56 -49.62 -20.55
CA THR I 835 -32.00 -49.24 -19.26
C THR I 835 -30.67 -49.93 -19.00
N TYR I 836 -30.60 -51.24 -19.23
CA TYR I 836 -29.38 -51.97 -18.93
C TYR I 836 -28.30 -51.76 -19.99
N GLU I 837 -28.67 -51.38 -21.22
CA GLU I 837 -27.66 -50.93 -22.17
C GLU I 837 -27.05 -49.60 -21.75
N SER I 838 -27.88 -48.70 -21.23
CA SER I 838 -27.42 -47.36 -20.90
C SER I 838 -26.73 -47.30 -19.54
N CYS I 839 -27.19 -48.10 -18.59
CA CYS I 839 -26.70 -48.04 -17.22
C CYS I 839 -26.11 -49.38 -16.80
N ASP I 840 -24.92 -49.33 -16.20
CA ASP I 840 -24.41 -50.43 -15.37
C ASP I 840 -24.81 -50.06 -13.94
N VAL I 841 -25.88 -50.65 -13.45
CA VAL I 841 -26.46 -50.23 -12.18
C VAL I 841 -25.56 -50.58 -11.00
N LEU I 842 -24.82 -51.67 -11.08
CA LEU I 842 -24.03 -52.08 -9.93
C LEU I 842 -22.79 -51.19 -9.79
N ALA I 843 -22.19 -50.78 -10.91
CA ALA I 843 -21.06 -49.86 -10.87
C ALA I 843 -21.48 -48.50 -10.32
N ASP I 844 -22.66 -48.01 -10.70
CA ASP I 844 -23.17 -46.77 -10.13
C ASP I 844 -23.34 -46.89 -8.63
N PHE I 845 -23.84 -48.04 -8.16
CA PHE I 845 -23.97 -48.28 -6.73
C PHE I 845 -22.62 -48.25 -6.03
N TYR I 846 -21.58 -48.79 -6.67
CA TYR I 846 -20.22 -48.69 -6.14
C TYR I 846 -19.81 -47.23 -5.98
N ASP I 847 -20.10 -46.40 -6.99
CA ASP I 847 -19.68 -45.00 -6.95
C ASP I 847 -20.27 -44.27 -5.76
N GLN I 848 -21.43 -44.72 -5.26
CA GLN I 848 -22.07 -44.01 -4.15
C GLN I 848 -21.37 -44.29 -2.82
N PHE I 849 -21.02 -45.55 -2.55
CA PHE I 849 -20.39 -45.89 -1.27
C PHE I 849 -18.87 -45.97 -1.34
N ALA I 850 -18.27 -45.71 -2.50
CA ALA I 850 -16.83 -45.89 -2.65
C ALA I 850 -16.06 -44.96 -1.71
N ASP I 851 -16.44 -43.69 -1.66
CA ASP I 851 -15.76 -42.76 -0.76
C ASP I 851 -16.01 -43.14 0.70
N GLN I 852 -17.17 -43.73 1.00
CA GLN I 852 -17.51 -44.05 2.38
C GLN I 852 -16.66 -45.19 2.93
N LEU I 853 -16.16 -46.07 2.06
CA LEU I 853 -15.38 -47.21 2.52
C LEU I 853 -14.06 -46.76 3.13
N HIS I 854 -13.68 -47.41 4.24
CA HIS I 854 -12.47 -47.08 4.96
C HIS I 854 -11.26 -47.73 4.29
N GLU I 855 -10.06 -47.30 4.72
CA GLU I 855 -8.81 -47.82 4.16
C GLU I 855 -8.63 -49.30 4.46
N SER I 856 -9.07 -49.76 5.63
CA SER I 856 -9.03 -51.20 5.89
C SER I 856 -10.04 -51.95 5.03
N GLN I 857 -11.18 -51.31 4.73
CA GLN I 857 -12.26 -52.01 4.04
C GLN I 857 -11.98 -52.22 2.56
N LEU I 858 -11.15 -51.37 1.94
CA LEU I 858 -11.02 -51.42 0.49
C LEU I 858 -10.33 -52.71 0.03
N ASP I 859 -9.38 -53.22 0.82
CA ASP I 859 -8.78 -54.51 0.49
C ASP I 859 -9.77 -55.65 0.72
N LYS I 860 -10.69 -55.48 1.67
CA LYS I 860 -11.66 -56.53 1.96
C LYS I 860 -12.76 -56.59 0.91
N MET I 861 -13.08 -55.47 0.27
CA MET I 861 -14.26 -55.40 -0.59
C MET I 861 -14.06 -56.26 -1.84
N PRO I 862 -15.02 -57.13 -2.17
CA PRO I 862 -14.91 -57.91 -3.40
C PRO I 862 -15.06 -57.03 -4.63
N ALA I 863 -14.50 -57.53 -5.74
CA ALA I 863 -14.61 -56.86 -7.02
C ALA I 863 -15.99 -57.12 -7.63
N LEU I 864 -16.33 -56.30 -8.63
CA LEU I 864 -17.62 -56.41 -9.30
C LEU I 864 -17.68 -57.73 -10.09
N PRO I 865 -18.82 -58.42 -10.04
CA PRO I 865 -18.94 -59.67 -10.83
C PRO I 865 -18.85 -59.40 -12.32
N ALA I 866 -18.24 -60.35 -13.03
CA ALA I 866 -17.95 -60.18 -14.45
C ALA I 866 -19.22 -60.16 -15.29
N LYS I 867 -19.17 -59.42 -16.38
CA LYS I 867 -20.25 -59.46 -17.37
C LYS I 867 -20.23 -60.79 -18.11
N GLY I 868 -21.41 -61.18 -18.59
CA GLY I 868 -21.57 -62.42 -19.33
C GLY I 868 -21.73 -62.19 -20.82
N ASN I 869 -22.06 -63.28 -21.51
CA ASN I 869 -22.15 -63.28 -22.97
C ASN I 869 -23.57 -63.08 -23.49
N LEU I 870 -24.55 -62.83 -22.61
CA LEU I 870 -25.91 -62.57 -23.06
C LEU I 870 -25.97 -61.24 -23.81
N ASN I 871 -26.68 -61.28 -24.94
CA ASN I 871 -27.05 -60.07 -25.67
C ASN I 871 -28.46 -59.68 -25.25
N LEU I 872 -28.64 -58.40 -24.91
CA LEU I 872 -29.94 -57.93 -24.46
C LEU I 872 -30.88 -57.70 -25.62
N ARG I 873 -30.35 -57.60 -26.84
CA ARG I 873 -31.23 -57.52 -27.99
C ARG I 873 -32.06 -58.79 -28.15
N ASP I 874 -31.62 -59.91 -27.57
CA ASP I 874 -32.43 -61.10 -27.61
C ASP I 874 -33.69 -60.98 -26.75
N ILE I 875 -33.71 -60.04 -25.79
CA ILE I 875 -34.84 -59.92 -24.86
C ILE I 875 -36.10 -59.47 -25.60
N LEU I 876 -35.97 -58.49 -26.49
CA LEU I 876 -37.12 -58.04 -27.28
C LEU I 876 -37.71 -59.15 -28.13
N GLU I 877 -36.94 -60.19 -28.41
CA GLU I 877 -37.38 -61.27 -29.26
C GLU I 877 -38.11 -62.38 -28.50
N SER I 878 -37.76 -62.58 -27.23
CA SER I 878 -38.40 -63.60 -26.43
C SER I 878 -39.86 -63.24 -26.17
N ASP I 879 -40.74 -64.23 -26.36
CA ASP I 879 -42.16 -64.05 -26.10
C ASP I 879 -42.56 -64.48 -24.70
N PHE I 880 -41.78 -65.36 -24.08
CA PHE I 880 -42.15 -65.93 -22.79
C PHE I 880 -41.70 -65.10 -21.60
N ALA I 881 -40.77 -64.15 -21.81
CA ALA I 881 -40.31 -63.33 -20.69
C ALA I 881 -41.41 -62.44 -20.15
N PHE I 882 -42.36 -62.03 -21.01
CA PHE I 882 -43.53 -61.23 -20.66
C PHE I 882 -43.14 -59.85 -20.15
N ALA I 883 -41.84 -59.57 -20.12
CA ALA I 883 -41.27 -58.38 -19.51
C ALA I 883 -39.79 -58.31 -19.81
N MET L 1 86.94 10.29 -50.66
CA MET L 1 87.64 11.38 -51.32
C MET L 1 86.83 11.94 -52.49
N ASN L 2 86.05 11.07 -53.14
CA ASN L 2 85.15 11.46 -54.21
C ASN L 2 83.71 11.33 -53.73
N THR L 3 82.87 12.29 -54.09
CA THR L 3 81.49 12.32 -53.59
C THR L 3 80.51 12.51 -54.74
N ILE L 4 79.48 11.66 -54.76
CA ILE L 4 78.44 11.78 -55.78
C ILE L 4 77.56 12.98 -55.49
N ASN L 5 76.96 13.54 -56.54
CA ASN L 5 76.09 14.69 -56.42
C ASN L 5 74.64 14.25 -56.55
N ILE L 6 73.87 14.43 -55.47
CA ILE L 6 72.47 14.08 -55.41
C ILE L 6 71.66 14.99 -56.32
N ALA L 7 72.14 16.21 -56.54
CA ALA L 7 71.33 17.26 -57.15
C ALA L 7 70.94 16.95 -58.59
N LYS L 8 71.78 16.20 -59.32
CA LYS L 8 71.59 16.05 -60.76
C LYS L 8 70.26 15.37 -61.07
N ASN L 9 69.95 14.28 -60.37
CA ASN L 9 68.66 13.63 -60.53
C ASN L 9 67.70 13.99 -59.41
N ASP L 10 68.12 13.78 -58.16
CA ASP L 10 67.20 13.82 -57.04
C ASP L 10 66.65 15.23 -56.81
N PHE L 11 67.52 16.24 -56.77
CA PHE L 11 67.03 17.58 -56.49
C PHE L 11 66.13 18.08 -57.62
N SER L 12 66.40 17.61 -58.84
CA SER L 12 65.47 17.85 -59.95
C SER L 12 64.14 17.15 -59.72
N ASP L 13 64.17 15.94 -59.12
CA ASP L 13 62.95 15.18 -58.89
C ASP L 13 61.96 15.93 -58.00
N ILE L 14 62.47 16.72 -57.05
CA ILE L 14 61.61 17.42 -56.10
C ILE L 14 60.71 18.41 -56.83
N GLU L 15 61.29 19.20 -57.73
CA GLU L 15 60.51 20.12 -58.55
C GLU L 15 59.82 19.38 -59.69
N LEU L 16 60.29 18.19 -60.05
CA LEU L 16 59.73 17.46 -61.18
C LEU L 16 58.31 16.99 -60.91
N ALA L 17 58.05 16.47 -59.70
CA ALA L 17 56.80 15.76 -59.42
C ALA L 17 55.59 16.66 -59.67
N ALA L 18 54.58 16.10 -60.35
CA ALA L 18 53.45 16.89 -60.81
C ALA L 18 52.47 17.21 -59.69
N ILE L 19 52.28 16.28 -58.73
CA ILE L 19 51.31 16.53 -57.67
C ILE L 19 51.65 17.71 -56.77
N PRO L 20 52.93 17.99 -56.40
CA PRO L 20 53.18 19.27 -55.72
C PRO L 20 52.94 20.47 -56.62
N PHE L 21 53.27 20.35 -57.90
CA PHE L 21 53.01 21.44 -58.85
C PHE L 21 51.51 21.66 -59.02
N ASN L 22 50.78 20.59 -59.33
CA ASN L 22 49.38 20.73 -59.73
C ASN L 22 48.54 21.39 -58.65
N THR L 23 48.67 20.91 -57.41
CA THR L 23 47.92 21.48 -56.29
C THR L 23 48.28 22.94 -56.08
N LEU L 24 49.57 23.27 -56.17
CA LEU L 24 50.02 24.64 -55.95
C LEU L 24 49.53 25.58 -57.05
N ALA L 25 49.47 25.10 -58.29
CA ALA L 25 49.19 25.96 -59.43
C ALA L 25 47.78 26.55 -59.38
N ASP L 26 46.78 25.73 -59.03
CA ASP L 26 45.41 26.23 -59.02
C ASP L 26 45.21 27.31 -57.97
N HIS L 27 45.77 27.10 -56.77
CA HIS L 27 45.52 28.00 -55.65
C HIS L 27 46.14 29.37 -55.88
N TYR L 28 47.39 29.41 -56.32
CA TYR L 28 48.17 30.65 -56.34
C TYR L 28 48.67 31.03 -57.72
N GLY L 29 48.14 30.42 -58.78
CA GLY L 29 48.71 30.62 -60.08
C GLY L 29 49.92 29.73 -60.27
N GLU L 30 50.20 29.35 -61.52
CA GLU L 30 51.34 28.47 -61.77
C GLU L 30 52.65 29.13 -61.37
N ARG L 31 52.81 30.41 -61.73
CA ARG L 31 54.11 31.07 -61.66
C ARG L 31 54.69 31.03 -60.25
N LEU L 32 53.87 31.34 -59.25
CA LEU L 32 54.34 31.29 -57.87
C LEU L 32 54.70 29.88 -57.43
N ALA L 33 54.06 28.87 -58.04
CA ALA L 33 54.34 27.48 -57.68
C ALA L 33 55.75 27.07 -58.08
N ARG L 34 56.15 27.37 -59.32
CA ARG L 34 57.51 27.03 -59.74
C ARG L 34 58.53 27.82 -58.94
N GLU L 35 58.21 29.07 -58.59
CA GLU L 35 59.08 29.86 -57.74
C GLU L 35 59.27 29.18 -56.39
N GLN L 36 58.17 28.71 -55.78
CA GLN L 36 58.27 27.97 -54.53
C GLN L 36 59.05 26.67 -54.74
N LEU L 37 58.74 25.95 -55.81
CA LEU L 37 59.45 24.71 -56.10
C LEU L 37 60.92 24.97 -56.38
N ALA L 38 61.23 26.06 -57.09
CA ALA L 38 62.62 26.42 -57.35
C ALA L 38 63.36 26.81 -56.08
N LEU L 39 62.68 27.54 -55.18
CA LEU L 39 63.31 27.93 -53.92
C LEU L 39 63.64 26.71 -53.07
N GLU L 40 62.71 25.77 -52.97
CA GLU L 40 62.94 24.56 -52.16
C GLU L 40 64.05 23.72 -52.77
N HIS L 41 64.14 23.67 -54.10
CA HIS L 41 65.28 23.05 -54.77
C HIS L 41 66.57 23.76 -54.37
N GLU L 42 66.59 25.09 -54.45
CA GLU L 42 67.80 25.85 -54.12
C GLU L 42 68.18 25.65 -52.66
N SER L 43 67.18 25.58 -51.78
CA SER L 43 67.43 25.41 -50.35
C SER L 43 68.21 24.14 -50.07
N TYR L 44 67.82 23.03 -50.71
CA TYR L 44 68.54 21.78 -50.54
C TYR L 44 69.96 21.87 -51.11
N GLU L 45 70.12 22.58 -52.23
CA GLU L 45 71.43 22.71 -52.86
C GLU L 45 72.40 23.45 -51.95
N MET L 46 71.93 24.51 -51.29
CA MET L 46 72.80 25.28 -50.40
C MET L 46 73.32 24.43 -49.26
N GLY L 47 72.47 23.58 -48.68
CA GLY L 47 72.93 22.72 -47.62
C GLY L 47 73.92 21.66 -48.07
N GLU L 48 73.73 21.12 -49.28
CA GLU L 48 74.72 20.20 -49.83
C GLU L 48 76.05 20.89 -50.03
N ALA L 49 76.04 22.11 -50.57
CA ALA L 49 77.27 22.87 -50.76
C ALA L 49 77.91 23.22 -49.41
N ARG L 50 77.08 23.51 -48.41
CA ARG L 50 77.59 23.75 -47.06
C ARG L 50 78.30 22.52 -46.52
N PHE L 51 77.68 21.35 -46.69
CA PHE L 51 78.28 20.10 -46.23
C PHE L 51 79.59 19.84 -46.95
N ARG L 52 79.63 20.11 -48.25
CA ARG L 52 80.83 19.83 -49.04
C ARG L 52 82.01 20.67 -48.57
N LYS L 53 81.77 21.94 -48.26
CA LYS L 53 82.86 22.80 -47.79
C LYS L 53 83.37 22.37 -46.43
N MET L 54 82.46 22.02 -45.52
CA MET L 54 82.87 21.55 -44.20
C MET L 54 83.62 20.23 -44.30
N PHE L 55 83.16 19.32 -45.16
CA PHE L 55 83.88 18.06 -45.37
C PHE L 55 85.26 18.31 -45.98
N GLU L 56 85.33 19.16 -47.02
CA GLU L 56 86.60 19.43 -47.67
C GLU L 56 87.59 20.06 -46.71
N ARG L 57 87.12 20.99 -45.88
CA ARG L 57 87.96 21.56 -44.84
C ARG L 57 88.36 20.49 -43.81
N GLN L 58 87.41 19.64 -43.42
CA GLN L 58 87.72 18.55 -42.51
C GLN L 58 88.65 17.54 -43.16
N LEU L 59 88.49 17.29 -44.46
CA LEU L 59 89.38 16.40 -45.19
C LEU L 59 90.81 16.91 -45.14
N LYS L 60 91.00 18.20 -45.40
CA LYS L 60 92.33 18.80 -45.28
C LYS L 60 92.79 18.82 -43.83
N ALA L 61 91.86 19.05 -42.89
CA ALA L 61 92.21 19.08 -41.48
C ALA L 61 92.63 17.71 -40.95
N GLY L 62 92.22 16.63 -41.62
CA GLY L 62 92.36 15.32 -41.03
C GLY L 62 91.30 15.00 -40.00
N GLU L 63 90.23 15.80 -39.94
CA GLU L 63 89.12 15.57 -39.03
C GLU L 63 88.00 14.76 -39.68
N VAL L 64 88.29 14.01 -40.74
CA VAL L 64 87.25 13.25 -41.40
C VAL L 64 86.70 12.17 -40.47
N ALA L 65 87.52 11.68 -39.54
CA ALA L 65 87.01 10.75 -38.53
C ALA L 65 85.97 11.42 -37.65
N ASP L 66 86.12 12.71 -37.38
CA ASP L 66 85.11 13.45 -36.63
C ASP L 66 83.81 13.59 -37.42
N ASN L 67 83.90 13.65 -38.75
CA ASN L 67 82.72 13.80 -39.58
C ASN L 67 81.80 12.59 -39.44
N ALA L 68 80.49 12.85 -39.51
CA ALA L 68 79.51 11.80 -39.29
C ALA L 68 79.56 10.72 -40.36
N ALA L 69 79.95 11.08 -41.58
CA ALA L 69 79.96 10.12 -42.67
C ALA L 69 80.96 9.00 -42.45
N ALA L 70 82.06 9.29 -41.75
CA ALA L 70 83.04 8.25 -41.42
C ALA L 70 82.63 7.43 -40.20
N LYS L 71 81.78 7.99 -39.34
CA LYS L 71 81.45 7.34 -38.07
C LYS L 71 80.82 5.95 -38.17
N PRO L 72 79.93 5.62 -39.11
CA PRO L 72 79.40 4.23 -39.10
C PRO L 72 80.43 3.21 -39.54
N LEU L 73 81.34 3.58 -40.44
CA LEU L 73 82.39 2.64 -40.84
C LEU L 73 83.34 2.35 -39.69
N ILE L 74 83.71 3.37 -38.91
CA ILE L 74 84.66 3.11 -37.84
C ILE L 74 84.06 2.14 -36.83
N THR L 75 82.82 2.38 -36.39
CA THR L 75 82.21 1.60 -35.31
C THR L 75 82.15 0.12 -35.64
N THR L 76 82.19 -0.26 -36.92
CA THR L 76 82.35 -1.66 -37.28
C THR L 76 83.78 -2.14 -37.06
N LEU L 77 84.77 -1.31 -37.43
CA LEU L 77 86.16 -1.75 -37.41
C LEU L 77 86.71 -1.85 -35.98
N LEU L 78 86.28 -0.94 -35.07
CA LEU L 78 86.89 -0.87 -33.74
C LEU L 78 86.82 -2.20 -32.99
N PRO L 79 85.65 -2.84 -32.78
CA PRO L 79 85.65 -4.05 -31.93
C PRO L 79 86.53 -5.18 -32.47
N LYS L 80 86.63 -5.31 -33.79
CA LYS L 80 87.63 -6.22 -34.35
C LYS L 80 89.04 -5.75 -34.03
N MET L 81 89.26 -4.44 -34.12
CA MET L 81 90.58 -3.88 -33.83
C MET L 81 90.93 -4.01 -32.35
N ILE L 82 89.94 -3.90 -31.47
CA ILE L 82 90.20 -4.13 -30.04
C ILE L 82 90.59 -5.58 -29.80
N ALA L 83 90.00 -6.50 -30.56
CA ALA L 83 90.28 -7.92 -30.36
C ALA L 83 91.74 -8.25 -30.68
N ARG L 84 92.27 -7.72 -31.78
CA ARG L 84 93.61 -8.08 -32.22
C ARG L 84 94.68 -7.63 -31.23
N ILE L 85 94.55 -6.42 -30.67
CA ILE L 85 95.56 -5.92 -29.76
C ILE L 85 95.60 -6.77 -28.48
N ASN L 86 94.43 -7.18 -27.98
CA ASN L 86 94.40 -8.09 -26.83
C ASN L 86 95.03 -9.43 -27.17
N ASP L 87 94.78 -9.93 -28.39
CA ASP L 87 95.40 -11.17 -28.82
C ASP L 87 96.92 -11.04 -28.92
N TRP L 88 97.40 -9.87 -29.36
CA TRP L 88 98.85 -9.63 -29.34
C TRP L 88 99.38 -9.63 -27.91
N PHE L 89 98.63 -9.05 -26.97
CA PHE L 89 99.05 -9.06 -25.57
C PHE L 89 99.16 -10.49 -25.05
N GLU L 90 98.20 -11.35 -25.44
CA GLU L 90 98.23 -12.74 -24.99
C GLU L 90 99.44 -13.48 -25.51
N GLU L 91 99.80 -13.26 -26.78
CA GLU L 91 101.02 -13.86 -27.33
C GLU L 91 102.26 -13.32 -26.64
N VAL L 92 102.26 -12.02 -26.31
CA VAL L 92 103.38 -11.43 -25.56
C VAL L 92 103.51 -12.11 -24.21
N LYS L 93 102.40 -12.50 -23.60
CA LYS L 93 102.44 -13.26 -22.36
C LYS L 93 102.80 -14.72 -22.60
N ALA L 94 102.31 -15.30 -23.70
CA ALA L 94 102.58 -16.71 -23.99
C ALA L 94 104.06 -16.94 -24.31
N LYS L 95 104.67 -16.05 -25.08
CA LYS L 95 106.08 -16.17 -25.44
C LYS L 95 106.97 -15.68 -24.30
N LYS L 110 94.32 2.80 -22.08
CA LYS L 110 93.31 1.83 -22.47
C LYS L 110 93.71 1.14 -23.77
N PRO L 111 93.72 -0.20 -23.76
CA PRO L 111 93.93 -0.92 -25.03
C PRO L 111 92.95 -0.47 -26.11
N GLU L 112 91.65 -0.51 -25.82
CA GLU L 112 90.64 -0.16 -26.82
C GLU L 112 90.87 1.22 -27.42
N ALA L 113 91.31 2.18 -26.59
CA ALA L 113 91.56 3.52 -27.08
C ALA L 113 92.71 3.56 -28.08
N VAL L 114 93.77 2.78 -27.83
CA VAL L 114 94.93 2.78 -28.71
C VAL L 114 94.55 2.29 -30.11
N ALA L 115 93.66 1.30 -30.18
CA ALA L 115 93.18 0.83 -31.47
C ALA L 115 92.41 1.91 -32.21
N TYR L 116 91.58 2.66 -31.49
CA TYR L 116 90.88 3.79 -32.11
C TYR L 116 91.85 4.88 -32.53
N ILE L 117 92.87 5.14 -31.72
CA ILE L 117 93.85 6.16 -32.05
C ILE L 117 94.60 5.79 -33.33
N THR L 118 94.85 4.50 -33.53
CA THR L 118 95.49 4.04 -34.76
C THR L 118 94.60 4.31 -35.98
N ILE L 119 93.30 4.03 -35.86
CA ILE L 119 92.41 4.16 -37.01
C ILE L 119 92.24 5.62 -37.41
N LYS L 120 92.00 6.49 -36.42
CA LYS L 120 91.81 7.91 -36.72
C LYS L 120 93.08 8.55 -37.28
N THR L 121 94.23 8.24 -36.68
CA THR L 121 95.48 8.82 -37.16
C THR L 121 95.82 8.33 -38.57
N THR L 122 95.57 7.05 -38.84
CA THR L 122 95.78 6.53 -40.19
C THR L 122 94.84 7.18 -41.19
N LEU L 123 93.56 7.34 -40.83
CA LEU L 123 92.60 7.99 -41.72
C LEU L 123 92.95 9.45 -41.92
N ALA L 124 93.38 10.14 -40.86
CA ALA L 124 93.74 11.55 -40.98
C ALA L 124 94.96 11.74 -41.87
N CYS L 125 95.97 10.88 -41.72
CA CYS L 125 97.19 11.01 -42.50
C CYS L 125 96.92 10.80 -43.99
N LEU L 126 96.06 9.84 -44.32
CA LEU L 126 95.69 9.62 -45.72
C LEU L 126 94.77 10.72 -46.23
N THR L 127 93.89 11.25 -45.38
CA THR L 127 93.01 12.34 -45.80
C THR L 127 93.80 13.61 -46.06
N SER L 128 94.82 13.88 -45.25
CA SER L 128 95.65 15.07 -45.42
C SER L 128 97.08 14.70 -45.78
N ASN L 131 102.72 12.37 -49.18
CA ASN L 131 103.19 12.12 -47.82
C ASN L 131 102.55 10.86 -47.24
N THR L 132 102.36 9.86 -48.09
CA THR L 132 101.68 8.62 -47.72
C THR L 132 102.64 7.57 -47.17
N THR L 133 103.87 7.93 -46.86
CA THR L 133 104.85 6.95 -46.40
C THR L 133 104.43 6.36 -45.05
N VAL L 134 104.70 5.06 -44.89
CA VAL L 134 104.24 4.33 -43.71
C VAL L 134 104.96 4.81 -42.47
N GLN L 135 106.26 5.13 -42.59
CA GLN L 135 107.05 5.50 -41.42
C GLN L 135 106.56 6.79 -40.79
N ALA L 136 106.23 7.80 -41.60
CA ALA L 136 105.68 9.03 -41.05
C ALA L 136 104.31 8.80 -40.43
N VAL L 137 103.50 7.94 -41.05
CA VAL L 137 102.23 7.57 -40.42
C VAL L 137 102.47 6.89 -39.08
N ALA L 138 103.34 5.87 -39.07
CA ALA L 138 103.54 5.06 -37.87
C ALA L 138 104.10 5.90 -36.72
N SER L 139 105.01 6.83 -37.02
CA SER L 139 105.52 7.72 -35.99
C SER L 139 104.41 8.56 -35.39
N ALA L 140 103.50 9.06 -36.25
CA ALA L 140 102.37 9.86 -35.78
C ALA L 140 101.46 9.05 -34.87
N ILE L 141 101.18 7.80 -35.22
CA ILE L 141 100.49 6.90 -34.31
C ILE L 141 101.32 6.66 -33.07
N GLY L 142 102.63 6.46 -33.25
CA GLY L 142 103.50 6.19 -32.12
C GLY L 142 103.59 7.34 -31.14
N ARG L 143 103.69 8.56 -31.66
CA ARG L 143 103.59 9.74 -30.81
C ARG L 143 102.26 9.78 -30.08
N ALA L 144 101.15 9.82 -30.84
CA ALA L 144 99.83 10.11 -30.29
C ALA L 144 99.46 9.17 -29.14
N ILE L 145 99.92 7.91 -29.21
CA ILE L 145 99.72 7.00 -28.08
C ILE L 145 100.48 7.51 -26.86
N GLU L 146 101.71 7.97 -27.05
CA GLU L 146 102.57 8.34 -25.93
C GLU L 146 102.05 9.60 -25.22
N ASP L 147 101.67 10.63 -25.99
CA ASP L 147 101.17 11.85 -25.35
C ASP L 147 99.90 11.57 -24.56
N GLU L 148 98.99 10.78 -25.14
CA GLU L 148 97.73 10.48 -24.48
C GLU L 148 97.94 9.62 -23.24
N ALA L 149 98.80 8.59 -23.35
CA ALA L 149 99.02 7.69 -22.21
C ALA L 149 99.67 8.40 -21.04
N ARG L 150 100.64 9.28 -21.31
CA ARG L 150 101.28 10.03 -20.23
C ARG L 150 100.29 10.98 -19.56
N PHE L 151 99.46 11.66 -20.35
CA PHE L 151 98.46 12.57 -19.81
C PHE L 151 97.21 11.81 -19.38
N LYS L 163 92.51 19.60 -12.33
CA LYS L 163 91.86 18.29 -12.40
C LYS L 163 90.49 18.41 -13.04
N LYS L 164 89.45 18.47 -12.21
CA LYS L 164 88.10 18.74 -12.72
C LYS L 164 88.03 20.12 -13.33
N ASN L 165 88.71 21.10 -12.71
CA ASN L 165 88.80 22.44 -13.30
C ASN L 165 89.59 22.41 -14.60
N VAL L 166 90.62 21.55 -14.67
CA VAL L 166 91.45 21.48 -15.87
C VAL L 166 90.64 20.91 -17.04
N GLU L 167 89.74 19.96 -16.76
CA GLU L 167 88.91 19.37 -17.82
C GLU L 167 88.01 20.42 -18.46
N GLU L 168 87.46 21.33 -17.65
CA GLU L 168 86.72 22.46 -18.20
C GLU L 168 87.63 23.38 -19.00
N GLN L 169 88.84 23.63 -18.50
CA GLN L 169 89.82 24.41 -19.26
C GLN L 169 90.27 23.68 -20.52
N LEU L 170 90.39 22.35 -20.44
CA LEU L 170 90.69 21.56 -21.63
C LEU L 170 89.54 21.63 -22.63
N ASN L 171 88.30 21.64 -22.14
CA ASN L 171 87.15 21.88 -23.01
C ASN L 171 87.24 23.27 -23.65
N LYS L 172 87.70 24.26 -22.88
CA LYS L 172 87.98 25.57 -23.46
C LYS L 172 89.15 25.50 -24.43
N ARG L 173 90.16 24.68 -24.12
CA ARG L 173 91.31 24.52 -24.99
C ARG L 173 90.90 23.89 -26.32
N VAL L 174 91.45 24.40 -27.41
CA VAL L 174 91.11 23.96 -28.75
C VAL L 174 92.39 23.55 -29.47
N GLY L 175 92.41 22.32 -29.98
CA GLY L 175 93.55 21.81 -30.70
C GLY L 175 94.55 21.10 -29.80
N HIS L 176 95.40 20.29 -30.43
CA HIS L 176 96.42 19.56 -29.69
C HIS L 176 97.45 20.51 -29.09
N VAL L 177 97.81 21.57 -29.81
CA VAL L 177 98.84 22.49 -29.34
C VAL L 177 98.40 23.19 -28.06
N TYR L 178 97.17 23.69 -28.03
CA TYR L 178 96.64 24.27 -26.80
C TYR L 178 96.50 23.21 -25.71
N LYS L 179 96.06 22.00 -26.08
CA LYS L 179 95.96 20.92 -25.12
C LYS L 179 97.33 20.50 -24.60
N LYS L 180 98.33 20.44 -25.48
CA LYS L 180 99.68 20.10 -25.05
C LYS L 180 100.23 21.15 -24.08
N ALA L 181 100.02 22.43 -24.37
CA ALA L 181 100.40 23.48 -23.45
C ALA L 181 99.58 23.43 -22.17
N PHE L 182 98.27 23.16 -22.28
CA PHE L 182 97.43 23.05 -21.10
C PHE L 182 97.85 21.89 -20.22
N MET L 183 98.19 20.75 -20.83
CA MET L 183 98.76 19.64 -20.07
C MET L 183 100.13 20.02 -19.51
N GLN L 184 100.94 20.73 -20.30
CA GLN L 184 102.27 21.14 -19.83
C GLN L 184 102.19 22.09 -18.65
N VAL L 185 101.26 23.06 -18.70
CA VAL L 185 101.05 23.95 -17.56
C VAL L 185 100.52 23.17 -16.37
N VAL L 186 99.60 22.22 -16.62
CA VAL L 186 99.09 21.38 -15.54
C VAL L 186 100.21 20.50 -14.97
N GLU L 187 101.11 20.03 -15.84
CA GLU L 187 102.25 19.26 -15.37
C GLU L 187 103.16 20.10 -14.50
N ALA L 188 103.36 21.38 -14.87
CA ALA L 188 104.18 22.27 -14.05
C ALA L 188 103.57 22.47 -12.67
N ASP L 189 102.25 22.68 -12.62
CA ASP L 189 101.57 22.73 -11.32
C ASP L 189 101.64 21.38 -10.62
N MET L 190 101.52 20.29 -11.37
CA MET L 190 101.69 18.96 -10.79
C MET L 190 103.12 18.74 -10.32
N LEU L 191 104.11 19.30 -11.04
CA LEU L 191 105.50 19.20 -10.60
C LEU L 191 105.70 19.92 -9.27
N SER L 192 105.09 21.11 -9.12
CA SER L 192 105.07 21.76 -7.82
C SER L 192 104.26 20.95 -6.82
N LYS L 193 103.16 20.34 -7.26
CA LYS L 193 102.36 19.49 -6.38
C LYS L 193 103.09 18.22 -5.99
N GLY L 194 104.02 17.77 -6.83
CA GLY L 194 104.57 16.44 -6.66
C GLY L 194 103.72 15.34 -7.24
N LEU L 195 102.64 15.68 -7.93
CA LEU L 195 101.75 14.72 -8.56
C LEU L 195 102.45 13.94 -9.66
N LYS L 206 111.75 6.34 -29.16
CA LYS L 206 111.66 7.18 -30.34
C LYS L 206 111.52 6.34 -31.60
N GLU L 207 112.63 5.72 -32.01
CA GLU L 207 112.57 4.74 -33.09
C GLU L 207 111.72 3.55 -32.70
N ASP L 208 111.80 3.14 -31.43
CA ASP L 208 110.91 2.10 -30.92
C ASP L 208 109.45 2.55 -30.97
N SER L 209 109.20 3.85 -30.72
CA SER L 209 107.85 4.38 -30.84
C SER L 209 107.35 4.30 -32.27
N ILE L 210 108.25 4.55 -33.25
CA ILE L 210 107.88 4.37 -34.65
C ILE L 210 107.60 2.91 -34.94
N HIS L 211 108.38 2.01 -34.33
CA HIS L 211 108.11 0.58 -34.47
C HIS L 211 106.77 0.21 -33.86
N VAL L 212 106.39 0.86 -32.76
CA VAL L 212 105.10 0.59 -32.12
C VAL L 212 103.96 0.98 -33.04
N GLY L 213 104.10 2.11 -33.74
CA GLY L 213 103.08 2.51 -34.70
C GLY L 213 102.96 1.52 -35.85
N VAL L 214 104.10 0.96 -36.28
CA VAL L 214 104.06 -0.07 -37.31
C VAL L 214 103.36 -1.33 -36.78
N ARG L 215 103.63 -1.69 -35.53
CA ARG L 215 102.96 -2.85 -34.93
C ARG L 215 101.45 -2.64 -34.84
N CYS L 216 101.03 -1.43 -34.46
CA CYS L 216 99.60 -1.09 -34.48
C CYS L 216 99.06 -1.12 -35.90
N ILE L 217 99.84 -0.64 -36.87
CA ILE L 217 99.41 -0.67 -38.27
C ILE L 217 99.28 -2.11 -38.76
N GLU L 218 100.23 -2.96 -38.37
CA GLU L 218 100.16 -4.37 -38.76
C GLU L 218 98.92 -5.04 -38.20
N MET L 219 98.59 -4.76 -36.93
CA MET L 219 97.35 -5.27 -36.35
C MET L 219 96.14 -4.66 -37.04
N LEU L 220 96.24 -3.39 -37.43
CA LEU L 220 95.12 -2.72 -38.11
C LEU L 220 94.82 -3.37 -39.46
N ILE L 221 95.87 -3.68 -40.23
CA ILE L 221 95.67 -4.32 -41.53
C ILE L 221 95.05 -5.70 -41.35
N GLU L 222 95.50 -6.45 -40.34
CA GLU L 222 94.89 -7.74 -40.04
C GLU L 222 93.45 -7.59 -39.58
N SER L 223 93.18 -6.62 -38.71
CA SER L 223 91.84 -6.47 -38.16
C SER L 223 90.85 -5.92 -39.18
N THR L 224 91.30 -5.00 -40.03
CA THR L 224 90.42 -4.38 -41.01
C THR L 224 91.15 -4.22 -42.33
N GLY L 225 90.40 -4.35 -43.41
CA GLY L 225 90.96 -4.20 -44.74
C GLY L 225 91.12 -2.77 -45.21
N MET L 226 90.76 -1.80 -44.37
CA MET L 226 90.80 -0.40 -44.78
C MET L 226 92.21 0.06 -45.15
N VAL L 227 93.21 -0.43 -44.41
CA VAL L 227 94.61 -0.07 -44.64
C VAL L 227 95.07 -0.31 -46.08
N LEU L 246 94.42 3.48 -48.70
CA LEU L 246 93.08 3.12 -48.23
C LEU L 246 92.42 2.13 -49.19
N ALA L 247 91.68 1.17 -48.64
CA ALA L 247 90.94 0.24 -49.47
C ALA L 247 89.86 1.00 -50.25
N PRO L 248 89.60 0.62 -51.51
CA PRO L 248 88.53 1.30 -52.25
C PRO L 248 87.17 1.18 -51.60
N GLU L 249 86.85 0.01 -51.05
CA GLU L 249 85.51 -0.22 -50.49
C GLU L 249 85.26 0.69 -49.29
N TYR L 250 86.26 0.85 -48.42
CA TYR L 250 86.11 1.75 -47.28
C TYR L 250 85.96 3.20 -47.74
N ALA L 251 86.74 3.61 -48.73
CA ALA L 251 86.64 4.97 -49.26
C ALA L 251 85.28 5.21 -49.91
N GLU L 252 84.75 4.21 -50.61
CA GLU L 252 83.43 4.36 -51.21
C GLU L 252 82.34 4.46 -50.15
N ALA L 253 82.52 3.77 -49.02
CA ALA L 253 81.50 3.76 -47.96
C ALA L 253 81.33 5.15 -47.34
N ILE L 254 82.43 5.79 -46.97
CA ILE L 254 82.37 7.17 -46.46
C ILE L 254 81.86 8.11 -47.54
N ALA L 255 82.20 7.82 -48.80
CA ALA L 255 81.76 8.64 -49.91
C ALA L 255 80.26 8.54 -50.10
N THR L 256 79.72 7.32 -50.07
CA THR L 256 78.30 7.12 -50.30
C THR L 256 77.44 7.76 -49.22
N ARG L 257 77.87 7.66 -47.96
CA ARG L 257 77.10 8.29 -46.89
C ARG L 257 77.16 9.81 -46.97
N ALA L 258 78.36 10.36 -47.21
CA ALA L 258 78.52 11.81 -47.21
C ALA L 258 77.64 12.49 -48.24
N GLY L 259 77.50 11.87 -49.42
CA GLY L 259 76.52 12.31 -50.37
C GLY L 259 75.14 12.36 -49.74
N ALA L 260 74.60 11.21 -49.35
CA ALA L 260 73.27 11.15 -48.75
C ALA L 260 73.13 12.12 -47.58
N LEU L 261 74.21 12.33 -46.82
CA LEU L 261 74.20 13.31 -45.74
C LEU L 261 74.07 14.74 -46.26
N ALA L 262 74.57 15.03 -47.47
CA ALA L 262 74.43 16.37 -48.02
C ALA L 262 72.96 16.69 -48.33
N GLY L 263 72.23 15.70 -48.83
CA GLY L 263 70.82 15.92 -49.13
C GLY L 263 69.98 16.17 -47.90
N ILE L 264 70.28 15.47 -46.80
CA ILE L 264 69.44 15.57 -45.60
C ILE L 264 69.59 16.89 -44.87
N SER L 265 70.49 17.77 -45.28
CA SER L 265 70.69 19.05 -44.59
C SER L 265 70.37 20.19 -45.54
N PRO L 266 69.15 20.76 -45.47
CA PRO L 266 68.86 21.96 -46.26
C PRO L 266 68.97 23.25 -45.47
N MET L 267 69.02 24.38 -46.17
CA MET L 267 68.89 25.71 -45.55
C MET L 267 67.49 26.21 -45.85
N PHE L 268 66.64 26.25 -44.83
CA PHE L 268 65.25 26.57 -45.04
C PHE L 268 65.08 28.06 -45.33
N GLN L 269 64.33 28.36 -46.41
CA GLN L 269 64.04 29.69 -46.89
C GLN L 269 62.54 29.98 -46.74
N PRO L 270 62.15 31.25 -46.63
CA PRO L 270 60.72 31.58 -46.56
C PRO L 270 60.00 31.22 -47.86
N CYS L 271 58.69 31.13 -47.76
CA CYS L 271 57.86 30.75 -48.89
C CYS L 271 57.38 31.98 -49.65
N VAL L 272 57.35 31.87 -50.99
CA VAL L 272 56.69 32.89 -51.80
C VAL L 272 55.19 32.68 -51.92
N VAL L 273 54.69 31.55 -51.42
CA VAL L 273 53.25 31.27 -51.39
C VAL L 273 52.89 30.97 -49.95
N PRO L 274 51.61 30.97 -49.58
CA PRO L 274 51.23 30.51 -48.24
C PRO L 274 51.75 29.11 -47.99
N PRO L 275 52.23 28.82 -46.78
CA PRO L 275 52.75 27.48 -46.50
C PRO L 275 51.63 26.45 -46.55
N LYS L 276 52.01 25.22 -46.82
CA LYS L 276 51.03 24.13 -46.86
C LYS L 276 50.49 23.87 -45.46
N PRO L 277 49.17 23.80 -45.30
CA PRO L 277 48.62 23.47 -43.99
C PRO L 277 49.07 22.11 -43.50
N TRP L 278 49.18 22.00 -42.17
CA TRP L 278 49.49 20.74 -41.50
C TRP L 278 48.21 19.93 -41.33
N THR L 279 48.12 18.81 -42.05
CA THR L 279 47.05 17.84 -41.85
C THR L 279 47.55 16.56 -41.20
N GLY L 280 48.85 16.47 -40.94
CA GLY L 280 49.43 15.28 -40.33
C GLY L 280 50.74 15.65 -39.65
N ILE L 281 51.40 14.64 -39.09
CA ILE L 281 52.65 14.87 -38.37
C ILE L 281 53.77 15.28 -39.32
N THR L 282 53.76 14.75 -40.55
CA THR L 282 54.80 15.04 -41.52
C THR L 282 54.18 15.60 -42.80
N GLY L 283 54.99 16.33 -43.55
CA GLY L 283 54.61 16.82 -44.86
C GLY L 283 54.13 18.26 -44.90
N GLY L 284 53.92 18.90 -43.75
CA GLY L 284 53.42 20.26 -43.74
C GLY L 284 54.49 21.29 -44.07
N GLY L 285 54.05 22.54 -44.17
CA GLY L 285 54.96 23.63 -44.44
C GLY L 285 55.29 23.75 -45.92
N TYR L 286 56.48 23.31 -46.29
CA TYR L 286 56.88 23.33 -47.69
C TYR L 286 56.09 22.32 -48.50
N TRP L 287 55.73 22.71 -49.73
CA TRP L 287 54.73 21.97 -50.48
C TRP L 287 55.29 20.72 -51.14
N ALA L 288 56.52 20.79 -51.67
CA ALA L 288 57.06 19.68 -52.43
C ALA L 288 57.44 18.53 -51.52
N ASN L 289 57.45 17.32 -52.09
CA ASN L 289 58.03 16.19 -51.38
C ASN L 289 59.54 16.41 -51.27
N GLY L 290 60.12 15.88 -50.20
CA GLY L 290 61.52 16.15 -49.91
C GLY L 290 62.27 14.89 -49.52
N ARG L 291 63.61 14.97 -49.62
CA ARG L 291 64.46 13.93 -49.06
C ARG L 291 64.20 13.78 -47.57
N ARG L 292 64.11 14.91 -46.87
CA ARG L 292 63.62 14.92 -45.51
C ARG L 292 62.32 15.72 -45.46
N PRO L 293 61.25 15.14 -44.95
CA PRO L 293 60.02 15.90 -44.73
C PRO L 293 60.11 16.69 -43.43
N LEU L 294 59.31 17.74 -43.37
CA LEU L 294 59.21 18.52 -42.15
C LEU L 294 58.29 17.81 -41.17
N ALA L 295 58.64 17.87 -39.89
CA ALA L 295 57.84 17.26 -38.83
C ALA L 295 57.14 18.35 -38.03
N LEU L 296 55.87 18.11 -37.69
CA LEU L 296 55.13 19.07 -36.89
C LEU L 296 55.78 19.26 -35.52
N VAL L 297 56.33 18.19 -34.96
CA VAL L 297 57.03 18.23 -33.68
C VAL L 297 58.46 17.77 -33.90
N ARG L 298 59.42 18.56 -33.43
CA ARG L 298 60.82 18.18 -33.50
C ARG L 298 61.14 17.22 -32.36
N THR L 299 61.56 16.01 -32.70
CA THR L 299 61.83 14.97 -31.72
C THR L 299 63.19 14.35 -31.97
N HIS L 300 63.87 13.98 -30.89
CA HIS L 300 65.19 13.36 -31.00
C HIS L 300 65.09 11.99 -31.66
N SER L 301 64.01 11.25 -31.40
CA SER L 301 63.79 9.93 -31.95
C SER L 301 62.58 9.93 -32.87
N LYS L 302 62.60 9.04 -33.86
CA LYS L 302 61.43 8.88 -34.72
C LYS L 302 60.25 8.32 -33.94
N LYS L 303 60.51 7.46 -32.96
CA LYS L 303 59.44 6.87 -32.16
C LYS L 303 58.67 7.94 -31.39
N ALA L 304 59.38 8.93 -30.84
CA ALA L 304 58.70 10.03 -30.15
C ALA L 304 57.85 10.84 -31.10
N LEU L 305 58.32 11.04 -32.33
CA LEU L 305 57.48 11.66 -33.36
C LEU L 305 56.27 10.79 -33.68
N MET L 306 56.46 9.47 -33.71
CA MET L 306 55.36 8.57 -34.07
C MET L 306 54.26 8.56 -33.03
N ARG L 307 54.50 9.01 -31.81
CA ARG L 307 53.43 9.01 -30.82
C ARG L 307 52.33 10.01 -31.17
N TYR L 308 52.64 11.01 -31.99
CA TYR L 308 51.72 12.11 -32.27
C TYR L 308 50.74 11.83 -33.39
N GLU L 309 50.96 10.79 -34.21
CA GLU L 309 50.08 10.55 -35.35
C GLU L 309 48.68 10.18 -34.90
N ASP L 310 48.57 9.29 -33.91
CA ASP L 310 47.26 8.90 -33.40
C ASP L 310 46.61 10.04 -32.64
N VAL L 311 47.41 10.97 -32.10
CA VAL L 311 46.89 12.01 -31.25
C VAL L 311 45.97 12.93 -32.04
N TYR L 312 44.78 13.17 -31.50
CA TYR L 312 43.82 14.11 -32.07
C TYR L 312 43.95 15.41 -31.29
N MET L 313 44.62 16.38 -31.89
CA MET L 313 44.82 17.70 -31.28
C MET L 313 44.32 18.75 -32.27
N PRO L 314 43.00 18.91 -32.40
CA PRO L 314 42.45 19.84 -33.39
C PRO L 314 42.91 21.27 -33.18
N GLU L 315 43.02 21.71 -31.93
CA GLU L 315 43.44 23.08 -31.65
C GLU L 315 44.92 23.29 -31.98
N VAL L 316 45.76 22.29 -31.73
CA VAL L 316 47.19 22.40 -32.06
C VAL L 316 47.36 22.74 -33.52
N TYR L 317 46.69 21.97 -34.38
CA TYR L 317 46.86 22.12 -35.81
C TYR L 317 46.38 23.47 -36.29
N LYS L 318 45.23 23.94 -35.77
CA LYS L 318 44.68 25.21 -36.20
C LYS L 318 45.64 26.36 -35.89
N ALA L 319 46.25 26.34 -34.71
CA ALA L 319 47.17 27.40 -34.32
C ALA L 319 48.40 27.43 -35.22
N ILE L 320 48.97 26.25 -35.51
CA ILE L 320 50.14 26.18 -36.38
C ILE L 320 49.77 26.64 -37.79
N ASN L 321 48.62 26.19 -38.29
CA ASN L 321 48.18 26.59 -39.62
C ASN L 321 47.90 28.08 -39.70
N ILE L 322 47.39 28.66 -38.61
CA ILE L 322 47.14 30.10 -38.56
C ILE L 322 48.46 30.87 -38.61
N ALA L 323 49.45 30.44 -37.82
CA ALA L 323 50.72 31.17 -37.75
C ALA L 323 51.41 31.19 -39.10
N GLN L 324 51.39 30.06 -39.82
CA GLN L 324 51.96 30.00 -41.15
C GLN L 324 51.22 30.93 -42.11
N ASN L 325 49.91 31.12 -41.91
CA ASN L 325 49.11 31.89 -42.86
C ASN L 325 49.45 33.37 -42.85
N THR L 326 50.00 33.87 -41.75
CA THR L 326 50.30 35.30 -41.65
C THR L 326 51.32 35.71 -42.70
N ALA L 327 51.02 36.78 -43.41
CA ALA L 327 51.87 37.25 -44.51
C ALA L 327 52.87 38.28 -43.99
N TRP L 328 54.11 38.15 -44.45
CA TRP L 328 55.17 39.08 -44.12
C TRP L 328 55.70 39.74 -45.38
N LYS L 329 56.17 40.97 -45.23
CA LYS L 329 56.89 41.68 -46.28
C LYS L 329 58.13 42.30 -45.65
N ILE L 330 59.14 42.52 -46.46
CA ILE L 330 60.41 43.01 -45.96
C ILE L 330 60.37 44.53 -45.94
N ASN L 331 60.68 45.10 -44.77
CA ASN L 331 60.64 46.55 -44.60
C ASN L 331 61.79 47.16 -45.38
N LYS L 332 61.47 47.70 -46.55
CA LYS L 332 62.50 48.21 -47.46
C LYS L 332 63.24 49.40 -46.85
N LYS L 333 62.54 50.22 -46.07
CA LYS L 333 63.18 51.37 -45.45
C LYS L 333 64.29 50.95 -44.50
N VAL L 334 64.03 49.94 -43.67
CA VAL L 334 65.04 49.46 -42.73
C VAL L 334 66.17 48.75 -43.46
N LEU L 335 65.84 48.00 -44.51
CA LEU L 335 66.86 47.30 -45.28
C LEU L 335 67.86 48.27 -45.88
N ALA L 336 67.37 49.33 -46.53
CA ALA L 336 68.25 50.32 -47.12
C ALA L 336 69.16 50.94 -46.08
N VAL L 337 68.64 51.24 -44.89
CA VAL L 337 69.47 51.74 -43.80
C VAL L 337 70.49 50.69 -43.41
N ALA L 338 70.06 49.44 -43.26
CA ALA L 338 70.96 48.38 -42.79
C ALA L 338 72.10 48.15 -43.77
N ASN L 339 71.82 48.22 -45.08
CA ASN L 339 72.82 47.90 -46.09
C ASN L 339 74.05 48.79 -45.97
N VAL L 340 73.85 50.10 -45.79
CA VAL L 340 74.99 51.00 -45.77
C VAL L 340 75.81 50.83 -44.49
N ILE L 341 75.17 50.91 -43.32
CA ILE L 341 75.90 50.83 -42.06
C ILE L 341 76.57 49.48 -41.88
N THR L 342 76.05 48.45 -42.53
CA THR L 342 76.71 47.14 -42.53
C THR L 342 78.09 47.21 -43.19
N LYS L 343 78.18 47.87 -44.33
CA LYS L 343 79.45 47.94 -45.06
C LYS L 343 80.51 48.73 -44.31
N TRP L 344 80.10 49.59 -43.38
CA TRP L 344 81.03 50.46 -42.68
C TRP L 344 81.45 49.92 -41.32
N LYS L 345 80.59 49.18 -40.62
CA LYS L 345 80.90 48.68 -39.29
C LYS L 345 80.59 47.19 -39.20
N HIS L 346 81.42 46.49 -38.42
CA HIS L 346 81.21 45.06 -38.21
C HIS L 346 79.85 44.80 -37.62
N CYS L 347 79.48 45.56 -36.59
CA CYS L 347 78.11 45.62 -36.10
C CYS L 347 77.60 47.05 -36.17
N PRO L 348 76.46 47.27 -36.82
CA PRO L 348 76.04 48.64 -37.14
C PRO L 348 75.78 49.54 -35.94
N VAL L 349 75.42 48.97 -34.79
CA VAL L 349 75.09 49.77 -33.61
C VAL L 349 76.04 49.52 -32.44
N GLU L 350 77.05 48.67 -32.62
CA GLU L 350 77.90 48.29 -31.49
C GLU L 350 78.70 49.47 -30.96
N ASP L 351 79.28 50.28 -31.84
CA ASP L 351 80.05 51.44 -31.44
C ASP L 351 79.57 52.66 -32.21
N ILE L 352 79.07 53.66 -31.49
CA ILE L 352 78.59 54.91 -32.06
C ILE L 352 79.31 56.04 -31.34
N PRO L 353 79.93 56.98 -32.05
CA PRO L 353 80.39 58.22 -31.39
C PRO L 353 79.21 58.92 -30.73
N ALA L 354 79.43 59.35 -29.49
CA ALA L 354 78.35 59.95 -28.70
C ALA L 354 78.97 60.82 -27.61
N ILE L 355 78.12 61.63 -26.99
CA ILE L 355 78.54 62.55 -25.94
C ILE L 355 79.04 61.80 -24.71
N THR L 375 96.36 37.08 -12.72
CA THR L 375 95.06 36.41 -12.58
C THR L 375 93.99 37.14 -13.37
N ALA L 376 93.47 38.22 -12.79
CA ALA L 376 92.46 39.02 -13.46
C ALA L 376 93.03 39.68 -14.71
N TRP L 377 94.30 40.07 -14.67
CA TRP L 377 94.96 40.60 -15.86
C TRP L 377 95.02 39.57 -16.97
N LYS L 378 95.26 38.31 -16.60
CA LYS L 378 95.17 37.23 -17.58
C LYS L 378 93.74 37.02 -18.05
N ARG L 379 92.77 37.22 -17.15
CA ARG L 379 91.36 37.06 -17.52
C ARG L 379 90.91 38.17 -18.46
N ALA L 380 91.50 39.35 -18.37
CA ALA L 380 91.15 40.43 -19.30
C ALA L 380 91.54 40.07 -20.73
N ALA L 381 92.68 39.42 -20.90
CA ALA L 381 93.04 38.88 -22.21
C ALA L 381 92.10 37.76 -22.63
N ALA L 382 91.55 37.01 -21.67
CA ALA L 382 90.58 35.98 -22.02
C ALA L 382 89.27 36.61 -22.51
N ALA L 383 88.90 37.76 -21.95
CA ALA L 383 87.66 38.42 -22.37
C ALA L 383 87.73 38.90 -23.81
N VAL L 384 88.86 39.50 -24.20
CA VAL L 384 88.96 40.07 -25.55
C VAL L 384 88.99 38.97 -26.61
N TYR L 385 89.64 37.84 -26.30
CA TYR L 385 89.61 36.72 -27.24
C TYR L 385 88.20 36.18 -27.39
N ARG L 386 87.42 36.15 -26.30
CA ARG L 386 86.01 35.80 -26.40
C ARG L 386 85.28 36.84 -27.25
N LYS L 387 85.62 38.12 -27.11
CA LYS L 387 85.07 39.15 -27.97
C LYS L 387 85.50 38.95 -29.42
N ASP L 388 86.73 38.45 -29.64
CA ASP L 388 87.23 38.27 -31.00
C ASP L 388 86.36 37.29 -31.78
N LYS L 389 86.12 36.11 -31.22
CA LYS L 389 85.22 35.16 -31.86
C LYS L 389 83.80 35.68 -31.89
N ALA L 390 83.42 36.42 -30.84
CA ALA L 390 82.06 36.95 -30.75
C ALA L 390 81.76 37.93 -31.88
N ARG L 391 82.72 38.80 -32.20
CA ARG L 391 82.53 39.72 -33.32
C ARG L 391 82.39 38.95 -34.64
N LYS L 392 83.23 37.93 -34.85
CA LYS L 392 83.14 37.15 -36.07
C LYS L 392 81.85 36.34 -36.10
N SER L 393 81.50 35.69 -34.98
CA SER L 393 80.29 34.87 -34.96
C SER L 393 79.04 35.70 -35.17
N ARG L 394 79.01 36.93 -34.61
CA ARG L 394 77.85 37.77 -34.79
C ARG L 394 77.72 38.27 -36.22
N ARG L 395 78.85 38.51 -36.89
CA ARG L 395 78.80 39.09 -38.22
C ARG L 395 78.30 38.09 -39.27
N ILE L 396 78.75 36.82 -39.18
CA ILE L 396 78.43 35.85 -40.22
C ILE L 396 76.93 35.63 -40.32
N SER L 397 76.23 35.64 -39.19
CA SER L 397 74.77 35.57 -39.21
C SER L 397 74.17 36.84 -39.83
N LEU L 398 74.74 37.99 -39.50
CA LEU L 398 74.19 39.26 -39.95
C LEU L 398 74.24 39.38 -41.47
N GLU L 399 75.31 38.88 -42.09
CA GLU L 399 75.39 38.89 -43.56
C GLU L 399 74.34 37.98 -44.17
N PHE L 400 74.09 36.82 -43.57
CA PHE L 400 73.09 35.90 -44.11
C PHE L 400 71.69 36.50 -44.04
N MET L 401 71.34 37.07 -42.88
CA MET L 401 70.02 37.69 -42.73
C MET L 401 69.84 38.82 -43.74
N LEU L 402 70.89 39.62 -43.94
CA LEU L 402 70.84 40.69 -44.94
C LEU L 402 70.66 40.12 -46.35
N GLU L 403 71.43 39.09 -46.68
CA GLU L 403 71.32 38.47 -48.01
C GLU L 403 69.92 37.92 -48.23
N GLN L 404 69.38 37.23 -47.24
CA GLN L 404 68.00 36.76 -47.31
C GLN L 404 67.05 37.93 -47.44
N ALA L 405 67.26 38.98 -46.64
CA ALA L 405 66.38 40.15 -46.70
C ALA L 405 66.45 40.83 -48.06
N ASN L 406 67.65 40.97 -48.62
CA ASN L 406 67.78 41.59 -49.93
C ASN L 406 67.13 40.73 -51.01
N LYS L 407 67.20 39.40 -50.87
CA LYS L 407 66.62 38.52 -51.87
C LYS L 407 65.10 38.63 -51.91
N PHE L 408 64.45 38.70 -50.74
CA PHE L 408 63.00 38.72 -50.66
C PHE L 408 62.43 40.11 -50.47
N ALA L 409 63.27 41.15 -50.59
CA ALA L 409 62.79 42.51 -50.45
C ALA L 409 61.81 42.89 -51.56
N ASN L 410 61.95 42.26 -52.73
CA ASN L 410 61.11 42.61 -53.86
C ASN L 410 59.75 41.92 -53.83
N HIS L 411 59.67 40.75 -53.18
CA HIS L 411 58.42 40.00 -53.15
C HIS L 411 57.34 40.79 -52.42
N LYS L 412 56.11 40.73 -52.97
CA LYS L 412 54.98 41.40 -52.33
C LYS L 412 54.73 40.86 -50.94
N ALA L 413 54.80 39.53 -50.79
CA ALA L 413 54.66 38.89 -49.49
C ALA L 413 55.62 37.72 -49.42
N ILE L 414 55.98 37.34 -48.19
CA ILE L 414 56.69 36.11 -47.93
C ILE L 414 56.04 35.44 -46.72
N TRP L 415 56.14 34.12 -46.67
CA TRP L 415 55.48 33.33 -45.64
C TRP L 415 56.51 32.45 -44.94
N PHE L 416 56.22 32.14 -43.68
CA PHE L 416 57.09 31.29 -42.88
C PHE L 416 56.34 30.06 -42.41
N PRO L 417 56.85 28.86 -42.65
CA PRO L 417 56.27 27.67 -42.04
C PRO L 417 56.66 27.55 -40.58
N TYR L 418 55.81 26.87 -39.81
CA TYR L 418 56.01 26.72 -38.38
C TYR L 418 55.88 25.26 -37.97
N ASN L 419 56.75 24.83 -37.07
CA ASN L 419 56.58 23.55 -36.39
C ASN L 419 56.85 23.75 -34.90
N MET L 420 56.93 22.66 -34.14
CA MET L 420 56.98 22.74 -32.68
C MET L 420 58.16 21.93 -32.15
N ASP L 421 58.67 22.32 -30.99
CA ASP L 421 59.62 21.47 -30.29
C ASP L 421 58.86 20.41 -29.49
N TRP L 422 59.61 19.53 -28.82
CA TRP L 422 58.97 18.43 -28.11
C TRP L 422 58.16 18.91 -26.91
N ARG L 423 58.45 20.09 -26.37
CA ARG L 423 57.65 20.63 -25.27
C ARG L 423 56.41 21.38 -25.74
N GLY L 424 56.30 21.69 -27.03
CA GLY L 424 55.15 22.39 -27.54
C GLY L 424 55.31 23.87 -27.78
N ARG L 425 56.53 24.39 -27.81
CA ARG L 425 56.76 25.77 -28.19
C ARG L 425 56.87 25.88 -29.71
N VAL L 426 56.52 27.04 -30.24
CA VAL L 426 56.32 27.23 -31.68
C VAL L 426 57.49 28.00 -32.25
N TYR L 427 58.17 27.40 -33.24
CA TYR L 427 59.31 28.01 -33.90
C TYR L 427 59.06 28.04 -35.41
N ALA L 428 59.49 29.13 -36.04
CA ALA L 428 59.41 29.24 -37.49
C ALA L 428 60.57 28.47 -38.13
N VAL L 429 60.25 27.75 -39.21
CA VAL L 429 61.19 26.78 -39.76
C VAL L 429 62.38 27.46 -40.42
N SER L 430 62.13 28.55 -41.13
CA SER L 430 63.18 29.18 -41.93
C SER L 430 64.31 29.74 -41.06
N MET L 431 65.51 29.71 -41.63
CA MET L 431 66.67 30.31 -40.97
C MET L 431 66.45 31.80 -40.74
N PHE L 432 65.98 32.50 -41.76
CA PHE L 432 65.57 33.89 -41.67
C PHE L 432 64.11 33.90 -41.24
N ASN L 433 63.86 34.21 -39.97
CA ASN L 433 62.51 34.13 -39.41
C ASN L 433 62.28 35.32 -38.50
N PRO L 434 61.01 35.68 -38.26
CA PRO L 434 60.72 36.85 -37.41
C PRO L 434 61.02 36.67 -35.94
N GLN L 435 61.57 35.54 -35.52
CA GLN L 435 61.95 35.33 -34.12
C GLN L 435 63.39 35.70 -33.84
N GLY L 436 64.12 36.19 -34.84
CA GLY L 436 65.54 36.48 -34.70
C GLY L 436 65.85 37.72 -33.88
N ASN L 437 67.06 38.23 -34.04
CA ASN L 437 67.52 39.39 -33.27
C ASN L 437 66.89 40.67 -33.82
N ASP L 438 67.22 41.78 -33.14
CA ASP L 438 66.65 43.10 -33.41
C ASP L 438 66.69 43.46 -34.89
N MET L 439 67.86 43.36 -35.52
CA MET L 439 67.99 43.70 -36.93
C MET L 439 67.16 42.76 -37.80
N THR L 440 67.20 41.45 -37.51
CA THR L 440 66.36 40.51 -38.22
C THR L 440 64.89 40.79 -37.98
N LYS L 441 64.53 41.14 -36.75
CA LYS L 441 63.15 41.52 -36.45
C LYS L 441 62.76 42.82 -37.16
N GLY L 442 63.66 43.79 -37.19
CA GLY L 442 63.36 45.05 -37.86
C GLY L 442 63.19 44.92 -39.35
N LEU L 443 63.94 44.01 -39.98
CA LEU L 443 63.91 43.85 -41.42
C LEU L 443 62.57 43.32 -41.94
N LEU L 444 61.78 42.70 -41.08
CA LEU L 444 60.53 42.07 -41.48
C LEU L 444 59.34 42.79 -40.87
N THR L 445 58.29 42.97 -41.67
CA THR L 445 57.02 43.50 -41.20
C THR L 445 55.89 42.73 -41.86
N LEU L 446 54.72 42.79 -41.25
CA LEU L 446 53.58 42.09 -41.81
C LEU L 446 53.15 42.73 -43.12
N ALA L 447 52.65 41.90 -44.04
CA ALA L 447 52.23 42.42 -45.34
C ALA L 447 50.81 42.97 -45.29
N LYS L 448 49.92 42.31 -44.56
CA LYS L 448 48.55 42.78 -44.42
C LYS L 448 48.51 44.10 -43.66
N GLY L 449 47.68 45.03 -44.13
CA GLY L 449 47.61 46.34 -43.51
C GLY L 449 46.20 46.87 -43.36
N LYS L 450 45.94 47.55 -42.25
CA LYS L 450 44.67 48.19 -41.95
C LYS L 450 44.91 49.63 -41.55
N PRO L 451 43.92 50.50 -41.73
CA PRO L 451 44.04 51.87 -41.18
C PRO L 451 44.30 51.82 -39.69
N ILE L 452 45.35 52.52 -39.26
CA ILE L 452 45.87 52.32 -37.91
C ILE L 452 44.88 52.83 -36.86
N GLY L 453 44.23 53.96 -37.12
CA GLY L 453 43.21 54.44 -36.21
C GLY L 453 43.78 55.06 -34.96
N LYS L 454 42.92 55.64 -34.12
CA LYS L 454 43.39 56.29 -32.90
C LYS L 454 44.02 55.28 -31.94
N GLU L 455 43.37 54.13 -31.75
CA GLU L 455 43.88 53.14 -30.81
C GLU L 455 45.19 52.52 -31.28
N GLY L 456 45.28 52.22 -32.58
CA GLY L 456 46.52 51.65 -33.11
C GLY L 456 47.69 52.58 -32.96
N TYR L 457 47.45 53.89 -33.12
CA TYR L 457 48.52 54.85 -32.97
C TYR L 457 48.87 55.09 -31.51
N TYR L 458 47.93 54.84 -30.59
CA TYR L 458 48.30 54.73 -29.18
C TYR L 458 49.26 53.58 -28.97
N TRP L 459 48.89 52.38 -29.43
CA TRP L 459 49.73 51.20 -29.23
C TRP L 459 51.02 51.29 -30.01
N LEU L 460 51.03 52.02 -31.13
CA LEU L 460 52.26 52.25 -31.86
C LEU L 460 53.24 53.06 -31.02
N LYS L 461 52.75 54.05 -30.28
CA LYS L 461 53.64 54.78 -29.37
C LYS L 461 54.13 53.90 -28.24
N ILE L 462 53.22 53.16 -27.61
CA ILE L 462 53.62 52.25 -26.53
C ILE L 462 54.68 51.29 -27.03
N HIS L 463 54.50 50.76 -28.24
CA HIS L 463 55.50 49.88 -28.82
C HIS L 463 56.83 50.60 -29.04
N GLY L 464 56.76 51.81 -29.59
CA GLY L 464 57.98 52.60 -29.76
C GLY L 464 58.66 52.90 -28.43
N ALA L 465 57.86 53.15 -27.40
CA ALA L 465 58.42 53.31 -26.06
C ALA L 465 59.09 52.03 -25.59
N ASN L 466 58.46 50.88 -25.84
CA ASN L 466 59.05 49.59 -25.47
C ASN L 466 60.38 49.37 -26.20
N CYS L 467 60.41 49.68 -27.50
CA CYS L 467 61.65 49.56 -28.26
C CYS L 467 62.71 50.52 -27.74
N ALA L 468 62.29 51.68 -27.24
CA ALA L 468 63.22 52.62 -26.60
C ALA L 468 63.70 52.13 -25.24
N GLY L 469 63.05 51.13 -24.66
CA GLY L 469 63.43 50.61 -23.37
C GLY L 469 62.76 51.25 -22.18
N VAL L 470 61.78 52.12 -22.40
CA VAL L 470 60.97 52.66 -21.30
C VAL L 470 59.74 51.76 -21.20
N ASP L 471 59.93 50.62 -20.53
CA ASP L 471 58.86 49.66 -20.28
C ASP L 471 58.65 49.42 -18.80
N LYS L 472 59.34 50.17 -17.93
CA LYS L 472 59.21 50.04 -16.48
C LYS L 472 58.39 51.17 -15.89
N VAL L 473 57.65 51.90 -16.72
CA VAL L 473 56.91 53.09 -16.30
C VAL L 473 55.48 52.88 -16.80
N PRO L 474 54.47 53.44 -16.13
CA PRO L 474 53.09 53.27 -16.62
C PRO L 474 52.89 53.81 -18.03
N PHE L 475 51.79 53.35 -18.65
CA PHE L 475 51.44 53.68 -20.03
C PHE L 475 51.35 55.16 -20.39
N PRO L 476 50.66 56.02 -19.63
CA PRO L 476 50.65 57.44 -20.01
C PRO L 476 52.01 58.15 -20.01
N GLU L 477 52.95 57.73 -19.14
CA GLU L 477 54.33 58.23 -19.25
C GLU L 477 55.00 57.73 -20.52
N ARG L 478 54.69 56.49 -20.94
CA ARG L 478 55.27 55.96 -22.17
C ARG L 478 54.81 56.78 -23.38
N ILE L 479 53.53 57.13 -23.43
CA ILE L 479 53.03 58.02 -24.48
C ILE L 479 53.72 59.36 -24.40
N LYS L 480 53.92 59.85 -23.17
CA LYS L 480 54.55 61.16 -22.97
C LYS L 480 55.99 61.16 -23.47
N PHE L 481 56.72 60.05 -23.26
CA PHE L 481 58.09 59.98 -23.76
C PHE L 481 58.16 60.13 -25.27
N ILE L 482 57.23 59.48 -25.98
CA ILE L 482 57.27 59.49 -27.44
C ILE L 482 56.98 60.88 -27.99
N GLU L 483 55.99 61.58 -27.42
CA GLU L 483 55.65 62.90 -27.93
C GLU L 483 56.74 63.92 -27.62
N GLU L 484 57.40 63.81 -26.47
CA GLU L 484 58.47 64.74 -26.14
C GLU L 484 59.60 64.68 -27.16
N ASN L 485 59.98 63.47 -27.58
CA ASN L 485 61.01 63.27 -28.58
C ASN L 485 60.45 63.17 -29.99
N HIS L 486 59.29 63.79 -30.23
CA HIS L 486 58.64 63.72 -31.54
C HIS L 486 59.53 64.32 -32.63
N GLU L 487 60.23 65.40 -32.32
CA GLU L 487 61.17 65.97 -33.29
C GLU L 487 62.35 65.04 -33.54
N ASN L 488 62.78 64.31 -32.52
CA ASN L 488 63.86 63.34 -32.71
C ASN L 488 63.40 62.16 -33.55
N ILE L 489 62.17 61.68 -33.32
CA ILE L 489 61.63 60.57 -34.11
C ILE L 489 61.47 60.96 -35.57
N MET L 490 60.94 62.17 -35.82
CA MET L 490 60.76 62.63 -37.20
C MET L 490 62.09 62.80 -37.92
N ALA L 491 63.08 63.35 -37.22
CA ALA L 491 64.39 63.56 -37.84
C ALA L 491 65.05 62.23 -38.18
N CYS L 492 64.87 61.22 -37.34
CA CYS L 492 65.38 59.89 -37.63
C CYS L 492 64.70 59.29 -38.85
N ALA L 493 63.39 59.48 -38.97
CA ALA L 493 62.67 58.97 -40.15
C ALA L 493 63.12 59.69 -41.42
N LYS L 494 63.34 61.00 -41.34
CA LYS L 494 63.68 61.78 -42.52
C LYS L 494 65.07 61.42 -43.03
N SER L 495 66.08 61.51 -42.16
CA SER L 495 67.47 61.25 -42.51
C SER L 495 68.03 60.24 -41.53
N PRO L 496 67.74 58.95 -41.72
CA PRO L 496 68.21 57.92 -40.78
C PRO L 496 69.72 57.87 -40.65
N LEU L 497 70.45 58.14 -41.73
CA LEU L 497 71.90 58.15 -41.67
C LEU L 497 72.46 59.41 -41.03
N GLU L 498 71.70 60.50 -41.03
CA GLU L 498 72.16 61.76 -40.46
C GLU L 498 71.82 61.92 -38.98
N ASN L 499 71.08 60.98 -38.38
CA ASN L 499 70.73 61.06 -36.97
C ASN L 499 70.87 59.67 -36.37
N THR L 500 71.83 59.52 -35.44
CA THR L 500 72.14 58.24 -34.84
C THR L 500 71.32 57.97 -33.58
N TRP L 501 70.31 58.80 -33.30
CA TRP L 501 69.57 58.65 -32.05
C TRP L 501 68.83 57.32 -31.98
N TRP L 502 68.27 56.87 -33.11
CA TRP L 502 67.59 55.58 -33.12
C TRP L 502 68.55 54.43 -32.84
N ALA L 503 69.81 54.55 -33.28
CA ALA L 503 70.79 53.51 -33.04
C ALA L 503 71.12 53.37 -31.56
N GLU L 504 71.08 54.48 -30.81
CA GLU L 504 71.38 54.43 -29.38
C GLU L 504 70.31 53.67 -28.59
N GLN L 505 69.11 53.53 -29.14
CA GLN L 505 68.00 52.93 -28.41
C GLN L 505 68.23 51.43 -28.19
N ASP L 506 67.43 50.86 -27.29
CA ASP L 506 67.63 49.48 -26.84
C ASP L 506 67.42 48.48 -27.97
N SER L 507 66.44 48.73 -28.84
CA SER L 507 66.17 47.89 -30.01
C SER L 507 66.21 48.81 -31.23
N PRO L 508 67.41 49.16 -31.69
CA PRO L 508 67.53 50.27 -32.67
C PRO L 508 66.82 50.04 -33.99
N PHE L 509 67.00 48.86 -34.60
CA PHE L 509 66.40 48.64 -35.91
C PHE L 509 64.88 48.54 -35.81
N CYS L 510 64.36 47.94 -34.75
CA CYS L 510 62.93 47.96 -34.51
C CYS L 510 62.44 49.37 -34.19
N PHE L 511 63.21 50.13 -33.39
CA PHE L 511 62.82 51.50 -33.08
C PHE L 511 62.79 52.37 -34.32
N LEU L 512 63.76 52.18 -35.22
CA LEU L 512 63.78 52.92 -36.47
C LEU L 512 62.55 52.59 -37.31
N ALA L 513 62.14 51.31 -37.34
CA ALA L 513 60.93 50.93 -38.05
C ALA L 513 59.70 51.58 -37.43
N PHE L 514 59.66 51.69 -36.11
CA PHE L 514 58.60 52.46 -35.47
C PHE L 514 58.65 53.92 -35.89
N CYS L 515 59.86 54.49 -35.97
CA CYS L 515 60.02 55.88 -36.38
C CYS L 515 59.45 56.10 -37.78
N PHE L 516 59.65 55.14 -38.67
CA PHE L 516 59.11 55.26 -40.02
C PHE L 516 57.58 55.23 -40.01
N GLU L 517 56.99 54.32 -39.23
CA GLU L 517 55.54 54.26 -39.15
C GLU L 517 54.97 55.45 -38.39
N TYR L 518 55.69 55.91 -37.35
CA TYR L 518 55.26 57.10 -36.62
C TYR L 518 55.21 58.32 -37.53
N ALA L 519 56.22 58.48 -38.38
CA ALA L 519 56.21 59.57 -39.35
C ALA L 519 55.08 59.41 -40.35
N GLY L 520 54.77 58.17 -40.74
CA GLY L 520 53.71 57.94 -41.71
C GLY L 520 52.35 58.42 -41.23
N VAL L 521 52.06 58.23 -39.95
CA VAL L 521 50.80 58.72 -39.39
C VAL L 521 50.77 60.25 -39.38
N GLN L 522 51.88 60.88 -39.01
CA GLN L 522 51.93 62.35 -38.99
C GLN L 522 51.71 62.93 -40.38
N HIS L 523 52.25 62.28 -41.41
CA HIS L 523 52.17 62.84 -42.75
C HIS L 523 50.81 62.57 -43.40
N HIS L 524 50.22 61.40 -43.19
CA HIS L 524 49.01 60.99 -43.89
C HIS L 524 47.78 60.91 -42.98
N GLY L 525 47.90 61.28 -41.71
CA GLY L 525 46.82 61.06 -40.76
C GLY L 525 46.76 59.61 -40.33
N LEU L 526 45.85 59.33 -39.37
CA LEU L 526 45.70 57.95 -38.90
C LEU L 526 45.13 57.03 -39.97
N SER L 527 44.72 57.55 -41.13
CA SER L 527 44.14 56.71 -42.18
C SER L 527 45.19 55.87 -42.88
N TYR L 528 46.46 56.28 -42.82
CA TYR L 528 47.54 55.53 -43.45
C TYR L 528 47.66 54.14 -42.85
N ASN L 529 47.78 53.14 -43.71
CA ASN L 529 47.87 51.76 -43.25
C ASN L 529 49.18 51.53 -42.52
N CYS L 530 49.09 50.96 -41.31
CA CYS L 530 50.27 50.49 -40.60
C CYS L 530 50.19 48.97 -40.52
N SER L 531 51.19 48.31 -41.08
CA SER L 531 51.31 46.87 -41.01
C SER L 531 52.38 46.43 -40.02
N LEU L 532 52.87 47.35 -39.20
CA LEU L 532 53.98 47.06 -38.31
C LEU L 532 53.54 46.12 -37.19
N PRO L 533 54.31 45.09 -36.87
CA PRO L 533 53.99 44.24 -35.72
C PRO L 533 54.22 44.99 -34.41
N LEU L 534 53.24 44.93 -33.52
CA LEU L 534 53.33 45.52 -32.20
C LEU L 534 53.29 44.40 -31.17
N ALA L 535 54.37 44.26 -30.41
CA ALA L 535 54.56 43.12 -29.51
C ALA L 535 54.37 43.53 -28.06
N PHE L 536 53.70 42.66 -27.30
CA PHE L 536 53.58 42.80 -25.85
C PHE L 536 54.21 41.56 -25.22
N ASP L 537 55.06 41.75 -24.21
CA ASP L 537 55.74 40.62 -23.58
C ASP L 537 55.37 40.50 -22.11
N GLY L 538 55.21 39.27 -21.65
CA GLY L 538 55.05 39.04 -20.23
C GLY L 538 56.35 39.28 -19.49
N SER L 539 56.25 39.92 -18.32
CA SER L 539 57.45 40.26 -17.56
C SER L 539 58.26 39.02 -17.24
N CYS L 540 57.60 37.96 -16.76
CA CYS L 540 58.24 36.69 -16.49
C CYS L 540 57.18 35.61 -16.70
N SER L 541 57.26 34.93 -17.85
CA SER L 541 56.19 34.03 -18.25
C SER L 541 56.05 32.85 -17.30
N GLY L 542 57.16 32.25 -16.88
CA GLY L 542 57.09 31.08 -16.04
C GLY L 542 56.48 31.35 -14.68
N ILE L 543 56.83 32.48 -14.09
CA ILE L 543 56.30 32.84 -12.78
C ILE L 543 54.81 33.18 -12.87
N GLN L 544 54.41 33.87 -13.95
CA GLN L 544 52.99 34.13 -14.20
C GLN L 544 52.20 32.82 -14.24
N HIS L 545 52.72 31.84 -14.98
CA HIS L 545 52.06 30.54 -15.07
C HIS L 545 52.01 29.85 -13.71
N PHE L 546 53.15 29.75 -13.04
CA PHE L 546 53.21 29.08 -11.75
C PHE L 546 52.34 29.78 -10.72
N SER L 547 52.30 31.12 -10.76
CA SER L 547 51.45 31.85 -9.82
C SER L 547 49.97 31.62 -10.14
N ALA L 548 49.63 31.52 -11.43
CA ALA L 548 48.22 31.32 -11.80
C ALA L 548 47.72 29.95 -11.36
N MET L 549 48.55 28.90 -11.52
CA MET L 549 48.15 27.57 -11.09
C MET L 549 47.84 27.53 -9.60
N LEU L 550 48.75 28.07 -8.80
CA LEU L 550 48.64 28.02 -7.34
C LEU L 550 47.98 29.26 -6.76
N ARG L 551 47.52 30.18 -7.60
CA ARG L 551 46.72 31.33 -7.17
C ARG L 551 47.49 32.22 -6.19
N ASP L 552 48.76 32.46 -6.48
CA ASP L 552 49.63 33.17 -5.54
C ASP L 552 49.53 34.67 -5.78
N GLU L 553 49.00 35.39 -4.78
CA GLU L 553 48.87 36.84 -4.89
C GLU L 553 50.23 37.53 -4.93
N VAL L 554 51.15 37.11 -4.06
CA VAL L 554 52.44 37.78 -3.98
C VAL L 554 53.25 37.55 -5.25
N GLY L 555 53.14 36.35 -5.84
CA GLY L 555 53.75 36.13 -7.14
C GLY L 555 53.06 36.93 -8.23
N GLY L 556 51.73 36.91 -8.24
CA GLY L 556 50.98 37.57 -9.31
C GLY L 556 51.23 39.06 -9.36
N ARG L 557 51.37 39.69 -8.20
CA ARG L 557 51.74 41.10 -8.18
C ARG L 557 53.13 41.29 -8.78
N ALA L 558 54.08 40.44 -8.39
CA ALA L 558 55.48 40.62 -8.80
C ALA L 558 55.66 40.54 -10.31
N VAL L 559 54.83 39.75 -10.98
CA VAL L 559 54.89 39.65 -12.44
C VAL L 559 53.79 40.48 -13.10
N ASN L 560 53.23 41.45 -12.37
CA ASN L 560 52.17 42.35 -12.86
C ASN L 560 50.91 41.61 -13.29
N LEU L 561 50.73 40.38 -12.81
CA LEU L 561 49.49 39.66 -13.10
C LEU L 561 48.29 40.33 -12.45
N LEU L 562 48.47 40.88 -11.24
CA LEU L 562 47.44 41.67 -10.60
C LEU L 562 47.50 43.12 -11.08
N PRO L 563 46.32 43.75 -11.25
CA PRO L 563 46.30 45.16 -11.64
C PRO L 563 47.04 46.02 -10.62
N SER L 564 47.84 46.95 -11.13
CA SER L 564 48.71 47.73 -10.26
C SER L 564 48.85 49.13 -10.83
N GLU L 565 49.17 50.07 -9.94
CA GLU L 565 49.37 51.46 -10.30
C GLU L 565 50.69 51.68 -11.02
N THR L 566 51.71 50.86 -10.72
CA THR L 566 53.05 51.03 -11.24
C THR L 566 53.59 49.70 -11.73
N VAL L 567 54.58 49.77 -12.63
CA VAL L 567 55.25 48.55 -13.08
C VAL L 567 55.94 47.92 -11.88
N GLN L 568 55.69 46.64 -11.68
CA GLN L 568 56.32 45.90 -10.60
C GLN L 568 57.44 45.05 -11.14
N ASP L 569 58.61 45.23 -10.55
CA ASP L 569 59.86 44.68 -11.05
C ASP L 569 60.36 43.70 -10.01
N ILE L 570 60.31 42.40 -10.33
CA ILE L 570 60.62 41.38 -9.34
C ILE L 570 62.05 41.53 -8.83
N TYR L 571 62.99 41.89 -9.72
CA TYR L 571 64.38 42.05 -9.30
C TYR L 571 64.51 43.16 -8.26
N GLY L 572 63.75 44.25 -8.41
CA GLY L 572 63.76 45.28 -7.39
C GLY L 572 63.01 44.89 -6.13
N ILE L 573 62.02 44.02 -6.26
CA ILE L 573 61.27 43.58 -5.08
C ILE L 573 62.14 42.68 -4.20
N VAL L 574 62.85 41.73 -4.82
CA VAL L 574 63.70 40.83 -4.04
C VAL L 574 64.89 41.58 -3.47
N ALA L 575 65.40 42.58 -4.19
CA ALA L 575 66.51 43.38 -3.65
C ALA L 575 66.07 44.15 -2.41
N LYS L 576 64.85 44.69 -2.43
CA LYS L 576 64.30 45.33 -1.24
C LYS L 576 64.18 44.32 -0.09
N LYS L 577 63.75 43.09 -0.40
CA LYS L 577 63.71 42.06 0.63
C LYS L 577 65.12 41.66 1.08
N VAL L 578 66.07 41.60 0.15
CA VAL L 578 67.45 41.34 0.51
C VAL L 578 67.97 42.44 1.44
N ASN L 579 67.68 43.69 1.10
CA ASN L 579 68.10 44.83 1.91
C ASN L 579 67.66 44.72 3.34
N GLU L 580 66.44 44.24 3.56
CA GLU L 580 65.93 44.19 4.92
C GLU L 580 66.53 43.05 5.72
N ILE L 581 66.93 41.95 5.06
CA ILE L 581 67.66 40.91 5.77
C ILE L 581 69.02 41.44 6.23
N LEU L 582 69.66 42.27 5.41
CA LEU L 582 70.96 42.82 5.77
C LEU L 582 70.86 43.74 6.98
N GLN L 583 69.76 44.49 7.11
CA GLN L 583 69.59 45.38 8.24
C GLN L 583 69.54 44.60 9.55
N ALA L 584 68.77 43.50 9.57
CA ALA L 584 68.74 42.63 10.74
C ALA L 584 70.05 41.88 10.89
N ASP L 585 70.71 41.55 9.78
CA ASP L 585 71.99 40.85 9.84
C ASP L 585 73.05 41.68 10.54
N ALA L 586 73.06 42.99 10.27
CA ALA L 586 73.97 43.88 11.00
C ALA L 586 73.64 43.90 12.49
N ILE L 587 72.36 43.92 12.83
CA ILE L 587 71.92 43.91 14.23
C ILE L 587 72.30 42.61 14.91
N LEU L 611 83.04 33.68 8.84
CA LEU L 611 83.06 35.09 9.20
C LEU L 611 81.70 35.50 9.77
N GLY L 612 81.68 36.65 10.46
CA GLY L 612 80.45 37.12 11.04
C GLY L 612 79.42 37.48 9.98
N THR L 613 78.17 37.12 10.25
CA THR L 613 77.08 37.46 9.32
C THR L 613 76.91 38.97 9.21
N LYS L 614 77.01 39.68 10.34
CA LYS L 614 77.00 41.14 10.31
C LYS L 614 78.20 41.68 9.55
N ALA L 615 79.37 41.06 9.75
CA ALA L 615 80.56 41.48 9.02
C ALA L 615 80.42 41.25 7.52
N LEU L 616 79.87 40.10 7.12
CA LEU L 616 79.61 39.84 5.71
C LEU L 616 78.59 40.82 5.16
N ALA L 617 77.57 41.16 5.96
CA ALA L 617 76.61 42.18 5.59
C ALA L 617 77.31 43.50 5.25
N GLY L 618 78.08 44.04 6.21
CA GLY L 618 78.66 45.37 6.03
C GLY L 618 79.47 45.54 4.77
N GLN L 619 80.13 44.46 4.33
CA GLN L 619 80.76 44.47 3.01
C GLN L 619 79.73 44.63 1.91
N TRP L 620 78.59 43.93 2.02
CA TRP L 620 77.53 44.06 1.02
C TRP L 620 76.84 45.41 1.11
N LEU L 621 76.64 45.95 2.32
CA LEU L 621 76.07 47.30 2.41
C LEU L 621 77.02 48.33 1.83
N ALA L 622 78.34 48.13 1.99
CA ALA L 622 79.31 49.04 1.37
C ALA L 622 79.22 48.99 -0.15
N TYR L 623 79.10 47.78 -0.72
CA TYR L 623 78.80 47.66 -2.14
C TYR L 623 77.45 48.28 -2.45
N GLY L 624 76.47 48.07 -1.57
CA GLY L 624 75.10 48.38 -1.90
C GLY L 624 74.42 47.23 -2.60
N VAL L 625 73.09 47.23 -2.56
CA VAL L 625 72.31 46.16 -3.18
C VAL L 625 71.36 46.80 -4.18
N THR L 626 71.51 46.39 -5.43
CA THR L 626 70.72 46.89 -6.53
C THR L 626 69.95 45.73 -7.14
N ARG L 627 68.97 46.07 -7.98
CA ARG L 627 68.20 45.03 -8.66
C ARG L 627 69.07 44.18 -9.58
N SER L 628 70.26 44.66 -9.96
CA SER L 628 71.08 43.94 -10.92
C SER L 628 71.93 42.85 -10.29
N VAL L 629 72.15 42.87 -8.97
CA VAL L 629 72.78 41.70 -8.36
C VAL L 629 71.80 40.54 -8.27
N THR L 630 70.50 40.83 -8.29
CA THR L 630 69.46 39.82 -8.13
C THR L 630 68.78 39.42 -9.43
N LYS L 631 69.03 40.13 -10.55
CA LYS L 631 68.23 39.87 -11.74
C LYS L 631 68.39 38.46 -12.25
N ARG L 632 69.59 38.12 -12.71
CA ARG L 632 69.88 36.81 -13.29
C ARG L 632 69.52 35.70 -12.34
N SER L 633 69.60 35.98 -11.04
CA SER L 633 69.22 35.01 -10.02
C SER L 633 67.77 34.58 -10.17
N VAL L 634 66.86 35.55 -10.36
CA VAL L 634 65.45 35.15 -10.46
C VAL L 634 65.09 34.70 -11.88
N MET L 635 65.80 35.18 -12.91
CA MET L 635 65.56 34.69 -14.26
C MET L 635 65.96 33.22 -14.38
N THR L 636 67.13 32.87 -13.84
CA THR L 636 67.61 31.50 -13.91
C THR L 636 66.76 30.54 -13.08
N LEU L 637 65.90 31.05 -12.21
CA LEU L 637 65.07 30.22 -11.36
C LEU L 637 64.19 29.29 -12.18
N ALA L 638 63.56 29.81 -13.23
CA ALA L 638 62.67 29.00 -14.06
C ALA L 638 63.42 27.86 -14.72
N TYR L 639 64.72 28.02 -14.97
CA TYR L 639 65.54 26.93 -15.49
C TYR L 639 65.88 25.91 -14.41
N GLY L 640 65.58 26.20 -13.15
CA GLY L 640 65.84 25.29 -12.06
C GLY L 640 67.02 25.61 -11.18
N SER L 641 67.61 26.80 -11.32
CA SER L 641 68.84 27.10 -10.58
C SER L 641 68.54 27.20 -9.09
N LYS L 642 69.53 26.82 -8.30
CA LYS L 642 69.40 26.72 -6.85
C LYS L 642 70.39 27.67 -6.22
N GLU L 643 70.19 27.93 -4.91
CA GLU L 643 70.98 28.95 -4.23
C GLU L 643 72.48 28.68 -4.31
N PHE L 644 72.87 27.41 -4.43
CA PHE L 644 74.26 27.08 -4.71
C PHE L 644 74.70 27.68 -6.04
N GLY L 645 73.89 27.51 -7.08
CA GLY L 645 74.17 28.14 -8.35
C GLY L 645 74.13 29.65 -8.30
N PHE L 646 73.24 30.20 -7.46
CA PHE L 646 73.14 31.63 -7.27
C PHE L 646 74.48 32.23 -6.84
N ARG L 647 75.22 31.51 -5.98
CA ARG L 647 76.50 31.99 -5.47
C ARG L 647 77.52 32.18 -6.58
N GLN L 648 77.55 31.26 -7.53
CA GLN L 648 78.49 31.41 -8.63
C GLN L 648 78.14 32.64 -9.46
N GLN L 649 76.85 32.83 -9.76
CA GLN L 649 76.44 33.98 -10.56
C GLN L 649 76.83 35.29 -9.90
N VAL L 650 76.61 35.42 -8.58
CA VAL L 650 76.86 36.69 -7.91
C VAL L 650 78.34 37.04 -7.95
N LEU L 651 79.23 36.05 -7.96
CA LEU L 651 80.63 36.34 -8.23
C LEU L 651 80.82 36.83 -9.66
N GLU L 652 80.24 36.12 -10.64
CA GLU L 652 80.48 36.46 -12.04
C GLU L 652 79.82 37.79 -12.43
N ASP L 653 78.60 38.04 -11.95
CA ASP L 653 77.92 39.23 -12.43
C ASP L 653 78.24 40.49 -11.64
N THR L 654 78.61 40.36 -10.36
CA THR L 654 78.91 41.56 -9.57
C THR L 654 80.32 41.57 -8.97
N ILE L 655 80.73 40.50 -8.28
CA ILE L 655 81.92 40.60 -7.44
C ILE L 655 83.19 40.57 -8.29
N GLN L 656 83.30 39.59 -9.20
CA GLN L 656 84.46 39.53 -10.09
C GLN L 656 84.67 40.83 -10.87
N PRO L 657 83.67 41.43 -11.53
CA PRO L 657 83.91 42.75 -12.15
C PRO L 657 84.29 43.83 -11.16
N ALA L 658 83.69 43.81 -9.96
CA ALA L 658 84.01 44.84 -8.97
C ALA L 658 85.47 44.73 -8.51
N ILE L 659 85.93 43.52 -8.25
CA ILE L 659 87.33 43.32 -7.85
C ILE L 659 88.27 43.76 -8.97
N ASP L 660 87.93 43.45 -10.21
CA ASP L 660 88.69 43.97 -11.35
C ASP L 660 88.60 45.49 -11.42
N SER L 661 87.43 46.05 -11.11
CA SER L 661 87.30 47.50 -11.04
C SER L 661 88.09 48.08 -9.87
N GLY L 662 88.30 47.29 -8.81
CA GLY L 662 88.78 47.80 -7.56
C GLY L 662 87.68 48.23 -6.62
N LYS L 663 86.43 48.29 -7.09
CA LYS L 663 85.29 48.47 -6.22
C LYS L 663 85.03 47.18 -5.44
N GLY L 664 84.27 47.30 -4.36
CA GLY L 664 84.10 46.16 -3.49
C GLY L 664 85.41 45.69 -2.89
N LEU L 665 86.33 46.61 -2.62
CA LEU L 665 87.54 46.26 -1.89
C LEU L 665 87.22 45.76 -0.49
N MET L 666 86.01 46.03 0.00
CA MET L 666 85.57 45.46 1.27
C MET L 666 85.55 43.94 1.23
N PHE L 667 85.16 43.36 0.10
CA PHE L 667 85.04 41.90 -0.03
C PHE L 667 86.44 41.32 -0.17
N THR L 668 87.09 41.12 0.98
CA THR L 668 88.43 40.54 0.99
C THR L 668 88.42 39.09 0.50
N GLN L 669 87.42 38.32 0.92
CA GLN L 669 87.27 36.95 0.48
C GLN L 669 86.00 36.82 -0.33
N PRO L 670 86.07 36.40 -1.60
CA PRO L 670 84.87 36.48 -2.45
C PRO L 670 83.81 35.45 -2.13
N ASN L 671 84.22 34.23 -1.75
CA ASN L 671 83.26 33.13 -1.63
C ASN L 671 82.26 33.37 -0.50
N GLN L 672 82.71 33.97 0.61
CA GLN L 672 81.82 34.19 1.75
C GLN L 672 80.68 35.13 1.40
N ALA L 673 80.97 36.22 0.68
CA ALA L 673 79.92 37.13 0.26
C ALA L 673 78.92 36.43 -0.63
N ALA L 674 79.41 35.59 -1.55
CA ALA L 674 78.51 34.81 -2.40
C ALA L 674 77.64 33.87 -1.59
N GLY L 675 78.22 33.16 -0.63
CA GLY L 675 77.44 32.27 0.21
C GLY L 675 76.41 33.00 1.04
N TYR L 676 76.79 34.14 1.61
CA TYR L 676 75.85 34.96 2.35
C TYR L 676 74.81 35.58 1.42
N MET L 677 75.23 36.03 0.24
CA MET L 677 74.30 36.69 -0.68
C MET L 677 73.22 35.73 -1.16
N ALA L 678 73.62 34.57 -1.68
CA ALA L 678 72.64 33.70 -2.30
C ALA L 678 71.74 33.04 -1.27
N LYS L 679 72.19 32.92 -0.02
CA LYS L 679 71.27 32.65 1.06
C LYS L 679 70.20 33.73 1.10
N LEU L 680 70.64 34.99 1.13
CA LEU L 680 69.71 36.12 1.24
C LEU L 680 68.81 36.21 0.03
N ILE L 681 69.36 35.99 -1.17
CA ILE L 681 68.51 35.94 -2.35
C ILE L 681 67.47 34.84 -2.19
N TRP L 682 67.91 33.66 -1.74
CA TRP L 682 67.01 32.51 -1.74
C TRP L 682 65.80 32.71 -0.84
N GLU L 683 66.02 33.24 0.37
CA GLU L 683 64.90 33.53 1.24
C GLU L 683 64.05 34.67 0.68
N SER L 684 64.67 35.64 0.03
CA SER L 684 63.92 36.74 -0.56
C SER L 684 63.04 36.26 -1.71
N VAL L 685 63.55 35.37 -2.55
CA VAL L 685 62.74 34.85 -3.64
C VAL L 685 61.63 33.95 -3.11
N SER L 686 61.89 33.23 -2.02
CA SER L 686 60.91 32.29 -1.48
C SER L 686 59.61 33.00 -1.10
N VAL L 687 59.72 34.09 -0.34
CA VAL L 687 58.52 34.84 0.05
C VAL L 687 57.90 35.52 -1.17
N THR L 688 58.71 35.91 -2.16
CA THR L 688 58.19 36.67 -3.29
C THR L 688 57.38 35.78 -4.23
N VAL L 689 57.89 34.58 -4.52
CA VAL L 689 57.19 33.61 -5.38
C VAL L 689 57.13 32.28 -4.64
N VAL L 690 56.10 32.10 -3.82
CA VAL L 690 55.91 30.83 -3.14
C VAL L 690 55.39 29.77 -4.11
N ALA L 691 54.47 30.17 -4.99
CA ALA L 691 53.85 29.22 -5.92
C ALA L 691 54.89 28.57 -6.81
N ALA L 692 55.84 29.36 -7.30
CA ALA L 692 56.89 28.83 -8.18
C ALA L 692 57.64 27.70 -7.48
N VAL L 693 58.34 28.03 -6.39
CA VAL L 693 59.29 27.09 -5.78
C VAL L 693 58.58 25.81 -5.34
N GLU L 694 57.38 25.93 -4.77
CA GLU L 694 56.62 24.74 -4.38
C GLU L 694 56.25 23.89 -5.59
N ALA L 695 55.81 24.53 -6.68
CA ALA L 695 55.40 23.78 -7.86
C ALA L 695 56.56 23.03 -8.49
N MET L 696 57.70 23.72 -8.67
CA MET L 696 58.87 23.06 -9.25
C MET L 696 59.41 21.96 -8.35
N ASN L 697 59.39 22.18 -7.03
CA ASN L 697 59.78 21.13 -6.10
C ASN L 697 58.86 19.92 -6.19
N TRP L 698 57.55 20.17 -6.30
CA TRP L 698 56.59 19.08 -6.51
C TRP L 698 56.86 18.37 -7.83
N LEU L 699 57.13 19.14 -8.89
CA LEU L 699 57.40 18.55 -10.20
C LEU L 699 58.67 17.71 -10.17
N LYS L 700 59.74 18.23 -9.57
CA LYS L 700 61.01 17.52 -9.52
C LYS L 700 60.90 16.24 -8.72
N SER L 701 60.18 16.28 -7.60
CA SER L 701 59.98 15.07 -6.81
C SER L 701 59.22 14.01 -7.61
N ALA L 702 58.21 14.43 -8.36
CA ALA L 702 57.44 13.49 -9.18
C ALA L 702 58.33 12.83 -10.23
N ALA L 703 59.22 13.59 -10.85
CA ALA L 703 60.10 13.04 -11.86
C ALA L 703 61.12 12.08 -11.26
N LYS L 704 61.61 12.38 -10.05
CA LYS L 704 62.61 11.53 -9.42
C LYS L 704 62.05 10.14 -9.13
N LEU L 705 60.84 10.07 -8.58
CA LEU L 705 60.24 8.76 -8.30
C LEU L 705 59.95 8.00 -9.58
N LEU L 706 59.46 8.69 -10.62
CA LEU L 706 59.20 8.02 -11.89
C LEU L 706 60.50 7.57 -12.55
N ALA L 707 61.55 8.37 -12.45
CA ALA L 707 62.84 8.03 -13.02
C ALA L 707 63.70 7.19 -12.08
N ALA L 708 63.18 6.85 -10.91
CA ALA L 708 63.84 5.87 -10.07
C ALA L 708 63.53 4.47 -10.57
N GLU L 709 64.50 3.58 -10.44
CA GLU L 709 64.30 2.15 -10.66
C GLU L 709 64.14 1.48 -9.30
N VAL L 710 62.99 0.86 -9.09
CA VAL L 710 62.64 0.27 -7.80
C VAL L 710 62.96 -1.21 -7.86
N LYS L 711 63.87 -1.66 -7.00
CA LYS L 711 64.30 -3.05 -6.97
C LYS L 711 64.28 -3.56 -5.53
N ASP L 712 63.84 -4.82 -5.37
CA ASP L 712 63.91 -5.46 -4.06
C ASP L 712 65.37 -5.66 -3.68
N LYS L 713 65.73 -5.20 -2.48
CA LYS L 713 67.13 -5.21 -2.08
C LYS L 713 67.67 -6.63 -2.00
N LYS L 714 66.91 -7.55 -1.41
CA LYS L 714 67.37 -8.93 -1.29
C LYS L 714 67.46 -9.61 -2.65
N THR L 715 66.40 -9.53 -3.45
CA THR L 715 66.37 -10.23 -4.73
C THR L 715 67.26 -9.55 -5.76
N GLY L 716 67.28 -8.23 -5.76
CA GLY L 716 67.97 -7.48 -6.79
C GLY L 716 67.17 -7.26 -8.06
N GLU L 717 66.06 -7.97 -8.23
CA GLU L 717 65.18 -7.77 -9.36
C GLU L 717 64.39 -6.48 -9.19
N ILE L 718 64.08 -5.84 -10.32
CA ILE L 718 63.47 -4.51 -10.31
C ILE L 718 61.95 -4.66 -10.25
N LEU L 719 61.35 -4.09 -9.19
CA LEU L 719 59.89 -4.09 -9.08
C LEU L 719 59.28 -3.11 -10.06
N ARG L 720 59.89 -1.93 -10.23
CA ARG L 720 59.40 -0.90 -11.13
C ARG L 720 60.53 -0.47 -12.04
N LYS L 721 60.27 -0.44 -13.35
CA LYS L 721 61.26 0.05 -14.30
C LYS L 721 61.37 1.57 -14.22
N ARG L 722 62.41 2.10 -14.86
CA ARG L 722 62.53 3.54 -14.99
C ARG L 722 61.45 4.06 -15.93
N CYS L 723 60.67 5.03 -15.46
CA CYS L 723 59.50 5.51 -16.19
C CYS L 723 59.70 6.96 -16.62
N ALA L 724 59.41 7.23 -17.89
CA ALA L 724 59.40 8.60 -18.37
C ALA L 724 58.12 9.30 -17.92
N VAL L 725 58.12 10.62 -18.02
CA VAL L 725 57.04 11.47 -17.53
C VAL L 725 56.24 11.98 -18.71
N HIS L 726 54.90 11.92 -18.59
CA HIS L 726 53.99 12.34 -19.64
C HIS L 726 52.94 13.29 -19.07
N TRP L 727 52.65 14.36 -19.80
CA TRP L 727 51.51 15.22 -19.50
C TRP L 727 50.90 15.73 -20.79
N VAL L 728 49.73 16.37 -20.65
CA VAL L 728 48.99 16.92 -21.78
C VAL L 728 48.64 18.37 -21.46
N THR L 729 48.92 19.27 -22.40
CA THR L 729 48.62 20.68 -22.25
C THR L 729 47.12 20.93 -22.41
N PRO L 730 46.59 22.01 -21.82
CA PRO L 730 45.14 22.27 -21.91
C PRO L 730 44.65 22.43 -23.33
N ASP L 731 45.53 22.87 -24.23
CA ASP L 731 45.21 22.92 -25.64
C ASP L 731 45.08 21.53 -26.26
N GLY L 732 45.54 20.49 -25.56
CA GLY L 732 45.48 19.12 -26.05
C GLY L 732 46.79 18.58 -26.56
N PHE L 733 47.85 19.36 -26.53
CA PHE L 733 49.14 18.90 -27.00
C PHE L 733 49.73 17.91 -26.00
N PRO L 734 50.08 16.69 -26.41
CA PRO L 734 50.76 15.77 -25.51
C PRO L 734 52.27 15.94 -25.58
N VAL L 735 52.92 15.83 -24.43
CA VAL L 735 54.36 15.92 -24.35
C VAL L 735 54.88 14.80 -23.47
N TRP L 736 55.85 14.05 -23.99
CA TRP L 736 56.53 13.00 -23.23
C TRP L 736 57.97 13.42 -23.03
N GLN L 737 58.43 13.39 -21.79
CA GLN L 737 59.81 13.74 -21.46
C GLN L 737 60.57 12.47 -21.09
N GLU L 738 61.57 12.13 -21.90
CA GLU L 738 62.37 10.92 -21.73
C GLU L 738 63.81 11.26 -22.06
N TYR L 739 64.59 11.61 -21.04
CA TYR L 739 66.02 11.85 -21.21
C TYR L 739 66.76 10.53 -21.06
N LYS L 740 67.65 10.23 -22.01
CA LYS L 740 68.45 9.02 -21.95
C LYS L 740 69.94 9.34 -21.92
N LYS L 741 70.71 8.35 -21.48
CA LYS L 741 72.17 8.41 -21.44
C LYS L 741 72.75 7.10 -21.94
N PRO L 742 73.78 7.13 -22.78
CA PRO L 742 74.42 5.89 -23.23
C PRO L 742 75.11 5.19 -22.06
N ILE L 743 75.13 3.85 -22.14
CA ILE L 743 75.63 3.06 -21.02
C ILE L 743 77.15 3.15 -20.90
N GLN L 744 77.86 3.20 -22.03
CA GLN L 744 79.31 3.40 -22.03
C GLN L 744 79.67 4.60 -22.89
N THR L 745 80.54 5.45 -22.35
CA THR L 745 81.12 6.56 -23.09
C THR L 745 82.64 6.56 -22.90
N ARG L 746 83.34 7.01 -23.93
CA ARG L 746 84.79 7.01 -23.96
C ARG L 746 85.26 8.43 -24.20
N LEU L 747 86.23 8.88 -23.42
CA LEU L 747 86.78 10.23 -23.56
C LEU L 747 88.29 10.17 -23.57
N ASN L 748 88.90 10.75 -24.60
CA ASN L 748 90.34 10.86 -24.72
C ASN L 748 90.70 12.33 -24.89
N LEU L 749 91.80 12.75 -24.26
CA LEU L 749 92.21 14.15 -24.32
C LEU L 749 92.53 14.58 -25.74
N MET L 750 93.23 13.71 -26.50
CA MET L 750 93.54 14.04 -27.87
C MET L 750 92.32 13.96 -28.78
N PHE L 751 91.46 12.96 -28.56
CA PHE L 751 90.36 12.66 -29.47
C PHE L 751 89.04 12.64 -28.71
N LEU L 752 88.09 13.47 -29.15
CA LEU L 752 86.78 13.53 -28.51
C LEU L 752 86.04 12.21 -28.68
N GLY L 753 85.22 11.88 -27.69
CA GLY L 753 84.43 10.66 -27.73
C GLY L 753 83.24 10.74 -28.66
N SER L 767 70.88 3.09 -23.91
CA SER L 767 69.47 3.47 -23.99
C SER L 767 68.79 3.31 -22.63
N GLU L 768 69.18 4.15 -21.68
CA GLU L 768 68.64 4.11 -20.31
C GLU L 768 68.26 5.52 -19.90
N ILE L 769 67.12 5.64 -19.20
CA ILE L 769 66.61 6.95 -18.82
C ILE L 769 67.50 7.59 -17.76
N ASP L 770 67.83 8.85 -17.96
CA ASP L 770 68.68 9.63 -17.05
C ASP L 770 67.75 10.32 -16.06
N ALA L 771 67.82 9.91 -14.78
CA ALA L 771 66.98 10.52 -13.75
C ALA L 771 67.32 11.98 -13.55
N HIS L 772 68.61 12.32 -13.53
CA HIS L 772 69.04 13.69 -13.19
C HIS L 772 68.51 14.70 -14.20
N LYS L 773 68.72 14.45 -15.49
CA LYS L 773 68.15 15.33 -16.51
C LYS L 773 66.63 15.31 -16.47
N GLN L 774 66.05 14.15 -16.14
CA GLN L 774 64.60 14.07 -15.99
C GLN L 774 64.12 14.97 -14.86
N GLU L 775 64.87 15.00 -13.74
CA GLU L 775 64.51 15.90 -12.65
C GLU L 775 64.85 17.35 -13.00
N SER L 776 65.97 17.57 -13.69
CA SER L 776 66.40 18.93 -14.01
C SER L 776 65.45 19.61 -14.97
N GLY L 777 64.85 18.85 -15.88
CA GLY L 777 64.08 19.44 -16.95
C GLY L 777 62.58 19.53 -16.76
N ILE L 778 62.02 18.76 -15.81
CA ILE L 778 60.56 18.63 -15.74
C ILE L 778 59.92 19.98 -15.40
N ALA L 779 60.42 20.64 -14.36
CA ALA L 779 59.86 21.93 -13.97
C ALA L 779 59.95 22.98 -15.08
N PRO L 780 61.09 23.19 -15.74
CA PRO L 780 61.08 24.16 -16.86
C PRO L 780 60.32 23.68 -18.08
N ASN L 781 60.40 22.39 -18.42
CA ASN L 781 59.70 21.91 -19.61
C ASN L 781 58.19 22.00 -19.44
N PHE L 782 57.69 21.67 -18.24
CA PHE L 782 56.25 21.72 -18.01
C PHE L 782 55.71 23.14 -18.14
N VAL L 783 56.37 24.11 -17.50
CA VAL L 783 55.88 25.48 -17.55
C VAL L 783 56.03 26.04 -18.96
N HIS L 784 57.08 25.63 -19.68
CA HIS L 784 57.20 25.99 -21.09
C HIS L 784 56.06 25.41 -21.91
N SER L 785 55.72 24.14 -21.66
CA SER L 785 54.59 23.52 -22.36
C SER L 785 53.31 24.31 -22.14
N GLN L 786 53.15 24.90 -20.94
CA GLN L 786 52.01 25.77 -20.67
C GLN L 786 52.04 27.02 -21.53
N ASP L 787 53.21 27.66 -21.67
CA ASP L 787 53.26 28.93 -22.39
C ASP L 787 53.04 28.73 -23.89
N GLY L 788 53.45 27.58 -24.42
CA GLY L 788 53.11 27.25 -25.81
C GLY L 788 51.62 27.04 -25.99
N SER L 789 50.99 26.34 -25.05
CA SER L 789 49.55 26.14 -25.12
C SER L 789 48.79 27.46 -25.00
N HIS L 790 49.28 28.36 -24.14
CA HIS L 790 48.68 29.69 -24.03
C HIS L 790 48.80 30.44 -25.35
N LEU L 791 49.97 30.39 -25.97
CA LEU L 791 50.16 31.07 -27.26
C LEU L 791 49.26 30.47 -28.33
N ARG L 792 49.20 29.15 -28.40
CA ARG L 792 48.38 28.48 -29.41
C ARG L 792 46.91 28.81 -29.23
N LYS L 793 46.43 28.76 -27.97
CA LYS L 793 45.04 29.11 -27.69
C LYS L 793 44.75 30.55 -28.07
N THR L 794 45.73 31.44 -27.88
CA THR L 794 45.51 32.86 -28.12
C THR L 794 45.33 33.15 -29.61
N VAL L 795 46.17 32.58 -30.46
CA VAL L 795 46.03 32.82 -31.90
C VAL L 795 44.74 32.21 -32.42
N VAL L 796 44.34 31.06 -31.87
CA VAL L 796 43.04 30.49 -32.24
C VAL L 796 41.91 31.36 -31.72
N TRP L 797 42.02 31.84 -30.48
CA TRP L 797 40.99 32.72 -29.93
C TRP L 797 40.93 34.03 -30.71
N ALA L 798 42.09 34.62 -31.01
CA ALA L 798 42.11 35.90 -31.68
C ALA L 798 41.58 35.81 -33.11
N HIS L 799 41.83 34.70 -33.80
CA HIS L 799 41.32 34.54 -35.15
C HIS L 799 39.84 34.20 -35.18
N GLU L 800 39.36 33.43 -34.19
CA GLU L 800 37.94 33.08 -34.17
C GLU L 800 37.10 34.20 -33.57
N LYS L 801 37.54 34.77 -32.45
CA LYS L 801 36.80 35.87 -31.83
C LYS L 801 36.89 37.14 -32.66
N TYR L 802 38.09 37.47 -33.14
CA TYR L 802 38.34 38.73 -33.81
C TYR L 802 38.85 38.48 -35.24
N GLY L 803 38.97 39.55 -36.01
CA GLY L 803 39.33 39.43 -37.39
C GLY L 803 40.78 39.17 -37.70
N ILE L 804 41.64 39.10 -36.68
CA ILE L 804 43.09 39.07 -36.88
C ILE L 804 43.49 37.86 -37.70
N GLU L 805 44.27 38.11 -38.75
CA GLU L 805 44.83 37.06 -39.59
C GLU L 805 46.35 37.06 -39.60
N SER L 806 46.99 38.02 -38.93
CA SER L 806 48.43 38.20 -38.98
C SER L 806 48.97 38.30 -37.55
N PHE L 807 49.88 37.39 -37.21
CA PHE L 807 50.44 37.29 -35.86
C PHE L 807 51.96 37.23 -35.93
N ALA L 808 52.60 37.85 -34.96
CA ALA L 808 54.05 37.71 -34.74
C ALA L 808 54.25 37.14 -33.34
N LEU L 809 54.87 35.96 -33.27
CA LEU L 809 54.92 35.18 -32.04
C LEU L 809 56.34 34.78 -31.73
N ILE L 810 56.84 35.18 -30.55
CA ILE L 810 58.07 34.60 -30.05
C ILE L 810 57.85 34.12 -28.60
N HIS L 811 57.23 32.95 -28.48
CA HIS L 811 57.11 32.08 -27.30
C HIS L 811 56.36 32.70 -26.12
N ASP L 812 56.45 34.01 -25.98
CA ASP L 812 55.61 34.77 -25.05
C ASP L 812 55.41 36.19 -25.55
N SER L 813 55.96 36.54 -26.69
CA SER L 813 55.72 37.81 -27.35
C SER L 813 54.60 37.62 -28.36
N PHE L 814 53.63 38.53 -28.34
CA PHE L 814 52.44 38.41 -29.16
C PHE L 814 52.30 39.67 -29.98
N GLY L 815 52.45 39.54 -31.30
CA GLY L 815 52.47 40.68 -32.19
C GLY L 815 51.30 40.67 -33.15
N THR L 816 50.84 41.85 -33.51
CA THR L 816 49.76 42.04 -34.48
C THR L 816 49.83 43.47 -34.97
N ILE L 817 49.13 43.71 -36.08
CA ILE L 817 49.09 45.02 -36.73
C ILE L 817 48.41 46.02 -35.79
N PRO L 818 48.73 47.32 -35.86
CA PRO L 818 48.27 48.26 -34.82
C PRO L 818 46.76 48.34 -34.65
N ALA L 819 45.98 48.26 -35.74
CA ALA L 819 44.53 48.35 -35.58
C ALA L 819 43.96 47.14 -34.87
N ASP L 820 44.59 45.97 -35.02
CA ASP L 820 44.19 44.76 -34.33
C ASP L 820 44.83 44.61 -32.96
N ALA L 821 45.65 45.59 -32.54
CA ALA L 821 46.47 45.42 -31.33
C ALA L 821 45.62 45.36 -30.07
N ALA L 822 44.48 46.06 -30.04
CA ALA L 822 43.65 46.07 -28.84
C ALA L 822 43.04 44.70 -28.58
N ASN L 823 42.60 44.01 -29.63
CA ASN L 823 41.91 42.73 -29.46
C ASN L 823 42.85 41.65 -28.90
N LEU L 824 44.06 41.57 -29.44
CA LEU L 824 45.03 40.58 -28.95
C LEU L 824 45.42 40.85 -27.50
N PHE L 825 45.51 42.12 -27.12
CA PHE L 825 45.75 42.54 -25.74
C PHE L 825 44.66 42.00 -24.81
N LYS L 826 43.40 42.04 -25.26
CA LYS L 826 42.34 41.38 -24.52
C LYS L 826 42.42 39.86 -24.68
N ALA L 827 42.73 39.37 -25.88
CA ALA L 827 42.67 37.94 -26.16
C ALA L 827 43.65 37.15 -25.32
N VAL L 828 44.86 37.68 -25.15
CA VAL L 828 45.88 36.98 -24.39
C VAL L 828 45.50 36.88 -22.91
N ARG L 829 44.79 37.90 -22.37
CA ARG L 829 44.24 37.75 -21.01
C ARG L 829 43.15 36.72 -20.96
N GLU L 830 42.23 36.73 -21.93
CA GLU L 830 41.05 35.89 -21.87
C GLU L 830 41.42 34.40 -21.92
N THR L 831 42.38 34.04 -22.78
CA THR L 831 42.80 32.65 -22.87
C THR L 831 43.46 32.17 -21.58
N MET L 832 44.34 32.99 -21.00
CA MET L 832 45.05 32.58 -19.78
C MET L 832 44.08 32.39 -18.62
N VAL L 833 43.14 33.33 -18.45
CA VAL L 833 42.16 33.21 -17.37
C VAL L 833 41.24 32.02 -17.62
N ASP L 834 40.84 31.82 -18.88
CA ASP L 834 39.96 30.70 -19.23
C ASP L 834 40.62 29.37 -18.88
N THR L 835 41.85 29.15 -19.34
CA THR L 835 42.48 27.84 -19.21
C THR L 835 42.75 27.49 -17.76
N TYR L 836 43.12 28.47 -16.95
CA TYR L 836 43.46 28.18 -15.56
C TYR L 836 42.22 27.99 -14.69
N GLU L 837 41.12 28.68 -15.01
CA GLU L 837 39.87 28.41 -14.30
C GLU L 837 39.33 27.03 -14.66
N SER L 838 39.40 26.66 -15.94
CA SER L 838 38.77 25.42 -16.40
C SER L 838 39.46 24.19 -15.82
N CYS L 839 40.79 24.17 -15.86
CA CYS L 839 41.53 22.96 -15.49
C CYS L 839 42.72 23.30 -14.59
N ASP L 840 43.01 22.37 -13.68
CA ASP L 840 44.18 22.42 -12.80
C ASP L 840 45.25 21.56 -13.45
N VAL L 841 46.24 22.19 -14.07
CA VAL L 841 47.23 21.44 -14.83
C VAL L 841 48.07 20.55 -13.92
N LEU L 842 48.23 20.93 -12.64
CA LEU L 842 49.02 20.12 -11.73
C LEU L 842 48.25 18.86 -11.33
N ALA L 843 46.98 19.01 -10.96
CA ALA L 843 46.16 17.87 -10.57
C ALA L 843 45.93 16.94 -11.74
N ASP L 844 45.68 17.51 -12.93
CA ASP L 844 45.60 16.69 -14.13
C ASP L 844 46.93 15.98 -14.38
N PHE L 845 48.04 16.70 -14.22
CA PHE L 845 49.36 16.07 -14.33
C PHE L 845 49.49 14.90 -13.36
N TYR L 846 48.99 15.07 -12.13
CA TYR L 846 49.03 13.98 -11.15
C TYR L 846 48.33 12.73 -11.68
N ASP L 847 47.19 12.91 -12.35
CA ASP L 847 46.40 11.79 -12.81
C ASP L 847 47.11 10.99 -13.89
N GLN L 848 48.02 11.60 -14.64
CA GLN L 848 48.77 10.86 -15.64
C GLN L 848 49.85 9.99 -15.00
N PHE L 849 50.53 10.46 -13.97
CA PHE L 849 51.61 9.61 -13.48
C PHE L 849 51.29 8.89 -12.17
N ALA L 850 50.03 8.93 -11.68
CA ALA L 850 49.72 8.30 -10.40
C ALA L 850 49.87 6.79 -10.44
N ASP L 851 49.43 6.15 -11.53
CA ASP L 851 49.49 4.69 -11.59
C ASP L 851 50.93 4.17 -11.72
N GLN L 852 51.82 4.86 -12.46
CA GLN L 852 53.19 4.37 -12.60
C GLN L 852 53.97 4.46 -11.29
N LEU L 853 53.47 5.14 -10.26
CA LEU L 853 54.18 5.21 -8.99
C LEU L 853 54.11 3.87 -8.23
N HIS L 854 55.25 3.47 -7.66
CA HIS L 854 55.32 2.26 -6.86
C HIS L 854 54.75 2.52 -5.46
N GLU L 855 54.36 1.43 -4.79
CA GLU L 855 53.68 1.52 -3.50
C GLU L 855 54.62 2.01 -2.39
N SER L 856 55.92 1.80 -2.53
CA SER L 856 56.85 2.42 -1.58
C SER L 856 56.92 3.93 -1.81
N GLN L 857 56.72 4.37 -3.05
CA GLN L 857 56.88 5.77 -3.41
C GLN L 857 55.70 6.65 -3.00
N LEU L 858 54.51 6.07 -2.80
CA LEU L 858 53.33 6.89 -2.55
C LEU L 858 53.41 7.62 -1.22
N ASP L 859 54.03 6.99 -0.20
CA ASP L 859 54.24 7.69 1.06
C ASP L 859 55.27 8.79 0.92
N LYS L 860 56.24 8.62 0.01
CA LYS L 860 57.28 9.61 -0.19
C LYS L 860 56.80 10.84 -0.95
N MET L 861 55.85 10.67 -1.87
CA MET L 861 55.45 11.76 -2.77
C MET L 861 54.80 12.91 -1.98
N PRO L 862 55.20 14.16 -2.23
CA PRO L 862 54.58 15.28 -1.54
C PRO L 862 53.15 15.52 -1.99
N ALA L 863 52.38 16.17 -1.12
CA ALA L 863 51.01 16.53 -1.43
C ALA L 863 50.98 17.65 -2.46
N LEU L 864 49.82 17.80 -3.11
CA LEU L 864 49.63 18.88 -4.06
C LEU L 864 49.77 20.22 -3.35
N PRO L 865 50.49 21.18 -3.93
CA PRO L 865 50.69 22.46 -3.26
C PRO L 865 49.39 23.25 -3.15
N ALA L 866 49.31 24.05 -2.09
CA ALA L 866 48.05 24.71 -1.75
C ALA L 866 47.73 25.84 -2.73
N LYS L 867 46.46 25.95 -3.09
CA LYS L 867 45.99 27.08 -3.88
C LYS L 867 45.96 28.34 -3.01
N GLY L 868 46.32 29.47 -3.61
CA GLY L 868 46.31 30.73 -2.92
C GLY L 868 45.00 31.49 -3.08
N ASN L 869 45.00 32.72 -2.61
CA ASN L 869 43.81 33.57 -2.61
C ASN L 869 43.71 34.48 -3.83
N LEU L 870 44.65 34.40 -4.77
CA LEU L 870 44.58 35.23 -5.97
C LEU L 870 43.39 34.81 -6.81
N ASN L 871 42.62 35.80 -7.26
CA ASN L 871 41.52 35.59 -8.17
C ASN L 871 42.00 35.83 -9.59
N LEU L 872 41.59 34.97 -10.52
CA LEU L 872 42.06 35.08 -11.90
C LEU L 872 41.42 36.26 -12.61
N ARG L 873 40.23 36.69 -12.15
CA ARG L 873 39.51 37.76 -12.82
C ARG L 873 40.28 39.08 -12.78
N ASP L 874 41.13 39.27 -11.78
CA ASP L 874 41.95 40.48 -11.72
C ASP L 874 42.89 40.57 -12.93
N ILE L 875 43.43 39.42 -13.36
CA ILE L 875 44.46 39.41 -14.39
C ILE L 875 43.97 40.06 -15.67
N LEU L 876 42.68 39.92 -15.98
CA LEU L 876 42.12 40.60 -17.14
C LEU L 876 42.17 42.12 -17.03
N GLU L 877 42.25 42.67 -15.82
CA GLU L 877 42.23 44.12 -15.65
C GLU L 877 43.60 44.77 -15.74
N SER L 878 44.68 44.02 -15.51
CA SER L 878 46.01 44.61 -15.49
C SER L 878 46.49 44.89 -16.91
N ASP L 879 46.83 46.14 -17.18
CA ASP L 879 47.48 46.50 -18.44
C ASP L 879 48.94 46.07 -18.50
N PHE L 880 49.60 45.89 -17.37
CA PHE L 880 51.05 45.77 -17.30
C PHE L 880 51.56 44.36 -17.55
N ALA L 881 50.74 43.34 -17.31
CA ALA L 881 51.18 41.97 -17.56
C ALA L 881 51.48 41.73 -19.03
N PHE L 882 50.79 42.46 -19.92
CA PHE L 882 50.91 42.33 -21.37
C PHE L 882 50.48 40.95 -21.86
N ALA L 883 50.06 40.08 -20.94
CA ALA L 883 49.83 38.68 -21.23
C ALA L 883 48.98 38.04 -20.14
#